data_4U2Q
#
_entry.id   4U2Q
#
_cell.length_a   104.940
_cell.length_b   148.650
_cell.length_c   337.060
_cell.angle_alpha   90.00
_cell.angle_beta   90.00
_cell.angle_gamma   90.00
#
_symmetry.space_group_name_H-M   'P 21 21 21'
#
loop_
_entity.id
_entity.type
_entity.pdbx_description
1 polymer 'Glutamate receptor 2'
2 non-polymer 3-(CARBOXYMETHYL)-4-ISOPROPENYLPROLINE
3 non-polymer 2-acetamido-2-deoxy-beta-D-glucopyranose
#
_entity_poly.entity_id   1
_entity_poly.type   'polypeptide(L)'
_entity_poly.pdbx_seq_one_letter_code
;NSIQIGGLFPRGADQEYSAFRVGMVQFSTSEFRLTPHIDNLEVANSFAVTNAFCSQFSRGVYAIFGFYDKKSVNTITSFC
GTLHVSFITPSFPTDGTHPFVIQMRPDLKGALLSLIEYYQWDKFAYLYDSDRGLSTLQAVLDSAAEKKWQVTAINVGNIN
NDKKDETYRSLFQDLELKKERRVILDCERDKVNDIVDQVITIGKHVKGYHYIIANLGFTDGDLLKIQFGGAEVSGFQIVD
YDDSLVSKFIERWSTLEEKEYPGAHTATIKYTSALTYDAVQVMTEAFRNLRKQRIEISRRGNAGDCLANPAVPWGQGVEI
ERALKQVQVEGLSGNIKFDQNGKRINYTINIMELKTNGPRKIGYWSEVDKMVVTLTEDDTSGLEQKTVVVTTILESPYVM
MKKNHEMLEGNERYEGYCVDLAAEIAKHCGFKYKLTIVGDGKYGARDADTKIWNGMVGELVYGKADIAIAPLTITLVREE
VIDFSKPFMSLGISIMIKKPQKSKPGVFSFLDPLAYEIWMAIVFAYIGVSVVLFLVSRFSPYEWHTEEFEDGRETQSSES
TNEFGIFNSLWFSLGAFFQQGADISPRSLSARIVAGVWWFFTLIIISSYTANLAAFLTVERMVSPIESAEDLSKQTEIAY
GTLDSGSTKEFFRRSKIAVFDKMWTYMRSAEPSVFVRTTAEGVARVRKSKGKYAYLLESTMNEYIEQRKPCDTMKVGGNL
DSKGYGIATPKGSSLGTPVNLAVLKLSEQGVLDKLKNKWWYDKGECGAKDSGSKEKTSALSLSNVAGVFYILVGGLGLAM
LVALIEFAYKSRAEAKRMKGLVPR
;
_entity_poly.pdbx_strand_id   A,B,C,D
#
loop_
_chem_comp.id
_chem_comp.type
_chem_comp.name
_chem_comp.formula
KAI non-polymer 3-(CARBOXYMETHYL)-4-ISOPROPENYLPROLINE 'C10 H15 N O4'
NAG D-saccharide, beta linking 2-acetamido-2-deoxy-beta-D-glucopyranose 'C8 H15 N O6'
#
# COMPACT_ATOMS: atom_id res chain seq x y z
N ASN A 1 0.56 81.72 -25.67
CA ASN A 1 -0.07 80.72 -24.81
C ASN A 1 0.92 79.66 -24.37
N SER A 2 1.75 80.00 -23.38
CA SER A 2 2.78 79.09 -22.91
C SER A 2 2.31 78.22 -21.74
N ILE A 3 2.43 76.91 -21.91
CA ILE A 3 2.13 75.98 -20.83
C ILE A 3 3.44 75.33 -20.41
N GLN A 4 3.94 75.73 -19.24
CA GLN A 4 5.25 75.28 -18.77
C GLN A 4 5.25 73.90 -18.13
N ILE A 5 6.16 73.04 -18.62
CA ILE A 5 6.34 71.70 -18.08
C ILE A 5 7.80 71.48 -17.70
N GLY A 6 8.06 70.60 -16.73
CA GLY A 6 9.44 70.31 -16.39
C GLY A 6 9.95 69.03 -17.00
N GLY A 7 11.14 69.05 -17.55
CA GLY A 7 11.80 67.84 -18.02
C GLY A 7 12.86 67.36 -17.04
N LEU A 8 12.90 66.07 -16.78
CA LEU A 8 14.01 65.48 -16.02
C LEU A 8 14.71 64.40 -16.84
N PHE A 9 15.91 64.68 -17.31
CA PHE A 9 16.63 63.72 -18.13
C PHE A 9 17.89 63.24 -17.42
N PRO A 10 18.20 61.93 -17.54
CA PRO A 10 19.45 61.40 -17.01
C PRO A 10 20.63 62.02 -17.75
N ARG A 11 21.81 62.05 -17.15
CA ARG A 11 22.96 62.64 -17.82
C ARG A 11 23.44 61.78 -18.99
N GLY A 12 22.84 60.61 -19.15
CA GLY A 12 23.19 59.71 -20.23
C GLY A 12 22.19 59.59 -21.38
N ALA A 13 21.00 60.16 -21.23
CA ALA A 13 20.03 60.07 -22.32
C ALA A 13 20.14 61.25 -23.27
N ASP A 14 20.85 61.03 -24.37
CA ASP A 14 21.00 62.03 -25.42
C ASP A 14 19.91 61.93 -26.50
N GLN A 15 19.69 60.71 -26.98
CA GLN A 15 18.74 60.44 -28.05
C GLN A 15 17.29 60.65 -27.62
N GLU A 16 17.01 60.35 -26.37
CA GLU A 16 15.67 60.53 -25.82
C GLU A 16 15.30 62.01 -25.81
N TYR A 17 16.25 62.84 -25.42
CA TYR A 17 16.06 64.29 -25.41
C TYR A 17 16.01 64.85 -26.83
N SER A 18 16.76 64.22 -27.73
CA SER A 18 16.73 64.61 -29.13
C SER A 18 15.34 64.40 -29.69
N ALA A 19 14.75 63.25 -29.39
CA ALA A 19 13.38 62.96 -29.80
C ALA A 19 12.38 63.82 -29.04
N PHE A 20 12.79 64.29 -27.86
CA PHE A 20 11.93 65.19 -27.10
C PHE A 20 11.81 66.51 -27.85
N ARG A 21 12.94 67.02 -28.33
CA ARG A 21 12.95 68.25 -29.11
C ARG A 21 12.27 68.07 -30.47
N VAL A 22 12.53 66.93 -31.11
CA VAL A 22 11.88 66.62 -32.38
C VAL A 22 10.36 66.58 -32.23
N GLY A 23 9.91 65.97 -31.15
CA GLY A 23 8.50 65.92 -30.81
C GLY A 23 7.96 67.29 -30.49
N MET A 24 8.81 68.14 -29.91
CA MET A 24 8.43 69.51 -29.60
C MET A 24 8.22 70.33 -30.87
N VAL A 25 9.06 70.11 -31.87
CA VAL A 25 8.93 70.81 -33.14
C VAL A 25 7.74 70.29 -33.94
N GLN A 26 7.56 68.98 -33.93
CA GLN A 26 6.51 68.33 -34.70
C GLN A 26 5.09 68.66 -34.24
N PHE A 27 4.87 68.58 -32.94
CA PHE A 27 3.52 68.74 -32.39
C PHE A 27 3.19 70.15 -31.88
N SER A 28 4.05 71.12 -32.18
CA SER A 28 3.81 72.51 -31.80
C SER A 28 2.70 73.13 -32.65
N THR A 29 1.94 74.03 -32.05
CA THR A 29 0.78 74.65 -32.71
C THR A 29 0.63 76.11 -32.34
N SER A 30 -0.23 76.82 -33.07
CA SER A 30 -0.48 78.23 -32.81
C SER A 30 -1.44 78.43 -31.65
N GLU A 31 -2.11 77.34 -31.25
CA GLU A 31 -3.01 77.38 -30.11
C GLU A 31 -2.23 77.64 -28.83
N PHE A 32 -1.22 76.81 -28.58
CA PHE A 32 -0.38 76.98 -27.40
C PHE A 32 1.02 76.41 -27.63
N ARG A 33 1.96 76.81 -26.79
CA ARG A 33 3.33 76.32 -26.88
C ARG A 33 3.85 75.79 -25.55
N LEU A 34 4.23 74.51 -25.53
CA LEU A 34 4.86 73.93 -24.35
C LEU A 34 6.25 74.50 -24.18
N THR A 35 6.56 74.97 -22.98
CA THR A 35 7.87 75.53 -22.69
C THR A 35 8.57 74.69 -21.62
N PRO A 36 9.34 73.69 -22.06
CA PRO A 36 10.00 72.73 -21.18
C PRO A 36 11.22 73.31 -20.47
N HIS A 37 11.37 72.98 -19.19
CA HIS A 37 12.59 73.31 -18.44
C HIS A 37 13.39 72.03 -18.17
N ILE A 38 14.59 71.96 -18.74
CA ILE A 38 15.36 70.72 -18.71
C ILE A 38 16.38 70.66 -17.57
N ASP A 39 16.34 69.56 -16.81
CA ASP A 39 17.30 69.31 -15.75
C ASP A 39 18.00 67.97 -15.94
N ASN A 40 19.30 68.02 -16.23
CA ASN A 40 20.11 66.80 -16.35
C ASN A 40 20.75 66.43 -15.01
N LEU A 41 20.42 65.25 -14.50
CA LEU A 41 20.84 64.86 -13.16
C LEU A 41 21.17 63.37 -13.07
N GLU A 42 21.63 62.95 -11.90
CA GLU A 42 21.85 61.53 -11.63
C GLU A 42 20.53 60.89 -11.22
N VAL A 43 20.02 60.01 -12.08
CA VAL A 43 18.68 59.44 -11.90
C VAL A 43 18.63 58.41 -10.77
N ALA A 44 19.78 57.85 -10.41
CA ALA A 44 19.82 56.82 -9.38
C ALA A 44 19.90 57.43 -7.99
N ASN A 45 20.09 58.74 -7.94
CA ASN A 45 20.19 59.46 -6.67
C ASN A 45 18.84 60.02 -6.26
N SER A 46 18.29 59.51 -5.17
CA SER A 46 16.98 59.95 -4.68
C SER A 46 16.99 61.42 -4.26
N PHE A 47 18.12 61.87 -3.72
CA PHE A 47 18.26 63.25 -3.26
C PHE A 47 18.20 64.24 -4.42
N ALA A 48 18.94 63.94 -5.48
CA ALA A 48 18.98 64.79 -6.67
C ALA A 48 17.61 64.85 -7.34
N VAL A 49 16.95 63.70 -7.40
CA VAL A 49 15.60 63.60 -7.96
C VAL A 49 14.64 64.44 -7.14
N THR A 50 14.78 64.37 -5.82
CA THR A 50 13.93 65.15 -4.92
C THR A 50 14.13 66.66 -5.14
N ASN A 51 15.38 67.08 -5.19
CA ASN A 51 15.71 68.49 -5.43
C ASN A 51 15.19 68.99 -6.78
N ALA A 52 15.36 68.17 -7.82
CA ALA A 52 14.89 68.53 -9.15
C ALA A 52 13.37 68.66 -9.17
N PHE A 53 12.69 67.70 -8.56
CA PHE A 53 11.23 67.72 -8.49
C PHE A 53 10.74 68.95 -7.74
N CYS A 54 11.39 69.27 -6.63
CA CYS A 54 11.00 70.43 -5.83
C CYS A 54 11.27 71.73 -6.58
N SER A 55 12.31 71.74 -7.40
CA SER A 55 12.64 72.91 -8.21
C SER A 55 11.57 73.13 -9.28
N GLN A 56 11.25 72.07 -10.02
CA GLN A 56 10.23 72.13 -11.06
C GLN A 56 8.88 72.51 -10.47
N PHE A 57 8.60 72.01 -9.27
CA PHE A 57 7.36 72.32 -8.58
C PHE A 57 7.32 73.80 -8.16
N SER A 58 8.45 74.29 -7.67
CA SER A 58 8.56 75.68 -7.25
C SER A 58 8.41 76.63 -8.44
N ARG A 59 8.85 76.17 -9.62
CA ARG A 59 8.69 76.92 -10.85
C ARG A 59 7.21 77.02 -11.25
N GLY A 60 6.42 76.03 -10.82
CA GLY A 60 5.00 76.04 -11.11
C GLY A 60 4.64 75.40 -12.45
N VAL A 61 5.24 74.25 -12.73
CA VAL A 61 4.94 73.52 -13.97
C VAL A 61 3.59 72.81 -13.86
N TYR A 62 2.92 72.63 -15.00
CA TYR A 62 1.63 71.96 -15.02
C TYR A 62 1.77 70.45 -15.19
N ALA A 63 2.94 70.02 -15.67
CA ALA A 63 3.23 68.60 -15.85
C ALA A 63 4.73 68.35 -15.86
N ILE A 64 5.12 67.13 -15.51
CA ILE A 64 6.54 66.78 -15.47
C ILE A 64 6.85 65.51 -16.28
N PHE A 65 7.56 65.67 -17.39
CA PHE A 65 8.08 64.53 -18.12
C PHE A 65 9.47 64.18 -17.59
N GLY A 66 9.80 62.90 -17.55
CA GLY A 66 11.11 62.49 -17.06
C GLY A 66 11.32 60.99 -16.94
N PHE A 67 12.45 60.62 -16.33
CA PHE A 67 12.82 59.23 -16.14
C PHE A 67 13.04 58.96 -14.64
N TYR A 68 13.01 57.69 -14.26
CA TYR A 68 13.35 57.33 -12.88
C TYR A 68 14.02 55.97 -12.81
N ASP A 69 14.78 55.74 -11.75
CA ASP A 69 15.45 54.47 -11.50
C ASP A 69 14.66 53.71 -10.45
N LYS A 70 15.08 52.48 -10.14
CA LYS A 70 14.38 51.70 -9.14
C LYS A 70 14.61 52.28 -7.74
N LYS A 71 15.66 53.09 -7.61
CA LYS A 71 15.96 53.72 -6.33
C LYS A 71 15.24 55.05 -6.18
N SER A 72 14.84 55.64 -7.31
CA SER A 72 14.18 56.95 -7.30
C SER A 72 12.69 56.89 -7.65
N VAL A 73 12.18 55.70 -7.94
CA VAL A 73 10.79 55.57 -8.39
C VAL A 73 9.80 55.90 -7.27
N ASN A 74 10.13 55.49 -6.05
CA ASN A 74 9.26 55.73 -4.90
C ASN A 74 9.11 57.22 -4.59
N THR A 75 10.20 57.97 -4.76
CA THR A 75 10.17 59.41 -4.55
C THR A 75 9.21 60.07 -5.55
N ILE A 76 9.36 59.70 -6.81
CA ILE A 76 8.50 60.23 -7.87
C ILE A 76 7.04 59.90 -7.62
N THR A 77 6.74 58.63 -7.41
CA THR A 77 5.36 58.19 -7.20
C THR A 77 4.72 58.83 -5.97
N SER A 78 5.49 58.92 -4.88
CA SER A 78 4.99 59.47 -3.64
C SER A 78 4.73 60.98 -3.76
N PHE A 79 5.72 61.71 -4.25
CA PHE A 79 5.60 63.17 -4.38
C PHE A 79 4.52 63.57 -5.39
N CYS A 80 4.44 62.83 -6.50
CA CYS A 80 3.44 63.11 -7.52
C CYS A 80 2.04 62.72 -7.05
N GLY A 81 1.96 61.66 -6.25
CA GLY A 81 0.68 61.26 -5.71
C GLY A 81 0.23 62.20 -4.61
N THR A 82 1.19 62.87 -3.99
CA THR A 82 0.89 63.82 -2.92
C THR A 82 0.47 65.19 -3.42
N LEU A 83 1.26 65.76 -4.34
CA LEU A 83 1.03 67.12 -4.82
C LEU A 83 0.11 67.20 -6.04
N HIS A 84 -0.43 66.05 -6.45
CA HIS A 84 -1.33 65.97 -7.62
C HIS A 84 -0.65 66.49 -8.88
N VAL A 85 0.66 66.30 -8.97
CA VAL A 85 1.42 66.69 -10.15
C VAL A 85 1.69 65.48 -11.03
N SER A 86 1.14 65.48 -12.24
CA SER A 86 1.26 64.35 -13.14
C SER A 86 2.68 64.14 -13.66
N PHE A 87 3.15 62.90 -13.58
CA PHE A 87 4.48 62.54 -14.07
C PHE A 87 4.38 61.65 -15.30
N ILE A 88 5.10 62.00 -16.35
CA ILE A 88 5.13 61.22 -17.57
C ILE A 88 6.49 60.55 -17.74
N THR A 89 6.50 59.25 -17.98
CA THR A 89 7.77 58.52 -18.05
C THR A 89 7.82 57.40 -19.07
N PRO A 90 8.96 57.31 -19.78
CA PRO A 90 9.37 56.19 -20.65
C PRO A 90 9.92 55.00 -19.86
N SER A 91 10.23 55.23 -18.59
CA SER A 91 10.87 54.19 -17.77
C SER A 91 9.92 53.05 -17.42
N PHE A 92 10.42 52.11 -16.63
CA PHE A 92 9.65 50.92 -16.28
C PHE A 92 8.37 51.27 -15.52
N PRO A 93 7.29 50.52 -15.81
CA PRO A 93 6.00 50.69 -15.13
C PRO A 93 6.09 50.48 -13.63
N THR A 94 5.39 51.30 -12.87
CA THR A 94 5.40 51.22 -11.42
C THR A 94 4.78 49.90 -10.98
N ASP A 95 5.29 49.33 -9.89
CA ASP A 95 4.69 48.10 -9.40
C ASP A 95 3.59 48.56 -8.46
N GLY A 96 2.37 48.63 -8.98
CA GLY A 96 1.24 49.05 -8.18
C GLY A 96 0.23 49.85 -8.99
N THR A 97 -0.65 50.51 -8.27
CA THR A 97 -1.69 51.38 -8.82
C THR A 97 -1.44 52.89 -8.64
N HIS A 98 -0.20 53.30 -8.42
CA HIS A 98 0.12 54.69 -8.07
C HIS A 98 -0.45 55.71 -9.07
N PRO A 99 -1.08 56.79 -8.54
CA PRO A 99 -1.73 57.81 -9.38
C PRO A 99 -0.79 58.91 -9.86
N PHE A 100 -1.29 59.75 -10.75
CA PHE A 100 -0.54 60.88 -11.31
C PHE A 100 0.78 60.45 -11.94
N VAL A 101 0.82 59.23 -12.45
CA VAL A 101 1.99 58.73 -13.13
C VAL A 101 1.60 58.15 -14.48
N ILE A 102 2.05 58.79 -15.56
CA ILE A 102 1.71 58.31 -16.89
C ILE A 102 2.89 57.56 -17.48
N GLN A 103 2.79 56.23 -17.47
CA GLN A 103 3.84 55.37 -18.00
C GLN A 103 3.62 55.07 -19.48
N MET A 104 4.53 55.55 -20.31
CA MET A 104 4.44 55.34 -21.75
C MET A 104 4.83 53.92 -22.12
N ARG A 105 5.69 53.30 -21.30
CA ARG A 105 6.15 51.95 -21.55
C ARG A 105 5.08 50.92 -21.18
N PRO A 106 4.67 50.10 -22.14
CA PRO A 106 3.68 49.04 -21.93
C PRO A 106 4.24 47.86 -21.12
N ASP A 107 3.36 47.04 -20.55
CA ASP A 107 3.80 45.90 -19.77
C ASP A 107 4.31 44.76 -20.66
N LEU A 108 5.40 44.15 -20.21
CA LEU A 108 6.06 43.11 -21.00
C LEU A 108 5.85 41.69 -20.45
N LYS A 109 5.26 41.58 -19.26
CA LYS A 109 5.11 40.30 -18.58
C LYS A 109 4.31 39.27 -19.38
N GLY A 110 3.12 39.65 -19.81
CA GLY A 110 2.24 38.76 -20.54
C GLY A 110 2.79 38.24 -21.85
N ALA A 111 3.38 39.13 -22.63
CA ALA A 111 3.98 38.75 -23.91
C ALA A 111 5.13 37.78 -23.72
N LEU A 112 5.92 38.02 -22.68
CA LEU A 112 7.05 37.16 -22.36
C LEU A 112 6.57 35.77 -21.95
N LEU A 113 5.62 35.70 -21.03
CA LEU A 113 5.08 34.42 -20.59
C LEU A 113 4.45 33.64 -21.73
N SER A 114 3.67 34.35 -22.56
CA SER A 114 3.02 33.74 -23.71
C SER A 114 4.05 33.24 -24.73
N LEU A 115 5.18 33.94 -24.81
CA LEU A 115 6.25 33.54 -25.72
C LEU A 115 6.96 32.28 -25.21
N ILE A 116 7.16 32.23 -23.90
CA ILE A 116 7.76 31.06 -23.28
C ILE A 116 6.86 29.84 -23.47
N GLU A 117 5.55 30.05 -23.29
CA GLU A 117 4.58 28.98 -23.47
C GLU A 117 4.46 28.57 -24.94
N TYR A 118 4.70 29.52 -25.83
CA TYR A 118 4.63 29.26 -27.27
C TYR A 118 5.72 28.31 -27.75
N TYR A 119 6.93 28.52 -27.27
CA TYR A 119 8.08 27.68 -27.65
C TYR A 119 8.08 26.37 -26.87
N GLN A 120 7.10 26.22 -25.99
CA GLN A 120 6.93 25.02 -25.18
C GLN A 120 8.16 24.74 -24.31
N TRP A 121 8.63 25.79 -23.63
CA TRP A 121 9.75 25.66 -22.70
C TRP A 121 9.33 25.18 -21.32
N ASP A 122 10.09 24.22 -20.81
CA ASP A 122 9.92 23.71 -19.47
C ASP A 122 11.12 24.10 -18.62
N LYS A 123 12.32 23.71 -19.05
CA LYS A 123 13.55 24.05 -18.33
C LYS A 123 14.41 25.12 -19.05
N PHE A 124 14.70 26.22 -18.36
CA PHE A 124 15.52 27.28 -18.95
C PHE A 124 16.24 28.14 -17.89
N ALA A 125 17.16 28.97 -18.36
CA ALA A 125 17.91 29.88 -17.49
C ALA A 125 17.47 31.33 -17.70
N TYR A 126 17.26 32.03 -16.60
CA TYR A 126 16.82 33.42 -16.64
C TYR A 126 17.92 34.33 -16.08
N LEU A 127 18.56 35.07 -16.98
CA LEU A 127 19.57 36.06 -16.59
C LEU A 127 18.85 37.36 -16.27
N TYR A 128 19.27 38.04 -15.21
CA TYR A 128 18.60 39.28 -14.82
C TYR A 128 19.59 40.30 -14.26
N ASP A 129 19.26 41.58 -14.45
CA ASP A 129 20.06 42.67 -13.90
C ASP A 129 19.38 43.21 -12.66
N SER A 130 20.13 43.31 -11.57
CA SER A 130 19.57 43.81 -10.32
C SER A 130 19.58 45.33 -10.34
N ASP A 131 20.32 45.89 -11.30
CA ASP A 131 20.41 47.32 -11.49
C ASP A 131 19.16 47.84 -12.17
N ARG A 132 18.48 46.96 -12.89
CA ARG A 132 17.29 47.32 -13.64
C ARG A 132 16.06 46.89 -12.83
N GLY A 133 15.97 45.61 -12.51
CA GLY A 133 14.93 45.11 -11.62
C GLY A 133 14.55 43.66 -11.81
N LEU A 134 13.83 43.14 -10.81
CA LEU A 134 13.41 41.74 -10.76
C LEU A 134 11.93 41.43 -11.00
N SER A 135 11.15 42.43 -11.40
CA SER A 135 9.69 42.27 -11.48
C SER A 135 9.24 41.15 -12.43
N THR A 136 9.76 41.15 -13.65
CA THR A 136 9.42 40.10 -14.61
C THR A 136 9.92 38.74 -14.12
N LEU A 137 11.05 38.75 -13.44
CA LEU A 137 11.60 37.53 -12.84
C LEU A 137 10.64 36.96 -11.80
N GLN A 138 10.13 37.82 -10.92
CA GLN A 138 9.15 37.37 -9.93
C GLN A 138 7.89 36.88 -10.62
N ALA A 139 7.55 37.51 -11.75
CA ALA A 139 6.38 37.10 -12.51
C ALA A 139 6.53 35.67 -13.05
N VAL A 140 7.67 35.40 -13.69
CA VAL A 140 7.91 34.07 -14.25
C VAL A 140 8.15 33.03 -13.16
N LEU A 141 8.54 33.50 -11.97
CA LEU A 141 8.72 32.61 -10.83
C LEU A 141 7.36 32.21 -10.24
N ASP A 142 6.43 33.17 -10.20
CA ASP A 142 5.08 32.87 -9.75
C ASP A 142 4.36 31.99 -10.76
N SER A 143 4.66 32.21 -12.04
CA SER A 143 4.09 31.44 -13.14
C SER A 143 4.76 30.08 -13.35
N ALA A 144 5.92 29.89 -12.72
CA ALA A 144 6.70 28.67 -12.87
C ALA A 144 6.00 27.42 -12.35
N ALA A 145 5.26 27.55 -11.25
CA ALA A 145 4.56 26.41 -10.67
C ALA A 145 3.39 25.96 -11.54
N GLU A 146 2.59 26.90 -12.00
CA GLU A 146 1.39 26.61 -12.79
C GLU A 146 1.74 25.99 -14.15
N LYS A 147 2.74 26.57 -14.81
CA LYS A 147 3.11 26.13 -16.14
C LYS A 147 4.17 25.04 -16.11
N LYS A 148 4.53 24.57 -14.91
CA LYS A 148 5.56 23.54 -14.75
C LYS A 148 6.89 23.92 -15.36
N TRP A 149 7.51 24.96 -14.82
CA TRP A 149 8.79 25.40 -15.33
C TRP A 149 9.93 25.14 -14.36
N GLN A 150 11.11 24.90 -14.90
CA GLN A 150 12.34 24.82 -14.13
C GLN A 150 13.24 25.98 -14.52
N VAL A 151 13.32 26.99 -13.66
CA VAL A 151 14.06 28.19 -13.97
C VAL A 151 15.35 28.30 -13.17
N THR A 152 16.46 28.53 -13.87
CA THR A 152 17.73 28.78 -13.21
C THR A 152 18.05 30.26 -13.30
N ALA A 153 17.87 30.97 -12.18
CA ALA A 153 18.04 32.41 -12.17
C ALA A 153 19.47 32.84 -11.85
N ILE A 154 20.05 33.63 -12.73
CA ILE A 154 21.40 34.13 -12.53
C ILE A 154 21.39 35.65 -12.57
N ASN A 155 22.06 36.28 -11.60
CA ASN A 155 22.13 37.72 -11.56
C ASN A 155 23.38 38.14 -12.32
N VAL A 156 23.19 39.01 -13.30
CA VAL A 156 24.30 39.46 -14.12
C VAL A 156 24.70 40.88 -13.72
N GLY A 157 24.02 41.39 -12.70
CA GLY A 157 24.25 42.76 -12.26
C GLY A 157 25.59 42.94 -11.60
N LYS A 178 24.64 21.99 -16.05
CA LYS A 178 23.24 21.60 -16.18
C LYS A 178 22.83 21.48 -17.65
N LYS A 179 23.79 21.69 -18.55
CA LYS A 179 23.54 21.63 -20.00
C LYS A 179 22.44 22.59 -20.43
N GLU A 180 22.45 23.81 -19.88
CA GLU A 180 21.40 24.76 -20.21
C GLU A 180 21.59 25.33 -21.61
N ARG A 181 20.61 25.09 -22.48
CA ARG A 181 20.66 25.60 -23.85
C ARG A 181 19.68 26.74 -24.13
N ARG A 182 18.81 27.05 -23.18
CA ARG A 182 17.79 28.08 -23.38
C ARG A 182 17.91 29.21 -22.36
N VAL A 183 18.16 30.42 -22.86
CA VAL A 183 18.47 31.54 -21.99
C VAL A 183 17.61 32.78 -22.26
N ILE A 184 17.18 33.42 -21.16
CA ILE A 184 16.48 34.69 -21.19
C ILE A 184 17.46 35.74 -20.67
N LEU A 185 17.59 36.85 -21.38
CA LEU A 185 18.59 37.86 -21.05
C LEU A 185 18.08 38.95 -20.10
N ASP A 186 17.05 39.69 -20.52
CA ASP A 186 16.41 40.68 -19.65
C ASP A 186 17.42 41.68 -19.08
N CYS A 187 17.91 42.55 -19.95
CA CYS A 187 18.90 43.55 -19.55
C CYS A 187 18.79 44.83 -20.39
N GLU A 188 19.65 45.78 -20.09
CA GLU A 188 19.78 46.99 -20.88
C GLU A 188 20.40 46.64 -22.23
N ARG A 189 20.11 47.42 -23.26
CA ARG A 189 20.60 47.16 -24.61
C ARG A 189 22.13 47.11 -24.65
N ASP A 190 22.76 47.91 -23.80
CA ASP A 190 24.21 47.90 -23.70
C ASP A 190 24.71 46.63 -23.02
N LYS A 191 24.07 46.27 -21.91
CA LYS A 191 24.40 45.05 -21.19
C LYS A 191 24.10 43.83 -22.05
N VAL A 192 22.97 43.88 -22.76
CA VAL A 192 22.61 42.83 -23.71
C VAL A 192 23.69 42.69 -24.77
N ASN A 193 24.16 43.81 -25.30
CA ASN A 193 25.25 43.80 -26.28
C ASN A 193 26.52 43.18 -25.71
N ASP A 194 26.82 43.49 -24.45
CA ASP A 194 28.00 42.93 -23.79
C ASP A 194 27.89 41.42 -23.68
N ILE A 195 26.75 40.95 -23.18
CA ILE A 195 26.48 39.53 -23.04
C ILE A 195 26.55 38.82 -24.39
N VAL A 196 26.03 39.48 -25.43
CA VAL A 196 26.09 38.94 -26.79
C VAL A 196 27.54 38.78 -27.24
N ASP A 197 28.35 39.83 -27.01
CA ASP A 197 29.76 39.79 -27.36
C ASP A 197 30.48 38.64 -26.66
N GLN A 198 30.12 38.42 -25.40
CA GLN A 198 30.73 37.35 -24.61
C GLN A 198 30.30 35.98 -25.10
N VAL A 199 29.02 35.84 -25.44
CA VAL A 199 28.49 34.59 -25.99
C VAL A 199 29.16 34.24 -27.32
N ILE A 200 29.32 35.24 -28.19
CA ILE A 200 30.00 35.05 -29.46
C ILE A 200 31.45 34.65 -29.20
N THR A 201 32.05 35.28 -28.20
CA THR A 201 33.42 34.97 -27.81
C THR A 201 33.57 33.51 -27.40
N ILE A 202 32.62 33.01 -26.62
CA ILE A 202 32.67 31.62 -26.16
C ILE A 202 32.26 30.66 -27.27
N GLY A 203 31.47 31.15 -28.23
CA GLY A 203 31.06 30.34 -29.36
C GLY A 203 29.80 29.55 -29.05
N LYS A 204 28.96 30.13 -28.19
CA LYS A 204 27.70 29.51 -27.80
C LYS A 204 26.52 30.03 -28.63
N HIS A 205 26.81 30.75 -29.71
CA HIS A 205 25.76 31.32 -30.54
C HIS A 205 25.47 30.41 -31.73
N VAL A 206 25.99 29.18 -31.68
CA VAL A 206 25.78 28.22 -32.75
C VAL A 206 24.48 27.46 -32.56
N LYS A 207 24.22 26.48 -33.43
CA LYS A 207 23.00 25.71 -33.39
C LYS A 207 22.84 24.93 -32.09
N GLY A 208 21.63 24.95 -31.54
CA GLY A 208 21.34 24.27 -30.28
C GLY A 208 21.06 25.24 -29.14
N TYR A 209 21.39 26.51 -29.34
CA TYR A 209 21.15 27.53 -28.33
C TYR A 209 19.97 28.44 -28.73
N HIS A 210 19.24 28.92 -27.72
CA HIS A 210 18.11 29.81 -27.95
C HIS A 210 18.11 30.95 -26.95
N TYR A 211 18.09 32.19 -27.45
CA TYR A 211 18.13 33.36 -26.59
C TYR A 211 16.89 34.23 -26.78
N ILE A 212 16.31 34.67 -25.66
CA ILE A 212 15.14 35.54 -25.69
C ILE A 212 15.46 36.92 -25.14
N ILE A 213 15.45 37.92 -26.01
CA ILE A 213 15.71 39.28 -25.59
C ILE A 213 14.43 39.84 -24.96
N ALA A 214 14.52 40.13 -23.66
CA ALA A 214 13.42 40.56 -22.82
C ALA A 214 13.23 42.07 -22.72
N ASN A 215 13.72 42.82 -23.69
CA ASN A 215 13.47 44.27 -23.73
C ASN A 215 12.55 44.66 -24.88
N LEU A 216 11.97 45.86 -24.82
CA LEU A 216 10.97 46.25 -25.81
C LEU A 216 11.50 46.34 -27.23
N GLY A 217 12.67 46.91 -27.43
CA GLY A 217 13.23 46.91 -28.78
C GLY A 217 14.16 45.73 -28.99
N PHE A 218 13.90 44.96 -30.04
CA PHE A 218 14.81 43.89 -30.45
C PHE A 218 15.89 44.42 -31.38
N THR A 219 15.46 45.31 -32.28
CA THR A 219 16.30 45.84 -33.35
C THR A 219 17.04 47.11 -32.96
N ASP A 220 16.93 47.51 -31.69
CA ASP A 220 17.59 48.73 -31.22
C ASP A 220 19.10 48.55 -31.17
N GLY A 221 19.55 47.33 -30.90
CA GLY A 221 20.96 47.02 -30.83
C GLY A 221 21.48 46.32 -32.07
N ASP A 222 22.75 45.94 -32.06
CA ASP A 222 23.34 45.26 -33.20
C ASP A 222 23.09 43.75 -33.14
N LEU A 223 22.33 43.26 -34.11
CA LEU A 223 21.98 41.85 -34.18
C LEU A 223 22.76 41.11 -35.27
N LEU A 224 23.51 41.85 -36.06
CA LEU A 224 24.20 41.30 -37.23
C LEU A 224 25.32 40.34 -36.86
N LYS A 225 25.96 40.60 -35.72
CA LYS A 225 27.11 39.80 -35.28
C LYS A 225 26.71 38.41 -34.80
N ILE A 226 25.50 38.29 -34.26
CA ILE A 226 25.01 37.01 -33.78
C ILE A 226 24.03 36.39 -34.80
N GLN A 227 23.94 37.00 -35.98
CA GLN A 227 22.94 36.60 -36.97
C GLN A 227 23.34 35.34 -37.75
N PHE A 228 24.64 35.15 -37.97
CA PHE A 228 25.12 34.04 -38.77
C PHE A 228 25.66 32.86 -37.95
N GLY A 229 25.42 32.90 -36.64
CA GLY A 229 25.89 31.87 -35.74
C GLY A 229 25.11 30.57 -35.82
N GLY A 230 23.79 30.68 -35.98
CA GLY A 230 22.94 29.51 -36.06
C GLY A 230 21.99 29.32 -34.90
N ALA A 231 22.22 30.04 -33.80
CA ALA A 231 21.33 29.97 -32.65
C ALA A 231 20.06 30.77 -32.91
N GLU A 232 18.94 30.28 -32.39
CA GLU A 232 17.68 30.99 -32.50
C GLU A 232 17.65 32.17 -31.56
N VAL A 233 17.38 33.36 -32.10
CA VAL A 233 17.31 34.57 -31.29
C VAL A 233 15.96 35.23 -31.45
N SER A 234 15.17 35.23 -30.38
CA SER A 234 13.84 35.81 -30.40
C SER A 234 13.75 37.02 -29.49
N GLY A 235 12.91 37.97 -29.88
CA GLY A 235 12.74 39.18 -29.11
C GLY A 235 11.42 39.88 -29.34
N PHE A 236 11.31 41.07 -28.76
CA PHE A 236 10.08 41.86 -28.86
C PHE A 236 10.38 43.18 -29.54
N GLN A 237 9.38 43.71 -30.23
CA GLN A 237 9.51 44.99 -30.91
C GLN A 237 8.24 45.82 -30.74
N ILE A 238 8.38 46.98 -30.11
CA ILE A 238 7.26 47.90 -29.94
C ILE A 238 7.26 48.95 -31.05
N VAL A 239 8.39 49.10 -31.74
CA VAL A 239 8.49 50.05 -32.83
C VAL A 239 8.43 49.35 -34.18
N ASP A 240 7.30 49.46 -34.86
CA ASP A 240 7.14 48.83 -36.17
C ASP A 240 7.57 49.81 -37.26
N TYR A 241 8.65 49.47 -37.96
CA TYR A 241 9.20 50.36 -38.98
C TYR A 241 8.44 50.25 -40.31
N ASP A 242 7.45 49.38 -40.34
CA ASP A 242 6.66 49.17 -41.55
C ASP A 242 5.47 50.14 -41.63
N ASP A 243 5.15 50.78 -40.51
CA ASP A 243 4.08 51.78 -40.48
C ASP A 243 4.51 53.04 -41.22
N SER A 244 3.56 53.65 -41.93
CA SER A 244 3.84 54.86 -42.70
C SER A 244 4.26 56.00 -41.79
N LEU A 245 3.67 56.06 -40.61
CA LEU A 245 4.00 57.07 -39.62
C LEU A 245 5.46 56.93 -39.19
N VAL A 246 5.84 55.73 -38.79
CA VAL A 246 7.20 55.45 -38.35
C VAL A 246 8.20 55.58 -39.51
N SER A 247 7.77 55.19 -40.70
CA SER A 247 8.61 55.30 -41.89
C SER A 247 8.92 56.75 -42.20
N LYS A 248 7.90 57.59 -42.13
CA LYS A 248 8.05 59.02 -42.39
C LYS A 248 8.92 59.65 -41.30
N PHE A 249 8.62 59.28 -40.05
CA PHE A 249 9.38 59.77 -38.90
C PHE A 249 10.85 59.43 -39.01
N ILE A 250 11.15 58.25 -39.54
CA ILE A 250 12.53 57.82 -39.72
C ILE A 250 13.16 58.57 -40.88
N GLU A 251 12.37 58.78 -41.93
CA GLU A 251 12.80 59.55 -43.10
C GLU A 251 13.23 60.95 -42.70
N ARG A 252 12.56 61.52 -41.69
CA ARG A 252 12.93 62.82 -41.15
C ARG A 252 14.08 62.70 -40.15
N TRP A 253 14.10 61.59 -39.41
CA TRP A 253 15.05 61.35 -38.34
C TRP A 253 16.47 61.07 -38.86
N SER A 254 16.54 60.45 -40.02
CA SER A 254 17.84 60.09 -40.60
C SER A 254 18.47 61.28 -41.33
N THR A 255 17.67 62.33 -41.54
CA THR A 255 18.16 63.50 -42.29
C THR A 255 18.62 64.60 -41.33
N LEU A 256 18.24 64.48 -40.06
CA LEU A 256 18.62 65.49 -39.07
C LEU A 256 20.13 65.53 -38.85
N GLU A 257 20.68 66.73 -38.67
CA GLU A 257 22.10 66.88 -38.41
C GLU A 257 22.44 66.33 -37.03
N GLU A 258 23.46 65.47 -36.98
CA GLU A 258 23.84 64.81 -35.73
C GLU A 258 24.42 65.80 -34.72
N LYS A 259 24.92 66.93 -35.22
CA LYS A 259 25.49 67.95 -34.35
C LYS A 259 24.42 68.64 -33.51
N GLU A 260 23.28 68.95 -34.12
CA GLU A 260 22.17 69.60 -33.41
C GLU A 260 21.39 68.57 -32.60
N TYR A 261 21.18 67.39 -33.18
CA TYR A 261 20.43 66.33 -32.52
C TYR A 261 21.31 65.12 -32.31
N PRO A 262 21.92 65.02 -31.11
CA PRO A 262 22.81 63.89 -30.80
C PRO A 262 22.05 62.58 -30.87
N GLY A 263 22.63 61.65 -31.63
CA GLY A 263 22.08 60.34 -31.82
C GLY A 263 20.89 60.25 -32.74
N ALA A 264 20.52 61.34 -33.42
CA ALA A 264 19.50 61.10 -34.43
C ALA A 264 20.08 61.36 -35.82
N HIS A 265 20.90 60.44 -36.30
CA HIS A 265 21.19 60.37 -37.72
C HIS A 265 20.80 59.00 -38.31
N THR A 266 20.09 58.16 -37.55
CA THR A 266 20.07 56.75 -37.94
C THR A 266 18.75 56.22 -38.48
N ALA A 267 18.80 54.97 -38.96
CA ALA A 267 17.65 54.30 -39.54
C ALA A 267 16.76 53.70 -38.47
N THR A 268 17.32 53.47 -37.29
CA THR A 268 16.53 52.95 -36.18
C THR A 268 16.56 53.92 -35.01
N ILE A 269 15.74 53.64 -34.00
CA ILE A 269 15.68 54.50 -32.82
C ILE A 269 15.32 53.68 -31.58
N LYS A 270 15.96 53.97 -30.45
CA LYS A 270 15.66 53.29 -29.19
C LYS A 270 14.20 53.50 -28.79
N TYR A 271 13.60 52.49 -28.19
CA TYR A 271 12.18 52.54 -27.86
C TYR A 271 11.85 53.62 -26.83
N THR A 272 12.81 53.91 -25.95
CA THR A 272 12.64 54.95 -24.94
C THR A 272 12.48 56.31 -25.60
N SER A 273 13.25 56.54 -26.64
CA SER A 273 13.23 57.78 -27.40
C SER A 273 11.88 57.97 -28.11
N ALA A 274 11.38 56.88 -28.69
CA ALA A 274 10.08 56.87 -29.34
C ALA A 274 8.97 57.14 -28.33
N LEU A 275 9.14 56.57 -27.13
CA LEU A 275 8.18 56.77 -26.06
C LEU A 275 8.24 58.21 -25.54
N THR A 276 9.39 58.85 -25.71
CA THR A 276 9.55 60.25 -25.35
C THR A 276 8.78 61.13 -26.33
N TYR A 277 8.97 60.88 -27.63
CA TYR A 277 8.21 61.57 -28.66
C TYR A 277 6.70 61.41 -28.44
N ASP A 278 6.28 60.16 -28.28
CA ASP A 278 4.88 59.85 -28.04
C ASP A 278 4.37 60.51 -26.76
N ALA A 279 5.27 60.68 -25.79
CA ALA A 279 4.91 61.35 -24.55
C ALA A 279 4.62 62.82 -24.83
N VAL A 280 5.46 63.44 -25.64
CA VAL A 280 5.24 64.83 -26.06
C VAL A 280 3.88 64.97 -26.74
N GLN A 281 3.60 64.07 -27.69
CA GLN A 281 2.31 64.09 -28.39
C GLN A 281 1.13 63.95 -27.41
N VAL A 282 1.24 62.99 -26.50
CA VAL A 282 0.18 62.73 -25.53
C VAL A 282 -0.08 63.95 -24.63
N MET A 283 0.98 64.59 -24.16
CA MET A 283 0.85 65.78 -23.34
C MET A 283 0.17 66.91 -24.13
N THR A 284 0.64 67.11 -25.36
CA THR A 284 0.07 68.13 -26.24
C THR A 284 -1.43 67.92 -26.42
N GLU A 285 -1.81 66.70 -26.76
CA GLU A 285 -3.22 66.35 -26.95
C GLU A 285 -4.02 66.53 -25.66
N ALA A 286 -3.37 66.26 -24.54
CA ALA A 286 -4.02 66.39 -23.23
C ALA A 286 -4.38 67.83 -22.91
N PHE A 287 -3.40 68.72 -23.01
CA PHE A 287 -3.67 70.14 -22.75
C PHE A 287 -4.60 70.75 -23.80
N ARG A 288 -4.48 70.29 -25.03
CA ARG A 288 -5.39 70.73 -26.09
C ARG A 288 -6.83 70.36 -25.73
N ASN A 289 -7.00 69.14 -25.23
CA ASN A 289 -8.31 68.67 -24.78
C ASN A 289 -8.77 69.44 -23.55
N LEU A 290 -7.82 69.87 -22.72
CA LEU A 290 -8.14 70.70 -21.56
C LEU A 290 -8.74 72.03 -22.01
N ARG A 291 -8.19 72.59 -23.09
CA ARG A 291 -8.72 73.83 -23.62
C ARG A 291 -10.00 73.64 -24.42
N LYS A 292 -10.22 72.43 -24.94
CA LYS A 292 -11.43 72.17 -25.73
C LYS A 292 -12.68 72.04 -24.84
N GLN A 293 -12.49 71.64 -23.59
CA GLN A 293 -13.62 71.53 -22.66
C GLN A 293 -13.74 72.78 -21.77
N ARG A 294 -12.94 73.79 -22.07
CA ARG A 294 -12.90 75.04 -21.32
C ARG A 294 -12.64 74.83 -19.82
N ILE A 295 -11.79 73.87 -19.49
CA ILE A 295 -11.43 73.63 -18.10
C ILE A 295 -10.20 74.45 -17.79
N GLU A 296 -10.37 75.48 -16.95
CA GLU A 296 -9.26 76.34 -16.66
C GLU A 296 -8.32 75.70 -15.65
N ILE A 297 -7.10 75.42 -16.11
CA ILE A 297 -6.09 74.82 -15.25
C ILE A 297 -5.00 75.81 -14.87
N SER A 298 -5.12 77.06 -15.33
CA SER A 298 -4.07 78.05 -15.06
C SER A 298 -3.97 78.33 -13.56
N ARG A 299 -2.79 78.14 -13.01
CA ARG A 299 -2.57 78.39 -11.58
C ARG A 299 -2.62 79.89 -11.30
N ARG A 300 -3.41 80.29 -10.30
CA ARG A 300 -3.57 81.71 -9.98
C ARG A 300 -2.37 82.27 -9.19
N GLY A 301 -1.96 81.55 -8.15
CA GLY A 301 -0.83 81.97 -7.34
C GLY A 301 0.35 81.03 -7.51
N ASN A 302 1.41 81.24 -6.74
CA ASN A 302 2.58 80.37 -6.80
C ASN A 302 2.31 78.99 -6.20
N ALA A 303 2.90 77.96 -6.79
CA ALA A 303 2.75 76.61 -6.29
C ALA A 303 3.45 76.44 -4.94
N GLY A 304 4.45 77.28 -4.70
CA GLY A 304 5.16 77.30 -3.43
C GLY A 304 6.19 76.21 -3.27
N ASP A 305 6.55 75.95 -2.02
CA ASP A 305 7.54 74.93 -1.68
C ASP A 305 6.94 73.52 -1.72
N CYS A 306 7.74 72.55 -2.12
CA CYS A 306 7.30 71.16 -2.16
C CYS A 306 7.18 70.56 -0.76
N LEU A 307 7.91 71.14 0.20
CA LEU A 307 7.88 70.67 1.58
C LEU A 307 6.89 71.46 2.44
N ALA A 308 6.05 72.26 1.80
CA ALA A 308 5.11 73.11 2.55
C ALA A 308 4.14 72.27 3.38
N ASN A 309 4.04 72.63 4.67
CA ASN A 309 3.21 71.93 5.63
C ASN A 309 2.05 72.78 6.15
N PRO A 310 0.82 72.28 6.02
CA PRO A 310 0.47 70.98 5.43
C PRO A 310 0.47 71.03 3.91
N ALA A 311 0.71 69.90 3.26
CA ALA A 311 0.73 69.89 1.81
C ALA A 311 -0.70 69.86 1.28
N VAL A 312 -1.09 70.93 0.58
CA VAL A 312 -2.40 70.99 -0.03
C VAL A 312 -2.27 70.98 -1.55
N PRO A 313 -2.79 69.92 -2.19
CA PRO A 313 -2.73 69.80 -3.65
C PRO A 313 -3.74 70.73 -4.34
N TRP A 314 -3.33 71.31 -5.46
CA TRP A 314 -4.22 72.17 -6.24
C TRP A 314 -5.37 71.37 -6.85
N GLY A 315 -6.51 72.04 -6.98
CA GLY A 315 -7.73 71.39 -7.42
C GLY A 315 -7.74 70.92 -8.86
N GLN A 316 -7.05 71.64 -9.74
CA GLN A 316 -7.10 71.29 -11.16
C GLN A 316 -6.13 70.18 -11.53
N GLY A 317 -5.32 69.76 -10.56
CA GLY A 317 -4.35 68.71 -10.81
C GLY A 317 -5.04 67.44 -11.22
N VAL A 318 -6.08 67.09 -10.49
CA VAL A 318 -6.87 65.92 -10.82
C VAL A 318 -7.40 66.05 -12.23
N GLU A 319 -7.87 67.25 -12.58
CA GLU A 319 -8.41 67.46 -13.90
C GLU A 319 -7.34 67.18 -14.92
N ILE A 320 -6.13 67.65 -14.64
CA ILE A 320 -5.03 67.46 -15.57
C ILE A 320 -4.75 65.98 -15.70
N GLU A 321 -4.78 65.28 -14.57
CA GLU A 321 -4.59 63.84 -14.56
C GLU A 321 -5.59 63.21 -15.50
N ARG A 322 -6.86 63.57 -15.33
CA ARG A 322 -7.91 63.01 -16.17
C ARG A 322 -7.62 63.31 -17.63
N ALA A 323 -7.20 64.54 -17.91
CA ALA A 323 -6.94 64.94 -19.29
C ALA A 323 -5.80 64.14 -19.90
N LEU A 324 -4.86 63.72 -19.07
CA LEU A 324 -3.74 62.93 -19.55
C LEU A 324 -4.10 61.46 -19.73
N LYS A 325 -5.05 60.96 -18.94
CA LYS A 325 -5.40 59.55 -19.00
C LYS A 325 -6.49 59.23 -20.02
N GLN A 326 -7.14 60.26 -20.54
CA GLN A 326 -8.20 60.08 -21.52
C GLN A 326 -7.69 60.21 -22.96
N VAL A 327 -6.38 60.43 -23.10
CA VAL A 327 -5.75 60.62 -24.40
C VAL A 327 -5.57 59.32 -25.18
N GLN A 328 -6.09 59.29 -26.40
CA GLN A 328 -5.87 58.17 -27.31
C GLN A 328 -5.28 58.69 -28.64
N VAL A 329 -4.04 58.30 -28.92
CA VAL A 329 -3.37 58.75 -30.14
C VAL A 329 -2.67 57.61 -30.85
N GLU A 330 -2.17 57.86 -32.06
CA GLU A 330 -1.42 56.84 -32.78
C GLU A 330 0.01 57.31 -32.96
N GLY A 331 0.94 56.64 -32.30
CA GLY A 331 2.34 57.03 -32.33
C GLY A 331 3.30 56.04 -32.96
N LEU A 332 4.57 56.14 -32.55
CA LEU A 332 5.62 55.23 -33.00
C LEU A 332 5.48 53.89 -32.30
N SER A 333 4.84 53.91 -31.14
CA SER A 333 4.64 52.73 -30.30
C SER A 333 3.32 52.05 -30.60
N GLY A 334 2.70 52.46 -31.71
CA GLY A 334 1.40 51.95 -32.12
C GLY A 334 0.24 52.65 -31.44
N ASN A 335 -0.84 51.93 -31.17
CA ASN A 335 -2.01 52.56 -30.59
C ASN A 335 -1.79 52.88 -29.12
N ILE A 336 -1.90 54.16 -28.79
CA ILE A 336 -1.67 54.65 -27.43
C ILE A 336 -2.95 55.03 -26.71
N LYS A 337 -3.31 54.24 -25.70
CA LYS A 337 -4.45 54.49 -24.83
C LYS A 337 -4.10 54.11 -23.40
N PHE A 338 -4.53 54.91 -22.44
CA PHE A 338 -4.20 54.67 -21.04
C PHE A 338 -5.42 54.27 -20.21
N ASP A 339 -5.21 53.34 -19.28
CA ASP A 339 -6.21 53.05 -18.26
C ASP A 339 -6.14 54.12 -17.18
N GLN A 340 -7.00 54.01 -16.17
CA GLN A 340 -7.08 55.01 -15.12
C GLN A 340 -5.83 55.03 -14.24
N ASN A 341 -5.07 53.94 -14.25
CA ASN A 341 -3.87 53.84 -13.42
C ASN A 341 -2.60 54.33 -14.11
N GLY A 342 -2.72 54.77 -15.36
CA GLY A 342 -1.60 55.29 -16.13
C GLY A 342 -0.84 54.24 -16.92
N LYS A 343 -1.32 53.01 -16.87
CA LYS A 343 -0.70 51.91 -17.60
C LYS A 343 -1.13 51.92 -19.04
N ARG A 344 -0.31 51.37 -19.91
CA ARG A 344 -0.67 51.28 -21.31
C ARG A 344 -1.64 50.16 -21.53
N ILE A 345 -2.72 50.44 -22.24
CA ILE A 345 -3.65 49.37 -22.59
C ILE A 345 -3.92 49.39 -24.10
N ASN A 346 -4.32 48.24 -24.65
CA ASN A 346 -4.58 48.00 -26.08
C ASN A 346 -3.49 48.42 -26.97
N TYR A 347 -2.32 47.90 -26.62
CA TYR A 347 -1.09 48.06 -27.33
C TYR A 347 -0.89 46.76 -28.01
N THR A 348 0.18 46.64 -28.78
CA THR A 348 0.54 45.42 -29.52
C THR A 348 2.05 45.26 -29.48
N ILE A 349 2.53 44.08 -29.08
CA ILE A 349 3.97 43.84 -29.04
C ILE A 349 4.39 42.81 -30.09
N ASN A 350 5.11 43.25 -31.12
CA ASN A 350 5.50 42.33 -32.19
C ASN A 350 6.53 41.30 -31.74
N ILE A 351 6.26 40.02 -32.00
CA ILE A 351 7.23 38.98 -31.69
C ILE A 351 8.11 38.71 -32.90
N MET A 352 9.41 38.90 -32.69
CA MET A 352 10.42 38.84 -33.74
C MET A 352 11.37 37.67 -33.57
N GLU A 353 11.84 37.14 -34.71
CA GLU A 353 12.88 36.11 -34.72
C GLU A 353 14.04 36.52 -35.63
N LEU A 354 15.27 36.21 -35.23
CA LEU A 354 16.44 36.60 -36.03
C LEU A 354 16.80 35.51 -37.04
N LYS A 355 16.68 35.83 -38.33
CA LYS A 355 17.03 34.90 -39.39
C LYS A 355 18.27 35.37 -40.16
N THR A 356 18.68 34.58 -41.15
CA THR A 356 19.87 34.89 -41.94
C THR A 356 19.69 36.18 -42.74
N ASN A 357 18.46 36.44 -43.16
CA ASN A 357 18.15 37.63 -43.93
C ASN A 357 17.81 38.81 -43.02
N GLY A 358 18.03 38.63 -41.73
CA GLY A 358 17.79 39.65 -40.73
C GLY A 358 16.58 39.38 -39.85
N PRO A 359 16.26 40.31 -38.95
CA PRO A 359 15.12 40.15 -38.05
C PRO A 359 13.80 40.14 -38.79
N ARG A 360 12.89 39.27 -38.37
CA ARG A 360 11.60 39.11 -39.03
C ARG A 360 10.48 39.03 -38.02
N LYS A 361 9.33 39.62 -38.34
CA LYS A 361 8.20 39.56 -37.44
C LYS A 361 7.45 38.25 -37.64
N ILE A 362 7.45 37.40 -36.63
CA ILE A 362 6.77 36.13 -36.71
C ILE A 362 5.40 36.26 -36.07
N GLY A 363 5.16 37.37 -35.36
CA GLY A 363 3.86 37.52 -34.74
C GLY A 363 3.58 38.76 -33.93
N TYR A 364 2.52 38.70 -33.13
CA TYR A 364 2.21 39.80 -32.23
C TYR A 364 1.47 39.33 -30.99
N TRP A 365 1.58 40.15 -29.94
CA TRP A 365 0.91 39.88 -28.67
C TRP A 365 0.06 41.06 -28.24
N SER A 366 -1.24 40.81 -28.06
CA SER A 366 -2.15 41.84 -27.56
C SER A 366 -2.61 41.51 -26.14
N GLU A 367 -3.34 42.43 -25.51
CA GLU A 367 -3.78 42.23 -24.13
C GLU A 367 -4.86 41.16 -24.00
N VAL A 368 -5.76 41.11 -24.97
CA VAL A 368 -6.85 40.14 -24.93
C VAL A 368 -6.63 38.96 -25.87
N ASP A 369 -5.76 39.16 -26.86
CA ASP A 369 -5.52 38.14 -27.87
C ASP A 369 -4.38 37.18 -27.54
N LYS A 370 -3.66 37.44 -26.45
CA LYS A 370 -2.49 36.64 -26.07
C LYS A 370 -1.49 36.53 -27.22
N MET A 371 -0.93 35.34 -27.40
CA MET A 371 0.06 35.12 -28.43
C MET A 371 -0.61 34.79 -29.76
N VAL A 372 -0.34 35.59 -30.78
CA VAL A 372 -0.88 35.30 -32.09
C VAL A 372 0.27 35.23 -33.08
N VAL A 373 0.31 34.13 -33.84
CA VAL A 373 1.40 33.90 -34.78
C VAL A 373 1.00 33.86 -36.25
N THR A 374 1.58 34.77 -37.02
CA THR A 374 1.43 34.75 -38.47
C THR A 374 2.74 34.20 -39.00
N LEU A 375 2.73 32.94 -39.41
CA LEU A 375 3.97 32.29 -39.84
C LEU A 375 4.31 32.60 -41.28
N THR A 376 3.30 33.02 -42.05
CA THR A 376 3.46 33.37 -43.46
C THR A 376 4.12 32.23 -44.24
N GLU A 377 3.85 31.00 -43.83
CA GLU A 377 4.36 29.80 -44.48
C GLU A 377 5.87 29.79 -44.63
N ASP A 378 6.59 30.01 -43.52
CA ASP A 378 8.05 30.00 -43.54
C ASP A 378 8.60 28.58 -43.60
N LEU A 383 20.96 28.99 -43.30
CA LEU A 383 20.22 27.81 -43.74
C LEU A 383 21.13 26.79 -44.39
N GLU A 384 21.97 26.15 -43.58
CA GLU A 384 22.92 25.17 -44.08
C GLU A 384 22.87 23.88 -43.27
N GLN A 385 22.64 22.77 -43.96
CA GLN A 385 22.69 21.45 -43.33
C GLN A 385 24.06 20.84 -43.53
N LYS A 386 24.78 20.65 -42.43
CA LYS A 386 26.15 20.15 -42.49
C LYS A 386 26.16 18.67 -42.87
N THR A 387 27.34 18.05 -42.82
CA THR A 387 27.41 16.65 -43.19
C THR A 387 27.39 15.87 -41.89
N VAL A 388 26.40 15.01 -41.76
CA VAL A 388 26.21 14.24 -40.53
C VAL A 388 27.21 13.11 -40.40
N VAL A 389 27.98 13.15 -39.31
CA VAL A 389 28.92 12.07 -39.06
C VAL A 389 28.17 10.93 -38.41
N VAL A 390 28.10 9.81 -39.11
CA VAL A 390 27.38 8.64 -38.61
C VAL A 390 28.38 7.67 -37.99
N THR A 391 28.26 7.48 -36.69
CA THR A 391 29.14 6.53 -36.02
C THR A 391 28.51 5.15 -36.02
N THR A 392 29.35 4.14 -36.23
CA THR A 392 28.89 2.76 -36.26
C THR A 392 30.01 1.85 -35.79
N ILE A 393 29.77 0.55 -35.82
CA ILE A 393 30.74 -0.42 -35.33
C ILE A 393 30.72 -1.66 -36.22
N LEU A 394 31.87 -2.28 -36.41
CA LEU A 394 31.91 -3.48 -37.24
C LEU A 394 31.34 -4.66 -36.47
N GLU A 395 30.17 -5.12 -36.92
CA GLU A 395 29.52 -6.29 -36.34
C GLU A 395 28.74 -6.99 -37.43
N SER A 396 29.02 -8.27 -37.65
CA SER A 396 28.31 -9.04 -38.67
C SER A 396 26.88 -9.42 -38.28
N PRO A 397 25.94 -9.34 -39.23
CA PRO A 397 26.17 -8.73 -40.54
C PRO A 397 25.68 -7.28 -40.61
N TYR A 398 25.88 -6.50 -39.56
CA TYR A 398 25.40 -5.12 -39.58
C TYR A 398 26.30 -4.20 -40.39
N VAL A 399 27.59 -4.21 -40.06
CA VAL A 399 28.58 -3.42 -40.78
C VAL A 399 29.84 -4.24 -41.01
N MET A 400 30.18 -4.47 -42.27
CA MET A 400 31.35 -5.27 -42.62
C MET A 400 32.18 -4.59 -43.71
N MET A 401 33.48 -4.86 -43.71
CA MET A 401 34.38 -4.33 -44.73
C MET A 401 34.31 -5.17 -46.00
N LYS A 402 34.21 -4.49 -47.15
CA LYS A 402 34.18 -5.19 -48.43
C LYS A 402 35.52 -5.84 -48.71
N LYS A 403 35.52 -6.83 -49.61
CA LYS A 403 36.74 -7.53 -49.99
C LYS A 403 37.71 -6.58 -50.67
N ASN A 404 37.17 -5.65 -51.44
CA ASN A 404 37.95 -4.71 -52.23
C ASN A 404 38.18 -3.37 -51.54
N HIS A 405 37.89 -3.32 -50.23
CA HIS A 405 37.86 -2.07 -49.48
C HIS A 405 39.16 -1.27 -49.56
N GLU A 406 40.25 -1.93 -49.94
CA GLU A 406 41.54 -1.25 -50.04
C GLU A 406 41.59 -0.30 -51.23
N MET A 407 40.84 -0.59 -52.29
CA MET A 407 40.84 0.29 -53.46
C MET A 407 39.62 1.19 -53.48
N LEU A 408 38.80 1.11 -52.43
CA LEU A 408 37.59 1.93 -52.37
C LEU A 408 37.77 3.04 -51.35
N GLU A 409 36.82 3.96 -51.30
CA GLU A 409 36.90 5.11 -50.40
C GLU A 409 35.53 5.60 -49.96
N GLY A 410 35.52 6.34 -48.86
CA GLY A 410 34.28 6.89 -48.34
C GLY A 410 33.41 5.85 -47.66
N ASN A 411 32.12 5.90 -47.96
CA ASN A 411 31.16 4.95 -47.40
C ASN A 411 30.97 3.73 -48.28
N GLU A 412 31.74 3.65 -49.36
CA GLU A 412 31.62 2.56 -50.33
C GLU A 412 32.49 1.36 -49.94
N ARG A 413 33.31 1.53 -48.91
CA ARG A 413 34.19 0.48 -48.43
C ARG A 413 33.54 -0.30 -47.28
N TYR A 414 32.28 0.01 -47.01
CA TYR A 414 31.52 -0.67 -45.96
C TYR A 414 30.29 -1.37 -46.54
N GLU A 415 29.90 -2.48 -45.91
CA GLU A 415 28.73 -3.24 -46.34
C GLU A 415 28.04 -3.90 -45.15
N GLY A 416 26.72 -4.07 -45.25
CA GLY A 416 25.95 -4.71 -44.20
C GLY A 416 24.55 -4.17 -44.04
N TYR A 417 23.89 -4.55 -42.94
CA TYR A 417 22.52 -4.12 -42.66
C TYR A 417 22.41 -2.63 -42.31
N CYS A 418 23.19 -2.22 -41.31
CA CYS A 418 23.15 -0.85 -40.81
C CYS A 418 23.68 0.15 -41.83
N VAL A 419 24.46 -0.34 -42.79
CA VAL A 419 24.98 0.51 -43.85
C VAL A 419 23.83 0.91 -44.79
N ASP A 420 23.12 -0.09 -45.27
CA ASP A 420 21.94 0.12 -46.11
C ASP A 420 20.91 0.94 -45.36
N LEU A 421 20.75 0.64 -44.07
CA LEU A 421 19.83 1.38 -43.21
C LEU A 421 20.22 2.85 -43.14
N ALA A 422 21.51 3.11 -43.00
CA ALA A 422 22.01 4.48 -42.95
C ALA A 422 21.72 5.20 -44.26
N ALA A 423 21.93 4.48 -45.37
CA ALA A 423 21.61 5.04 -46.68
C ALA A 423 20.14 5.44 -46.78
N GLU A 424 19.26 4.55 -46.35
CA GLU A 424 17.81 4.80 -46.41
C GLU A 424 17.38 5.96 -45.52
N ILE A 425 17.85 5.96 -44.27
CA ILE A 425 17.53 7.03 -43.34
C ILE A 425 18.02 8.37 -43.88
N ALA A 426 19.22 8.37 -44.46
CA ALA A 426 19.78 9.57 -45.04
C ALA A 426 18.95 10.03 -46.24
N LYS A 427 18.37 9.07 -46.97
CA LYS A 427 17.57 9.40 -48.13
C LYS A 427 16.19 9.97 -47.76
N HIS A 428 15.59 9.43 -46.71
CA HIS A 428 14.28 9.89 -46.26
C HIS A 428 14.37 11.22 -45.53
N CYS A 429 15.44 11.40 -44.75
CA CYS A 429 15.64 12.64 -44.01
C CYS A 429 16.30 13.72 -44.86
N GLY A 430 16.98 13.30 -45.92
CA GLY A 430 17.59 14.23 -46.86
C GLY A 430 18.84 14.95 -46.39
N PHE A 431 19.84 14.19 -45.93
CA PHE A 431 21.12 14.76 -45.51
C PHE A 431 22.30 13.94 -46.02
N LYS A 432 23.43 14.61 -46.23
CA LYS A 432 24.68 13.93 -46.59
C LYS A 432 25.38 13.41 -45.34
N TYR A 433 26.03 12.26 -45.45
CA TYR A 433 26.64 11.63 -44.28
C TYR A 433 28.00 10.99 -44.53
N LYS A 434 28.73 10.72 -43.45
CA LYS A 434 30.02 10.06 -43.51
C LYS A 434 30.13 8.97 -42.43
N LEU A 435 30.23 7.72 -42.85
CA LEU A 435 30.31 6.60 -41.92
C LEU A 435 31.67 6.49 -41.24
N THR A 436 31.68 6.55 -39.91
CA THR A 436 32.90 6.41 -39.13
C THR A 436 32.76 5.31 -38.09
N ILE A 437 33.80 4.48 -37.98
CA ILE A 437 33.82 3.42 -36.97
C ILE A 437 34.17 3.98 -35.60
N VAL A 438 33.44 3.53 -34.57
CA VAL A 438 33.65 4.00 -33.20
C VAL A 438 35.10 3.80 -32.75
N GLY A 439 35.66 4.83 -32.11
CA GLY A 439 37.06 4.83 -31.71
C GLY A 439 37.52 3.69 -30.83
N ASP A 440 36.90 3.57 -29.65
CA ASP A 440 37.29 2.52 -28.71
C ASP A 440 36.71 1.17 -29.11
N GLY A 441 35.86 1.18 -30.12
CA GLY A 441 35.25 -0.04 -30.62
C GLY A 441 34.25 -0.63 -29.65
N LYS A 442 33.61 0.22 -28.85
CA LYS A 442 32.65 -0.27 -27.87
C LYS A 442 31.25 0.27 -28.06
N TYR A 443 30.33 -0.24 -27.24
CA TYR A 443 28.96 0.26 -27.17
C TYR A 443 28.90 1.12 -25.91
N GLY A 444 28.11 2.19 -25.94
CA GLY A 444 28.04 3.10 -24.81
C GLY A 444 27.77 2.51 -23.44
N ALA A 445 28.62 2.86 -22.48
CA ALA A 445 28.43 2.48 -21.08
C ALA A 445 29.12 3.51 -20.17
N ARG A 446 28.51 3.86 -19.04
CA ARG A 446 29.12 4.81 -18.11
C ARG A 446 29.63 4.22 -16.80
N ASP A 447 30.90 4.48 -16.46
CA ASP A 447 31.41 4.15 -15.13
C ASP A 447 31.12 5.30 -14.17
N ALA A 448 30.75 4.97 -12.93
CA ALA A 448 30.35 5.97 -11.93
C ALA A 448 31.52 6.88 -11.56
N ASP A 449 32.65 6.26 -11.21
CA ASP A 449 33.81 7.00 -10.72
C ASP A 449 34.49 7.75 -11.86
N THR A 450 34.34 7.24 -13.08
CA THR A 450 34.95 7.87 -14.25
C THR A 450 34.02 8.96 -14.79
N LYS A 451 32.72 8.72 -14.65
CA LYS A 451 31.67 9.63 -15.12
C LYS A 451 31.81 9.93 -16.60
N ILE A 452 32.39 8.99 -17.36
CA ILE A 452 32.56 9.15 -18.79
C ILE A 452 31.89 8.05 -19.61
N TRP A 453 31.00 8.45 -20.53
CA TRP A 453 30.38 7.49 -21.45
C TRP A 453 31.34 7.12 -22.58
N ASN A 454 31.51 5.82 -22.81
CA ASN A 454 32.34 5.35 -23.91
C ASN A 454 31.51 4.99 -25.14
N GLY A 455 32.16 4.42 -26.14
CA GLY A 455 31.48 3.94 -27.32
C GLY A 455 30.76 4.98 -28.15
N MET A 456 29.83 4.52 -28.98
CA MET A 456 29.09 5.39 -29.90
C MET A 456 28.20 6.37 -29.14
N VAL A 457 27.58 5.89 -28.06
CA VAL A 457 26.79 6.75 -27.19
C VAL A 457 27.68 7.84 -26.61
N GLY A 458 28.90 7.46 -26.26
CA GLY A 458 29.89 8.42 -25.79
C GLY A 458 30.25 9.43 -26.86
N GLU A 459 30.29 9.00 -28.12
CA GLU A 459 30.59 9.90 -29.22
C GLU A 459 29.41 10.82 -29.51
N LEU A 460 28.22 10.41 -29.08
CA LEU A 460 27.01 11.20 -29.27
C LEU A 460 26.84 12.26 -28.18
N VAL A 461 27.10 11.85 -26.93
CA VAL A 461 26.97 12.76 -25.80
C VAL A 461 28.04 13.85 -25.86
N TYR A 462 29.24 13.45 -26.24
CA TYR A 462 30.38 14.37 -26.26
C TYR A 462 30.56 15.03 -27.62
N GLY A 463 29.61 14.79 -28.52
CA GLY A 463 29.58 15.46 -29.81
C GLY A 463 30.66 15.03 -30.78
N LYS A 464 31.16 13.81 -30.62
CA LYS A 464 32.16 13.27 -31.54
C LYS A 464 31.49 12.74 -32.80
N ALA A 465 30.19 12.47 -32.71
CA ALA A 465 29.40 12.05 -33.86
C ALA A 465 27.98 12.59 -33.74
N ASP A 466 27.27 12.67 -34.86
CA ASP A 466 25.93 13.26 -34.84
C ASP A 466 24.80 12.25 -34.77
N ILE A 467 25.08 11.00 -35.08
CA ILE A 467 24.06 9.95 -35.06
C ILE A 467 24.70 8.56 -34.94
N ALA A 468 24.02 7.63 -34.28
CA ALA A 468 24.55 6.28 -34.16
C ALA A 468 23.59 5.26 -34.77
N ILE A 469 23.99 4.68 -35.90
CA ILE A 469 23.21 3.62 -36.52
C ILE A 469 24.00 2.32 -36.47
N ALA A 470 23.60 1.45 -35.55
CA ALA A 470 24.30 0.19 -35.32
C ALA A 470 23.40 -0.74 -34.49
N PRO A 471 23.80 -2.02 -34.32
CA PRO A 471 23.01 -2.87 -33.42
C PRO A 471 23.10 -2.40 -31.97
N LEU A 472 22.56 -1.23 -31.67
CA LEU A 472 22.63 -0.67 -30.33
C LEU A 472 21.34 -0.94 -29.58
N THR A 473 21.42 -1.75 -28.53
CA THR A 473 20.26 -2.13 -27.74
C THR A 473 19.72 -0.94 -26.96
N ILE A 474 18.42 -0.68 -27.06
CA ILE A 474 17.81 0.40 -26.32
C ILE A 474 17.63 0.02 -24.86
N THR A 475 18.34 0.71 -23.98
CA THR A 475 18.23 0.48 -22.55
C THR A 475 17.85 1.76 -21.81
N LEU A 476 17.57 1.65 -20.53
CA LEU A 476 17.18 2.81 -19.73
C LEU A 476 18.37 3.73 -19.46
N VAL A 477 19.50 3.15 -19.09
CA VAL A 477 20.70 3.93 -18.78
C VAL A 477 21.20 4.71 -19.98
N ARG A 478 20.98 4.17 -21.17
CA ARG A 478 21.37 4.87 -22.39
C ARG A 478 20.34 5.91 -22.78
N GLU A 479 19.07 5.60 -22.55
CA GLU A 479 17.98 6.52 -22.89
C GLU A 479 18.03 7.78 -22.05
N GLU A 480 18.65 7.70 -20.87
CA GLU A 480 18.73 8.87 -20.01
C GLU A 480 19.74 9.88 -20.53
N VAL A 481 20.76 9.41 -21.24
CA VAL A 481 21.76 10.34 -21.77
C VAL A 481 21.58 10.68 -23.25
N ILE A 482 20.89 9.83 -24.01
CA ILE A 482 20.64 10.12 -25.42
C ILE A 482 19.22 9.78 -25.86
N ASP A 483 18.90 10.09 -27.11
CA ASP A 483 17.58 9.81 -27.68
C ASP A 483 17.59 8.59 -28.58
N PHE A 484 16.67 7.68 -28.33
CA PHE A 484 16.47 6.51 -29.19
C PHE A 484 15.19 6.68 -30.01
N SER A 485 15.28 6.33 -31.29
CA SER A 485 14.09 6.30 -32.14
C SER A 485 13.35 4.97 -31.92
N LYS A 486 12.22 4.81 -32.59
CA LYS A 486 11.48 3.55 -32.48
C LYS A 486 12.33 2.41 -33.03
N PRO A 487 12.22 1.22 -32.41
CA PRO A 487 13.05 0.08 -32.80
C PRO A 487 12.96 -0.28 -34.27
N PHE A 488 14.10 -0.36 -34.95
CA PHE A 488 14.10 -0.80 -36.34
C PHE A 488 14.29 -2.30 -36.43
N MET A 489 14.56 -2.92 -35.29
CA MET A 489 14.65 -4.39 -35.22
C MET A 489 14.31 -4.85 -33.81
N SER A 490 13.41 -5.83 -33.71
CA SER A 490 13.02 -6.38 -32.41
C SER A 490 13.72 -7.71 -32.14
N LEU A 491 14.23 -7.87 -30.91
CA LEU A 491 14.94 -9.07 -30.53
C LEU A 491 14.73 -9.43 -29.06
N GLY A 492 15.54 -10.36 -28.57
CA GLY A 492 15.49 -10.79 -27.19
C GLY A 492 16.64 -11.73 -26.87
N ILE A 493 16.99 -11.83 -25.59
CA ILE A 493 18.10 -12.70 -25.19
C ILE A 493 17.75 -14.18 -25.34
N SER A 494 18.56 -14.88 -26.11
CA SER A 494 18.36 -16.30 -26.35
C SER A 494 19.58 -17.15 -26.01
N ILE A 495 19.43 -18.46 -26.18
CA ILE A 495 20.48 -19.40 -25.84
C ILE A 495 20.98 -20.16 -27.08
N MET A 496 22.28 -20.00 -27.34
CA MET A 496 22.97 -20.68 -28.42
C MET A 496 23.77 -21.87 -27.90
N ILE A 497 23.39 -23.07 -28.36
CA ILE A 497 24.09 -24.30 -28.01
C ILE A 497 24.38 -25.20 -29.23
N LYS A 498 25.25 -26.19 -29.04
CA LYS A 498 25.56 -27.16 -30.10
C LYS A 498 24.50 -28.25 -30.14
N LYS A 499 24.33 -28.88 -31.30
CA LYS A 499 23.34 -29.93 -31.48
C LYS A 499 23.77 -31.23 -30.80
N SER A 503 20.99 -33.27 -32.78
CA SER A 503 20.44 -34.53 -33.28
C SER A 503 21.55 -35.52 -33.62
N PRO A 505 23.64 -35.68 -37.16
CA PRO A 505 22.17 -35.81 -37.17
C PRO A 505 21.72 -37.25 -37.39
N GLY A 506 21.74 -37.71 -38.64
CA GLY A 506 21.28 -39.04 -38.96
C GLY A 506 22.25 -40.13 -38.58
N VAL A 507 23.55 -39.88 -38.81
CA VAL A 507 24.58 -40.87 -38.53
C VAL A 507 24.70 -41.14 -37.03
N PHE A 508 24.66 -40.07 -36.24
CA PHE A 508 24.72 -40.20 -34.79
C PHE A 508 23.52 -40.96 -34.25
N SER A 509 22.35 -40.65 -34.78
CA SER A 509 21.12 -41.32 -34.37
C SER A 509 21.12 -42.80 -34.79
N PHE A 510 21.76 -43.09 -35.91
CA PHE A 510 21.81 -44.46 -36.41
C PHE A 510 22.89 -45.35 -35.78
N LEU A 511 23.94 -44.76 -35.22
CA LEU A 511 25.03 -45.58 -34.71
C LEU A 511 24.74 -46.17 -33.33
N ASP A 512 23.94 -45.46 -32.55
CA ASP A 512 23.67 -45.86 -31.17
C ASP A 512 22.83 -47.14 -30.94
N PRO A 513 21.68 -47.29 -31.64
CA PRO A 513 20.82 -48.47 -31.46
C PRO A 513 21.37 -49.80 -31.99
N LEU A 514 22.35 -49.73 -32.89
CA LEU A 514 22.86 -50.94 -33.54
C LEU A 514 23.56 -51.93 -32.62
N ALA A 515 24.15 -51.43 -31.53
CA ALA A 515 24.90 -52.30 -30.63
C ALA A 515 26.01 -52.95 -31.45
N TYR A 516 26.68 -52.15 -32.26
CA TYR A 516 27.69 -52.62 -33.22
C TYR A 516 28.70 -53.58 -32.62
N GLU A 517 29.17 -54.48 -33.49
CA GLU A 517 30.03 -55.64 -33.21
C GLU A 517 29.11 -56.79 -32.82
N ILE A 518 27.83 -56.48 -32.58
CA ILE A 518 26.82 -57.52 -32.47
C ILE A 518 26.49 -57.95 -33.90
N TRP A 519 26.66 -57.05 -34.86
CA TRP A 519 26.55 -57.46 -36.26
C TRP A 519 27.64 -58.46 -36.65
N MET A 520 28.77 -58.37 -35.95
CA MET A 520 29.90 -59.26 -36.20
C MET A 520 29.57 -60.61 -35.59
N ALA A 521 28.78 -60.57 -34.53
CA ALA A 521 28.40 -61.75 -33.75
C ALA A 521 27.28 -62.51 -34.46
N ILE A 522 26.31 -61.77 -34.97
CA ILE A 522 25.17 -62.33 -35.71
C ILE A 522 25.59 -62.76 -37.12
N VAL A 523 26.66 -62.18 -37.64
CA VAL A 523 27.22 -62.65 -38.90
C VAL A 523 28.03 -63.91 -38.58
N PHE A 524 28.68 -63.92 -37.43
CA PHE A 524 29.37 -65.12 -36.95
C PHE A 524 28.36 -66.23 -36.68
N ALA A 525 27.15 -65.84 -36.30
CA ALA A 525 26.06 -66.77 -36.04
C ALA A 525 25.35 -67.17 -37.33
N TYR A 526 25.45 -66.31 -38.34
CA TYR A 526 24.88 -66.61 -39.64
C TYR A 526 25.74 -67.64 -40.34
N ILE A 527 27.04 -67.41 -40.34
CA ILE A 527 27.98 -68.35 -40.91
C ILE A 527 28.16 -69.55 -39.99
N GLY A 528 27.84 -69.36 -38.72
CA GLY A 528 27.98 -70.42 -37.74
C GLY A 528 26.78 -71.35 -37.73
N VAL A 529 25.63 -70.83 -38.17
CA VAL A 529 24.45 -71.66 -38.34
C VAL A 529 24.50 -72.29 -39.73
N SER A 530 24.92 -71.51 -40.72
CA SER A 530 25.01 -72.01 -42.08
C SER A 530 26.11 -73.06 -42.24
N VAL A 531 27.10 -73.04 -41.35
CA VAL A 531 28.15 -74.05 -41.41
C VAL A 531 27.66 -75.34 -40.75
N VAL A 532 26.78 -75.22 -39.75
CA VAL A 532 26.20 -76.38 -39.11
C VAL A 532 25.22 -77.05 -40.06
N LEU A 533 24.37 -76.23 -40.70
CA LEU A 533 23.45 -76.72 -41.71
C LEU A 533 24.22 -77.27 -42.90
N PHE A 534 25.43 -76.75 -43.12
CA PHE A 534 26.32 -77.27 -44.14
C PHE A 534 26.83 -78.64 -43.73
N LEU A 535 27.03 -78.85 -42.43
CA LEU A 535 27.49 -80.12 -41.91
C LEU A 535 26.36 -81.15 -41.88
N VAL A 536 25.12 -80.66 -41.89
CA VAL A 536 23.96 -81.53 -41.90
C VAL A 536 23.86 -82.30 -43.22
N SER A 537 23.89 -81.56 -44.33
CA SER A 537 23.81 -82.16 -45.65
C SER A 537 25.07 -82.97 -45.98
N PRO A 586 13.47 -81.52 -45.64
CA PRO A 586 12.11 -81.60 -45.13
C PRO A 586 12.02 -81.54 -43.62
N ARG A 587 11.73 -82.68 -43.01
CA ARG A 587 11.45 -82.77 -41.57
C ARG A 587 12.69 -82.99 -40.72
N SER A 588 13.87 -82.91 -41.33
CA SER A 588 15.11 -83.25 -40.63
C SER A 588 15.22 -82.48 -39.32
N LEU A 589 15.32 -83.23 -38.22
CA LEU A 589 15.11 -82.68 -36.88
C LEU A 589 16.25 -81.80 -36.41
N SER A 590 17.48 -82.22 -36.69
CA SER A 590 18.66 -81.45 -36.31
C SER A 590 18.58 -80.07 -36.94
N ALA A 591 18.48 -80.04 -38.26
CA ALA A 591 18.41 -78.80 -39.01
C ALA A 591 17.13 -78.03 -38.68
N ARG A 592 16.06 -78.76 -38.37
CA ARG A 592 14.79 -78.14 -38.01
C ARG A 592 14.91 -77.34 -36.73
N ILE A 593 15.46 -77.94 -35.68
CA ILE A 593 15.60 -77.25 -34.41
C ILE A 593 16.63 -76.14 -34.58
N VAL A 594 17.60 -76.33 -35.48
CA VAL A 594 18.53 -75.24 -35.76
C VAL A 594 17.76 -74.04 -36.31
N ALA A 595 16.93 -74.29 -37.33
CA ALA A 595 16.13 -73.23 -37.95
C ALA A 595 15.15 -72.57 -36.98
N GLY A 596 14.58 -73.37 -36.09
CA GLY A 596 13.64 -72.86 -35.09
C GLY A 596 14.31 -71.95 -34.08
N VAL A 597 15.41 -72.44 -33.49
CA VAL A 597 16.13 -71.65 -32.50
C VAL A 597 16.70 -70.38 -33.13
N TRP A 598 17.19 -70.49 -34.37
CA TRP A 598 17.67 -69.33 -35.09
C TRP A 598 16.56 -68.33 -35.40
N TRP A 599 15.38 -68.85 -35.72
CA TRP A 599 14.22 -68.02 -35.98
C TRP A 599 13.86 -67.21 -34.76
N PHE A 600 13.77 -67.91 -33.63
CA PHE A 600 13.49 -67.29 -32.34
C PHE A 600 14.54 -66.24 -31.98
N PHE A 601 15.80 -66.57 -32.26
CA PHE A 601 16.93 -65.70 -31.98
C PHE A 601 16.80 -64.37 -32.71
N THR A 602 16.72 -64.44 -34.05
CA THR A 602 16.59 -63.24 -34.86
C THR A 602 15.28 -62.52 -34.59
N LEU A 603 14.29 -63.28 -34.13
CA LEU A 603 13.00 -62.74 -33.73
C LEU A 603 13.14 -61.80 -32.53
N ILE A 604 13.79 -62.31 -31.49
CA ILE A 604 14.07 -61.53 -30.30
C ILE A 604 14.91 -60.31 -30.66
N ILE A 605 15.89 -60.51 -31.54
CA ILE A 605 16.76 -59.43 -31.97
C ILE A 605 15.99 -58.30 -32.68
N ILE A 606 15.20 -58.64 -33.70
CA ILE A 606 14.47 -57.61 -34.45
C ILE A 606 13.41 -56.96 -33.58
N SER A 607 12.88 -57.71 -32.61
CA SER A 607 11.93 -57.15 -31.65
C SER A 607 12.64 -56.10 -30.79
N SER A 608 13.88 -56.42 -30.41
CA SER A 608 14.69 -55.52 -29.61
C SER A 608 15.05 -54.26 -30.39
N TYR A 609 15.34 -54.40 -31.68
CA TYR A 609 15.65 -53.26 -32.51
C TYR A 609 14.44 -52.35 -32.66
N THR A 610 13.29 -52.95 -32.98
CA THR A 610 12.06 -52.18 -33.16
C THR A 610 11.70 -51.45 -31.87
N ALA A 611 11.91 -52.12 -30.75
CA ALA A 611 11.60 -51.54 -29.44
C ALA A 611 12.51 -50.37 -29.13
N ASN A 612 13.81 -50.56 -29.36
CA ASN A 612 14.81 -49.55 -29.05
C ASN A 612 14.64 -48.32 -29.95
N LEU A 613 14.35 -48.55 -31.22
CA LEU A 613 14.18 -47.45 -32.17
C LEU A 613 12.91 -46.67 -31.83
N ALA A 614 11.88 -47.39 -31.41
CA ALA A 614 10.63 -46.75 -31.02
C ALA A 614 10.83 -45.90 -29.76
N ALA A 615 11.66 -46.41 -28.84
CA ALA A 615 11.94 -45.71 -27.60
C ALA A 615 12.77 -44.45 -27.87
N PHE A 616 13.79 -44.60 -28.70
CA PHE A 616 14.65 -43.49 -29.11
C PHE A 616 13.82 -42.37 -29.72
N LEU A 617 12.99 -42.74 -30.69
CA LEU A 617 12.15 -41.76 -31.37
C LEU A 617 11.05 -41.23 -30.46
N THR A 618 10.79 -41.93 -29.36
CA THR A 618 9.85 -41.45 -28.35
C THR A 618 10.49 -40.40 -27.45
N VAL A 619 11.80 -40.54 -27.22
CA VAL A 619 12.53 -39.60 -26.38
C VAL A 619 12.86 -38.32 -27.13
N GLU A 620 13.14 -38.45 -28.43
CA GLU A 620 13.61 -37.32 -29.23
C GLU A 620 12.72 -36.07 -29.20
N ARG A 621 11.40 -36.25 -29.30
CA ARG A 621 10.50 -35.12 -29.45
C ARG A 621 10.01 -34.54 -28.12
N MET A 622 10.56 -35.00 -27.01
CA MET A 622 10.18 -34.46 -25.71
C MET A 622 10.69 -33.02 -25.56
N VAL A 623 10.07 -32.28 -24.65
CA VAL A 623 10.44 -30.89 -24.43
C VAL A 623 11.86 -30.76 -23.89
N SER A 624 12.68 -29.99 -24.59
CA SER A 624 14.04 -29.73 -24.15
C SER A 624 14.06 -28.64 -23.08
N PRO A 625 15.09 -28.61 -22.24
CA PRO A 625 15.15 -27.56 -21.22
C PRO A 625 15.16 -26.16 -21.84
N ILE A 626 14.21 -25.33 -21.41
CA ILE A 626 14.20 -23.90 -21.77
C ILE A 626 13.96 -23.09 -20.49
N GLU A 627 12.78 -23.27 -19.89
CA GLU A 627 12.54 -22.83 -18.54
C GLU A 627 13.05 -23.93 -17.62
N SER A 628 13.28 -25.09 -18.23
CA SER A 628 14.02 -26.16 -17.60
C SER A 628 15.50 -25.97 -17.90
N ALA A 629 15.80 -25.04 -18.83
CA ALA A 629 17.18 -24.66 -19.07
C ALA A 629 17.48 -23.64 -18.01
N GLU A 630 16.41 -23.13 -17.41
CA GLU A 630 16.54 -22.26 -16.27
C GLU A 630 16.79 -23.17 -15.09
N ASP A 631 16.30 -24.40 -15.20
CA ASP A 631 16.61 -25.47 -14.26
C ASP A 631 17.96 -26.08 -14.63
N LEU A 632 18.30 -25.99 -15.92
CA LEU A 632 19.60 -26.43 -16.43
C LEU A 632 20.62 -25.37 -16.08
N SER A 633 20.16 -24.14 -15.92
CA SER A 633 21.07 -23.09 -15.50
C SER A 633 21.44 -23.45 -14.07
N LYS A 634 20.53 -24.13 -13.38
CA LYS A 634 20.78 -24.59 -12.03
C LYS A 634 21.59 -25.91 -12.03
N GLN A 635 21.76 -26.55 -13.20
CA GLN A 635 22.62 -27.72 -13.23
C GLN A 635 24.02 -27.21 -13.57
N THR A 636 25.03 -27.72 -12.88
CA THR A 636 26.38 -27.19 -13.01
C THR A 636 27.33 -27.94 -13.93
N GLU A 637 26.82 -29.00 -14.57
CA GLU A 637 27.69 -29.79 -15.44
C GLU A 637 28.03 -29.02 -16.72
N ILE A 638 27.05 -28.30 -17.25
CA ILE A 638 27.27 -27.50 -18.45
C ILE A 638 27.45 -26.03 -18.10
N ALA A 639 28.61 -25.48 -18.44
CA ALA A 639 28.89 -24.07 -18.16
C ALA A 639 28.09 -23.20 -19.12
N TYR A 640 27.70 -22.00 -18.68
CA TYR A 640 26.94 -21.09 -19.53
C TYR A 640 27.26 -19.65 -19.19
N GLY A 641 27.43 -18.81 -20.20
CA GLY A 641 27.83 -17.43 -19.96
C GLY A 641 27.45 -16.39 -21.00
N THR A 642 27.75 -15.14 -20.68
CA THR A 642 27.45 -14.01 -21.56
C THR A 642 28.74 -13.24 -21.89
N LEU A 643 28.58 -12.09 -22.54
CA LEU A 643 29.73 -11.25 -22.86
C LEU A 643 30.27 -10.63 -21.58
N ASP A 644 31.53 -10.23 -21.60
CA ASP A 644 32.15 -9.66 -20.40
C ASP A 644 31.62 -8.25 -20.16
N SER A 645 31.00 -7.67 -21.19
CA SER A 645 30.36 -6.37 -21.07
C SER A 645 29.25 -6.25 -22.11
N GLY A 646 28.19 -5.53 -21.76
CA GLY A 646 27.09 -5.34 -22.67
C GLY A 646 25.73 -5.36 -21.98
N SER A 647 24.67 -5.28 -22.77
CA SER A 647 23.31 -5.20 -22.25
C SER A 647 22.81 -6.51 -21.64
N THR A 648 23.32 -7.65 -22.13
CA THR A 648 22.90 -8.96 -21.64
C THR A 648 23.41 -9.22 -20.21
N LYS A 649 24.69 -8.94 -20.01
CA LYS A 649 25.32 -9.10 -18.71
C LYS A 649 24.65 -8.21 -17.68
N GLU A 650 24.32 -7.00 -18.08
CA GLU A 650 23.63 -6.06 -17.21
C GLU A 650 22.17 -6.48 -17.01
N PHE A 651 21.65 -7.26 -17.95
CA PHE A 651 20.31 -7.81 -17.80
C PHE A 651 20.31 -8.84 -16.69
N PHE A 652 21.39 -9.61 -16.60
CA PHE A 652 21.50 -10.60 -15.52
C PHE A 652 21.93 -10.00 -14.17
N ARG A 653 22.74 -8.95 -14.22
CA ARG A 653 23.21 -8.28 -13.00
C ARG A 653 22.06 -7.57 -12.29
N ARG A 654 21.28 -6.81 -13.06
CA ARG A 654 20.23 -5.97 -12.50
C ARG A 654 18.90 -6.70 -12.33
N SER A 655 18.92 -8.03 -12.48
CA SER A 655 17.68 -8.81 -12.47
C SER A 655 17.19 -9.19 -11.08
N LYS A 656 15.88 -9.05 -10.90
CA LYS A 656 15.22 -9.42 -9.64
C LYS A 656 14.46 -10.73 -9.80
N ILE A 657 14.50 -11.29 -11.02
CA ILE A 657 13.82 -12.53 -11.33
C ILE A 657 14.48 -13.70 -10.62
N ALA A 658 13.67 -14.68 -10.23
CA ALA A 658 14.19 -15.82 -9.49
C ALA A 658 15.25 -16.56 -10.29
N VAL A 659 14.93 -16.83 -11.56
CA VAL A 659 15.86 -17.50 -12.45
C VAL A 659 17.09 -16.74 -12.90
N PHE A 660 16.88 -15.55 -13.46
CA PHE A 660 17.96 -14.82 -14.08
C PHE A 660 18.97 -14.36 -13.04
N ASP A 661 18.49 -14.09 -11.82
CA ASP A 661 19.36 -13.64 -10.76
C ASP A 661 20.20 -14.80 -10.26
N LYS A 662 19.59 -15.98 -10.20
CA LYS A 662 20.32 -17.19 -9.83
C LYS A 662 21.42 -17.44 -10.86
N MET A 663 21.08 -17.22 -12.13
CA MET A 663 22.03 -17.39 -13.21
C MET A 663 23.22 -16.44 -13.02
N TRP A 664 22.92 -15.20 -12.63
CA TRP A 664 23.97 -14.24 -12.36
C TRP A 664 24.84 -14.67 -11.17
N THR A 665 24.18 -15.22 -10.14
CA THR A 665 24.87 -15.70 -8.94
C THR A 665 25.88 -16.79 -9.27
N TYR A 666 25.54 -17.66 -10.23
CA TYR A 666 26.50 -18.69 -10.63
C TYR A 666 27.61 -18.07 -11.50
N MET A 667 27.21 -17.28 -12.49
CA MET A 667 28.18 -16.78 -13.46
C MET A 667 29.25 -15.85 -12.89
N ARG A 668 28.92 -15.06 -11.87
CA ARG A 668 29.93 -14.15 -11.31
C ARG A 668 30.93 -14.88 -10.43
N SER A 669 30.48 -15.97 -9.83
CA SER A 669 31.29 -16.77 -8.92
C SER A 669 31.88 -18.02 -9.58
N ALA A 670 31.76 -18.12 -10.89
CA ALA A 670 32.14 -19.35 -11.60
C ALA A 670 33.63 -19.52 -11.88
N GLU A 671 34.13 -20.71 -11.53
CA GLU A 671 35.50 -21.13 -11.83
C GLU A 671 35.51 -22.35 -12.74
N PRO A 672 36.16 -22.24 -13.91
CA PRO A 672 36.87 -21.03 -14.39
C PRO A 672 35.92 -19.96 -14.92
N SER A 673 36.47 -18.81 -15.30
CA SER A 673 35.66 -17.68 -15.78
C SER A 673 34.80 -18.05 -16.98
N VAL A 674 33.52 -17.69 -16.91
CA VAL A 674 32.56 -18.06 -17.95
C VAL A 674 32.29 -16.96 -19.00
N PHE A 675 32.73 -15.74 -18.73
CA PHE A 675 32.48 -14.61 -19.63
C PHE A 675 33.43 -14.55 -20.82
N VAL A 676 32.94 -14.03 -21.94
CA VAL A 676 33.75 -13.87 -23.14
C VAL A 676 33.87 -12.40 -23.55
N ARG A 677 34.88 -12.10 -24.37
CA ARG A 677 35.13 -10.73 -24.81
C ARG A 677 34.30 -10.35 -26.03
N THR A 678 34.21 -11.27 -26.99
CA THR A 678 33.50 -11.02 -28.24
C THR A 678 32.47 -12.11 -28.54
N THR A 679 31.61 -11.84 -29.53
CA THR A 679 30.59 -12.80 -29.93
C THR A 679 31.22 -14.03 -30.58
N ALA A 680 32.20 -13.79 -31.45
CA ALA A 680 32.92 -14.86 -32.13
C ALA A 680 33.61 -15.77 -31.12
N GLU A 681 34.07 -15.18 -30.02
CA GLU A 681 34.72 -15.94 -28.96
C GLU A 681 33.73 -16.86 -28.26
N GLY A 682 32.52 -16.35 -28.03
CA GLY A 682 31.47 -17.14 -27.41
C GLY A 682 31.07 -18.31 -28.29
N VAL A 683 30.88 -18.03 -29.59
CA VAL A 683 30.54 -19.07 -30.55
C VAL A 683 31.64 -20.14 -30.62
N ALA A 684 32.89 -19.67 -30.69
CA ALA A 684 34.03 -20.57 -30.74
C ALA A 684 34.16 -21.39 -29.46
N ARG A 685 33.69 -20.85 -28.34
CA ARG A 685 33.75 -21.56 -27.08
C ARG A 685 32.65 -22.61 -27.01
N VAL A 686 31.53 -22.33 -27.67
CA VAL A 686 30.46 -23.32 -27.76
C VAL A 686 30.89 -24.48 -28.65
N ARG A 687 31.50 -24.16 -29.78
CA ARG A 687 31.91 -25.19 -30.73
C ARG A 687 33.13 -25.99 -30.26
N LYS A 688 34.01 -25.35 -29.48
CA LYS A 688 35.19 -26.04 -28.98
C LYS A 688 34.94 -26.61 -27.60
N SER A 689 33.77 -26.34 -27.06
CA SER A 689 33.38 -26.85 -25.75
C SER A 689 32.84 -28.27 -25.85
N LYS A 690 32.55 -28.70 -27.07
CA LYS A 690 32.00 -30.03 -27.31
C LYS A 690 30.59 -30.14 -26.75
N GLY A 691 29.89 -29.01 -26.72
CA GLY A 691 28.52 -28.96 -26.22
C GLY A 691 28.44 -28.80 -24.71
N LYS A 692 29.57 -28.46 -24.10
CA LYS A 692 29.63 -28.24 -22.66
C LYS A 692 29.38 -26.78 -22.30
N TYR A 693 29.48 -25.89 -23.27
CA TYR A 693 29.32 -24.46 -23.04
C TYR A 693 28.09 -23.89 -23.75
N ALA A 694 27.31 -23.10 -23.03
CA ALA A 694 26.14 -22.44 -23.60
C ALA A 694 26.34 -20.93 -23.66
N TYR A 695 26.06 -20.34 -24.83
CA TYR A 695 26.28 -18.92 -25.00
C TYR A 695 24.97 -18.15 -24.99
N LEU A 696 24.84 -17.26 -24.00
CA LEU A 696 23.66 -16.42 -23.87
C LEU A 696 23.86 -15.12 -24.63
N LEU A 697 23.16 -14.95 -25.75
CA LEU A 697 23.34 -13.76 -26.56
C LEU A 697 22.02 -13.31 -27.17
N GLU A 698 22.00 -12.10 -27.72
CA GLU A 698 20.79 -11.59 -28.34
C GLU A 698 20.35 -12.47 -29.50
N SER A 699 19.05 -12.56 -29.72
CA SER A 699 18.47 -13.50 -30.69
C SER A 699 18.93 -13.23 -32.12
N THR A 700 19.21 -11.98 -32.45
CA THR A 700 19.61 -11.61 -33.81
C THR A 700 20.92 -12.29 -34.23
N MET A 701 21.95 -12.11 -33.43
CA MET A 701 23.25 -12.72 -33.70
C MET A 701 23.15 -14.24 -33.67
N ASN A 702 22.26 -14.75 -32.82
CA ASN A 702 22.05 -16.19 -32.72
C ASN A 702 21.43 -16.75 -34.00
N GLU A 703 20.50 -15.99 -34.55
CA GLU A 703 19.84 -16.31 -35.80
C GLU A 703 20.83 -16.23 -36.95
N TYR A 704 21.80 -15.33 -36.81
CA TYR A 704 22.84 -15.15 -37.82
C TYR A 704 23.83 -16.31 -37.83
N ILE A 705 24.37 -16.64 -36.65
CA ILE A 705 25.34 -17.72 -36.53
C ILE A 705 24.69 -19.07 -36.82
N GLU A 706 23.38 -19.17 -36.57
CA GLU A 706 22.67 -20.41 -36.86
C GLU A 706 22.62 -20.68 -38.37
N GLN A 707 22.89 -19.64 -39.16
CA GLN A 707 22.92 -19.75 -40.62
C GLN A 707 24.35 -19.82 -41.17
N ARG A 708 25.33 -19.99 -40.30
CA ARG A 708 26.74 -19.97 -40.69
C ARG A 708 27.45 -21.29 -40.42
N LYS A 709 28.37 -21.65 -41.31
CA LYS A 709 29.15 -22.87 -41.20
C LYS A 709 30.03 -22.90 -39.95
N PRO A 710 30.33 -24.10 -39.42
CA PRO A 710 29.87 -25.40 -39.93
C PRO A 710 28.49 -25.82 -39.42
N CYS A 711 27.58 -24.86 -39.26
CA CYS A 711 26.18 -25.11 -38.93
C CYS A 711 26.01 -26.05 -37.74
N ASP A 712 26.85 -25.90 -36.72
CA ASP A 712 26.75 -26.74 -35.53
C ASP A 712 26.07 -26.04 -34.34
N THR A 713 25.52 -24.85 -34.57
CA THR A 713 24.90 -24.11 -33.48
C THR A 713 23.41 -23.85 -33.72
N MET A 714 22.68 -23.64 -32.63
CA MET A 714 21.26 -23.38 -32.70
C MET A 714 20.73 -22.63 -31.48
N LYS A 715 19.57 -22.00 -31.67
CA LYS A 715 18.84 -21.30 -30.62
C LYS A 715 17.79 -22.20 -29.97
N VAL A 716 17.78 -22.28 -28.65
CA VAL A 716 16.74 -23.11 -28.04
C VAL A 716 15.76 -22.32 -27.18
N GLY A 717 14.48 -22.65 -27.35
CA GLY A 717 13.44 -21.99 -26.58
C GLY A 717 13.18 -20.58 -27.05
N GLY A 718 12.14 -19.96 -26.50
CA GLY A 718 11.83 -18.58 -26.82
C GLY A 718 12.79 -17.62 -26.11
N ASN A 719 12.76 -16.36 -26.53
CA ASN A 719 13.62 -15.33 -25.97
C ASN A 719 13.30 -15.01 -24.51
N LEU A 720 14.34 -14.68 -23.74
CA LEU A 720 14.18 -14.42 -22.32
C LEU A 720 13.41 -13.12 -22.07
N ASP A 721 13.47 -12.20 -23.02
CA ASP A 721 12.76 -10.93 -22.91
C ASP A 721 12.51 -10.33 -24.28
N SER A 722 11.90 -9.14 -24.30
CA SER A 722 11.63 -8.45 -25.55
C SER A 722 12.33 -7.09 -25.59
N LYS A 723 13.37 -6.98 -26.40
CA LYS A 723 14.10 -5.73 -26.57
C LYS A 723 14.16 -5.34 -28.03
N GLY A 724 14.93 -4.29 -28.32
CA GLY A 724 15.06 -3.83 -29.69
C GLY A 724 16.24 -2.90 -29.91
N TYR A 725 16.65 -2.82 -31.17
CA TYR A 725 17.73 -1.93 -31.58
C TYR A 725 17.12 -0.62 -32.07
N GLY A 726 17.81 0.49 -31.82
CA GLY A 726 17.28 1.78 -32.24
C GLY A 726 18.39 2.70 -32.68
N ILE A 727 18.05 3.63 -33.57
CA ILE A 727 19.01 4.61 -34.05
C ILE A 727 19.20 5.71 -33.03
N ALA A 728 20.42 5.85 -32.53
CA ALA A 728 20.70 6.78 -31.45
C ALA A 728 21.09 8.16 -31.96
N THR A 729 20.59 9.19 -31.27
CA THR A 729 20.94 10.57 -31.56
C THR A 729 21.20 11.27 -30.24
N PRO A 730 22.03 12.32 -30.24
CA PRO A 730 22.23 13.04 -28.98
C PRO A 730 20.91 13.62 -28.48
N LYS A 731 20.74 13.71 -27.17
CA LYS A 731 19.48 14.19 -26.61
C LYS A 731 19.18 15.62 -27.05
N GLY A 732 18.05 15.80 -27.74
CA GLY A 732 17.62 17.10 -28.20
C GLY A 732 18.25 17.46 -29.54
N SER A 733 18.56 16.44 -30.33
CA SER A 733 19.17 16.64 -31.63
C SER A 733 18.12 16.97 -32.69
N SER A 734 18.54 17.67 -33.74
CA SER A 734 17.64 18.01 -34.83
C SER A 734 17.35 16.79 -35.70
N LEU A 735 18.25 15.81 -35.64
CA LEU A 735 18.09 14.59 -36.42
C LEU A 735 17.15 13.58 -35.77
N GLY A 736 16.78 13.79 -34.51
CA GLY A 736 15.92 12.87 -33.80
C GLY A 736 14.50 12.76 -34.35
N THR A 737 13.86 13.91 -34.54
CA THR A 737 12.50 13.94 -35.06
C THR A 737 12.35 13.37 -36.50
N PRO A 738 13.23 13.76 -37.46
CA PRO A 738 13.07 13.05 -38.75
C PRO A 738 13.40 11.55 -38.75
N VAL A 739 14.46 11.11 -38.07
CA VAL A 739 14.82 9.70 -38.08
C VAL A 739 13.76 8.80 -37.43
N ASN A 740 13.07 9.32 -36.42
CA ASN A 740 12.00 8.55 -35.79
C ASN A 740 10.91 8.22 -36.79
N LEU A 741 10.47 9.23 -37.53
CA LEU A 741 9.48 9.03 -38.58
C LEU A 741 10.06 8.21 -39.74
N ALA A 742 11.36 8.37 -39.96
CA ALA A 742 12.03 7.63 -41.03
C ALA A 742 12.04 6.13 -40.76
N VAL A 743 12.35 5.75 -39.52
CA VAL A 743 12.35 4.34 -39.12
C VAL A 743 10.96 3.73 -39.29
N LEU A 744 9.95 4.44 -38.80
CA LEU A 744 8.56 4.01 -38.90
C LEU A 744 8.12 3.92 -40.37
N LYS A 745 8.61 4.84 -41.18
CA LYS A 745 8.30 4.82 -42.62
C LYS A 745 8.84 3.56 -43.27
N LEU A 746 10.10 3.25 -42.98
CA LEU A 746 10.75 2.06 -43.53
C LEU A 746 10.14 0.76 -43.00
N SER A 747 9.69 0.80 -41.75
CA SER A 747 9.11 -0.38 -41.11
C SER A 747 7.74 -0.73 -41.67
N GLU A 748 6.90 0.28 -41.89
CA GLU A 748 5.54 0.06 -42.38
C GLU A 748 5.52 -0.42 -43.83
N GLN A 749 6.49 0.04 -44.62
CA GLN A 749 6.58 -0.37 -46.02
C GLN A 749 7.37 -1.68 -46.16
N GLY A 750 7.80 -2.23 -45.03
CA GLY A 750 8.42 -3.54 -45.01
C GLY A 750 9.83 -3.64 -45.57
N VAL A 751 10.54 -2.51 -45.59
CA VAL A 751 11.92 -2.50 -46.08
C VAL A 751 12.90 -3.07 -45.04
N LEU A 752 12.59 -2.87 -43.76
CA LEU A 752 13.46 -3.35 -42.69
C LEU A 752 13.48 -4.88 -42.64
N ASP A 753 12.31 -5.48 -42.85
CA ASP A 753 12.19 -6.93 -42.83
C ASP A 753 12.88 -7.53 -44.05
N LYS A 754 12.78 -6.82 -45.17
CA LYS A 754 13.43 -7.23 -46.41
C LYS A 754 14.94 -7.15 -46.27
N LEU A 755 15.41 -6.12 -45.58
CA LEU A 755 16.84 -5.92 -45.36
C LEU A 755 17.39 -7.00 -44.44
N LYS A 756 16.60 -7.36 -43.43
CA LYS A 756 16.99 -8.40 -42.50
C LYS A 756 17.06 -9.73 -43.24
N ASN A 757 16.05 -10.01 -44.06
CA ASN A 757 16.07 -11.21 -44.90
C ASN A 757 17.26 -11.23 -45.85
N LYS A 758 17.66 -10.05 -46.32
CA LYS A 758 18.78 -9.93 -47.25
C LYS A 758 20.11 -10.29 -46.60
N TRP A 759 20.35 -9.78 -45.39
CA TRP A 759 21.64 -10.02 -44.75
C TRP A 759 21.66 -11.19 -43.79
N TRP A 760 20.52 -11.82 -43.56
CA TRP A 760 20.46 -12.99 -42.69
C TRP A 760 20.12 -14.27 -43.45
N TYR A 761 18.94 -14.30 -44.04
CA TYR A 761 18.39 -15.53 -44.62
C TYR A 761 18.64 -15.72 -46.12
N ASP A 762 18.99 -14.66 -46.83
CA ASP A 762 19.25 -14.77 -48.27
C ASP A 762 20.57 -15.48 -48.53
N LYS A 763 21.54 -15.23 -47.66
CA LYS A 763 22.87 -15.83 -47.77
C LYS A 763 22.98 -17.14 -46.99
N GLY A 764 21.86 -17.65 -46.50
CA GLY A 764 21.85 -18.77 -45.59
C GLY A 764 22.59 -20.00 -46.10
N GLU A 765 23.56 -20.44 -45.31
CA GLU A 765 24.42 -21.56 -45.67
C GLU A 765 23.97 -22.87 -45.04
N CYS A 766 22.87 -22.83 -44.29
CA CYS A 766 22.37 -24.00 -43.60
C CYS A 766 20.95 -24.35 -44.06
N SER A 778 8.79 -34.82 -35.63
CA SER A 778 7.83 -35.18 -36.66
C SER A 778 8.48 -35.21 -38.04
N ALA A 779 9.57 -34.46 -38.20
CA ALA A 779 10.27 -34.34 -39.47
C ALA A 779 10.85 -35.68 -39.90
N LEU A 780 11.66 -36.27 -39.02
CA LEU A 780 12.32 -37.57 -39.21
C LEU A 780 13.42 -37.54 -40.28
N SER A 781 13.39 -36.55 -41.15
CA SER A 781 14.48 -36.27 -42.10
C SER A 781 14.78 -37.41 -43.09
N LEU A 782 14.15 -38.56 -42.89
CA LEU A 782 14.49 -39.79 -43.63
C LEU A 782 15.99 -40.06 -43.55
N SER A 783 16.57 -39.77 -42.38
CA SER A 783 18.02 -39.78 -42.20
C SER A 783 18.61 -41.17 -42.01
N ASN A 784 17.80 -42.07 -41.48
CA ASN A 784 18.23 -43.44 -41.17
C ASN A 784 18.18 -44.32 -42.40
N VAL A 785 17.16 -44.09 -43.24
CA VAL A 785 16.90 -44.96 -44.37
C VAL A 785 17.75 -44.63 -45.60
N ALA A 786 18.32 -43.42 -45.62
CA ALA A 786 19.12 -43.01 -46.75
C ALA A 786 20.45 -43.76 -46.74
N GLY A 787 21.00 -43.97 -45.55
CA GLY A 787 22.22 -44.72 -45.40
C GLY A 787 22.06 -46.20 -45.72
N VAL A 788 20.88 -46.73 -45.42
CA VAL A 788 20.57 -48.14 -45.70
C VAL A 788 20.32 -48.40 -47.18
N PHE A 789 19.76 -47.42 -47.88
CA PHE A 789 19.57 -47.58 -49.33
C PHE A 789 20.91 -47.74 -50.05
N TYR A 790 21.96 -47.10 -49.52
CA TYR A 790 23.28 -47.22 -50.10
C TYR A 790 23.80 -48.66 -50.03
N ILE A 791 23.54 -49.31 -48.90
CA ILE A 791 23.96 -50.71 -48.74
C ILE A 791 23.05 -51.61 -49.58
N LEU A 792 21.84 -51.15 -49.86
CA LEU A 792 20.96 -51.90 -50.75
C LEU A 792 21.47 -51.90 -52.18
N VAL A 793 21.79 -50.71 -52.69
CA VAL A 793 22.32 -50.55 -54.04
C VAL A 793 23.68 -51.23 -54.15
N GLY A 794 24.45 -51.18 -53.07
CA GLY A 794 25.72 -51.89 -53.01
C GLY A 794 25.52 -53.39 -53.15
N GLY A 795 24.50 -53.89 -52.47
CA GLY A 795 24.16 -55.30 -52.53
C GLY A 795 23.73 -55.69 -53.93
N LEU A 796 23.01 -54.81 -54.60
CA LEU A 796 22.55 -55.07 -55.96
C LEU A 796 23.70 -55.04 -56.95
N GLY A 797 24.68 -54.19 -56.69
CA GLY A 797 25.87 -54.11 -57.53
C GLY A 797 26.71 -55.36 -57.39
N LEU A 798 26.81 -55.85 -56.16
CA LEU A 798 27.53 -57.10 -55.91
C LEU A 798 26.80 -58.25 -56.58
N ALA A 799 25.47 -58.22 -56.54
CA ALA A 799 24.67 -59.25 -57.19
C ALA A 799 24.90 -59.25 -58.70
N MET A 800 24.96 -58.06 -59.29
CA MET A 800 25.26 -57.92 -60.71
C MET A 800 26.66 -58.46 -61.04
N LEU A 801 27.62 -58.15 -60.19
CA LEU A 801 28.99 -58.61 -60.40
C LEU A 801 29.11 -60.13 -60.37
N VAL A 802 28.55 -60.74 -59.33
CA VAL A 802 28.60 -62.19 -59.18
C VAL A 802 27.80 -62.87 -60.29
N ALA A 803 26.73 -62.24 -60.74
CA ALA A 803 25.97 -62.77 -61.86
C ALA A 803 26.84 -62.78 -63.12
N LEU A 804 27.56 -61.68 -63.34
CA LEU A 804 28.44 -61.57 -64.50
C LEU A 804 29.57 -62.59 -64.46
N ILE A 805 30.13 -62.85 -63.28
CA ILE A 805 31.20 -63.83 -63.18
C ILE A 805 30.62 -65.25 -63.22
N GLU A 806 29.31 -65.36 -62.99
CA GLU A 806 28.64 -66.65 -63.05
C GLU A 806 28.37 -67.04 -64.49
N PHE A 807 28.02 -66.06 -65.32
CA PHE A 807 27.80 -66.32 -66.75
C PHE A 807 29.12 -66.50 -67.48
N ALA A 808 30.20 -66.00 -66.88
CA ALA A 808 31.53 -66.13 -67.48
C ALA A 808 32.08 -67.54 -67.29
N SER B 2 23.67 68.67 26.27
CA SER B 2 22.51 68.10 25.61
C SER B 2 22.82 67.71 24.17
N ILE B 3 22.56 66.46 23.83
CA ILE B 3 22.76 65.96 22.47
C ILE B 3 21.43 65.62 21.81
N GLN B 4 21.00 66.43 20.87
CA GLN B 4 19.70 66.24 20.22
C GLN B 4 19.78 65.17 19.14
N ILE B 5 18.92 64.15 19.24
CA ILE B 5 18.85 63.12 18.21
C ILE B 5 17.41 62.96 17.73
N GLY B 6 17.21 62.53 16.47
CA GLY B 6 15.86 62.29 16.03
C GLY B 6 15.49 60.81 16.05
N GLY B 7 14.31 60.50 16.58
CA GLY B 7 13.76 59.16 16.50
C GLY B 7 12.68 59.10 15.44
N LEU B 8 12.69 58.04 14.63
CA LEU B 8 11.61 57.79 13.69
C LEU B 8 10.94 56.45 13.94
N PHE B 9 9.71 56.45 14.45
CA PHE B 9 9.04 55.19 14.71
C PHE B 9 7.80 55.01 13.82
N PRO B 10 7.62 53.79 13.31
CA PRO B 10 6.43 53.41 12.54
C PRO B 10 5.19 53.40 13.43
N ARG B 11 4.02 53.58 12.83
CA ARG B 11 2.78 53.56 13.58
C ARG B 11 2.51 52.14 14.03
N GLY B 12 2.35 51.94 15.33
CA GLY B 12 2.06 50.61 15.82
C GLY B 12 3.23 49.91 16.48
N ALA B 13 4.43 50.48 16.40
CA ALA B 13 5.53 49.83 17.09
C ALA B 13 5.54 50.39 18.48
N ASP B 14 4.88 49.65 19.35
CA ASP B 14 4.75 49.99 20.76
C ASP B 14 5.88 49.41 21.60
N GLN B 15 6.17 48.12 21.38
CA GLN B 15 7.21 47.43 22.13
C GLN B 15 8.58 47.97 21.79
N GLU B 16 8.77 48.36 20.53
CA GLU B 16 10.04 48.94 20.08
C GLU B 16 10.29 50.29 20.74
N TYR B 17 9.25 51.12 20.83
CA TYR B 17 9.38 52.42 21.45
C TYR B 17 9.51 52.29 22.96
N SER B 18 8.85 51.28 23.52
CA SER B 18 8.96 50.97 24.94
C SER B 18 10.38 50.59 25.29
N ALA B 19 10.97 49.73 24.46
CA ALA B 19 12.35 49.31 24.64
C ALA B 19 13.29 50.48 24.37
N PHE B 20 12.82 51.43 23.57
CA PHE B 20 13.58 52.66 23.33
C PHE B 20 13.63 53.49 24.60
N ARG B 21 12.49 53.65 25.26
CA ARG B 21 12.44 54.41 26.51
C ARG B 21 13.20 53.71 27.63
N VAL B 22 13.05 52.40 27.73
CA VAL B 22 13.79 51.60 28.71
C VAL B 22 15.30 51.73 28.48
N GLY B 23 15.70 51.69 27.21
CA GLY B 23 17.09 51.87 26.85
C GLY B 23 17.58 53.26 27.18
N MET B 24 16.69 54.24 27.08
CA MET B 24 17.02 55.62 27.43
C MET B 24 17.24 55.74 28.94
N VAL B 25 16.44 55.03 29.71
CA VAL B 25 16.55 55.05 31.17
C VAL B 25 17.81 54.33 31.66
N GLN B 26 18.11 53.19 31.06
CA GLN B 26 19.23 52.36 31.47
C GLN B 26 20.58 53.03 31.21
N PHE B 27 20.72 53.58 30.01
CA PHE B 27 22.00 54.12 29.55
C PHE B 27 22.17 55.63 29.77
N SER B 28 21.29 56.22 30.56
CA SER B 28 21.41 57.64 30.88
C SER B 28 22.60 57.88 31.80
N THR B 29 23.27 59.01 31.64
CA THR B 29 24.48 59.29 32.41
C THR B 29 24.61 60.77 32.78
N SER B 30 25.52 61.07 33.70
CA SER B 30 25.78 62.44 34.14
C SER B 30 26.72 63.18 33.19
N GLU B 31 27.40 62.43 32.33
CA GLU B 31 28.32 63.01 31.36
C GLU B 31 27.60 63.87 30.33
N PHE B 32 26.59 63.28 29.69
CA PHE B 32 25.79 63.98 28.69
C PHE B 32 24.39 63.38 28.67
N ARG B 33 23.46 64.09 28.05
CA ARG B 33 22.08 63.65 28.03
C ARG B 33 21.53 63.58 26.61
N LEU B 34 21.13 62.39 26.19
CA LEU B 34 20.51 62.19 24.89
C LEU B 34 19.09 62.74 24.90
N THR B 35 18.80 63.62 23.95
CA THR B 35 17.46 64.21 23.84
C THR B 35 16.77 63.79 22.53
N PRO B 36 15.90 62.78 22.60
CA PRO B 36 15.19 62.27 21.43
C PRO B 36 14.02 63.15 20.99
N HIS B 37 13.88 63.35 19.68
CA HIS B 37 12.68 63.95 19.13
C HIS B 37 11.94 62.89 18.34
N ILE B 38 10.77 62.48 18.82
CA ILE B 38 10.10 61.31 18.26
C ILE B 38 9.07 61.66 17.18
N ASP B 39 9.17 60.99 16.04
CA ASP B 39 8.19 61.16 14.97
C ASP B 39 7.53 59.82 14.64
N ASN B 40 6.24 59.73 14.96
CA ASN B 40 5.45 58.54 14.64
C ASN B 40 4.78 58.67 13.28
N LEU B 41 5.14 57.80 12.35
CA LEU B 41 4.68 57.95 10.98
C LEU B 41 4.47 56.62 10.24
N GLU B 42 3.95 56.70 9.02
CA GLU B 42 3.86 55.54 8.15
C GLU B 42 5.22 55.38 7.49
N VAL B 43 5.91 54.30 7.84
CA VAL B 43 7.30 54.11 7.45
C VAL B 43 7.44 53.79 5.96
N ALA B 44 6.35 53.32 5.35
CA ALA B 44 6.37 52.94 3.94
C ALA B 44 6.15 54.16 3.03
N ASN B 45 5.88 55.31 3.65
CA ASN B 45 5.64 56.53 2.90
C ASN B 45 6.92 57.36 2.73
N SER B 46 7.38 57.47 1.48
CA SER B 46 8.60 58.21 1.17
C SER B 46 8.48 59.70 1.48
N PHE B 47 7.28 60.25 1.27
CA PHE B 47 7.02 61.66 1.51
C PHE B 47 7.13 61.98 3.01
N ALA B 48 6.49 61.16 3.83
CA ALA B 48 6.51 61.34 5.28
C ALA B 48 7.92 61.18 5.83
N VAL B 49 8.64 60.18 5.32
CA VAL B 49 10.03 59.96 5.72
C VAL B 49 10.91 61.14 5.36
N THR B 50 10.72 61.68 4.16
CA THR B 50 11.47 62.84 3.70
C THR B 50 11.18 64.06 4.57
N ASN B 51 9.91 64.33 4.82
CA ASN B 51 9.50 65.45 5.67
C ASN B 51 10.04 65.34 7.08
N ALA B 52 9.95 64.15 7.66
CA ALA B 52 10.46 63.91 9.01
C ALA B 52 11.97 64.11 9.06
N PHE B 53 12.67 63.58 8.06
CA PHE B 53 14.11 63.70 7.97
C PHE B 53 14.53 65.16 7.87
N CYS B 54 13.83 65.92 7.02
CA CYS B 54 14.11 67.34 6.84
C CYS B 54 13.80 68.13 8.10
N SER B 55 12.80 67.68 8.84
CA SER B 55 12.43 68.33 10.10
C SER B 55 13.52 68.13 11.15
N GLN B 56 13.92 66.88 11.34
CA GLN B 56 14.97 66.55 12.31
C GLN B 56 16.27 67.23 11.93
N PHE B 57 16.54 67.31 10.63
CA PHE B 57 17.75 67.96 10.14
C PHE B 57 17.71 69.46 10.39
N SER B 58 16.56 70.08 10.15
CA SER B 58 16.39 71.51 10.37
C SER B 58 16.50 71.85 11.86
N ARG B 59 16.08 70.90 12.70
CA ARG B 59 16.20 71.03 14.15
C ARG B 59 17.67 70.99 14.57
N GLY B 60 18.50 70.34 13.76
CA GLY B 60 19.92 70.25 14.05
C GLY B 60 20.32 69.09 14.93
N VAL B 61 19.78 67.91 14.65
CA VAL B 61 20.10 66.71 15.41
C VAL B 61 21.48 66.18 15.02
N TYR B 62 22.16 65.52 15.96
CA TYR B 62 23.48 64.98 15.70
C TYR B 62 23.44 63.56 15.15
N ALA B 63 22.31 62.88 15.34
CA ALA B 63 22.13 61.52 14.83
C ALA B 63 20.65 61.18 14.68
N ILE B 64 20.34 60.23 13.79
CA ILE B 64 18.96 59.83 13.59
C ILE B 64 18.77 58.32 13.70
N PHE B 65 18.08 57.90 14.77
CA PHE B 65 17.64 56.52 14.91
C PHE B 65 16.26 56.35 14.28
N GLY B 66 15.99 55.19 13.69
CA GLY B 66 14.70 54.95 13.09
C GLY B 66 14.56 53.65 12.32
N PHE B 67 13.44 53.50 11.63
CA PHE B 67 13.16 52.31 10.83
C PHE B 67 12.86 52.72 9.39
N TYR B 68 12.97 51.78 8.47
CA TYR B 68 12.58 52.04 7.09
C TYR B 68 12.01 50.80 6.41
N ASP B 69 11.21 51.02 5.36
CA ASP B 69 10.68 49.93 4.55
C ASP B 69 11.46 49.90 3.24
N LYS B 70 11.15 48.92 2.39
CA LYS B 70 11.81 48.83 1.10
C LYS B 70 11.38 49.95 0.17
N LYS B 71 10.27 50.62 0.51
CA LYS B 71 9.81 51.72 -0.32
C LYS B 71 10.47 53.04 0.09
N SER B 72 10.94 53.11 1.33
CA SER B 72 11.56 54.34 1.85
C SER B 72 13.07 54.24 2.12
N VAL B 73 13.66 53.07 1.89
CA VAL B 73 15.06 52.85 2.22
C VAL B 73 16.02 53.68 1.36
N ASN B 74 15.69 53.83 0.09
CA ASN B 74 16.55 54.58 -0.84
C ASN B 74 16.63 56.05 -0.47
N THR B 75 15.51 56.60 0.01
CA THR B 75 15.46 57.98 0.47
C THR B 75 16.39 58.17 1.66
N ILE B 76 16.31 57.25 2.62
CA ILE B 76 17.15 57.29 3.81
C ILE B 76 18.63 57.23 3.44
N THR B 77 19.01 56.21 2.66
CA THR B 77 20.41 56.05 2.29
C THR B 77 20.95 57.23 1.48
N SER B 78 20.12 57.76 0.59
CA SER B 78 20.52 58.87 -0.26
C SER B 78 20.70 60.16 0.55
N PHE B 79 19.68 60.51 1.34
CA PHE B 79 19.73 61.72 2.16
C PHE B 79 20.81 61.67 3.22
N CYS B 80 21.00 60.51 3.84
CA CYS B 80 22.03 60.35 4.85
C CYS B 80 23.43 60.34 4.23
N GLY B 81 23.54 59.78 3.03
CA GLY B 81 24.82 59.74 2.33
C GLY B 81 25.19 61.11 1.77
N THR B 82 24.17 61.93 1.54
CA THR B 82 24.36 63.27 0.99
C THR B 82 24.66 64.30 2.07
N LEU B 83 23.76 64.38 3.06
CA LEU B 83 23.87 65.39 4.10
C LEU B 83 24.75 64.91 5.26
N HIS B 84 25.32 63.72 5.10
CA HIS B 84 26.25 63.14 6.07
C HIS B 84 25.66 63.01 7.48
N VAL B 85 24.37 62.72 7.55
CA VAL B 85 23.71 62.49 8.84
C VAL B 85 23.59 60.99 9.11
N SER B 86 24.24 60.53 10.19
CA SER B 86 24.29 59.11 10.49
C SER B 86 22.92 58.57 10.89
N PHE B 87 22.54 57.44 10.27
CA PHE B 87 21.25 56.82 10.54
C PHE B 87 21.43 55.49 11.26
N ILE B 88 20.68 55.31 12.35
CA ILE B 88 20.73 54.07 13.12
C ILE B 88 19.43 53.28 12.96
N THR B 89 19.53 52.00 12.60
CA THR B 89 18.33 51.22 12.35
C THR B 89 18.43 49.75 12.74
N PRO B 90 17.36 49.23 13.36
CA PRO B 90 17.09 47.81 13.63
C PRO B 90 16.58 47.04 12.40
N SER B 91 16.18 47.77 11.37
CA SER B 91 15.56 47.17 10.19
C SER B 91 16.55 46.39 9.34
N PHE B 92 16.08 45.88 8.20
CA PHE B 92 16.88 45.03 7.33
C PHE B 92 18.12 45.75 6.84
N PRO B 93 19.24 45.00 6.71
CA PRO B 93 20.47 45.57 6.17
C PRO B 93 20.25 46.06 4.74
N THR B 94 20.80 47.23 4.43
CA THR B 94 20.67 47.82 3.10
C THR B 94 21.38 46.94 2.09
N ASP B 95 20.87 46.90 0.86
CA ASP B 95 21.57 46.11 -0.13
C ASP B 95 22.60 47.04 -0.74
N GLY B 96 23.84 46.94 -0.24
CA GLY B 96 24.93 47.74 -0.74
C GLY B 96 25.88 48.14 0.37
N THR B 97 26.77 49.07 0.04
CA THR B 97 27.75 49.65 0.95
C THR B 97 27.45 51.09 1.39
N HIS B 98 26.19 51.53 1.26
CA HIS B 98 25.82 52.93 1.47
C HIS B 98 26.27 53.48 2.83
N PRO B 99 26.84 54.70 2.83
CA PRO B 99 27.40 55.33 4.02
C PRO B 99 26.37 55.97 4.96
N PHE B 100 26.82 56.27 6.18
CA PHE B 100 26.00 56.92 7.20
C PHE B 100 24.73 56.16 7.56
N VAL B 101 24.80 54.83 7.48
CA VAL B 101 23.69 53.98 7.87
C VAL B 101 24.17 52.88 8.83
N ILE B 102 23.73 52.94 10.08
CA ILE B 102 24.14 51.93 11.05
C ILE B 102 23.02 50.91 11.26
N GLN B 103 23.19 49.74 10.67
CA GLN B 103 22.20 48.67 10.76
C GLN B 103 22.46 47.73 11.95
N MET B 104 21.53 47.70 12.89
CA MET B 104 21.66 46.87 14.08
C MET B 104 21.38 45.40 13.77
N ARG B 105 20.58 45.17 12.72
CA ARG B 105 20.21 43.82 12.33
C ARG B 105 21.34 43.12 11.58
N PRO B 106 21.77 41.96 12.10
CA PRO B 106 22.83 41.14 11.47
C PRO B 106 22.32 40.49 10.19
N ASP B 107 23.24 40.03 9.33
CA ASP B 107 22.84 39.37 8.10
C ASP B 107 22.32 37.96 8.37
N LEU B 108 21.20 37.62 7.75
CA LEU B 108 20.58 36.31 8.00
C LEU B 108 20.80 35.33 6.85
N LYS B 109 21.27 35.82 5.72
CA LYS B 109 21.43 34.97 4.53
C LYS B 109 22.38 33.79 4.73
N GLY B 110 23.57 34.07 5.25
CA GLY B 110 24.58 33.05 5.46
C GLY B 110 24.11 31.95 6.39
N ALA B 111 23.49 32.35 7.50
CA ALA B 111 22.96 31.40 8.47
C ALA B 111 21.87 30.55 7.84
N LEU B 112 21.05 31.18 7.01
CA LEU B 112 19.96 30.50 6.32
C LEU B 112 20.51 29.43 5.38
N LEU B 113 21.48 29.82 4.55
CA LEU B 113 22.12 28.91 3.61
C LEU B 113 22.79 27.74 4.34
N SER B 114 23.48 28.06 5.44
CA SER B 114 24.15 27.04 6.24
C SER B 114 23.13 26.08 6.85
N LEU B 115 21.94 26.60 7.17
CA LEU B 115 20.88 25.77 7.73
C LEU B 115 20.30 24.86 6.65
N ILE B 116 20.18 25.39 5.44
CA ILE B 116 19.71 24.61 4.30
C ILE B 116 20.68 23.46 4.01
N GLU B 117 21.98 23.76 4.07
CA GLU B 117 22.99 22.73 3.85
C GLU B 117 23.04 21.74 5.01
N TYR B 118 22.67 22.20 6.21
CA TYR B 118 22.71 21.33 7.39
C TYR B 118 21.68 20.19 7.30
N TYR B 119 20.46 20.53 6.88
CA TYR B 119 19.41 19.53 6.74
C TYR B 119 19.53 18.80 5.41
N GLN B 120 20.53 19.20 4.62
CA GLN B 120 20.83 18.60 3.33
C GLN B 120 19.66 18.63 2.36
N TRP B 121 19.04 19.80 2.22
CA TRP B 121 17.93 19.95 1.27
C TRP B 121 18.43 20.20 -0.14
N ASP B 122 17.96 19.41 -1.11
CA ASP B 122 18.26 19.70 -2.50
C ASP B 122 17.02 20.22 -3.21
N LYS B 123 15.85 19.98 -2.62
CA LYS B 123 14.59 20.43 -3.21
C LYS B 123 13.63 20.97 -2.16
N PHE B 124 13.24 22.23 -2.30
CA PHE B 124 12.32 22.85 -1.35
C PHE B 124 11.56 24.04 -1.93
N ALA B 125 10.65 24.58 -1.14
CA ALA B 125 9.88 25.75 -1.52
C ALA B 125 10.28 26.98 -0.72
N TYR B 126 10.45 28.11 -1.41
CA TYR B 126 10.81 29.35 -0.76
C TYR B 126 9.67 30.36 -0.85
N LEU B 127 8.96 30.54 0.25
CA LEU B 127 7.93 31.57 0.33
C LEU B 127 8.57 32.84 0.90
N TYR B 128 8.31 33.98 0.28
CA TYR B 128 8.98 35.20 0.74
C TYR B 128 8.14 36.48 0.60
N ASP B 129 8.41 37.43 1.49
CA ASP B 129 7.79 38.75 1.42
C ASP B 129 8.81 39.75 0.87
N SER B 130 8.36 40.56 -0.09
CA SER B 130 9.19 41.55 -0.76
C SER B 130 9.38 42.84 0.03
N ASP B 131 8.73 42.92 1.18
CA ASP B 131 8.74 44.13 2.00
C ASP B 131 10.10 44.47 2.61
N ARG B 132 10.97 43.47 2.78
CA ARG B 132 12.25 43.75 3.42
C ARG B 132 13.30 43.95 2.34
N GLY B 133 13.53 42.90 1.55
CA GLY B 133 14.44 42.96 0.43
C GLY B 133 14.44 41.66 -0.34
N LEU B 134 14.93 41.70 -1.57
CA LEU B 134 14.95 40.52 -2.41
C LEU B 134 16.35 39.91 -2.48
N SER B 135 17.26 40.46 -1.68
CA SER B 135 18.66 40.05 -1.68
C SER B 135 18.78 38.58 -1.30
N THR B 136 18.03 38.19 -0.27
CA THR B 136 18.02 36.81 0.19
C THR B 136 17.48 35.88 -0.89
N LEU B 137 16.51 36.37 -1.66
CA LEU B 137 15.98 35.62 -2.80
C LEU B 137 17.07 35.37 -3.83
N GLN B 138 17.83 36.42 -4.13
CA GLN B 138 18.94 36.31 -5.07
C GLN B 138 19.99 35.34 -4.54
N ALA B 139 20.17 35.33 -3.22
CA ALA B 139 21.12 34.44 -2.57
C ALA B 139 20.71 32.98 -2.74
N VAL B 140 19.45 32.67 -2.42
CA VAL B 140 18.97 31.30 -2.52
C VAL B 140 18.83 30.85 -3.98
N LEU B 141 18.70 31.81 -4.89
CA LEU B 141 18.64 31.49 -6.32
C LEU B 141 20.03 31.18 -6.86
N ASP B 142 21.02 31.95 -6.43
CA ASP B 142 22.40 31.72 -6.82
C ASP B 142 22.89 30.42 -6.21
N SER B 143 22.43 30.11 -5.00
CA SER B 143 22.82 28.87 -4.36
C SER B 143 22.02 27.71 -4.92
N ALA B 144 20.86 28.00 -5.49
CA ALA B 144 20.05 26.96 -6.13
C ALA B 144 20.75 26.54 -7.42
N ALA B 145 21.28 27.53 -8.12
CA ALA B 145 21.97 27.29 -9.38
C ALA B 145 23.32 26.62 -9.16
N GLU B 146 24.08 27.15 -8.20
CA GLU B 146 25.43 26.66 -7.93
C GLU B 146 25.42 25.26 -7.34
N LYS B 147 24.52 25.02 -6.39
CA LYS B 147 24.48 23.72 -5.70
C LYS B 147 23.55 22.74 -6.39
N LYS B 148 23.02 23.14 -7.55
CA LYS B 148 22.14 22.29 -8.35
C LYS B 148 20.94 21.84 -7.54
N TRP B 149 20.12 22.80 -7.09
CA TRP B 149 18.94 22.47 -6.30
C TRP B 149 17.66 22.67 -7.08
N GLN B 150 16.55 22.17 -6.53
CA GLN B 150 15.24 22.44 -7.10
C GLN B 150 14.43 23.30 -6.13
N VAL B 151 14.37 24.60 -6.41
CA VAL B 151 13.68 25.53 -5.52
C VAL B 151 12.47 26.14 -6.19
N THR B 152 11.32 26.11 -5.52
CA THR B 152 10.14 26.79 -6.05
C THR B 152 9.90 28.06 -5.23
N ALA B 153 10.25 29.20 -5.81
CA ALA B 153 10.10 30.47 -5.14
C ALA B 153 8.75 31.08 -5.49
N ILE B 154 7.95 31.36 -4.48
CA ILE B 154 6.64 31.94 -4.70
C ILE B 154 6.51 33.23 -3.92
N ASN B 155 6.02 34.28 -4.59
CA ASN B 155 5.83 35.56 -3.92
C ASN B 155 4.41 35.69 -3.38
N VAL B 156 4.30 35.89 -2.07
CA VAL B 156 3.02 36.02 -1.38
C VAL B 156 2.76 37.46 -0.95
N GLY B 157 3.68 38.34 -1.31
CA GLY B 157 3.64 39.73 -0.91
C GLY B 157 2.52 40.52 -1.56
N ASN B 158 2.24 40.20 -2.82
CA ASN B 158 1.26 40.91 -3.63
C ASN B 158 -0.20 40.59 -3.30
N ILE B 159 -0.45 39.44 -2.69
CA ILE B 159 -1.83 39.02 -2.42
C ILE B 159 -2.49 39.86 -1.33
N ASN B 160 -3.73 40.27 -1.58
CA ASN B 160 -4.51 41.05 -0.61
C ASN B 160 -5.04 40.22 0.57
N ASN B 161 -4.96 40.81 1.76
CA ASN B 161 -5.33 40.12 3.00
C ASN B 161 -6.82 39.78 3.16
N ASP B 162 -7.71 40.53 2.52
CA ASP B 162 -9.12 40.24 2.71
C ASP B 162 -9.58 38.95 2.02
N LYS B 163 -9.13 38.73 0.79
CA LYS B 163 -9.40 37.51 0.03
C LYS B 163 -8.28 36.45 0.11
N LYS B 164 -7.40 36.58 1.10
CA LYS B 164 -6.16 35.79 1.14
C LYS B 164 -6.29 34.26 1.31
N ASP B 165 -7.26 33.79 2.08
CA ASP B 165 -7.35 32.36 2.38
C ASP B 165 -7.62 31.49 1.15
N GLU B 166 -8.22 32.08 0.12
CA GLU B 166 -8.54 31.37 -1.11
C GLU B 166 -7.27 31.10 -1.92
N THR B 167 -6.41 32.11 -1.97
CA THR B 167 -5.16 32.01 -2.71
C THR B 167 -4.21 31.14 -1.90
N TYR B 168 -4.30 31.21 -0.57
CA TYR B 168 -3.51 30.30 0.26
C TYR B 168 -3.86 28.85 -0.04
N ARG B 169 -5.15 28.52 0.01
CA ARG B 169 -5.60 27.17 -0.34
C ARG B 169 -5.10 26.76 -1.72
N SER B 170 -5.18 27.68 -2.67
CA SER B 170 -4.73 27.42 -4.04
C SER B 170 -3.21 27.13 -4.12
N LEU B 171 -2.42 27.94 -3.43
CA LEU B 171 -0.97 27.79 -3.46
C LEU B 171 -0.55 26.50 -2.79
N PHE B 172 -1.28 26.12 -1.75
CA PHE B 172 -1.00 24.85 -1.08
C PHE B 172 -1.43 23.68 -1.94
N GLN B 173 -2.40 23.92 -2.81
CA GLN B 173 -2.82 22.90 -3.77
C GLN B 173 -1.68 22.73 -4.78
N ASP B 174 -1.01 23.84 -5.08
CA ASP B 174 0.12 23.82 -5.99
C ASP B 174 1.30 23.09 -5.34
N LEU B 175 1.52 23.33 -4.05
CA LEU B 175 2.62 22.70 -3.34
C LEU B 175 2.36 21.20 -3.12
N GLU B 176 1.09 20.82 -3.07
CA GLU B 176 0.75 19.40 -2.96
C GLU B 176 0.78 18.74 -4.34
N LEU B 177 0.75 19.56 -5.38
CA LEU B 177 0.90 19.06 -6.75
C LEU B 177 2.36 18.62 -7.02
N LYS B 178 3.31 19.44 -6.58
CA LYS B 178 4.73 19.17 -6.81
C LYS B 178 5.37 18.27 -5.75
N LYS B 179 4.55 17.78 -4.83
CA LYS B 179 4.98 16.92 -3.71
C LYS B 179 5.98 17.67 -2.83
N GLU B 180 5.81 18.98 -2.69
CA GLU B 180 6.75 19.74 -1.88
C GLU B 180 6.47 19.56 -0.40
N ARG B 181 7.43 18.98 0.32
CA ARG B 181 7.26 18.78 1.75
C ARG B 181 8.13 19.72 2.58
N ARG B 182 9.02 20.45 1.92
CA ARG B 182 9.95 21.32 2.62
C ARG B 182 9.78 22.77 2.20
N VAL B 183 9.41 23.63 3.17
CA VAL B 183 9.09 25.01 2.86
C VAL B 183 9.86 25.98 3.75
N ILE B 184 10.38 27.04 3.13
CA ILE B 184 11.02 28.09 3.90
C ILE B 184 10.18 29.36 3.91
N LEU B 185 9.87 29.86 5.10
CA LEU B 185 9.12 31.11 5.21
C LEU B 185 10.08 32.24 5.52
N ASP B 186 10.34 33.09 4.54
CA ASP B 186 11.07 34.30 4.80
C ASP B 186 10.04 35.38 4.61
N CYS B 187 9.35 35.73 5.68
CA CYS B 187 8.25 36.68 5.58
C CYS B 187 8.13 37.53 6.83
N GLU B 188 7.15 38.44 6.82
CA GLU B 188 6.85 39.24 7.99
C GLU B 188 6.21 38.30 9.02
N ARG B 189 6.35 38.61 10.32
CA ARG B 189 5.85 37.70 11.35
C ARG B 189 4.36 37.42 11.25
N ASP B 190 3.58 38.42 10.85
CA ASP B 190 2.14 38.26 10.67
C ASP B 190 1.85 37.40 9.45
N LYS B 191 2.61 37.64 8.37
CA LYS B 191 2.50 36.84 7.16
C LYS B 191 2.87 35.39 7.47
N VAL B 192 3.91 35.22 8.28
CA VAL B 192 4.33 33.90 8.75
C VAL B 192 3.20 33.25 9.54
N ASN B 193 2.56 34.02 10.42
CA ASN B 193 1.43 33.54 11.19
C ASN B 193 0.28 33.09 10.29
N ASP B 194 0.03 33.85 9.24
CA ASP B 194 -1.03 33.51 8.28
C ASP B 194 -0.74 32.21 7.56
N ILE B 195 0.47 32.10 7.00
CA ILE B 195 0.88 30.91 6.29
C ILE B 195 0.85 29.68 7.20
N VAL B 196 1.31 29.86 8.44
CA VAL B 196 1.28 28.79 9.44
C VAL B 196 -0.15 28.37 9.73
N ASP B 197 -1.03 29.35 9.94
CA ASP B 197 -2.43 29.09 10.20
C ASP B 197 -3.08 28.28 9.08
N GLN B 198 -2.73 28.61 7.83
CA GLN B 198 -3.28 27.87 6.71
C GLN B 198 -2.71 26.46 6.64
N VAL B 199 -1.42 26.33 6.94
CA VAL B 199 -0.75 25.03 6.97
C VAL B 199 -1.47 24.12 7.97
N ILE B 200 -1.78 24.68 9.13
CA ILE B 200 -2.52 23.98 10.16
C ILE B 200 -3.95 23.65 9.71
N THR B 201 -4.59 24.60 9.02
CA THR B 201 -5.95 24.41 8.54
C THR B 201 -6.08 23.24 7.57
N ILE B 202 -5.20 23.20 6.57
CA ILE B 202 -5.21 22.13 5.58
C ILE B 202 -4.56 20.84 6.07
N GLY B 203 -3.72 20.95 7.10
CA GLY B 203 -3.07 19.77 7.67
C GLY B 203 -1.72 19.39 7.08
N LYS B 204 -0.97 20.38 6.62
CA LYS B 204 0.39 20.14 6.10
C LYS B 204 1.43 20.33 7.19
N HIS B 205 0.97 20.43 8.44
CA HIS B 205 1.85 20.61 9.59
C HIS B 205 2.15 19.27 10.27
N VAL B 206 1.80 18.17 9.59
CA VAL B 206 2.04 16.83 10.13
C VAL B 206 3.45 16.35 9.78
N LYS B 207 3.77 15.13 10.19
CA LYS B 207 5.09 14.55 9.95
C LYS B 207 5.38 14.38 8.46
N GLY B 208 6.60 14.71 8.05
CA GLY B 208 6.98 14.63 6.66
C GLY B 208 7.20 16.02 6.09
N TYR B 209 6.70 17.01 6.81
CA TYR B 209 6.87 18.40 6.40
C TYR B 209 7.94 19.05 7.26
N HIS B 210 8.68 19.96 6.66
CA HIS B 210 9.72 20.69 7.37
C HIS B 210 9.68 22.16 7.00
N TYR B 211 9.55 23.02 8.00
CA TYR B 211 9.44 24.44 7.76
C TYR B 211 10.60 25.18 8.39
N ILE B 212 11.20 26.08 7.62
CA ILE B 212 12.28 26.90 8.15
C ILE B 212 11.83 28.34 8.19
N ILE B 213 11.60 28.86 9.38
CA ILE B 213 11.18 30.24 9.52
C ILE B 213 12.42 31.11 9.45
N ALA B 214 12.55 31.91 8.40
CA ALA B 214 13.72 32.74 8.26
C ALA B 214 13.40 34.14 8.78
N ASN B 215 13.74 34.33 10.05
CA ASN B 215 13.64 35.61 10.72
C ASN B 215 14.65 35.63 11.85
N LEU B 216 14.96 36.80 12.40
CA LEU B 216 15.95 36.80 13.46
C LEU B 216 15.40 36.14 14.72
N GLY B 217 14.17 36.45 15.11
CA GLY B 217 13.57 35.74 16.22
C GLY B 217 12.70 34.56 15.80
N PHE B 218 12.97 33.38 16.32
CA PHE B 218 12.09 32.22 16.12
C PHE B 218 10.97 32.18 17.16
N THR B 219 11.34 32.51 18.39
CA THR B 219 10.42 32.38 19.52
C THR B 219 9.58 33.64 19.70
N ASP B 220 9.81 34.62 18.82
CA ASP B 220 9.07 35.88 18.86
C ASP B 220 7.64 35.71 18.38
N GLY B 221 7.41 34.74 17.49
CA GLY B 221 6.07 34.51 16.98
C GLY B 221 5.44 33.35 17.75
N ASP B 222 4.22 32.97 17.38
CA ASP B 222 3.52 31.90 18.10
C ASP B 222 3.90 30.52 17.58
N LEU B 223 4.53 29.72 18.44
CA LEU B 223 4.98 28.39 18.06
C LEU B 223 4.12 27.25 18.61
N LEU B 224 3.17 27.57 19.48
CA LEU B 224 2.38 26.55 20.16
C LEU B 224 1.43 25.78 19.25
N LYS B 225 0.92 26.46 18.23
CA LYS B 225 -0.08 25.84 17.36
C LYS B 225 0.52 24.80 16.41
N ILE B 226 1.77 24.99 16.02
CA ILE B 226 2.47 24.02 15.18
C ILE B 226 3.46 23.16 15.97
N GLN B 227 3.40 23.24 17.29
CA GLN B 227 4.38 22.57 18.13
C GLN B 227 4.12 21.07 18.27
N PHE B 228 2.85 20.70 18.30
CA PHE B 228 2.46 19.31 18.50
C PHE B 228 2.05 18.63 17.20
N GLY B 229 2.28 19.30 16.08
CA GLY B 229 1.87 18.79 14.79
C GLY B 229 2.68 17.60 14.31
N GLY B 230 3.98 17.62 14.59
CA GLY B 230 4.84 16.52 14.19
C GLY B 230 5.81 16.93 13.10
N ALA B 231 5.53 18.06 12.47
CA ALA B 231 6.41 18.58 11.43
C ALA B 231 7.63 19.22 12.09
N GLU B 232 8.78 19.08 11.45
CA GLU B 232 9.99 19.71 11.95
C GLU B 232 9.95 21.21 11.67
N VAL B 233 10.11 22.01 12.72
CA VAL B 233 10.10 23.45 12.57
C VAL B 233 11.40 24.04 13.08
N SER B 234 12.19 24.60 12.18
CA SER B 234 13.48 25.18 12.55
C SER B 234 13.47 26.68 12.30
N GLY B 235 14.21 27.42 13.12
CA GLY B 235 14.25 28.85 12.99
C GLY B 235 15.53 29.46 13.53
N PHE B 236 15.57 30.78 13.61
CA PHE B 236 16.75 31.47 14.09
C PHE B 236 16.40 32.35 15.29
N GLN B 237 17.37 32.54 16.19
CA GLN B 237 17.19 33.39 17.35
C GLN B 237 18.43 34.24 17.60
N ILE B 238 18.28 35.56 17.52
CA ILE B 238 19.39 36.47 17.78
C ILE B 238 19.40 36.91 19.25
N VAL B 239 18.28 36.75 19.93
CA VAL B 239 18.18 37.11 21.35
C VAL B 239 18.20 35.85 22.21
N ASP B 240 19.34 35.61 22.86
CA ASP B 240 19.48 34.42 23.71
C ASP B 240 19.04 34.72 25.14
N TYR B 241 18.00 34.04 25.59
CA TYR B 241 17.43 34.27 26.91
C TYR B 241 18.21 33.56 28.02
N ASP B 242 19.26 32.84 27.64
CA ASP B 242 20.09 32.13 28.62
C ASP B 242 21.21 33.00 29.16
N ASP B 243 21.47 34.12 28.50
CA ASP B 243 22.49 35.07 28.95
C ASP B 243 22.02 35.79 30.21
N SER B 244 22.94 36.03 31.14
CA SER B 244 22.61 36.70 32.40
C SER B 244 22.10 38.12 32.17
N LEU B 245 22.66 38.79 31.16
CA LEU B 245 22.24 40.14 30.80
C LEU B 245 20.79 40.14 30.35
N VAL B 246 20.48 39.26 29.39
CA VAL B 246 19.14 39.13 28.86
C VAL B 246 18.20 38.62 29.94
N SER B 247 18.72 37.76 30.82
CA SER B 247 17.92 37.22 31.92
C SER B 247 17.47 38.33 32.87
N LYS B 248 18.39 39.22 33.23
CA LYS B 248 18.07 40.33 34.11
C LYS B 248 17.15 41.34 33.42
N PHE B 249 17.49 41.67 32.17
CA PHE B 249 16.68 42.61 31.38
C PHE B 249 15.24 42.11 31.24
N ILE B 250 15.08 40.80 31.12
CA ILE B 250 13.75 40.19 31.05
C ILE B 250 13.09 40.20 32.42
N GLU B 251 13.89 39.98 33.47
CA GLU B 251 13.36 40.02 34.83
C GLU B 251 12.74 41.37 35.14
N ARG B 252 13.34 42.45 34.62
CA ARG B 252 12.73 43.76 34.80
C ARG B 252 11.64 44.00 33.75
N TRP B 253 11.83 43.47 32.55
CA TRP B 253 10.91 43.73 31.45
C TRP B 253 9.58 43.04 31.70
N SER B 254 9.58 41.90 32.39
CA SER B 254 8.33 41.20 32.58
C SER B 254 7.49 41.82 33.68
N THR B 255 8.10 42.70 34.48
CA THR B 255 7.41 43.38 35.57
C THR B 255 6.98 44.81 35.24
N LEU B 256 7.42 45.32 34.09
CA LEU B 256 7.10 46.69 33.70
C LEU B 256 5.60 46.91 33.54
N GLU B 257 5.15 48.11 33.89
CA GLU B 257 3.74 48.48 33.82
C GLU B 257 3.20 48.51 32.40
N GLU B 258 2.12 47.76 32.15
CA GLU B 258 1.52 47.68 30.82
C GLU B 258 0.81 48.96 30.40
N LYS B 259 0.31 49.71 31.38
CA LYS B 259 -0.40 50.95 31.09
C LYS B 259 0.57 52.01 30.57
N GLU B 260 1.73 52.08 31.21
CA GLU B 260 2.75 53.05 30.83
C GLU B 260 3.54 52.61 29.60
N TYR B 261 3.91 51.32 29.57
CA TYR B 261 4.67 50.78 28.46
C TYR B 261 3.87 49.68 27.74
N PRO B 262 3.28 50.01 26.59
CA PRO B 262 2.48 49.03 25.82
C PRO B 262 3.30 47.84 25.32
N GLY B 263 2.83 46.63 25.61
CA GLY B 263 3.48 45.42 25.13
C GLY B 263 4.79 45.10 25.83
N ALA B 264 5.03 45.76 26.96
CA ALA B 264 6.24 45.57 27.75
C ALA B 264 6.07 44.73 29.03
N HIS B 265 4.98 44.00 29.17
CA HIS B 265 4.78 43.14 30.34
C HIS B 265 5.07 41.65 30.11
N THR B 266 5.83 41.31 29.07
CA THR B 266 5.92 39.93 28.65
C THR B 266 7.29 39.33 28.96
N ALA B 267 7.34 38.00 28.94
CA ALA B 267 8.54 37.25 29.26
C ALA B 267 9.51 37.21 28.09
N THR B 268 9.01 37.51 26.89
CA THR B 268 9.84 37.54 25.71
C THR B 268 9.78 38.93 25.07
N ILE B 269 10.68 39.18 24.13
CA ILE B 269 10.72 40.46 23.45
C ILE B 269 11.15 40.27 22.00
N LYS B 270 10.46 40.94 21.09
CA LYS B 270 10.81 40.87 19.67
C LYS B 270 12.21 41.41 19.45
N TYR B 271 12.92 40.82 18.49
CA TYR B 271 14.31 41.15 18.25
C TYR B 271 14.50 42.60 17.81
N THR B 272 13.48 43.18 17.17
CA THR B 272 13.56 44.56 16.73
C THR B 272 13.67 45.53 17.91
N SER B 273 12.89 45.27 18.96
CA SER B 273 12.91 46.10 20.16
C SER B 273 14.26 45.99 20.87
N ALA B 274 14.79 44.77 20.92
CA ALA B 274 16.10 44.52 21.52
C ALA B 274 17.18 45.25 20.74
N LEU B 275 17.04 45.27 19.41
CA LEU B 275 17.97 45.98 18.55
C LEU B 275 17.83 47.49 18.72
N THR B 276 16.64 47.93 19.14
CA THR B 276 16.41 49.34 19.45
C THR B 276 17.14 49.74 20.72
N TYR B 277 16.98 48.91 21.74
CA TYR B 277 17.67 49.06 23.01
C TYR B 277 19.19 49.12 22.80
N ASP B 278 19.68 48.12 22.08
CA ASP B 278 21.09 48.02 21.74
C ASP B 278 21.55 49.21 20.91
N ALA B 279 20.65 49.76 20.10
CA ALA B 279 20.94 50.94 19.29
C ALA B 279 21.16 52.16 20.17
N VAL B 280 20.29 52.31 21.16
CA VAL B 280 20.42 53.39 22.14
C VAL B 280 21.79 53.27 22.83
N GLN B 281 22.13 52.05 23.23
CA GLN B 281 23.42 51.80 23.85
C GLN B 281 24.57 52.22 22.93
N VAL B 282 24.49 51.84 21.65
CA VAL B 282 25.52 52.14 20.68
C VAL B 282 25.70 53.64 20.50
N MET B 283 24.59 54.37 20.39
CA MET B 283 24.65 55.82 20.25
C MET B 283 25.30 56.46 21.48
N THR B 284 24.87 56.03 22.66
CA THR B 284 25.43 56.52 23.91
C THR B 284 26.95 56.32 23.96
N GLU B 285 27.40 55.11 23.65
CA GLU B 285 28.83 54.81 23.61
C GLU B 285 29.57 55.62 22.55
N ALA B 286 28.89 55.90 21.45
CA ALA B 286 29.49 56.66 20.36
C ALA B 286 29.79 58.08 20.78
N PHE B 287 28.79 58.76 21.34
CA PHE B 287 28.98 60.13 21.80
C PHE B 287 29.93 60.18 22.99
N ARG B 288 29.87 59.15 23.82
CA ARG B 288 30.81 59.06 24.94
C ARG B 288 32.25 58.98 24.42
N ASN B 289 32.46 58.19 23.37
CA ASN B 289 33.80 58.10 22.80
C ASN B 289 34.19 59.41 22.13
N LEU B 290 33.24 60.11 21.54
CA LEU B 290 33.52 61.41 20.93
C LEU B 290 33.97 62.42 21.97
N ARG B 291 33.36 62.36 23.16
CA ARG B 291 33.73 63.25 24.24
C ARG B 291 35.04 62.83 24.91
N LYS B 292 35.33 61.54 24.82
CA LYS B 292 36.55 60.98 25.40
C LYS B 292 37.76 61.30 24.54
N GLN B 293 37.51 61.54 23.26
CA GLN B 293 38.57 61.81 22.30
C GLN B 293 38.76 63.32 22.18
N ARG B 294 38.03 64.06 23.01
CA ARG B 294 38.08 65.52 23.04
C ARG B 294 37.83 66.13 21.66
N ILE B 295 36.97 65.46 20.88
CA ILE B 295 36.58 65.93 19.55
C ILE B 295 35.26 66.69 19.60
N GLU B 296 35.31 67.99 19.31
CA GLU B 296 34.11 68.82 19.35
C GLU B 296 33.23 68.69 18.11
N ILE B 297 31.99 68.22 18.32
CA ILE B 297 31.01 68.07 17.25
C ILE B 297 29.89 69.10 17.29
N SER B 298 29.98 70.03 18.25
CA SER B 298 28.92 71.01 18.49
C SER B 298 28.66 71.95 17.31
N ARG B 299 27.39 72.06 16.91
CA ARG B 299 27.00 72.90 15.79
C ARG B 299 27.21 74.39 16.07
N ARG B 300 27.86 75.05 15.12
CA ARG B 300 28.19 76.47 15.19
C ARG B 300 26.95 77.31 14.89
N GLY B 301 26.18 76.87 13.89
CA GLY B 301 25.00 77.58 13.46
C GLY B 301 23.91 76.61 13.03
N ASN B 302 22.81 77.14 12.51
CA ASN B 302 21.70 76.31 12.09
C ASN B 302 22.03 75.43 10.89
N ALA B 303 21.48 74.22 10.87
CA ALA B 303 21.70 73.29 9.77
C ALA B 303 21.00 73.77 8.51
N GLY B 304 19.97 74.59 8.68
CA GLY B 304 19.25 75.16 7.55
C GLY B 304 18.30 74.17 6.91
N ASP B 305 17.93 74.44 5.65
CA ASP B 305 17.02 73.57 4.92
C ASP B 305 17.76 72.35 4.40
N CYS B 306 17.09 71.20 4.41
CA CYS B 306 17.69 69.96 3.94
C CYS B 306 17.78 69.94 2.42
N LEU B 307 16.95 70.73 1.77
CA LEU B 307 16.94 70.81 0.31
C LEU B 307 17.77 71.99 -0.23
N ALA B 308 18.57 72.59 0.64
CA ALA B 308 19.35 73.76 0.26
C ALA B 308 20.30 73.43 -0.90
N ASN B 309 20.26 74.26 -1.93
CA ASN B 309 21.05 74.05 -3.13
C ASN B 309 22.12 75.13 -3.31
N PRO B 310 23.39 74.72 -3.41
CA PRO B 310 23.86 73.33 -3.35
C PRO B 310 23.92 72.79 -1.93
N ALA B 311 23.80 71.47 -1.79
CA ALA B 311 23.82 70.85 -0.47
C ALA B 311 25.25 70.63 0.04
N VAL B 312 25.58 71.30 1.13
CA VAL B 312 26.89 71.14 1.76
C VAL B 312 26.74 70.40 3.10
N PRO B 313 27.37 69.22 3.21
CA PRO B 313 27.30 68.39 4.42
C PRO B 313 28.13 68.98 5.55
N TRP B 314 27.63 68.88 6.79
CA TRP B 314 28.40 69.36 7.94
C TRP B 314 29.62 68.47 8.16
N GLY B 315 30.69 69.09 8.63
CA GLY B 315 31.97 68.42 8.74
C GLY B 315 32.11 67.34 9.80
N GLN B 316 31.47 67.53 10.95
CA GLN B 316 31.65 66.60 12.05
C GLN B 316 30.78 65.36 11.93
N GLY B 317 29.94 65.33 10.89
CA GLY B 317 29.05 64.20 10.66
C GLY B 317 29.87 62.95 10.46
N VAL B 318 30.92 63.06 9.64
CA VAL B 318 31.80 61.94 9.40
C VAL B 318 32.37 61.45 10.73
N GLU B 319 32.77 62.41 11.58
CA GLU B 319 33.33 62.09 12.88
C GLU B 319 32.33 61.31 13.70
N ILE B 320 31.06 61.71 13.60
CA ILE B 320 30.02 60.99 14.30
C ILE B 320 29.83 59.60 13.71
N GLU B 321 29.79 59.53 12.38
CA GLU B 321 29.59 58.25 11.70
C GLU B 321 30.61 57.21 12.13
N ARG B 322 31.89 57.55 12.02
CA ARG B 322 32.97 56.68 12.45
C ARG B 322 32.83 56.34 13.93
N ALA B 323 32.43 57.34 14.72
CA ALA B 323 32.29 57.15 16.15
C ALA B 323 31.24 56.10 16.45
N LEU B 324 30.25 55.99 15.56
CA LEU B 324 29.21 54.98 15.72
C LEU B 324 29.69 53.61 15.22
N LYS B 325 30.60 53.62 14.25
CA LYS B 325 31.05 52.38 13.62
C LYS B 325 32.22 51.71 14.34
N GLN B 326 32.86 52.43 15.24
CA GLN B 326 33.99 51.87 15.99
C GLN B 326 33.54 51.34 17.35
N VAL B 327 32.25 51.44 17.62
CA VAL B 327 31.69 50.98 18.89
C VAL B 327 31.58 49.47 18.94
N GLN B 328 32.20 48.88 19.96
CA GLN B 328 32.05 47.45 20.20
C GLN B 328 31.54 47.20 21.62
N VAL B 329 30.30 46.74 21.74
CA VAL B 329 29.68 46.55 23.04
C VAL B 329 28.93 45.22 23.17
N GLU B 330 28.38 44.95 24.35
CA GLU B 330 27.58 43.76 24.57
C GLU B 330 26.14 44.08 24.91
N GLY B 331 25.23 43.72 24.02
CA GLY B 331 23.81 44.02 24.21
C GLY B 331 22.92 42.79 24.34
N LEU B 332 21.65 42.97 24.01
CA LEU B 332 20.67 41.89 24.03
C LEU B 332 20.85 40.97 22.84
N SER B 333 21.44 41.52 21.78
CA SER B 333 21.65 40.82 20.52
C SER B 333 23.01 40.14 20.49
N GLY B 334 23.64 40.04 21.66
CA GLY B 334 24.96 39.46 21.77
C GLY B 334 26.04 40.47 21.46
N ASN B 335 27.13 40.03 20.84
CA ASN B 335 28.25 40.91 20.57
C ASN B 335 27.93 41.89 19.45
N ILE B 336 28.01 43.18 19.78
CA ILE B 336 27.70 44.24 18.83
C ILE B 336 28.99 44.88 18.35
N LYS B 337 29.33 44.61 17.09
CA LYS B 337 30.50 45.21 16.48
C LYS B 337 30.21 45.49 15.00
N PHE B 338 30.62 46.65 14.52
CA PHE B 338 30.32 47.05 13.15
C PHE B 338 31.56 47.16 12.26
N ASP B 339 31.41 46.75 10.99
CA ASP B 339 32.43 47.05 10.00
C ASP B 339 32.22 48.49 9.52
N GLN B 340 33.08 48.95 8.61
CA GLN B 340 33.02 50.34 8.16
C GLN B 340 31.75 50.67 7.37
N ASN B 341 31.08 49.65 6.86
CA ASN B 341 29.87 49.87 6.07
C ASN B 341 28.60 49.88 6.93
N GLY B 342 28.76 49.67 8.23
CA GLY B 342 27.64 49.69 9.14
C GLY B 342 26.98 48.34 9.35
N LYS B 343 27.56 47.31 8.74
CA LYS B 343 27.03 45.96 8.86
C LYS B 343 27.47 45.32 10.17
N ARG B 344 26.67 44.37 10.66
CA ARG B 344 27.02 43.64 11.87
C ARG B 344 28.06 42.58 11.54
N ILE B 345 29.12 42.55 12.34
CA ILE B 345 30.14 41.53 12.20
C ILE B 345 30.42 40.90 13.54
N ASN B 346 31.00 39.71 13.51
CA ASN B 346 31.37 38.96 14.70
C ASN B 346 30.15 38.76 15.61
N TYR B 347 29.03 38.41 15.00
CA TYR B 347 27.79 38.12 15.74
C TYR B 347 27.53 36.62 15.78
N THR B 348 26.46 36.24 16.46
CA THR B 348 26.08 34.83 16.59
C THR B 348 24.57 34.68 16.50
N ILE B 349 24.13 33.82 15.59
CA ILE B 349 22.69 33.58 15.41
C ILE B 349 22.34 32.14 15.78
N ASN B 350 21.63 31.96 16.88
CA ASN B 350 21.28 30.63 17.37
C ASN B 350 20.31 29.88 16.46
N ILE B 351 20.63 28.63 16.15
CA ILE B 351 19.74 27.79 15.36
C ILE B 351 18.80 27.02 16.28
N MET B 352 17.50 27.21 16.09
CA MET B 352 16.51 26.66 17.01
C MET B 352 15.66 25.58 16.35
N GLU B 353 15.26 24.58 17.13
CA GLU B 353 14.34 23.55 16.66
C GLU B 353 13.14 23.45 17.61
N LEU B 354 11.96 23.26 17.03
CA LEU B 354 10.74 23.17 17.83
C LEU B 354 10.38 21.72 18.20
N LYS B 355 10.40 21.43 19.49
CA LYS B 355 10.03 20.12 19.99
C LYS B 355 8.73 20.18 20.79
N THR B 356 8.29 19.02 21.29
CA THR B 356 7.04 18.92 22.05
C THR B 356 7.10 19.70 23.36
N ASN B 357 8.28 19.77 23.95
CA ASN B 357 8.48 20.47 25.21
C ASN B 357 8.81 21.95 24.97
N GLY B 358 8.67 22.37 23.71
CA GLY B 358 8.91 23.74 23.30
C GLY B 358 10.16 23.90 22.45
N PRO B 359 10.49 25.14 22.09
CA PRO B 359 11.65 25.45 21.24
C PRO B 359 12.97 25.13 21.90
N ARG B 360 13.91 24.58 21.14
CA ARG B 360 15.21 24.19 21.68
C ARG B 360 16.35 24.53 20.72
N LYS B 361 17.47 25.01 21.28
CA LYS B 361 18.64 25.34 20.50
C LYS B 361 19.54 24.13 20.24
N ILE B 362 19.70 23.78 18.96
CA ILE B 362 20.56 22.64 18.60
C ILE B 362 21.95 23.11 18.18
N GLY B 363 22.11 24.41 17.98
CA GLY B 363 23.40 24.94 17.58
C GLY B 363 23.40 26.45 17.38
N TYR B 364 24.42 26.94 16.69
CA TYR B 364 24.54 28.35 16.40
C TYR B 364 25.34 28.61 15.13
N TRP B 365 25.17 29.81 14.57
CA TRP B 365 25.90 30.21 13.38
C TRP B 365 26.74 31.43 13.70
N SER B 366 28.04 31.27 13.58
CA SER B 366 28.99 32.36 13.80
C SER B 366 29.22 33.10 12.51
N GLU B 367 29.75 34.31 12.61
CA GLU B 367 29.96 35.12 11.42
C GLU B 367 31.10 34.54 10.58
N VAL B 368 32.12 33.99 11.23
CA VAL B 368 33.24 33.38 10.50
C VAL B 368 33.31 31.85 10.55
N ASP B 369 32.70 31.27 11.58
CA ASP B 369 32.78 29.83 11.85
C ASP B 369 31.65 29.01 11.23
N LYS B 370 30.73 29.71 10.57
CA LYS B 370 29.53 29.12 9.99
C LYS B 370 28.68 28.39 11.03
N MET B 371 28.12 27.25 10.63
CA MET B 371 27.21 26.50 11.51
C MET B 371 27.89 25.46 12.39
N VAL B 372 27.70 25.56 13.71
CA VAL B 372 28.24 24.61 14.65
C VAL B 372 27.13 24.07 15.57
N VAL B 373 27.09 22.75 15.73
CA VAL B 373 26.07 22.08 16.54
C VAL B 373 26.49 21.93 18.00
N THR B 374 25.51 21.93 18.89
CA THR B 374 25.74 21.79 20.33
C THR B 374 25.51 20.35 20.78
N LEU B 375 26.57 19.72 21.30
CA LEU B 375 26.51 18.33 21.74
C LEU B 375 26.06 18.20 23.19
N LEU B 383 12.66 5.64 27.15
CA LEU B 383 11.32 5.44 26.59
C LEU B 383 11.37 4.57 25.35
N GLU B 384 12.56 4.07 25.02
CA GLU B 384 12.75 3.22 23.85
C GLU B 384 12.18 1.82 24.06
N GLN B 385 11.59 1.27 23.00
CA GLN B 385 10.92 -0.03 23.06
C GLN B 385 11.93 -1.18 23.20
N LYS B 386 11.45 -2.32 23.66
CA LYS B 386 12.32 -3.48 23.84
C LYS B 386 12.63 -4.17 22.51
N THR B 387 13.80 -4.82 22.45
CA THR B 387 14.18 -5.56 21.25
C THR B 387 14.22 -7.06 21.56
N VAL B 388 13.45 -7.84 20.81
CA VAL B 388 13.38 -9.29 21.01
C VAL B 388 14.59 -10.04 20.43
N VAL B 389 15.30 -10.78 21.28
CA VAL B 389 16.44 -11.57 20.84
C VAL B 389 16.01 -12.91 20.22
N VAL B 390 16.32 -13.08 18.94
CA VAL B 390 15.98 -14.31 18.21
C VAL B 390 17.17 -15.24 18.10
N THR B 391 17.09 -16.41 18.73
CA THR B 391 18.16 -17.39 18.61
C THR B 391 17.92 -18.37 17.47
N THR B 392 18.98 -18.72 16.75
CA THR B 392 18.90 -19.65 15.63
C THR B 392 20.24 -20.38 15.46
N ILE B 393 20.34 -21.19 14.42
CA ILE B 393 21.53 -22.01 14.19
C ILE B 393 21.85 -22.07 12.70
N LEU B 394 23.13 -22.11 12.35
CA LEU B 394 23.49 -22.17 10.94
C LEU B 394 23.23 -23.57 10.39
N GLU B 395 22.22 -23.66 9.54
CA GLU B 395 21.88 -24.92 8.88
C GLU B 395 21.29 -24.63 7.51
N SER B 396 21.87 -25.19 6.46
CA SER B 396 21.35 -24.99 5.09
C SER B 396 20.07 -25.80 4.82
N PRO B 397 19.11 -25.18 4.11
CA PRO B 397 19.13 -23.75 3.76
C PRO B 397 18.30 -22.89 4.73
N TYR B 398 18.34 -23.19 6.02
CA TYR B 398 17.53 -22.42 6.97
C TYR B 398 18.19 -21.09 7.31
N VAL B 399 19.45 -21.16 7.73
CA VAL B 399 20.25 -19.98 8.04
C VAL B 399 21.65 -20.15 7.46
N MET B 400 22.03 -19.26 6.55
CA MET B 400 23.33 -19.35 5.92
C MET B 400 24.02 -17.99 5.92
N MET B 401 25.35 -18.00 5.95
CA MET B 401 26.13 -16.78 5.88
C MET B 401 26.22 -16.31 4.44
N LYS B 402 25.96 -15.02 4.20
CA LYS B 402 26.05 -14.48 2.86
C LYS B 402 27.50 -14.48 2.39
N LYS B 403 27.70 -14.40 1.08
CA LYS B 403 29.05 -14.40 0.52
C LYS B 403 29.82 -13.16 0.96
N ASN B 404 29.11 -12.04 1.04
CA ASN B 404 29.70 -10.75 1.38
C ASN B 404 29.59 -10.43 2.87
N HIS B 405 29.24 -11.43 3.67
CA HIS B 405 28.89 -11.23 5.08
C HIS B 405 29.97 -10.53 5.91
N GLU B 406 31.20 -10.51 5.43
CA GLU B 406 32.28 -9.87 6.18
C GLU B 406 32.16 -8.35 6.20
N MET B 407 31.55 -7.78 5.17
CA MET B 407 31.36 -6.33 5.09
C MET B 407 29.95 -5.92 5.49
N LEU B 408 29.16 -6.87 5.98
CA LEU B 408 27.78 -6.61 6.38
C LEU B 408 27.61 -6.73 7.89
N GLU B 409 26.51 -6.20 8.41
CA GLU B 409 26.27 -6.19 9.85
C GLU B 409 24.79 -6.31 10.21
N GLY B 410 24.53 -6.70 11.46
CA GLY B 410 23.17 -6.87 11.94
C GLY B 410 22.53 -8.13 11.41
N ASN B 411 21.28 -8.03 10.99
CA ASN B 411 20.56 -9.18 10.44
C ASN B 411 20.72 -9.29 8.93
N GLU B 412 21.55 -8.42 8.36
CA GLU B 412 21.73 -8.40 6.92
C GLU B 412 22.85 -9.33 6.46
N ARG B 413 23.57 -9.92 7.41
CA ARG B 413 24.64 -10.84 7.09
C ARG B 413 24.18 -12.29 7.16
N TYR B 414 22.88 -12.48 7.37
CA TYR B 414 22.30 -13.82 7.41
C TYR B 414 21.22 -13.98 6.34
N GLU B 415 21.09 -15.19 5.81
CA GLU B 415 20.07 -15.47 4.80
C GLU B 415 19.58 -16.90 4.88
N GLY B 416 18.34 -17.12 4.45
CA GLY B 416 17.76 -18.46 4.45
C GLY B 416 16.26 -18.44 4.68
N TYR B 417 15.70 -19.61 4.95
CA TYR B 417 14.26 -19.76 5.17
C TYR B 417 13.85 -19.10 6.47
N CYS B 418 14.56 -19.43 7.54
CA CYS B 418 14.24 -18.93 8.87
C CYS B 418 14.44 -17.42 8.96
N VAL B 419 15.26 -16.85 8.08
CA VAL B 419 15.46 -15.41 8.06
C VAL B 419 14.23 -14.66 7.54
N ASP B 420 13.75 -15.06 6.37
CA ASP B 420 12.53 -14.50 5.79
C ASP B 420 11.34 -14.74 6.71
N LEU B 421 11.29 -15.95 7.26
CA LEU B 421 10.22 -16.31 8.20
C LEU B 421 10.24 -15.43 9.44
N ALA B 422 11.44 -15.20 9.98
CA ALA B 422 11.61 -14.35 11.16
C ALA B 422 11.17 -12.92 10.85
N ALA B 423 11.53 -12.46 9.65
CA ALA B 423 11.09 -11.15 9.18
C ALA B 423 9.58 -11.05 9.17
N GLU B 424 8.92 -12.08 8.65
CA GLU B 424 7.47 -12.11 8.58
C GLU B 424 6.81 -12.12 9.96
N ILE B 425 7.30 -13.00 10.84
CA ILE B 425 6.78 -13.08 12.20
C ILE B 425 6.93 -11.76 12.94
N ALA B 426 8.11 -11.15 12.79
CA ALA B 426 8.40 -9.87 13.42
C ALA B 426 7.52 -8.76 12.86
N LYS B 427 7.17 -8.87 11.58
CA LYS B 427 6.32 -7.86 10.95
C LYS B 427 4.89 -8.01 11.43
N HIS B 428 4.45 -9.24 11.66
CA HIS B 428 3.10 -9.46 12.15
C HIS B 428 2.97 -9.06 13.61
N CYS B 429 4.01 -9.32 14.39
CA CYS B 429 3.97 -8.93 15.79
C CYS B 429 4.38 -7.48 15.97
N GLY B 430 5.12 -6.94 15.00
CA GLY B 430 5.48 -5.54 15.04
C GLY B 430 6.53 -5.26 16.11
N PHE B 431 7.64 -5.99 16.06
CA PHE B 431 8.74 -5.73 16.98
C PHE B 431 10.08 -5.76 16.27
N LYS B 432 11.04 -5.00 16.78
CA LYS B 432 12.40 -5.04 16.26
C LYS B 432 13.13 -6.23 16.86
N TYR B 433 13.99 -6.86 16.07
CA TYR B 433 14.66 -8.07 16.51
C TYR B 433 16.13 -8.11 16.10
N LYS B 434 16.86 -9.01 16.74
CA LYS B 434 18.28 -9.21 16.45
C LYS B 434 18.60 -10.70 16.35
N LEU B 435 19.00 -11.14 15.16
CA LEU B 435 19.29 -12.55 14.92
C LEU B 435 20.61 -12.98 15.55
N THR B 436 20.55 -13.99 16.41
CA THR B 436 21.76 -14.50 17.06
C THR B 436 21.92 -16.02 16.89
N ILE B 437 23.14 -16.45 16.58
CA ILE B 437 23.46 -17.87 16.47
C ILE B 437 23.69 -18.47 17.86
N VAL B 438 23.13 -19.65 18.10
CA VAL B 438 23.26 -20.33 19.39
C VAL B 438 24.73 -20.55 19.78
N GLY B 439 25.05 -20.28 21.04
CA GLY B 439 26.42 -20.35 21.54
C GLY B 439 27.13 -21.68 21.39
N ASP B 440 26.57 -22.73 21.97
CA ASP B 440 27.20 -24.05 21.92
C ASP B 440 26.97 -24.73 20.57
N GLY B 441 26.12 -24.12 19.74
CA GLY B 441 25.83 -24.64 18.43
C GLY B 441 25.03 -25.92 18.46
N LYS B 442 24.21 -26.09 19.49
CA LYS B 442 23.41 -27.29 19.64
C LYS B 442 21.91 -27.01 19.65
N TYR B 443 21.12 -28.08 19.67
CA TYR B 443 19.68 -27.96 19.83
C TYR B 443 19.31 -28.30 21.27
N GLY B 444 18.05 -28.08 21.64
CA GLY B 444 17.62 -28.41 22.99
C GLY B 444 17.84 -29.86 23.36
N ALA B 445 18.59 -30.07 24.44
CA ALA B 445 18.78 -31.40 25.01
C ALA B 445 19.11 -31.26 26.49
N ARG B 446 18.58 -32.15 27.32
CA ARG B 446 18.91 -32.12 28.74
C ARG B 446 19.88 -33.23 29.08
N ASP B 447 20.96 -32.89 29.77
CA ASP B 447 21.92 -33.91 30.18
C ASP B 447 21.38 -34.64 31.41
N ALA B 448 21.60 -35.95 31.44
CA ALA B 448 21.01 -36.81 32.45
C ALA B 448 21.45 -36.49 33.88
N ASP B 449 22.76 -36.47 34.13
CA ASP B 449 23.22 -36.28 35.49
C ASP B 449 23.20 -34.84 36.00
N THR B 450 23.40 -33.87 35.11
CA THR B 450 23.41 -32.47 35.52
C THR B 450 22.05 -31.77 35.41
N LYS B 451 21.16 -32.34 34.59
CA LYS B 451 19.83 -31.77 34.35
C LYS B 451 19.87 -30.33 33.81
N ILE B 452 20.84 -30.04 32.96
CA ILE B 452 20.95 -28.71 32.37
C ILE B 452 20.71 -28.74 30.85
N TRP B 453 19.75 -27.94 30.39
CA TRP B 453 19.43 -27.85 28.97
C TRP B 453 20.46 -27.05 28.19
N ASN B 454 20.96 -27.63 27.10
CA ASN B 454 21.86 -26.92 26.20
C ASN B 454 21.09 -26.37 25.00
N GLY B 455 21.83 -25.83 24.04
CA GLY B 455 21.24 -25.33 22.81
C GLY B 455 20.25 -24.19 22.96
N MET B 456 19.43 -24.00 21.93
CA MET B 456 18.47 -22.90 21.88
C MET B 456 17.37 -23.00 22.92
N VAL B 457 16.86 -24.21 23.16
CA VAL B 457 15.87 -24.42 24.21
C VAL B 457 16.46 -24.04 25.56
N GLY B 458 17.73 -24.38 25.76
CA GLY B 458 18.46 -23.99 26.95
C GLY B 458 18.58 -22.48 27.03
N GLU B 459 18.72 -21.83 25.88
CA GLU B 459 18.81 -20.38 25.84
C GLU B 459 17.44 -19.73 26.11
N LEU B 460 16.38 -20.49 25.90
CA LEU B 460 15.03 -19.99 26.16
C LEU B 460 14.60 -20.15 27.62
N VAL B 461 14.90 -21.31 28.18
CA VAL B 461 14.54 -21.60 29.57
C VAL B 461 15.34 -20.75 30.55
N TYR B 462 16.61 -20.54 30.24
CA TYR B 462 17.52 -19.84 31.14
C TYR B 462 17.54 -18.35 30.83
N GLY B 463 16.65 -17.93 29.92
CA GLY B 463 16.47 -16.53 29.60
C GLY B 463 17.62 -15.89 28.83
N LYS B 464 18.35 -16.71 28.09
CA LYS B 464 19.44 -16.20 27.25
C LYS B 464 18.90 -15.64 25.92
N ALA B 465 17.70 -16.08 25.54
CA ALA B 465 17.06 -15.58 24.33
C ALA B 465 15.55 -15.48 24.52
N ASP B 466 14.89 -14.66 23.70
CA ASP B 466 13.46 -14.44 23.87
C ASP B 466 12.58 -15.30 22.95
N ILE B 467 13.16 -15.83 21.88
CA ILE B 467 12.42 -16.66 20.95
C ILE B 467 13.38 -17.54 20.15
N ALA B 468 12.94 -18.74 19.78
CA ALA B 468 13.78 -19.62 18.97
C ALA B 468 13.12 -19.91 17.63
N ILE B 469 13.70 -19.36 16.56
CA ILE B 469 13.19 -19.66 15.23
C ILE B 469 14.27 -20.43 14.46
N ALA B 470 14.07 -21.74 14.34
CA ALA B 470 15.04 -22.60 13.69
C ALA B 470 14.37 -23.91 13.33
N PRO B 471 15.05 -24.76 12.54
CA PRO B 471 14.48 -26.08 12.25
C PRO B 471 14.48 -26.97 13.50
N LEU B 472 13.69 -26.59 14.50
CA LEU B 472 13.61 -27.31 15.76
C LEU B 472 12.40 -28.24 15.81
N THR B 473 12.66 -29.53 15.92
CA THR B 473 11.60 -30.53 15.94
C THR B 473 10.74 -30.42 17.19
N ILE B 474 9.42 -30.39 17.01
CA ILE B 474 8.53 -30.35 18.16
C ILE B 474 8.47 -31.74 18.78
N THR B 475 9.00 -31.85 19.99
CA THR B 475 8.98 -33.11 20.71
C THR B 475 8.35 -32.93 22.08
N LEU B 476 8.06 -34.04 22.75
CA LEU B 476 7.45 -33.99 24.06
C LEU B 476 8.45 -33.49 25.11
N VAL B 477 9.66 -34.00 25.05
CA VAL B 477 10.70 -33.62 26.01
C VAL B 477 11.00 -32.12 25.95
N ARG B 478 10.87 -31.55 24.76
CA ARG B 478 11.09 -30.12 24.57
C ARG B 478 9.85 -29.30 24.94
N GLU B 479 8.68 -29.84 24.65
CA GLU B 479 7.43 -29.15 24.93
C GLU B 479 7.18 -28.99 26.43
N GLU B 480 7.80 -29.84 27.24
CA GLU B 480 7.57 -29.77 28.69
C GLU B 480 8.25 -28.54 29.31
N VAL B 481 9.39 -28.14 28.75
CA VAL B 481 10.11 -26.99 29.26
C VAL B 481 9.82 -25.68 28.52
N ILE B 482 9.47 -25.75 27.24
CA ILE B 482 9.15 -24.56 26.47
C ILE B 482 7.88 -24.71 25.65
N ASP B 483 7.42 -23.61 25.07
CA ASP B 483 6.19 -23.59 24.29
C ASP B 483 6.46 -23.61 22.79
N PHE B 484 5.81 -24.53 22.09
CA PHE B 484 5.90 -24.60 20.63
C PHE B 484 4.65 -24.04 19.99
N SER B 485 4.83 -23.29 18.91
CA SER B 485 3.70 -22.82 18.13
C SER B 485 3.28 -23.94 17.18
N LYS B 486 2.21 -23.72 16.44
CA LYS B 486 1.75 -24.71 15.47
C LYS B 486 2.82 -24.90 14.40
N PRO B 487 2.99 -26.15 13.92
CA PRO B 487 4.05 -26.44 12.94
C PRO B 487 4.00 -25.54 11.71
N PHE B 488 5.10 -24.86 11.41
CA PHE B 488 5.17 -24.07 10.19
C PHE B 488 5.71 -24.89 9.04
N MET B 489 6.16 -26.11 9.36
CA MET B 489 6.64 -27.04 8.36
C MET B 489 6.43 -28.47 8.83
N SER B 490 5.84 -29.31 7.99
CA SER B 490 5.61 -30.70 8.34
C SER B 490 6.68 -31.61 7.73
N LEU B 491 7.20 -32.54 8.54
CA LEU B 491 8.23 -33.46 8.06
C LEU B 491 8.14 -34.84 8.71
N GLY B 492 9.18 -35.64 8.50
CA GLY B 492 9.23 -36.99 9.05
C GLY B 492 10.56 -37.64 8.77
N ILE B 493 10.92 -38.66 9.56
CA ILE B 493 12.18 -39.35 9.37
C ILE B 493 12.16 -40.18 8.08
N SER B 494 13.11 -39.90 7.20
CA SER B 494 13.22 -40.59 5.92
C SER B 494 14.61 -41.20 5.72
N ILE B 495 14.77 -41.87 4.58
CA ILE B 495 16.01 -42.57 4.27
C ILE B 495 16.70 -41.99 3.03
N MET B 496 17.93 -41.54 3.23
CA MET B 496 18.77 -41.01 2.16
C MET B 496 19.80 -42.07 1.75
N ILE B 497 19.71 -42.50 0.50
CA ILE B 497 20.65 -43.46 -0.05
C ILE B 497 21.22 -42.98 -1.39
N LYS B 498 22.30 -43.62 -1.83
CA LYS B 498 22.92 -43.28 -3.11
C LYS B 498 22.19 -43.97 -4.25
N LYS B 499 22.01 -43.26 -5.36
CA LYS B 499 21.32 -43.82 -6.52
C LYS B 499 22.09 -44.99 -7.13
N PRO B 500 21.51 -46.19 -7.07
CA PRO B 500 22.15 -47.37 -7.64
C PRO B 500 22.06 -47.38 -9.16
N GLN B 501 23.12 -47.83 -9.83
CA GLN B 501 23.07 -48.01 -11.27
C GLN B 501 22.51 -49.38 -11.59
N LYS B 502 21.70 -49.45 -12.65
CA LYS B 502 21.02 -50.70 -13.02
C LYS B 502 22.00 -51.84 -13.24
N SER B 503 21.74 -52.97 -12.58
CA SER B 503 22.55 -54.16 -12.74
C SER B 503 22.38 -54.72 -14.16
N LYS B 504 23.39 -55.41 -14.64
CA LYS B 504 23.35 -56.03 -15.96
C LYS B 504 22.20 -57.02 -16.06
N PRO B 505 21.42 -56.92 -17.13
CA PRO B 505 20.22 -57.75 -17.35
C PRO B 505 20.51 -59.26 -17.32
N GLY B 506 21.56 -59.69 -18.01
CA GLY B 506 21.90 -61.09 -18.05
C GLY B 506 20.90 -61.90 -18.85
N VAL B 507 20.84 -63.20 -18.57
CA VAL B 507 19.99 -64.12 -19.32
C VAL B 507 18.53 -64.07 -18.86
N PHE B 508 18.29 -63.68 -17.62
CA PHE B 508 16.93 -63.68 -17.09
C PHE B 508 16.13 -62.39 -17.25
N SER B 509 16.77 -61.28 -17.59
CA SER B 509 16.05 -60.02 -17.78
C SER B 509 15.45 -59.81 -19.18
N PHE B 510 16.13 -60.30 -20.22
CA PHE B 510 15.57 -60.17 -21.57
C PHE B 510 14.34 -61.05 -21.66
N LEU B 511 14.26 -62.00 -20.74
CA LEU B 511 13.11 -62.89 -20.69
C LEU B 511 11.90 -62.13 -20.17
N ASP B 512 12.14 -61.17 -19.27
CA ASP B 512 11.06 -60.42 -18.60
C ASP B 512 9.95 -59.88 -19.52
N PRO B 513 10.28 -59.38 -20.72
CA PRO B 513 9.19 -58.98 -21.62
C PRO B 513 8.29 -60.15 -22.05
N LEU B 514 8.73 -61.37 -21.78
CA LEU B 514 7.92 -62.56 -22.03
C LEU B 514 8.07 -63.35 -20.73
N ALA B 515 7.02 -63.41 -19.93
CA ALA B 515 7.17 -63.88 -18.55
C ALA B 515 7.55 -65.34 -18.40
N TYR B 516 8.14 -65.67 -17.26
CA TYR B 516 8.56 -67.04 -16.99
C TYR B 516 7.30 -67.89 -17.03
N GLU B 517 6.20 -67.32 -16.55
CA GLU B 517 4.90 -67.97 -16.61
C GLU B 517 4.54 -68.14 -18.08
N ILE B 518 4.80 -67.09 -18.85
CA ILE B 518 4.53 -67.12 -20.29
C ILE B 518 5.54 -68.03 -21.01
N TRP B 519 6.77 -68.15 -20.51
CA TRP B 519 7.67 -69.12 -21.16
C TRP B 519 7.16 -70.53 -20.93
N MET B 520 6.77 -70.84 -19.70
CA MET B 520 6.27 -72.17 -19.41
C MET B 520 5.01 -72.46 -20.21
N ALA B 521 4.14 -71.46 -20.31
CA ALA B 521 2.89 -71.61 -21.05
C ALA B 521 3.06 -71.66 -22.58
N ILE B 522 4.01 -70.89 -23.10
CA ILE B 522 4.31 -70.91 -24.53
C ILE B 522 4.98 -72.21 -24.90
N VAL B 523 5.65 -72.83 -23.93
CA VAL B 523 6.24 -74.15 -24.14
C VAL B 523 5.15 -75.22 -24.09
N PHE B 524 4.21 -75.05 -23.15
CA PHE B 524 3.08 -75.97 -23.07
C PHE B 524 2.23 -75.93 -24.34
N ALA B 525 2.11 -74.74 -24.93
CA ALA B 525 1.39 -74.58 -26.19
C ALA B 525 2.24 -75.02 -27.36
N TYR B 526 3.56 -74.93 -27.18
CA TYR B 526 4.52 -75.35 -28.19
C TYR B 526 4.40 -76.87 -28.39
N ILE B 527 4.45 -77.60 -27.28
CA ILE B 527 4.29 -79.04 -27.29
C ILE B 527 2.82 -79.43 -27.41
N GLY B 528 1.93 -78.47 -27.21
CA GLY B 528 0.51 -78.73 -27.34
C GLY B 528 0.01 -78.61 -28.77
N VAL B 529 0.74 -77.86 -29.59
CA VAL B 529 0.44 -77.77 -31.01
C VAL B 529 1.14 -78.90 -31.76
N SER B 530 2.38 -79.17 -31.37
CA SER B 530 3.16 -80.22 -32.02
C SER B 530 2.61 -81.62 -31.74
N VAL B 531 1.75 -81.73 -30.73
CA VAL B 531 1.11 -83.01 -30.42
C VAL B 531 -0.18 -83.20 -31.25
N VAL B 532 -0.81 -82.09 -31.64
CA VAL B 532 -2.01 -82.13 -32.45
C VAL B 532 -1.67 -82.37 -33.92
N LEU B 533 -0.66 -81.65 -34.40
CA LEU B 533 -0.16 -81.80 -35.75
C LEU B 533 0.39 -83.21 -35.89
N PHE B 534 0.79 -83.78 -34.76
CA PHE B 534 1.23 -85.16 -34.70
C PHE B 534 0.04 -86.10 -34.89
N LEU B 535 -1.14 -85.65 -34.47
CA LEU B 535 -2.33 -86.46 -34.62
C LEU B 535 -2.96 -86.24 -35.98
N VAL B 536 -2.48 -85.26 -36.73
CA VAL B 536 -3.05 -85.03 -38.06
C VAL B 536 -2.54 -86.06 -39.07
N SER B 537 -1.23 -86.28 -39.10
CA SER B 537 -0.66 -87.24 -40.06
C SER B 537 -1.06 -88.67 -39.75
N PRO B 586 2.40 -82.20 -49.33
CA PRO B 586 1.10 -81.68 -49.76
C PRO B 586 0.55 -80.62 -48.82
N ARG B 587 -0.73 -80.30 -48.97
CA ARG B 587 -1.36 -79.28 -48.13
C ARG B 587 -2.60 -79.84 -47.43
N SER B 588 -2.57 -79.79 -46.09
CA SER B 588 -3.70 -80.25 -45.29
C SER B 588 -4.41 -79.05 -44.66
N LEU B 589 -5.74 -79.08 -44.69
CA LEU B 589 -6.54 -77.96 -44.20
C LEU B 589 -6.43 -77.78 -42.69
N SER B 590 -6.50 -78.88 -41.95
CA SER B 590 -6.41 -78.84 -40.49
C SER B 590 -5.06 -78.28 -40.05
N ALA B 591 -3.99 -78.85 -40.58
CA ALA B 591 -2.65 -78.40 -40.24
C ALA B 591 -2.44 -76.96 -40.68
N ARG B 592 -3.11 -76.57 -41.78
CA ARG B 592 -3.02 -75.21 -42.27
C ARG B 592 -3.63 -74.21 -41.29
N ILE B 593 -4.85 -74.48 -40.84
CA ILE B 593 -5.53 -73.57 -39.91
C ILE B 593 -4.89 -73.60 -38.52
N VAL B 594 -4.36 -74.75 -38.11
CA VAL B 594 -3.63 -74.86 -36.86
C VAL B 594 -2.38 -74.00 -36.92
N ALA B 595 -1.63 -74.14 -38.01
CA ALA B 595 -0.43 -73.35 -38.26
C ALA B 595 -0.78 -71.86 -38.30
N GLY B 596 -1.96 -71.55 -38.83
CA GLY B 596 -2.44 -70.18 -38.90
C GLY B 596 -2.70 -69.59 -37.53
N VAL B 597 -3.45 -70.31 -36.71
CA VAL B 597 -3.78 -69.87 -35.35
C VAL B 597 -2.51 -69.74 -34.52
N TRP B 598 -1.58 -70.68 -34.71
CA TRP B 598 -0.29 -70.63 -34.03
C TRP B 598 0.53 -69.43 -34.51
N TRP B 599 0.42 -69.11 -35.80
CA TRP B 599 1.12 -67.97 -36.39
C TRP B 599 0.61 -66.67 -35.75
N PHE B 600 -0.71 -66.54 -35.71
CA PHE B 600 -1.35 -65.39 -35.08
C PHE B 600 -0.94 -65.32 -33.61
N PHE B 601 -0.85 -66.49 -33.00
CA PHE B 601 -0.41 -66.61 -31.61
C PHE B 601 0.97 -66.04 -31.36
N THR B 602 1.96 -66.56 -32.07
CA THR B 602 3.34 -66.10 -31.90
C THR B 602 3.44 -64.64 -32.32
N LEU B 603 2.55 -64.22 -33.20
CA LEU B 603 2.46 -62.81 -33.60
C LEU B 603 2.10 -61.93 -32.41
N ILE B 604 1.03 -62.32 -31.71
CA ILE B 604 0.58 -61.61 -30.52
C ILE B 604 1.70 -61.60 -29.48
N ILE B 605 2.35 -62.76 -29.35
CA ILE B 605 3.45 -62.96 -28.41
C ILE B 605 4.60 -61.99 -28.65
N ILE B 606 5.12 -61.99 -29.88
CA ILE B 606 6.27 -61.16 -30.24
C ILE B 606 5.94 -59.67 -30.28
N SER B 607 4.71 -59.33 -30.64
CA SER B 607 4.29 -57.93 -30.63
C SER B 607 4.27 -57.45 -29.19
N SER B 608 3.81 -58.34 -28.30
CA SER B 608 3.79 -58.04 -26.87
C SER B 608 5.21 -57.89 -26.34
N TYR B 609 6.12 -58.71 -26.86
CA TYR B 609 7.51 -58.68 -26.43
C TYR B 609 8.14 -57.34 -26.84
N THR B 610 7.95 -56.96 -28.10
CA THR B 610 8.48 -55.70 -28.62
C THR B 610 7.91 -54.52 -27.85
N ALA B 611 6.63 -54.64 -27.52
CA ALA B 611 5.93 -53.58 -26.80
C ALA B 611 6.47 -53.40 -25.40
N ASN B 612 6.63 -54.51 -24.71
CA ASN B 612 7.06 -54.50 -23.33
C ASN B 612 8.52 -54.05 -23.23
N LEU B 613 9.34 -54.47 -24.18
CA LEU B 613 10.75 -54.08 -24.20
C LEU B 613 10.90 -52.59 -24.54
N ALA B 614 10.03 -52.12 -25.43
CA ALA B 614 10.04 -50.71 -25.82
C ALA B 614 9.64 -49.87 -24.61
N ALA B 615 8.74 -50.42 -23.81
CA ALA B 615 8.28 -49.76 -22.60
C ALA B 615 9.41 -49.69 -21.56
N PHE B 616 10.06 -50.83 -21.34
CA PHE B 616 11.18 -50.94 -20.42
C PHE B 616 12.30 -49.97 -20.77
N LEU B 617 12.57 -49.80 -22.06
CA LEU B 617 13.63 -48.90 -22.48
C LEU B 617 13.20 -47.43 -22.46
N THR B 618 11.92 -47.18 -22.71
CA THR B 618 11.41 -45.82 -22.73
C THR B 618 11.38 -45.20 -21.34
N VAL B 619 10.73 -45.90 -20.39
CA VAL B 619 10.62 -45.38 -19.03
C VAL B 619 11.88 -45.62 -18.22
N GLU B 620 12.45 -46.81 -18.38
CA GLU B 620 13.68 -47.22 -17.67
C GLU B 620 13.51 -47.13 -16.16
N ARG B 621 12.37 -47.63 -15.67
CA ARG B 621 12.10 -47.67 -14.23
C ARG B 621 12.97 -48.71 -13.56
N MET B 622 13.65 -48.31 -12.49
CA MET B 622 14.51 -49.22 -11.74
C MET B 622 13.90 -49.55 -10.39
N VAL B 623 13.98 -50.83 -10.00
CA VAL B 623 13.46 -51.27 -8.70
C VAL B 623 14.28 -50.65 -7.57
N SER B 624 13.60 -50.26 -6.50
CA SER B 624 14.26 -49.61 -5.37
C SER B 624 15.18 -50.56 -4.61
N PRO B 625 16.44 -50.15 -4.41
CA PRO B 625 17.43 -50.99 -3.72
C PRO B 625 17.02 -51.31 -2.28
N ILE B 626 16.64 -50.27 -1.54
CA ILE B 626 15.96 -50.43 -0.27
C ILE B 626 14.65 -49.68 -0.37
N GLU B 627 13.55 -50.41 -0.44
CA GLU B 627 12.24 -49.80 -0.66
C GLU B 627 11.51 -49.59 0.67
N SER B 628 11.16 -50.69 1.31
CA SER B 628 10.53 -50.63 2.62
C SER B 628 11.56 -50.21 3.67
N ALA B 629 11.07 -49.76 4.81
CA ALA B 629 11.96 -49.42 5.91
C ALA B 629 12.33 -50.69 6.65
N GLU B 630 11.59 -51.75 6.35
CA GLU B 630 11.86 -53.07 6.91
C GLU B 630 13.02 -53.76 6.20
N ASP B 631 13.39 -53.25 5.03
CA ASP B 631 14.49 -53.84 4.28
C ASP B 631 15.85 -53.55 4.90
N LEU B 632 15.96 -52.48 5.69
CA LEU B 632 17.20 -52.19 6.37
C LEU B 632 17.41 -53.06 7.61
N SER B 633 16.31 -53.34 8.31
CA SER B 633 16.35 -54.17 9.51
C SER B 633 16.56 -55.66 9.24
N LYS B 634 16.05 -56.12 8.10
CA LYS B 634 16.13 -57.54 7.76
C LYS B 634 17.49 -57.94 7.17
N GLN B 635 18.29 -56.94 6.77
CA GLN B 635 19.63 -57.16 6.23
C GLN B 635 20.75 -56.47 7.01
N THR B 636 21.88 -57.16 7.17
CA THR B 636 23.03 -56.58 7.85
C THR B 636 24.14 -56.08 6.89
N GLU B 637 23.93 -56.27 5.60
CA GLU B 637 24.92 -55.89 4.58
C GLU B 637 25.01 -54.40 4.31
N ILE B 638 23.86 -53.72 4.31
CA ILE B 638 23.84 -52.28 4.09
C ILE B 638 23.71 -51.59 5.43
N ALA B 639 24.73 -50.82 5.81
CA ALA B 639 24.74 -50.12 7.08
C ALA B 639 23.79 -48.95 7.02
N TYR B 640 23.21 -48.58 8.16
CA TYR B 640 22.33 -47.44 8.22
C TYR B 640 22.41 -46.78 9.58
N GLY B 641 22.42 -45.44 9.61
CA GLY B 641 22.55 -44.74 10.87
C GLY B 641 21.98 -43.34 10.92
N THR B 642 21.99 -42.74 12.10
CA THR B 642 21.48 -41.39 12.30
C THR B 642 22.56 -40.46 12.85
N LEU B 643 22.17 -39.25 13.21
CA LEU B 643 23.10 -38.30 13.81
C LEU B 643 23.46 -38.73 15.22
N ASP B 644 24.58 -38.23 15.73
CA ASP B 644 25.04 -38.61 17.06
C ASP B 644 24.16 -38.00 18.15
N SER B 645 23.39 -36.99 17.78
CA SER B 645 22.44 -36.37 18.70
C SER B 645 21.31 -35.70 17.92
N GLY B 646 20.11 -35.71 18.51
CA GLY B 646 18.96 -35.07 17.89
C GLY B 646 17.68 -35.86 18.12
N SER B 647 16.60 -35.39 17.52
CA SER B 647 15.28 -36.00 17.70
C SER B 647 15.14 -37.35 17.00
N THR B 648 15.93 -37.56 15.94
CA THR B 648 15.88 -38.80 15.19
C THR B 648 16.46 -39.97 16.00
N LYS B 649 17.64 -39.73 16.56
CA LYS B 649 18.31 -40.71 17.40
C LYS B 649 17.46 -41.02 18.63
N GLU B 650 16.85 -39.99 19.18
CA GLU B 650 15.98 -40.17 20.34
C GLU B 650 14.68 -40.88 19.94
N PHE B 651 14.31 -40.76 18.67
CA PHE B 651 13.15 -41.47 18.16
C PHE B 651 13.43 -42.96 18.12
N PHE B 652 14.66 -43.32 17.74
CA PHE B 652 15.03 -44.74 17.71
C PHE B 652 15.31 -45.26 19.12
N ARG B 653 15.79 -44.38 20.00
CA ARG B 653 16.06 -44.72 21.39
C ARG B 653 14.79 -45.06 22.15
N ARG B 654 13.78 -44.22 22.00
CA ARG B 654 12.53 -44.36 22.73
C ARG B 654 11.46 -45.20 22.02
N SER B 655 11.83 -45.89 20.94
CA SER B 655 10.86 -46.62 20.12
C SER B 655 10.56 -48.04 20.57
N LYS B 656 9.27 -48.36 20.61
CA LYS B 656 8.80 -49.69 21.00
C LYS B 656 8.37 -50.52 19.80
N ILE B 657 8.48 -49.93 18.61
CA ILE B 657 8.11 -50.62 17.38
C ILE B 657 9.10 -51.73 17.08
N ALA B 658 8.59 -52.83 16.51
CA ALA B 658 9.41 -54.00 16.22
C ALA B 658 10.55 -53.71 15.24
N VAL B 659 10.21 -53.08 14.12
CA VAL B 659 11.20 -52.75 13.11
C VAL B 659 12.17 -51.69 13.63
N PHE B 660 11.62 -50.60 14.16
CA PHE B 660 12.43 -49.48 14.62
C PHE B 660 13.25 -49.84 15.86
N ASP B 661 12.71 -50.74 16.67
CA ASP B 661 13.41 -51.18 17.87
C ASP B 661 14.55 -52.10 17.46
N LYS B 662 14.29 -52.94 16.46
CA LYS B 662 15.33 -53.81 15.93
C LYS B 662 16.46 -52.97 15.31
N MET B 663 16.07 -51.93 14.58
CA MET B 663 17.02 -51.02 13.97
C MET B 663 17.87 -50.29 14.99
N TRP B 664 17.25 -49.84 16.08
CA TRP B 664 18.01 -49.19 17.14
C TRP B 664 18.96 -50.18 17.81
N THR B 665 18.48 -51.42 17.97
CA THR B 665 19.28 -52.49 18.56
C THR B 665 20.52 -52.76 17.71
N TYR B 666 20.37 -52.63 16.39
CA TYR B 666 21.49 -52.81 15.49
C TYR B 666 22.44 -51.61 15.56
N MET B 667 21.88 -50.41 15.47
CA MET B 667 22.68 -49.18 15.42
C MET B 667 23.51 -48.97 16.67
N ARG B 668 23.00 -49.39 17.82
CA ARG B 668 23.73 -49.20 19.07
C ARG B 668 24.87 -50.21 19.16
N SER B 669 24.73 -51.36 18.51
CA SER B 669 25.74 -52.39 18.57
C SER B 669 26.68 -52.45 17.38
N ALA B 670 26.59 -51.46 16.50
CA ALA B 670 27.38 -51.48 15.26
C ALA B 670 28.79 -50.94 15.43
N GLU B 671 29.77 -51.73 15.01
CA GLU B 671 31.17 -51.31 14.96
C GLU B 671 31.64 -51.49 13.52
N PRO B 672 32.33 -50.49 12.95
CA PRO B 672 32.76 -49.20 13.50
C PRO B 672 31.60 -48.24 13.67
N SER B 673 31.83 -47.05 14.22
CA SER B 673 30.73 -46.14 14.53
C SER B 673 29.87 -45.77 13.34
N VAL B 674 28.56 -45.92 13.51
CA VAL B 674 27.60 -45.65 12.46
C VAL B 674 26.99 -44.25 12.58
N PHE B 675 27.18 -43.63 13.74
CA PHE B 675 26.63 -42.30 14.00
C PHE B 675 27.54 -41.20 13.47
N VAL B 676 26.96 -40.09 13.02
CA VAL B 676 27.76 -38.97 12.56
C VAL B 676 27.50 -37.71 13.39
N ARG B 677 28.42 -36.75 13.32
CA ARG B 677 28.32 -35.54 14.11
C ARG B 677 27.44 -34.49 13.45
N THR B 678 27.61 -34.32 12.15
CA THR B 678 26.86 -33.33 11.40
C THR B 678 26.14 -33.94 10.21
N THR B 679 25.23 -33.18 9.60
CA THR B 679 24.49 -33.65 8.43
C THR B 679 25.43 -33.78 7.24
N ALA B 680 26.31 -32.80 7.08
CA ALA B 680 27.29 -32.80 6.01
C ALA B 680 28.21 -34.02 6.11
N GLU B 681 28.49 -34.43 7.34
CA GLU B 681 29.33 -35.62 7.57
C GLU B 681 28.60 -36.88 7.15
N GLY B 682 27.31 -36.95 7.45
CA GLY B 682 26.49 -38.09 7.07
C GLY B 682 26.37 -38.21 5.57
N VAL B 683 26.09 -37.09 4.91
CA VAL B 683 26.00 -37.05 3.45
C VAL B 683 27.33 -37.43 2.81
N ALA B 684 28.43 -36.89 3.34
CA ALA B 684 29.75 -37.21 2.83
C ALA B 684 30.07 -38.68 3.04
N ARG B 685 29.49 -39.27 4.08
CA ARG B 685 29.70 -40.68 4.39
C ARG B 685 28.91 -41.56 3.43
N VAL B 686 27.76 -41.05 2.98
CA VAL B 686 26.95 -41.75 1.99
C VAL B 686 27.65 -41.72 0.64
N ARG B 687 28.17 -40.57 0.26
CA ARG B 687 28.80 -40.41 -1.04
C ARG B 687 30.19 -41.06 -1.10
N LYS B 688 30.88 -41.11 0.04
CA LYS B 688 32.21 -41.72 0.09
C LYS B 688 32.13 -43.17 0.57
N SER B 689 30.94 -43.62 0.92
CA SER B 689 30.72 -44.99 1.38
C SER B 689 30.60 -45.97 0.23
N LYS B 690 30.41 -45.44 -0.97
CA LYS B 690 30.25 -46.27 -2.16
C LYS B 690 28.93 -47.04 -2.13
N GLY B 691 27.94 -46.46 -1.46
CA GLY B 691 26.62 -47.06 -1.37
C GLY B 691 26.49 -48.09 -0.27
N LYS B 692 27.47 -48.14 0.63
CA LYS B 692 27.44 -49.07 1.75
C LYS B 692 26.77 -48.47 2.98
N TYR B 693 26.64 -47.14 2.99
CA TYR B 693 26.04 -46.46 4.12
C TYR B 693 24.73 -45.75 3.76
N ALA B 694 23.73 -45.95 4.59
CA ALA B 694 22.43 -45.31 4.44
C ALA B 694 22.22 -44.32 5.57
N TYR B 695 21.79 -43.12 5.20
CA TYR B 695 21.64 -42.05 6.18
C TYR B 695 20.18 -41.79 6.52
N LEU B 696 19.82 -42.01 7.77
CA LEU B 696 18.46 -41.76 8.23
C LEU B 696 18.38 -40.31 8.67
N LEU B 697 17.64 -39.51 7.92
CA LEU B 697 17.55 -38.08 8.20
C LEU B 697 16.14 -37.59 7.98
N GLU B 698 15.81 -36.44 8.56
CA GLU B 698 14.48 -35.86 8.38
C GLU B 698 14.27 -35.49 6.92
N SER B 699 13.02 -35.56 6.48
CA SER B 699 12.69 -35.41 5.07
C SER B 699 13.11 -34.06 4.49
N THR B 700 13.10 -33.01 5.30
CA THR B 700 13.43 -31.67 4.82
C THR B 700 14.87 -31.53 4.29
N MET B 701 15.85 -31.85 5.15
CA MET B 701 17.24 -31.79 4.72
C MET B 701 17.53 -32.80 3.63
N ASN B 702 16.82 -33.93 3.64
CA ASN B 702 17.00 -34.95 2.63
C ASN B 702 16.53 -34.44 1.26
N GLU B 703 15.42 -33.70 1.28
CA GLU B 703 14.88 -33.09 0.07
C GLU B 703 15.80 -31.98 -0.41
N TYR B 704 16.48 -31.33 0.53
CA TYR B 704 17.42 -30.28 0.17
C TYR B 704 18.69 -30.83 -0.49
N ILE B 705 19.32 -31.80 0.16
CA ILE B 705 20.53 -32.41 -0.34
C ILE B 705 20.26 -33.16 -1.65
N GLU B 706 19.02 -33.61 -1.82
CA GLU B 706 18.64 -34.27 -3.07
C GLU B 706 18.68 -33.28 -4.23
N GLN B 707 18.68 -31.99 -3.89
CA GLN B 707 18.73 -30.92 -4.87
C GLN B 707 20.12 -30.31 -5.01
N ARG B 708 21.12 -30.97 -4.45
CA ARG B 708 22.48 -30.43 -4.45
C ARG B 708 23.44 -31.30 -5.24
N LYS B 709 24.35 -30.65 -5.97
CA LYS B 709 25.34 -31.36 -6.77
C LYS B 709 26.29 -32.19 -5.91
N PRO B 710 26.82 -33.30 -6.46
CA PRO B 710 26.50 -33.78 -7.82
C PRO B 710 25.25 -34.64 -7.92
N CYS B 711 24.22 -34.36 -7.11
CA CYS B 711 22.92 -35.01 -7.23
C CYS B 711 22.99 -36.55 -7.28
N ASP B 712 23.86 -37.14 -6.46
CA ASP B 712 23.99 -38.60 -6.43
C ASP B 712 23.23 -39.25 -5.28
N THR B 713 22.43 -38.46 -4.57
CA THR B 713 21.67 -38.96 -3.43
C THR B 713 20.17 -38.81 -3.63
N MET B 714 19.39 -39.62 -2.91
CA MET B 714 17.94 -39.58 -3.03
C MET B 714 17.23 -40.12 -1.80
N LYS B 715 15.95 -39.73 -1.65
CA LYS B 715 15.08 -40.24 -0.59
C LYS B 715 14.26 -41.43 -1.06
N VAL B 716 14.27 -42.51 -0.29
CA VAL B 716 13.50 -43.70 -0.66
C VAL B 716 12.40 -44.02 0.35
N GLY B 717 11.23 -44.40 -0.15
CA GLY B 717 10.11 -44.75 0.70
C GLY B 717 9.46 -43.55 1.37
N GLY B 718 8.31 -43.79 2.00
CA GLY B 718 7.60 -42.75 2.72
C GLY B 718 8.24 -42.49 4.07
N ASN B 719 7.82 -41.40 4.71
CA ASN B 719 8.36 -41.02 6.01
C ASN B 719 8.01 -42.00 7.12
N LEU B 720 8.95 -42.20 8.04
CA LEU B 720 8.78 -43.13 9.15
C LEU B 720 7.78 -42.61 10.18
N ASP B 721 7.60 -41.30 10.23
CA ASP B 721 6.67 -40.69 11.17
C ASP B 721 6.16 -39.34 10.70
N SER B 722 5.28 -38.73 11.49
CA SER B 722 4.76 -37.41 11.15
C SER B 722 5.04 -36.40 12.26
N LYS B 723 5.99 -35.50 12.00
CA LYS B 723 6.34 -34.45 12.94
C LYS B 723 6.32 -33.10 12.26
N GLY B 724 6.80 -32.08 12.95
CA GLY B 724 6.85 -30.74 12.40
C GLY B 724 7.78 -29.81 13.17
N TYR B 725 8.21 -28.75 12.48
CA TYR B 725 9.05 -27.72 13.09
C TYR B 725 8.17 -26.60 13.62
N GLY B 726 8.57 -26.00 14.74
CA GLY B 726 7.77 -24.95 15.33
C GLY B 726 8.60 -23.86 15.96
N ILE B 727 8.02 -22.67 16.04
CA ILE B 727 8.68 -21.53 16.66
C ILE B 727 8.59 -21.63 18.17
N ALA B 728 9.74 -21.72 18.83
CA ALA B 728 9.79 -21.93 20.27
C ALA B 728 9.84 -20.63 21.05
N THR B 729 9.12 -20.58 22.17
CA THR B 729 9.14 -19.45 23.08
C THR B 729 9.24 -19.97 24.51
N PRO B 730 9.85 -19.20 25.42
CA PRO B 730 9.93 -19.61 26.81
C PRO B 730 8.55 -19.77 27.43
N LYS B 731 8.41 -20.70 28.38
CA LYS B 731 7.11 -20.98 28.98
C LYS B 731 6.54 -19.75 29.69
N GLY B 732 5.37 -19.31 29.23
CA GLY B 732 4.69 -18.17 29.83
C GLY B 732 5.16 -16.86 29.23
N SER B 733 5.62 -16.91 27.99
CA SER B 733 6.11 -15.71 27.30
C SER B 733 4.95 -14.92 26.71
N SER B 734 5.17 -13.62 26.53
CA SER B 734 4.16 -12.75 25.94
C SER B 734 4.10 -12.96 24.42
N LEU B 735 5.17 -13.51 23.86
CA LEU B 735 5.28 -13.76 22.42
C LEU B 735 4.62 -15.04 21.92
N GLY B 736 4.19 -15.91 22.84
CA GLY B 736 3.59 -17.19 22.45
C GLY B 736 2.31 -17.05 21.65
N THR B 737 1.37 -16.26 22.17
CA THR B 737 0.11 -16.04 21.47
C THR B 737 0.29 -15.38 20.09
N PRO B 738 1.06 -14.27 20.01
CA PRO B 738 1.24 -13.77 18.63
C PRO B 738 2.01 -14.71 17.71
N VAL B 739 3.06 -15.40 18.15
CA VAL B 739 3.73 -16.29 17.20
C VAL B 739 2.81 -17.41 16.74
N ASN B 740 1.97 -17.91 17.65
CA ASN B 740 1.01 -18.95 17.28
C ASN B 740 0.03 -18.47 16.21
N LEU B 741 -0.55 -17.28 16.42
CA LEU B 741 -1.47 -16.74 15.41
C LEU B 741 -0.76 -16.39 14.09
N ALA B 742 0.49 -15.96 14.20
CA ALA B 742 1.29 -15.57 13.06
C ALA B 742 1.61 -16.76 12.14
N VAL B 743 2.00 -17.88 12.75
CA VAL B 743 2.32 -19.08 11.95
C VAL B 743 1.10 -19.53 11.14
N LEU B 744 -0.06 -19.59 11.79
CA LEU B 744 -1.29 -19.98 11.11
C LEU B 744 -1.66 -19.00 10.00
N LYS B 745 -1.47 -17.71 10.26
CA LYS B 745 -1.78 -16.70 9.26
C LYS B 745 -0.91 -16.88 8.03
N LEU B 746 0.39 -17.05 8.24
CA LEU B 746 1.32 -17.24 7.12
C LEU B 746 1.09 -18.54 6.37
N SER B 747 0.66 -19.57 7.09
CA SER B 747 0.45 -20.89 6.49
C SER B 747 -0.80 -20.92 5.61
N GLU B 748 -1.87 -20.31 6.11
CA GLU B 748 -3.14 -20.33 5.37
C GLU B 748 -3.10 -19.48 4.10
N GLN B 749 -2.30 -18.42 4.11
CA GLN B 749 -2.16 -17.57 2.92
C GLN B 749 -1.11 -18.13 1.97
N GLY B 750 -0.55 -19.29 2.33
CA GLY B 750 0.35 -20.03 1.46
C GLY B 750 1.74 -19.45 1.29
N VAL B 751 2.17 -18.64 2.25
CA VAL B 751 3.51 -18.05 2.20
C VAL B 751 4.58 -19.06 2.60
N LEU B 752 4.24 -19.98 3.49
CA LEU B 752 5.20 -20.98 3.96
C LEU B 752 5.59 -21.92 2.82
N ASP B 753 4.61 -22.29 2.00
CA ASP B 753 4.84 -23.19 0.89
C ASP B 753 5.68 -22.48 -0.19
N LYS B 754 5.39 -21.19 -0.38
CA LYS B 754 6.11 -20.37 -1.34
C LYS B 754 7.57 -20.15 -0.94
N LEU B 755 7.79 -19.94 0.35
CA LEU B 755 9.13 -19.72 0.88
C LEU B 755 9.93 -21.01 0.80
N LYS B 756 9.24 -22.12 1.09
CA LYS B 756 9.90 -23.43 1.03
C LYS B 756 10.31 -23.70 -0.40
N ASN B 757 9.42 -23.45 -1.34
CA ASN B 757 9.76 -23.57 -2.74
C ASN B 757 10.92 -22.64 -3.09
N LYS B 758 10.97 -21.49 -2.43
CA LYS B 758 12.05 -20.53 -2.69
C LYS B 758 13.41 -21.10 -2.30
N TRP B 759 13.53 -21.70 -1.13
CA TRP B 759 14.84 -22.16 -0.69
C TRP B 759 15.14 -23.62 -1.02
N TRP B 760 14.16 -24.36 -1.52
CA TRP B 760 14.38 -25.77 -1.81
C TRP B 760 14.38 -26.09 -3.30
N TYR B 761 13.24 -25.90 -3.96
CA TYR B 761 13.07 -26.35 -5.34
C TYR B 761 13.37 -25.30 -6.41
N ASP B 762 13.34 -24.03 -6.04
CA ASP B 762 13.59 -22.95 -6.99
C ASP B 762 15.08 -22.84 -7.35
N LYS B 763 15.92 -22.86 -6.32
CA LYS B 763 17.36 -22.79 -6.51
C LYS B 763 17.94 -24.18 -6.65
N GLY B 764 17.06 -25.18 -6.62
CA GLY B 764 17.45 -26.57 -6.73
C GLY B 764 18.10 -26.89 -8.06
N GLU B 765 19.23 -27.58 -7.99
CA GLU B 765 20.02 -27.89 -9.19
C GLU B 765 19.32 -28.93 -10.05
N CYS B 766 18.90 -30.03 -9.45
CA CYS B 766 18.10 -31.00 -10.17
C CYS B 766 16.65 -30.79 -9.77
N GLY B 767 15.88 -30.18 -10.67
CA GLY B 767 14.46 -29.97 -10.45
C GLY B 767 13.66 -30.89 -11.33
N ALA B 768 12.35 -30.99 -11.05
CA ALA B 768 11.44 -31.77 -11.88
C ALA B 768 11.91 -33.21 -12.08
N LYS B 769 12.65 -33.74 -11.11
CA LYS B 769 13.21 -35.09 -11.16
C LYS B 769 13.97 -35.35 -12.46
N LYS B 776 24.23 -41.95 -26.19
CA LYS B 776 23.11 -41.30 -25.55
C LYS B 776 21.91 -42.25 -25.41
N THR B 777 21.03 -41.94 -24.45
CA THR B 777 19.83 -42.72 -24.18
C THR B 777 20.13 -44.17 -23.79
N SER B 778 21.36 -44.41 -23.32
CA SER B 778 21.76 -45.69 -22.74
C SER B 778 21.39 -46.92 -23.58
N ALA B 779 21.73 -46.89 -24.86
CA ALA B 779 21.42 -48.01 -25.74
C ALA B 779 22.59 -48.99 -25.87
N LEU B 780 22.37 -50.05 -26.63
CA LEU B 780 23.45 -50.94 -27.07
C LEU B 780 24.20 -51.69 -25.96
N SER B 781 23.47 -52.30 -25.03
CA SER B 781 24.10 -53.13 -24.00
C SER B 781 24.38 -54.53 -24.54
N LEU B 782 25.59 -55.03 -24.30
CA LEU B 782 26.03 -56.29 -24.88
C LEU B 782 25.55 -57.53 -24.13
N SER B 783 25.64 -57.52 -22.80
CA SER B 783 25.39 -58.71 -22.00
C SER B 783 23.91 -59.07 -21.87
N ASN B 784 23.06 -58.27 -22.50
CA ASN B 784 21.61 -58.49 -22.46
C ASN B 784 21.25 -59.51 -23.53
N VAL B 785 21.88 -59.36 -24.69
CA VAL B 785 21.61 -60.19 -25.86
C VAL B 785 22.51 -61.44 -25.79
N ALA B 786 23.48 -61.37 -24.89
CA ALA B 786 24.43 -62.47 -24.70
C ALA B 786 23.70 -63.66 -24.10
N GLY B 787 22.69 -63.39 -23.29
CA GLY B 787 21.89 -64.44 -22.71
C GLY B 787 21.19 -65.21 -23.82
N VAL B 788 20.85 -64.50 -24.89
CA VAL B 788 20.25 -65.13 -26.06
C VAL B 788 21.33 -65.90 -26.84
N PHE B 789 22.55 -65.39 -26.84
CA PHE B 789 23.63 -66.12 -27.50
C PHE B 789 23.99 -67.44 -26.83
N TYR B 790 23.98 -67.48 -25.51
CA TYR B 790 24.30 -68.74 -24.83
C TYR B 790 23.28 -69.82 -25.15
N ILE B 791 22.01 -69.44 -25.23
CA ILE B 791 20.99 -70.42 -25.60
C ILE B 791 21.09 -70.76 -27.09
N LEU B 792 21.62 -69.82 -27.87
CA LEU B 792 21.84 -70.10 -29.29
C LEU B 792 22.95 -71.13 -29.51
N VAL B 793 24.10 -70.90 -28.86
CA VAL B 793 25.24 -71.81 -28.93
C VAL B 793 24.88 -73.15 -28.28
N GLY B 794 24.07 -73.10 -27.24
CA GLY B 794 23.55 -74.29 -26.60
C GLY B 794 22.71 -75.09 -27.58
N GLY B 795 21.89 -74.38 -28.34
CA GLY B 795 21.07 -74.99 -29.37
C GLY B 795 21.92 -75.62 -30.46
N LEU B 796 23.03 -74.96 -30.78
CA LEU B 796 23.93 -75.48 -31.80
C LEU B 796 24.67 -76.72 -31.31
N GLY B 797 25.00 -76.76 -30.03
CA GLY B 797 25.65 -77.91 -29.44
C GLY B 797 24.73 -79.10 -29.35
N LEU B 798 23.48 -78.82 -29.02
CA LEU B 798 22.45 -79.85 -28.97
C LEU B 798 22.23 -80.41 -30.37
N ALA B 799 22.21 -79.51 -31.35
CA ALA B 799 22.04 -79.93 -32.74
C ALA B 799 23.21 -80.80 -33.20
N MET B 800 24.42 -80.42 -32.79
CA MET B 800 25.60 -81.22 -33.10
C MET B 800 25.50 -82.61 -32.47
N LEU B 801 25.02 -82.66 -31.23
CA LEU B 801 24.86 -83.94 -30.53
C LEU B 801 23.84 -84.83 -31.24
N VAL B 802 22.71 -84.24 -31.61
CA VAL B 802 21.67 -84.98 -32.31
C VAL B 802 22.17 -85.46 -33.66
N ALA B 803 23.01 -84.66 -34.30
CA ALA B 803 23.64 -85.05 -35.56
C ALA B 803 24.55 -86.25 -35.35
N LEU B 804 25.32 -86.22 -34.27
CA LEU B 804 26.23 -87.32 -33.95
C LEU B 804 25.51 -88.62 -33.64
N ILE B 805 24.39 -88.55 -32.91
CA ILE B 805 23.65 -89.77 -32.59
C ILE B 805 22.79 -90.24 -33.76
N GLU B 806 22.53 -89.35 -34.70
CA GLU B 806 21.79 -89.68 -35.92
C GLU B 806 22.73 -90.32 -36.96
N PHE B 807 24.00 -89.94 -36.92
CA PHE B 807 24.99 -90.44 -37.87
C PHE B 807 25.28 -91.92 -37.69
N ALA B 808 25.02 -92.45 -36.51
CA ALA B 808 25.24 -93.86 -36.24
C ALA B 808 24.13 -94.71 -36.89
N ASN C 1 -16.20 15.41 79.84
CA ASN C 1 -15.55 15.82 78.60
C ASN C 1 -16.32 15.36 77.38
N SER C 2 -17.40 16.05 77.07
CA SER C 2 -18.26 15.67 75.95
C SER C 2 -17.88 16.37 74.65
N ILE C 3 -17.64 15.58 73.62
CA ILE C 3 -17.36 16.11 72.29
C ILE C 3 -18.52 15.75 71.36
N GLN C 4 -19.32 16.75 71.01
CA GLN C 4 -20.51 16.51 70.20
C GLN C 4 -20.22 16.35 68.71
N ILE C 5 -20.70 15.25 68.15
CA ILE C 5 -20.58 14.98 66.73
C ILE C 5 -21.97 14.69 66.15
N GLY C 6 -22.17 14.96 64.86
CA GLY C 6 -23.45 14.64 64.28
C GLY C 6 -23.43 13.32 63.52
N GLY C 7 -24.45 12.51 63.74
CA GLY C 7 -24.63 11.30 62.95
C GLY C 7 -25.72 11.51 61.93
N LEU C 8 -25.51 11.06 60.70
CA LEU C 8 -26.59 11.05 59.72
C LEU C 8 -26.85 9.62 59.26
N PHE C 9 -27.95 9.04 59.71
CA PHE C 9 -28.29 7.66 59.35
C PHE C 9 -29.48 7.56 58.42
N PRO C 10 -29.34 6.76 57.35
CA PRO C 10 -30.52 6.50 56.54
C PRO C 10 -31.55 5.75 57.38
N ARG C 11 -32.82 5.87 57.03
CA ARG C 11 -33.89 5.26 57.80
C ARG C 11 -33.91 3.74 57.69
N GLY C 12 -33.05 3.20 56.83
CA GLY C 12 -32.95 1.77 56.65
C GLY C 12 -31.74 1.13 57.32
N ALA C 13 -30.82 1.95 57.83
CA ALA C 13 -29.63 1.40 58.47
C ALA C 13 -29.80 1.17 59.97
N ASP C 14 -30.07 -0.08 60.32
CA ASP C 14 -30.21 -0.51 61.71
C ASP C 14 -28.91 -1.10 62.24
N GLN C 15 -28.38 -2.09 61.54
CA GLN C 15 -27.16 -2.79 61.95
C GLN C 15 -25.98 -1.85 61.98
N GLU C 16 -25.98 -0.88 61.07
CA GLU C 16 -24.93 0.14 61.02
C GLU C 16 -24.99 0.98 62.29
N TYR C 17 -26.20 1.30 62.71
CA TYR C 17 -26.42 2.10 63.92
C TYR C 17 -26.09 1.27 65.17
N SER C 18 -26.37 -0.02 65.11
CA SER C 18 -26.03 -0.93 66.19
C SER C 18 -24.52 -0.99 66.38
N ALA C 19 -23.81 -1.13 65.26
CA ALA C 19 -22.35 -1.16 65.29
C ALA C 19 -21.79 0.19 65.68
N PHE C 20 -22.56 1.26 65.42
CA PHE C 20 -22.18 2.59 65.85
C PHE C 20 -22.23 2.68 67.37
N ARG C 21 -23.31 2.16 67.96
CA ARG C 21 -23.47 2.17 69.41
C ARG C 21 -22.43 1.26 70.08
N VAL C 22 -22.20 0.09 69.51
CA VAL C 22 -21.19 -0.84 70.01
C VAL C 22 -19.80 -0.21 69.95
N GLY C 23 -19.50 0.47 68.85
CA GLY C 23 -18.25 1.18 68.71
C GLY C 23 -18.13 2.32 69.71
N MET C 24 -19.26 2.93 70.04
CA MET C 24 -19.28 4.00 71.03
C MET C 24 -18.99 3.49 72.44
N VAL C 25 -19.51 2.31 72.76
CA VAL C 25 -19.27 1.72 74.07
C VAL C 25 -17.84 1.19 74.17
N GLN C 26 -17.37 0.59 73.10
CA GLN C 26 -16.05 -0.04 73.06
C GLN C 26 -14.91 0.98 73.19
N PHE C 27 -15.00 2.06 72.42
CA PHE C 27 -13.91 3.04 72.36
C PHE C 27 -14.12 4.23 73.29
N SER C 28 -15.11 4.13 74.16
CA SER C 28 -15.35 5.17 75.16
C SER C 28 -14.24 5.13 76.21
N THR C 29 -13.89 6.31 76.72
CA THR C 29 -12.78 6.43 77.67
C THR C 29 -13.07 7.48 78.74
N SER C 30 -12.23 7.49 79.77
CA SER C 30 -12.39 8.47 80.85
C SER C 30 -11.81 9.81 80.42
N GLU C 31 -11.06 9.80 79.32
CA GLU C 31 -10.49 11.02 78.76
C GLU C 31 -11.60 11.93 78.26
N PHE C 32 -12.44 11.38 77.37
CA PHE C 32 -13.57 12.13 76.82
C PHE C 32 -14.69 11.20 76.34
N ARG C 33 -15.87 11.77 76.15
CA ARG C 33 -17.03 11.00 75.69
C ARG C 33 -17.68 11.67 74.48
N LEU C 34 -17.73 10.96 73.36
CA LEU C 34 -18.43 11.47 72.18
C LEU C 34 -19.94 11.42 72.40
N THR C 35 -20.60 12.55 72.15
CA THR C 35 -22.05 12.62 72.30
C THR C 35 -22.71 12.91 70.96
N PRO C 36 -23.07 11.85 70.23
CA PRO C 36 -23.65 11.92 68.90
C PRO C 36 -25.12 12.35 68.90
N HIS C 37 -25.50 13.17 67.94
CA HIS C 37 -26.90 13.52 67.72
C HIS C 37 -27.39 12.84 66.45
N ILE C 38 -28.35 11.93 66.60
CA ILE C 38 -28.76 11.09 65.48
C ILE C 38 -29.93 11.66 64.70
N ASP C 39 -29.75 11.74 63.39
CA ASP C 39 -30.82 12.18 62.50
C ASP C 39 -31.12 11.11 61.47
N ASN C 40 -32.30 10.51 61.57
CA ASN C 40 -32.73 9.52 60.59
C ASN C 40 -33.51 10.23 59.50
N LEU C 41 -33.01 10.18 58.27
CA LEU C 41 -33.57 10.96 57.18
C LEU C 41 -33.55 10.17 55.88
N GLU C 42 -34.19 10.73 54.86
CA GLU C 42 -34.10 10.16 53.52
C GLU C 42 -32.76 10.63 52.95
N VAL C 43 -31.86 9.68 52.75
CA VAL C 43 -30.48 10.00 52.39
C VAL C 43 -30.36 10.48 50.93
N ALA C 44 -31.33 10.11 50.11
CA ALA C 44 -31.31 10.48 48.70
C ALA C 44 -31.91 11.85 48.47
N ASN C 45 -32.49 12.42 49.51
CA ASN C 45 -33.13 13.72 49.41
C ASN C 45 -32.17 14.85 49.77
N SER C 46 -31.83 15.66 48.78
CA SER C 46 -30.89 16.77 48.97
C SER C 46 -31.46 17.79 49.94
N PHE C 47 -32.78 17.96 49.92
CA PHE C 47 -33.46 18.87 50.83
C PHE C 47 -33.33 18.40 52.27
N ALA C 48 -33.60 17.13 52.49
CA ALA C 48 -33.50 16.52 53.82
C ALA C 48 -32.06 16.53 54.32
N VAL C 49 -31.13 16.24 53.43
CA VAL C 49 -29.71 16.27 53.75
C VAL C 49 -29.28 17.68 54.13
N THR C 50 -29.78 18.67 53.40
CA THR C 50 -29.50 20.07 53.70
C THR C 50 -30.02 20.45 55.07
N ASN C 51 -31.28 20.09 55.35
CA ASN C 51 -31.88 20.37 56.65
C ASN C 51 -31.11 19.71 57.80
N ALA C 52 -30.72 18.46 57.61
CA ALA C 52 -29.99 17.73 58.63
C ALA C 52 -28.60 18.35 58.87
N PHE C 53 -27.90 18.66 57.78
CA PHE C 53 -26.58 19.27 57.88
C PHE C 53 -26.65 20.63 58.57
N CYS C 54 -27.64 21.43 58.20
CA CYS C 54 -27.82 22.75 58.79
C CYS C 54 -28.21 22.65 60.25
N SER C 55 -28.93 21.59 60.59
CA SER C 55 -29.32 21.34 61.98
C SER C 55 -28.09 20.99 62.81
N GLN C 56 -27.31 20.03 62.34
CA GLN C 56 -26.09 19.61 63.03
C GLN C 56 -25.10 20.75 63.16
N PHE C 57 -25.01 21.57 62.12
CA PHE C 57 -24.11 22.72 62.10
C PHE C 57 -24.58 23.78 63.09
N SER C 58 -25.88 24.03 63.12
CA SER C 58 -26.46 25.01 64.05
C SER C 58 -26.29 24.55 65.49
N ARG C 59 -26.32 23.24 65.70
CA ARG C 59 -26.08 22.64 67.01
C ARG C 59 -24.62 22.83 67.41
N GLY C 60 -23.74 22.97 66.42
CA GLY C 60 -22.33 23.17 66.68
C GLY C 60 -21.51 21.90 66.84
N VAL C 61 -21.73 20.93 65.96
CA VAL C 61 -20.97 19.69 65.99
C VAL C 61 -19.54 19.92 65.48
N TYR C 62 -18.60 19.13 65.97
CA TYR C 62 -17.21 19.26 65.55
C TYR C 62 -16.89 18.42 64.31
N ALA C 63 -17.71 17.41 64.08
CA ALA C 63 -17.56 16.54 62.91
C ALA C 63 -18.89 15.89 62.61
N ILE C 64 -19.10 15.47 61.37
CA ILE C 64 -20.36 14.82 61.01
C ILE C 64 -20.14 13.46 60.37
N PHE C 65 -20.50 12.41 61.11
CA PHE C 65 -20.50 11.07 60.56
C PHE C 65 -21.86 10.81 59.91
N GLY C 66 -21.85 10.08 58.80
CA GLY C 66 -23.09 9.78 58.12
C GLY C 66 -22.90 9.08 56.79
N PHE C 67 -23.99 8.98 56.04
CA PHE C 67 -23.97 8.33 54.73
C PHE C 67 -24.50 9.30 53.69
N TYR C 68 -24.20 9.04 52.42
CA TYR C 68 -24.76 9.84 51.33
C TYR C 68 -25.01 9.01 50.08
N ASP C 69 -25.90 9.49 49.23
CA ASP C 69 -26.20 8.84 47.97
C ASP C 69 -25.51 9.64 46.86
N LYS C 70 -25.60 9.18 45.62
CA LYS C 70 -24.98 9.88 44.52
C LYS C 70 -25.69 11.19 44.22
N LYS C 71 -26.93 11.31 44.70
CA LYS C 71 -27.69 12.53 44.49
C LYS C 71 -27.43 13.59 45.55
N SER C 72 -27.03 13.15 46.74
CA SER C 72 -26.79 14.07 47.85
C SER C 72 -25.32 14.24 48.19
N VAL C 73 -24.44 13.58 47.45
CA VAL C 73 -23.01 13.62 47.75
C VAL C 73 -22.44 15.00 47.49
N ASN C 74 -22.93 15.67 46.45
CA ASN C 74 -22.47 17.00 46.10
C ASN C 74 -22.84 18.03 47.15
N THR C 75 -24.02 17.88 47.75
CA THR C 75 -24.47 18.76 48.82
C THR C 75 -23.54 18.63 50.02
N ILE C 76 -23.23 17.38 50.38
CA ILE C 76 -22.33 17.09 51.47
C ILE C 76 -20.94 17.68 51.22
N THR C 77 -20.35 17.38 50.07
CA THR C 77 -19.02 17.87 49.74
C THR C 77 -18.94 19.39 49.68
N SER C 78 -19.98 20.02 49.14
CA SER C 78 -20.02 21.47 49.01
C SER C 78 -20.15 22.15 50.37
N PHE C 79 -21.15 21.73 51.15
CA PHE C 79 -21.38 22.32 52.46
C PHE C 79 -20.25 22.07 53.44
N CYS C 80 -19.69 20.86 53.40
CA CYS C 80 -18.59 20.50 54.28
C CYS C 80 -17.29 21.18 53.86
N GLY C 81 -17.11 21.35 52.55
CA GLY C 81 -15.92 22.03 52.06
C GLY C 81 -15.99 23.52 52.28
N THR C 82 -17.21 24.05 52.36
CA THR C 82 -17.41 25.48 52.58
C THR C 82 -17.32 25.84 54.05
N LEU C 83 -18.03 25.10 54.89
CA LEU C 83 -18.12 25.40 56.32
C LEU C 83 -17.01 24.71 57.12
N HIS C 84 -16.12 24.02 56.40
CA HIS C 84 -14.99 23.32 57.01
C HIS C 84 -15.41 22.30 58.06
N VAL C 85 -16.55 21.66 57.84
CA VAL C 85 -17.00 20.62 58.75
C VAL C 85 -16.62 19.27 58.19
N SER C 86 -15.74 18.56 58.88
CA SER C 86 -15.23 17.29 58.39
C SER C 86 -16.34 16.23 58.40
N PHE C 87 -16.47 15.55 57.26
CA PHE C 87 -17.50 14.53 57.12
C PHE C 87 -16.87 13.15 57.07
N ILE C 88 -17.40 12.24 57.89
CA ILE C 88 -16.92 10.86 57.94
C ILE C 88 -17.97 9.94 57.35
N THR C 89 -17.58 9.10 56.39
CA THR C 89 -18.57 8.25 55.73
C THR C 89 -18.03 6.88 55.33
N PRO C 90 -18.86 5.85 55.55
CA PRO C 90 -18.70 4.46 55.07
C PRO C 90 -19.11 4.29 53.61
N SER C 91 -19.80 5.28 53.06
CA SER C 91 -20.34 5.18 51.71
C SER C 91 -19.28 5.22 50.62
N PHE C 92 -19.72 5.19 49.37
CA PHE C 92 -18.83 5.15 48.23
C PHE C 92 -17.91 6.35 48.19
N PRO C 93 -16.65 6.16 47.75
CA PRO C 93 -15.68 7.25 47.64
C PRO C 93 -16.15 8.33 46.68
N THR C 94 -15.91 9.58 47.05
CA THR C 94 -16.31 10.72 46.24
C THR C 94 -15.53 10.68 44.93
N ASP C 95 -16.15 11.12 43.85
CA ASP C 95 -15.41 11.12 42.61
C ASP C 95 -14.70 12.46 42.61
N GLY C 96 -13.45 12.46 43.05
CA GLY C 96 -12.66 13.67 43.10
C GLY C 96 -11.77 13.66 44.32
N THR C 97 -11.22 14.83 44.62
CA THR C 97 -10.38 15.08 45.79
C THR C 97 -11.06 15.90 46.90
N HIS C 98 -12.40 15.92 46.93
CA HIS C 98 -13.14 16.81 47.84
C HIS C 98 -12.68 16.76 49.31
N PRO C 99 -12.48 17.95 49.92
CA PRO C 99 -11.98 18.11 51.29
C PRO C 99 -13.05 17.92 52.35
N PHE C 100 -12.60 17.76 53.59
CA PHE C 100 -13.47 17.59 54.76
C PHE C 100 -14.43 16.42 54.59
N VAL C 101 -13.98 15.43 53.84
CA VAL C 101 -14.73 14.21 53.64
C VAL C 101 -13.83 13.01 53.92
N ILE C 102 -14.15 12.28 54.98
CA ILE C 102 -13.36 11.12 55.34
C ILE C 102 -14.07 9.86 54.90
N GLN C 103 -13.59 9.28 53.81
CA GLN C 103 -14.18 8.08 53.27
C GLN C 103 -13.54 6.83 53.88
N MET C 104 -14.34 6.09 54.64
CA MET C 104 -13.87 4.88 55.29
C MET C 104 -13.76 3.73 54.28
N ARG C 105 -14.57 3.80 53.24
CA ARG C 105 -14.60 2.77 52.22
C ARG C 105 -13.43 2.86 51.23
N PRO C 106 -12.65 1.78 51.12
CA PRO C 106 -11.52 1.72 50.19
C PRO C 106 -11.97 1.58 48.74
N ASP C 107 -11.10 1.93 47.80
CA ASP C 107 -11.43 1.81 46.38
C ASP C 107 -11.32 0.36 45.89
N LEU C 108 -12.28 -0.07 45.08
CA LEU C 108 -12.32 -1.45 44.60
C LEU C 108 -11.91 -1.59 43.13
N LYS C 109 -11.76 -0.45 42.45
CA LYS C 109 -11.52 -0.45 41.01
C LYS C 109 -10.29 -1.27 40.58
N GLY C 110 -9.16 -1.00 41.21
CA GLY C 110 -7.92 -1.69 40.90
C GLY C 110 -8.03 -3.19 41.11
N ALA C 111 -8.64 -3.57 42.24
CA ALA C 111 -8.83 -4.97 42.57
C ALA C 111 -9.75 -5.67 41.56
N LEU C 112 -10.79 -4.97 41.12
CA LEU C 112 -11.72 -5.52 40.14
C LEU C 112 -11.02 -5.76 38.81
N LEU C 113 -10.30 -4.74 38.34
CA LEU C 113 -9.56 -4.85 37.08
C LEU C 113 -8.53 -5.97 37.14
N SER C 114 -7.83 -6.05 38.28
CA SER C 114 -6.83 -7.09 38.48
C SER C 114 -7.47 -8.47 38.51
N LEU C 115 -8.71 -8.56 39.01
CA LEU C 115 -9.42 -9.83 39.05
C LEU C 115 -9.89 -10.26 37.66
N ILE C 116 -10.37 -9.31 36.88
CA ILE C 116 -10.79 -9.58 35.52
C ILE C 116 -9.59 -10.02 34.67
N GLU C 117 -8.46 -9.34 34.89
CA GLU C 117 -7.23 -9.66 34.19
C GLU C 117 -6.66 -11.01 34.64
N TYR C 118 -6.94 -11.37 35.90
CA TYR C 118 -6.46 -12.62 36.46
C TYR C 118 -7.14 -13.83 35.81
N TYR C 119 -8.45 -13.74 35.62
CA TYR C 119 -9.22 -14.82 35.02
C TYR C 119 -9.11 -14.81 33.49
N GLN C 120 -8.39 -13.82 32.96
CA GLN C 120 -8.14 -13.70 31.53
C GLN C 120 -9.43 -13.61 30.71
N TRP C 121 -10.35 -12.76 31.13
CA TRP C 121 -11.59 -12.55 30.37
C TRP C 121 -11.43 -11.55 29.23
N ASP C 122 -11.84 -11.92 28.03
CA ASP C 122 -11.86 -10.98 26.93
C ASP C 122 -13.27 -10.52 26.52
N LYS C 123 -14.27 -11.30 26.90
CA LYS C 123 -15.67 -10.98 26.58
C LYS C 123 -16.64 -11.24 27.71
N PHE C 124 -17.36 -10.22 28.15
CA PHE C 124 -18.37 -10.42 29.20
C PHE C 124 -19.48 -9.37 29.25
N ALA C 125 -20.45 -9.62 30.12
CA ALA C 125 -21.55 -8.70 30.33
C ALA C 125 -21.40 -8.04 31.68
N TYR C 126 -21.56 -6.72 31.71
CA TYR C 126 -21.43 -5.97 32.93
C TYR C 126 -22.79 -5.39 33.30
N LEU C 127 -23.39 -5.94 34.34
CA LEU C 127 -24.62 -5.41 34.86
C LEU C 127 -24.24 -4.29 35.81
N TYR C 128 -24.98 -3.19 35.75
CA TYR C 128 -24.63 -2.04 36.58
C TYR C 128 -25.88 -1.43 37.16
N ASP C 129 -25.73 -0.87 38.35
CA ASP C 129 -26.84 -0.22 39.01
C ASP C 129 -26.68 1.27 38.79
N SER C 130 -27.71 1.89 38.21
CA SER C 130 -27.65 3.32 37.96
C SER C 130 -28.07 4.07 39.21
N ASP C 131 -28.67 3.33 40.14
CA ASP C 131 -29.10 3.91 41.40
C ASP C 131 -27.90 4.06 42.32
N ARG C 132 -26.91 3.18 42.14
CA ARG C 132 -25.72 3.20 42.99
C ARG C 132 -24.60 4.04 42.37
N GLY C 133 -24.40 3.85 41.07
CA GLY C 133 -23.46 4.64 40.29
C GLY C 133 -22.81 3.88 39.14
N LEU C 134 -22.21 4.63 38.21
CA LEU C 134 -21.54 4.03 37.05
C LEU C 134 -20.00 4.10 37.09
N SER C 135 -19.43 4.55 38.20
CA SER C 135 -17.99 4.84 38.24
C SER C 135 -17.09 3.66 37.92
N THR C 136 -17.32 2.52 38.57
CA THR C 136 -16.52 1.32 38.28
C THR C 136 -16.75 0.85 36.84
N LEU C 137 -17.99 1.02 36.38
CA LEU C 137 -18.34 0.71 34.99
C LEU C 137 -17.54 1.55 34.03
N GLN C 138 -17.48 2.86 34.29
CA GLN C 138 -16.71 3.77 33.47
C GLN C 138 -15.22 3.39 33.52
N ALA C 139 -14.79 2.90 34.67
CA ALA C 139 -13.40 2.47 34.83
C ALA C 139 -13.07 1.27 33.93
N VAL C 140 -13.92 0.24 33.98
CA VAL C 140 -13.67 -0.96 33.18
C VAL C 140 -13.92 -0.71 31.70
N LEU C 141 -14.73 0.31 31.39
CA LEU C 141 -14.97 0.70 30.00
C LEU C 141 -13.78 1.45 29.44
N ASP C 142 -13.16 2.28 30.27
CA ASP C 142 -11.93 2.99 29.88
C ASP C 142 -10.79 1.99 29.74
N SER C 143 -10.82 0.96 30.57
CA SER C 143 -9.81 -0.10 30.57
C SER C 143 -10.07 -1.15 29.48
N ALA C 144 -11.26 -1.11 28.88
CA ALA C 144 -11.66 -2.08 27.87
C ALA C 144 -10.81 -2.04 26.60
N ALA C 145 -10.40 -0.84 26.19
CA ALA C 145 -9.59 -0.70 24.98
C ALA C 145 -8.17 -1.23 25.20
N GLU C 146 -7.57 -0.85 26.33
CA GLU C 146 -6.20 -1.23 26.64
C GLU C 146 -6.06 -2.73 26.90
N LYS C 147 -6.99 -3.28 27.67
CA LYS C 147 -6.93 -4.68 28.06
C LYS C 147 -7.66 -5.59 27.05
N LYS C 148 -8.15 -4.99 25.97
CA LYS C 148 -8.86 -5.71 24.91
C LYS C 148 -10.06 -6.51 25.42
N TRP C 149 -11.06 -5.80 25.92
CA TRP C 149 -12.26 -6.45 26.42
C TRP C 149 -13.46 -6.17 25.51
N GLN C 150 -14.38 -7.10 25.45
CA GLN C 150 -15.67 -6.84 24.80
C GLN C 150 -16.71 -6.88 25.91
N VAL C 151 -17.14 -5.69 26.35
CA VAL C 151 -18.05 -5.61 27.47
C VAL C 151 -19.42 -5.09 27.06
N THR C 152 -20.46 -5.82 27.46
CA THR C 152 -21.83 -5.38 27.20
C THR C 152 -22.47 -4.86 28.49
N ALA C 153 -22.65 -3.54 28.56
CA ALA C 153 -23.18 -2.93 29.77
C ALA C 153 -24.69 -2.91 29.75
N ILE C 154 -25.29 -3.48 30.79
CA ILE C 154 -26.74 -3.55 30.91
C ILE C 154 -27.15 -2.89 32.22
N ASN C 155 -28.17 -2.05 32.15
CA ASN C 155 -28.63 -1.33 33.33
C ASN C 155 -29.68 -2.12 34.08
N VAL C 156 -29.39 -2.39 35.35
CA VAL C 156 -30.29 -3.12 36.21
C VAL C 156 -30.87 -2.15 37.24
N GLY C 157 -30.47 -0.88 37.13
CA GLY C 157 -30.85 0.11 38.14
C GLY C 157 -32.29 0.55 38.16
N ASN C 158 -32.85 0.91 37.00
CA ASN C 158 -34.25 1.30 36.99
C ASN C 158 -35.09 0.06 36.73
N ILE C 159 -35.70 -0.47 37.79
CA ILE C 159 -36.47 -1.70 37.67
C ILE C 159 -37.63 -1.64 38.65
N ASN C 160 -38.81 -2.02 38.22
CA ASN C 160 -39.90 -2.10 39.17
C ASN C 160 -39.72 -3.37 39.99
N ASN C 161 -39.80 -3.25 41.31
CA ASN C 161 -39.62 -4.39 42.19
C ASN C 161 -40.83 -5.30 42.10
N ASP C 162 -41.98 -4.69 41.83
CA ASP C 162 -43.23 -5.41 41.70
C ASP C 162 -43.29 -6.15 40.37
N LYS C 163 -42.83 -5.50 39.30
CA LYS C 163 -42.80 -6.21 38.03
C LYS C 163 -41.41 -6.80 37.84
N LYS C 164 -41.26 -8.07 38.19
CA LYS C 164 -39.99 -8.76 38.08
C LYS C 164 -39.79 -9.19 36.65
N ASP C 165 -40.91 -9.61 36.04
CA ASP C 165 -40.95 -10.16 34.69
C ASP C 165 -40.57 -9.13 33.62
N GLU C 166 -40.65 -7.85 33.96
CA GLU C 166 -40.35 -6.82 32.98
C GLU C 166 -38.83 -6.77 32.77
N THR C 167 -38.06 -6.81 33.85
CA THR C 167 -36.60 -6.80 33.78
C THR C 167 -35.97 -8.18 33.60
N TYR C 168 -36.27 -9.07 34.54
CA TYR C 168 -35.69 -10.42 34.59
C TYR C 168 -35.89 -11.24 33.32
N ARG C 169 -37.13 -11.38 32.86
CA ARG C 169 -37.40 -12.10 31.62
C ARG C 169 -36.56 -11.54 30.48
N SER C 170 -36.50 -10.21 30.42
CA SER C 170 -35.75 -9.52 29.39
C SER C 170 -34.27 -9.86 29.45
N LEU C 171 -33.70 -9.88 30.66
CA LEU C 171 -32.29 -10.18 30.80
C LEU C 171 -31.95 -11.63 30.48
N PHE C 172 -32.81 -12.55 30.92
CA PHE C 172 -32.55 -13.97 30.72
C PHE C 172 -32.70 -14.37 29.26
N GLN C 173 -33.61 -13.69 28.56
CA GLN C 173 -33.72 -13.87 27.12
C GLN C 173 -32.60 -13.16 26.39
N ASP C 174 -32.16 -12.03 26.93
CA ASP C 174 -31.12 -11.22 26.30
C ASP C 174 -29.71 -11.81 26.30
N LEU C 175 -29.28 -12.36 27.44
CA LEU C 175 -27.91 -12.88 27.53
C LEU C 175 -27.67 -14.16 26.72
N GLU C 176 -28.72 -14.90 26.41
CA GLU C 176 -28.59 -16.12 25.61
C GLU C 176 -28.44 -15.81 24.13
N LEU C 177 -28.70 -14.57 23.74
CA LEU C 177 -28.51 -14.14 22.36
C LEU C 177 -27.03 -14.12 22.01
N LYS C 178 -26.24 -13.48 22.87
CA LYS C 178 -24.79 -13.42 22.65
C LYS C 178 -24.09 -14.60 23.32
N LYS C 179 -24.88 -15.46 23.96
CA LYS C 179 -24.37 -16.64 24.67
C LYS C 179 -23.34 -16.26 25.74
N GLU C 180 -23.60 -15.18 26.47
CA GLU C 180 -22.65 -14.72 27.49
C GLU C 180 -22.67 -15.62 28.72
N ARG C 181 -21.51 -16.18 29.02
CA ARG C 181 -21.36 -17.09 30.17
C ARG C 181 -20.63 -16.43 31.35
N ARG C 182 -20.13 -15.22 31.14
CA ARG C 182 -19.39 -14.52 32.18
C ARG C 182 -20.03 -13.17 32.51
N VAL C 183 -20.50 -13.01 33.74
CA VAL C 183 -21.24 -11.81 34.12
C VAL C 183 -20.72 -11.16 35.41
N ILE C 184 -20.64 -9.84 35.39
CA ILE C 184 -20.31 -9.06 36.58
C ILE C 184 -21.59 -8.37 37.07
N LEU C 185 -21.87 -8.48 38.37
CA LEU C 185 -23.11 -7.97 38.92
C LEU C 185 -23.00 -6.53 39.41
N ASP C 186 -22.14 -6.30 40.40
CA ASP C 186 -21.88 -4.95 40.89
C ASP C 186 -23.17 -4.28 41.36
N CYS C 187 -23.68 -4.74 42.51
CA CYS C 187 -24.92 -4.22 43.07
C CYS C 187 -24.93 -4.28 44.59
N GLU C 188 -26.03 -3.82 45.18
CA GLU C 188 -26.26 -3.96 46.61
C GLU C 188 -26.50 -5.42 46.95
N ARG C 189 -26.19 -5.80 48.19
CA ARG C 189 -26.31 -7.18 48.65
C ARG C 189 -27.73 -7.73 48.46
N ASP C 190 -28.73 -6.86 48.61
CA ASP C 190 -30.12 -7.26 48.41
C ASP C 190 -30.40 -7.51 46.93
N LYS C 191 -29.94 -6.58 46.09
CA LYS C 191 -30.11 -6.69 44.66
C LYS C 191 -29.35 -7.90 44.13
N VAL C 192 -28.14 -8.09 44.65
CA VAL C 192 -27.33 -9.25 44.32
C VAL C 192 -28.05 -10.53 44.70
N ASN C 193 -28.66 -10.55 45.88
CA ASN C 193 -29.46 -11.69 46.32
C ASN C 193 -30.62 -11.98 45.38
N ASP C 194 -31.28 -10.92 44.91
CA ASP C 194 -32.40 -11.07 43.97
C ASP C 194 -31.93 -11.70 42.66
N ILE C 195 -30.86 -11.13 42.11
CA ILE C 195 -30.28 -11.62 40.86
C ILE C 195 -29.85 -13.08 41.00
N VAL C 196 -29.26 -13.41 42.15
CA VAL C 196 -28.85 -14.79 42.43
C VAL C 196 -30.07 -15.72 42.45
N ASP C 197 -31.12 -15.30 43.15
CA ASP C 197 -32.35 -16.08 43.23
C ASP C 197 -32.92 -16.38 41.85
N GLN C 198 -32.91 -15.36 40.99
CA GLN C 198 -33.44 -15.52 39.63
C GLN C 198 -32.54 -16.39 38.74
N VAL C 199 -31.23 -16.22 38.89
CA VAL C 199 -30.27 -17.04 38.16
C VAL C 199 -30.46 -18.51 38.52
N ILE C 200 -30.65 -18.77 39.80
CA ILE C 200 -30.95 -20.12 40.29
C ILE C 200 -32.27 -20.59 39.71
N THR C 201 -33.24 -19.69 39.62
CA THR C 201 -34.55 -20.00 39.06
C THR C 201 -34.43 -20.50 37.62
N ILE C 202 -33.64 -19.79 36.81
CA ILE C 202 -33.45 -20.18 35.42
C ILE C 202 -32.47 -21.34 35.26
N GLY C 203 -31.56 -21.51 36.22
CA GLY C 203 -30.62 -22.60 36.18
C GLY C 203 -29.33 -22.26 35.43
N LYS C 204 -28.95 -20.99 35.48
CA LYS C 204 -27.72 -20.52 34.82
C LYS C 204 -26.56 -20.54 35.80
N HIS C 205 -26.76 -21.20 36.94
CA HIS C 205 -25.74 -21.30 37.97
C HIS C 205 -24.96 -22.61 37.86
N VAL C 206 -25.13 -23.31 36.74
CA VAL C 206 -24.44 -24.59 36.52
C VAL C 206 -23.05 -24.38 35.89
N LYS C 207 -22.38 -25.49 35.58
CA LYS C 207 -21.04 -25.46 35.01
C LYS C 207 -21.02 -24.76 33.67
N GLY C 208 -20.03 -23.90 33.47
CA GLY C 208 -19.90 -23.13 32.23
C GLY C 208 -20.17 -21.65 32.44
N TYR C 209 -20.78 -21.33 33.58
CA TYR C 209 -21.07 -19.93 33.92
C TYR C 209 -20.10 -19.40 34.97
N HIS C 210 -19.79 -18.10 34.89
CA HIS C 210 -18.90 -17.47 35.85
C HIS C 210 -19.43 -16.09 36.26
N TYR C 211 -19.59 -15.88 37.56
CA TYR C 211 -20.13 -14.62 38.07
C TYR C 211 -19.16 -13.91 39.01
N ILE C 212 -19.01 -12.61 38.80
CA ILE C 212 -18.16 -11.77 39.65
C ILE C 212 -18.97 -10.74 40.41
N ILE C 213 -19.07 -10.92 41.73
CA ILE C 213 -19.77 -9.96 42.56
C ILE C 213 -18.83 -8.81 42.89
N ALA C 214 -19.12 -7.62 42.38
CA ALA C 214 -18.24 -6.49 42.69
C ALA C 214 -18.81 -5.64 43.81
N ASN C 215 -18.49 -6.04 45.04
CA ASN C 215 -18.82 -5.29 46.25
C ASN C 215 -17.81 -5.68 47.33
N LEU C 216 -17.73 -4.89 48.41
CA LEU C 216 -16.73 -5.19 49.43
C LEU C 216 -16.99 -6.48 50.20
N GLY C 217 -18.24 -6.72 50.63
CA GLY C 217 -18.57 -7.97 51.27
C GLY C 217 -18.98 -9.09 50.32
N PHE C 218 -18.25 -10.19 50.32
CA PHE C 218 -18.66 -11.38 49.58
C PHE C 218 -19.55 -12.28 50.43
N THR C 219 -19.18 -12.41 51.71
CA THR C 219 -19.83 -13.32 52.64
C THR C 219 -21.00 -12.66 53.36
N ASP C 220 -21.27 -11.41 53.01
CA ASP C 220 -22.35 -10.65 53.64
C ASP C 220 -23.72 -11.20 53.26
N GLY C 221 -23.82 -11.73 52.04
CA GLY C 221 -25.08 -12.29 51.57
C GLY C 221 -25.11 -13.80 51.66
N ASP C 222 -26.20 -14.41 51.23
CA ASP C 222 -26.33 -15.85 51.28
C ASP C 222 -25.78 -16.50 50.01
N LEU C 223 -24.70 -17.26 50.17
CA LEU C 223 -24.04 -17.91 49.04
C LEU C 223 -24.33 -19.41 48.98
N LEU C 224 -25.03 -19.92 50.00
CA LEU C 224 -25.25 -21.35 50.12
C LEU C 224 -26.19 -21.89 49.04
N LYS C 225 -27.13 -21.06 48.61
CA LYS C 225 -28.13 -21.50 47.64
C LYS C 225 -27.56 -21.63 46.22
N ILE C 226 -26.54 -20.82 45.91
CA ILE C 226 -25.89 -20.87 44.60
C ILE C 226 -24.55 -21.62 44.70
N GLN C 227 -24.31 -22.24 45.85
CA GLN C 227 -23.01 -22.87 46.14
C GLN C 227 -22.82 -24.22 45.45
N PHE C 228 -23.92 -24.95 45.27
CA PHE C 228 -23.84 -26.31 44.73
C PHE C 228 -24.20 -26.40 43.25
N GLY C 229 -24.34 -25.26 42.59
CA GLY C 229 -24.72 -25.22 41.19
C GLY C 229 -23.63 -25.68 40.24
N GLY C 230 -22.38 -25.30 40.55
CA GLY C 230 -21.25 -25.67 39.72
C GLY C 230 -20.60 -24.51 38.99
N ALA C 231 -21.28 -23.38 38.95
CA ALA C 231 -20.71 -22.19 38.33
C ALA C 231 -19.67 -21.55 39.23
N GLU C 232 -18.63 -20.98 38.63
CA GLU C 232 -17.60 -20.29 39.37
C GLU C 232 -18.10 -18.94 39.84
N VAL C 233 -17.98 -18.68 41.14
CA VAL C 233 -18.43 -17.43 41.74
C VAL C 233 -17.29 -16.75 42.49
N SER C 234 -16.87 -15.58 42.02
CA SER C 234 -15.76 -14.88 42.66
C SER C 234 -16.19 -13.55 43.29
N GLY C 235 -15.53 -13.16 44.38
CA GLY C 235 -15.87 -11.94 45.07
C GLY C 235 -14.74 -11.33 45.89
N PHE C 236 -15.05 -10.30 46.65
CA PHE C 236 -14.06 -9.60 47.47
C PHE C 236 -14.45 -9.57 48.94
N GLN C 237 -13.46 -9.53 49.82
CA GLN C 237 -13.70 -9.44 51.26
C GLN C 237 -12.73 -8.49 51.96
N ILE C 238 -13.26 -7.42 52.55
CA ILE C 238 -12.44 -6.49 53.33
C ILE C 238 -12.47 -6.83 54.82
N VAL C 239 -13.48 -7.59 55.25
CA VAL C 239 -13.57 -7.99 56.66
C VAL C 239 -13.13 -9.43 56.80
N ASP C 240 -11.93 -9.64 57.33
CA ASP C 240 -11.39 -10.97 57.50
C ASP C 240 -11.81 -11.52 58.85
N TYR C 241 -12.60 -12.60 58.85
CA TYR C 241 -13.12 -13.17 60.08
C TYR C 241 -12.07 -14.05 60.76
N ASP C 242 -10.91 -14.18 60.13
CA ASP C 242 -9.81 -14.96 60.70
C ASP C 242 -8.94 -14.12 61.62
N ASP C 243 -9.10 -12.80 61.55
CA ASP C 243 -8.37 -11.89 62.42
C ASP C 243 -8.87 -12.01 63.85
N SER C 244 -7.95 -11.94 64.81
CA SER C 244 -8.29 -12.05 66.22
C SER C 244 -9.20 -10.90 66.66
N LEU C 245 -8.94 -9.72 66.12
CA LEU C 245 -9.75 -8.54 66.42
C LEU C 245 -11.17 -8.76 65.94
N VAL C 246 -11.32 -9.16 64.68
CA VAL C 246 -12.63 -9.41 64.10
C VAL C 246 -13.32 -10.62 64.73
N SER C 247 -12.54 -11.64 65.07
CA SER C 247 -13.08 -12.84 65.71
C SER C 247 -13.65 -12.52 67.09
N LYS C 248 -12.91 -11.75 67.86
CA LYS C 248 -13.35 -11.34 69.19
C LYS C 248 -14.54 -10.41 69.08
N PHE C 249 -14.45 -9.46 68.15
CA PHE C 249 -15.53 -8.52 67.89
C PHE C 249 -16.82 -9.24 67.53
N ILE C 250 -16.70 -10.35 66.80
CA ILE C 250 -17.85 -11.15 66.42
C ILE C 250 -18.35 -11.95 67.61
N GLU C 251 -17.42 -12.44 68.43
CA GLU C 251 -17.75 -13.17 69.64
C GLU C 251 -18.59 -12.31 70.58
N ARG C 252 -18.31 -11.01 70.58
CA ARG C 252 -19.10 -10.05 71.33
C ARG C 252 -20.36 -9.72 70.55
N TRP C 253 -20.22 -9.70 69.23
CA TRP C 253 -21.32 -9.31 68.35
C TRP C 253 -22.37 -10.39 68.31
N SER C 254 -21.98 -11.65 68.39
CA SER C 254 -22.96 -12.72 68.26
C SER C 254 -23.74 -12.92 69.55
N THR C 255 -23.28 -12.28 70.63
CA THR C 255 -23.94 -12.45 71.92
C THR C 255 -24.92 -11.30 72.23
N LEU C 256 -24.84 -10.22 71.47
CA LEU C 256 -25.73 -9.08 71.71
C LEU C 256 -27.20 -9.40 71.47
N GLU C 257 -28.07 -8.85 72.31
CA GLU C 257 -29.51 -9.04 72.15
C GLU C 257 -30.00 -8.31 70.91
N GLU C 258 -30.75 -9.01 70.07
CA GLU C 258 -31.25 -8.44 68.82
C GLU C 258 -32.28 -7.34 69.10
N LYS C 259 -32.86 -7.40 70.30
CA LYS C 259 -33.85 -6.41 70.71
C LYS C 259 -33.23 -5.03 70.90
N GLU C 260 -32.06 -4.98 71.52
CA GLU C 260 -31.34 -3.72 71.74
C GLU C 260 -30.60 -3.28 70.47
N TYR C 261 -29.96 -4.25 69.82
CA TYR C 261 -29.16 -4.02 68.63
C TYR C 261 -29.65 -4.82 67.40
N PRO C 262 -30.46 -4.20 66.53
CA PRO C 262 -31.00 -4.86 65.34
C PRO C 262 -29.93 -5.37 64.37
N GLY C 263 -30.03 -6.63 63.97
CA GLY C 263 -29.11 -7.21 63.00
C GLY C 263 -27.73 -7.44 63.59
N ALA C 264 -27.65 -7.37 64.91
CA ALA C 264 -26.42 -7.60 65.64
C ALA C 264 -26.34 -8.94 66.37
N HIS C 265 -27.22 -9.89 66.05
CA HIS C 265 -27.14 -11.20 66.69
C HIS C 265 -26.50 -12.30 65.85
N THR C 266 -25.78 -11.94 64.80
CA THR C 266 -25.32 -12.94 63.84
C THR C 266 -23.82 -13.18 63.92
N ALA C 267 -23.38 -14.20 63.18
CA ALA C 267 -21.99 -14.61 63.14
C ALA C 267 -21.17 -13.77 62.17
N THR C 268 -21.86 -13.10 61.25
CA THR C 268 -21.22 -12.24 60.26
C THR C 268 -21.74 -10.82 60.40
N ILE C 269 -21.06 -9.90 59.74
CA ILE C 269 -21.45 -8.49 59.80
C ILE C 269 -21.20 -7.79 58.47
N LYS C 270 -22.16 -6.98 58.05
CA LYS C 270 -22.05 -6.21 56.82
C LYS C 270 -20.85 -5.26 56.92
N TYR C 271 -20.14 -5.06 55.81
CA TYR C 271 -18.91 -4.28 55.83
C TYR C 271 -19.16 -2.81 56.18
N THR C 272 -20.35 -2.32 55.86
CA THR C 272 -20.71 -0.93 56.17
C THR C 272 -20.73 -0.69 57.68
N SER C 273 -21.27 -1.66 58.42
CA SER C 273 -21.34 -1.57 59.87
C SER C 273 -19.93 -1.61 60.46
N ALA C 274 -19.07 -2.46 59.90
CA ALA C 274 -17.69 -2.55 60.32
C ALA C 274 -16.95 -1.24 60.07
N LEU C 275 -17.26 -0.61 58.94
CA LEU C 275 -16.67 0.69 58.61
C LEU C 275 -17.21 1.78 59.51
N THR C 276 -18.41 1.58 60.05
CA THR C 276 -19.00 2.50 61.01
C THR C 276 -18.28 2.39 62.35
N TYR C 277 -18.10 1.17 62.81
CA TYR C 277 -17.32 0.87 64.02
C TYR C 277 -15.93 1.48 63.92
N ASP C 278 -15.25 1.16 62.82
CA ASP C 278 -13.93 1.68 62.54
C ASP C 278 -13.93 3.20 62.44
N ALA C 279 -15.05 3.77 61.98
CA ALA C 279 -15.18 5.22 61.90
C ALA C 279 -15.22 5.82 63.30
N VAL C 280 -15.96 5.18 64.19
CA VAL C 280 -16.00 5.60 65.59
C VAL C 280 -14.60 5.57 66.18
N GLN C 281 -13.88 4.48 65.93
CA GLN C 281 -12.51 4.36 66.39
C GLN C 281 -11.61 5.48 65.85
N VAL C 282 -11.71 5.74 64.56
CA VAL C 282 -10.90 6.77 63.90
C VAL C 282 -11.17 8.16 64.46
N MET C 283 -12.45 8.49 64.63
CA MET C 283 -12.84 9.79 65.20
C MET C 283 -12.32 9.94 66.62
N THR C 284 -12.54 8.90 67.44
CA THR C 284 -12.08 8.89 68.82
C THR C 284 -10.57 9.12 68.90
N GLU C 285 -9.82 8.37 68.10
CA GLU C 285 -8.37 8.52 68.04
C GLU C 285 -7.96 9.89 67.53
N ALA C 286 -8.76 10.45 66.64
CA ALA C 286 -8.48 11.77 66.06
C ALA C 286 -8.56 12.85 67.13
N PHE C 287 -9.66 12.88 67.87
CA PHE C 287 -9.83 13.87 68.92
C PHE C 287 -8.86 13.63 70.09
N ARG C 288 -8.57 12.35 70.36
CA ARG C 288 -7.59 12.01 71.39
C ARG C 288 -6.21 12.56 71.02
N ASN C 289 -5.85 12.41 69.75
CA ASN C 289 -4.58 12.95 69.24
C ASN C 289 -4.61 14.47 69.24
N LEU C 290 -5.80 15.04 69.06
CA LEU C 290 -5.96 16.48 69.15
C LEU C 290 -5.64 16.94 70.57
N ARG C 291 -6.04 16.16 71.55
CA ARG C 291 -5.74 16.49 72.95
C ARG C 291 -4.30 16.18 73.35
N LYS C 292 -3.65 15.24 72.64
CA LYS C 292 -2.28 14.88 72.98
C LYS C 292 -1.28 15.94 72.51
N GLN C 293 -1.65 16.70 71.48
CA GLN C 293 -0.80 17.76 70.95
C GLN C 293 -1.20 19.11 71.54
N ARG C 294 -2.11 19.08 72.50
CA ARG C 294 -2.65 20.27 73.17
C ARG C 294 -3.25 21.27 72.18
N ILE C 295 -3.87 20.78 71.12
CA ILE C 295 -4.53 21.69 70.19
C ILE C 295 -6.00 21.80 70.60
N GLU C 296 -6.37 22.94 71.17
CA GLU C 296 -7.75 23.13 71.60
C GLU C 296 -8.62 23.53 70.42
N ILE C 297 -9.61 22.69 70.11
CA ILE C 297 -10.52 22.93 69.00
C ILE C 297 -11.89 23.41 69.44
N SER C 298 -12.07 23.63 70.74
CA SER C 298 -13.39 24.02 71.26
C SER C 298 -13.85 25.37 70.70
N ARG C 299 -15.03 25.35 70.10
CA ARG C 299 -15.62 26.56 69.51
C ARG C 299 -16.05 27.52 70.62
N ARG C 300 -15.65 28.79 70.52
CA ARG C 300 -15.96 29.77 71.54
C ARG C 300 -17.41 30.27 71.47
N GLY C 301 -17.86 30.62 70.27
CA GLY C 301 -19.22 31.10 70.08
C GLY C 301 -20.04 30.11 69.28
N ASN C 302 -21.28 30.48 68.95
CA ASN C 302 -22.14 29.60 68.17
C ASN C 302 -21.68 29.50 66.72
N ALA C 303 -21.85 28.31 66.13
CA ALA C 303 -21.49 28.10 64.73
C ALA C 303 -22.45 28.87 63.84
N GLY C 304 -23.65 29.12 64.35
CA GLY C 304 -24.63 29.92 63.65
C GLY C 304 -25.34 29.18 62.53
N ASP C 305 -25.92 29.94 61.61
CA ASP C 305 -26.63 29.38 60.48
C ASP C 305 -25.67 28.91 59.39
N CYS C 306 -26.03 27.81 58.73
CA CYS C 306 -25.22 27.27 57.65
C CYS C 306 -25.34 28.13 56.40
N LEU C 307 -26.42 28.90 56.32
CA LEU C 307 -26.68 29.77 55.18
C LEU C 307 -26.19 31.20 55.41
N ALA C 308 -25.41 31.40 56.46
CA ALA C 308 -24.92 32.74 56.81
C ALA C 308 -24.04 33.33 55.71
N ASN C 309 -24.37 34.55 55.31
CA ASN C 309 -23.65 35.25 54.25
C ASN C 309 -22.91 36.47 54.77
N PRO C 310 -21.60 36.53 54.55
CA PRO C 310 -20.75 35.57 53.82
C PRO C 310 -20.46 34.32 54.64
N ALA C 311 -20.11 33.23 53.96
CA ALA C 311 -19.87 31.95 54.62
C ALA C 311 -18.55 31.97 55.36
N VAL C 312 -18.62 31.77 56.67
CA VAL C 312 -17.44 31.78 57.51
C VAL C 312 -17.03 30.40 58.02
N PRO C 313 -15.84 29.94 57.58
CA PRO C 313 -15.29 28.68 58.06
C PRO C 313 -14.69 28.84 59.45
N TRP C 314 -14.91 27.87 60.33
CA TRP C 314 -14.27 27.90 61.64
C TRP C 314 -12.79 27.58 61.49
N GLY C 315 -11.96 28.20 62.33
CA GLY C 315 -10.52 28.08 62.19
C GLY C 315 -9.96 26.71 62.51
N GLN C 316 -10.55 26.04 63.49
CA GLN C 316 -10.04 24.75 63.94
C GLN C 316 -10.52 23.58 63.10
N GLY C 317 -11.41 23.85 62.15
CA GLY C 317 -11.97 22.80 61.32
C GLY C 317 -10.89 22.10 60.54
N VAL C 318 -10.00 22.88 59.94
CA VAL C 318 -8.89 22.32 59.20
C VAL C 318 -8.11 21.40 60.10
N GLU C 319 -7.87 21.85 61.33
CA GLU C 319 -7.09 21.07 62.27
C GLU C 319 -7.78 19.74 62.50
N ILE C 320 -9.10 19.80 62.67
CA ILE C 320 -9.83 18.58 62.93
C ILE C 320 -9.76 17.67 61.72
N GLU C 321 -9.90 18.26 60.54
CA GLU C 321 -9.76 17.49 59.32
C GLU C 321 -8.41 16.79 59.32
N ARG C 322 -7.36 17.56 59.61
CA ARG C 322 -6.02 16.97 59.67
C ARG C 322 -5.98 15.84 60.70
N ALA C 323 -6.61 16.06 61.86
CA ALA C 323 -6.60 15.04 62.90
C ALA C 323 -7.29 13.77 62.46
N LEU C 324 -8.28 13.91 61.58
CA LEU C 324 -9.00 12.75 61.07
C LEU C 324 -8.19 12.05 59.98
N LYS C 325 -7.36 12.83 59.26
CA LYS C 325 -6.62 12.29 58.14
C LYS C 325 -5.28 11.69 58.56
N GLN C 326 -4.85 11.98 59.78
CA GLN C 326 -3.59 11.45 60.28
C GLN C 326 -3.78 10.18 61.11
N VAL C 327 -5.02 9.75 61.27
CA VAL C 327 -5.29 8.57 62.06
C VAL C 327 -4.94 7.30 61.30
N GLN C 328 -4.05 6.51 61.90
CA GLN C 328 -3.73 5.20 61.36
C GLN C 328 -3.98 4.16 62.45
N VAL C 329 -5.02 3.36 62.26
CA VAL C 329 -5.41 2.37 63.28
C VAL C 329 -5.72 1.01 62.66
N GLU C 330 -5.94 0.01 63.52
CA GLU C 330 -6.28 -1.31 63.02
C GLU C 330 -7.69 -1.70 63.45
N GLY C 331 -8.58 -1.82 62.47
CA GLY C 331 -9.97 -2.13 62.72
C GLY C 331 -10.45 -3.45 62.15
N LEU C 332 -11.75 -3.52 61.90
CA LEU C 332 -12.39 -4.70 61.31
C LEU C 332 -12.06 -4.77 59.82
N SER C 333 -11.73 -3.60 59.27
CA SER C 333 -11.45 -3.46 57.84
C SER C 333 -9.95 -3.60 57.56
N GLY C 334 -9.22 -4.06 58.56
CA GLY C 334 -7.78 -4.21 58.45
C GLY C 334 -7.04 -2.91 58.73
N ASN C 335 -5.94 -2.68 58.01
CA ASN C 335 -5.14 -1.48 58.26
C ASN C 335 -5.82 -0.23 57.70
N ILE C 336 -6.11 0.71 58.59
CA ILE C 336 -6.80 1.95 58.23
C ILE C 336 -5.87 3.15 58.27
N LYS C 337 -5.58 3.70 57.09
CA LYS C 337 -4.80 4.93 56.96
C LYS C 337 -5.37 5.79 55.85
N PHE C 338 -5.43 7.09 56.07
CA PHE C 338 -5.98 7.99 55.07
C PHE C 338 -4.88 8.87 54.47
N ASP C 339 -4.97 9.09 53.16
CA ASP C 339 -4.16 10.10 52.52
C ASP C 339 -4.81 11.46 52.75
N GLN C 340 -4.21 12.51 52.20
CA GLN C 340 -4.69 13.87 52.45
C GLN C 340 -6.08 14.14 51.90
N ASN C 341 -6.52 13.33 50.94
CA ASN C 341 -7.84 13.52 50.34
C ASN C 341 -8.95 12.76 51.05
N GLY C 342 -8.60 12.02 52.10
CA GLY C 342 -9.57 11.28 52.87
C GLY C 342 -9.78 9.88 52.31
N LYS C 343 -9.02 9.54 51.29
CA LYS C 343 -9.12 8.22 50.67
C LYS C 343 -8.34 7.20 51.47
N ARG C 344 -8.76 5.94 51.37
CA ARG C 344 -8.05 4.85 52.03
C ARG C 344 -6.81 4.48 51.24
N ILE C 345 -5.69 4.38 51.95
CA ILE C 345 -4.44 3.92 51.34
C ILE C 345 -3.86 2.81 52.20
N ASN C 346 -2.98 2.02 51.61
CA ASN C 346 -2.35 0.89 52.29
C ASN C 346 -3.32 -0.11 52.88
N TYR C 347 -4.36 -0.42 52.11
CA TYR C 347 -5.32 -1.42 52.53
C TYR C 347 -5.10 -2.72 51.76
N THR C 348 -5.86 -3.76 52.11
CA THR C 348 -5.72 -5.06 51.47
C THR C 348 -7.10 -5.68 51.28
N ILE C 349 -7.42 -6.07 50.06
CA ILE C 349 -8.72 -6.66 49.78
C ILE C 349 -8.61 -8.13 49.37
N ASN C 350 -9.11 -9.02 50.23
CA ASN C 350 -8.99 -10.45 49.95
C ASN C 350 -9.84 -10.89 48.77
N ILE C 351 -9.23 -11.61 47.82
CA ILE C 351 -9.97 -12.15 46.70
C ILE C 351 -10.45 -13.56 47.05
N MET C 352 -11.77 -13.73 47.00
CA MET C 352 -12.43 -14.95 47.43
C MET C 352 -13.08 -15.71 46.28
N GLU C 353 -13.11 -17.03 46.40
CA GLU C 353 -13.85 -17.88 45.46
C GLU C 353 -14.80 -18.79 46.23
N LEU C 354 -15.99 -18.99 45.67
CA LEU C 354 -17.00 -19.82 46.32
C LEU C 354 -16.89 -21.28 45.90
N LYS C 355 -16.55 -22.13 46.86
CA LYS C 355 -16.43 -23.56 46.60
C LYS C 355 -17.58 -24.33 47.26
N THR C 356 -17.58 -25.64 47.08
CA THR C 356 -18.61 -26.51 47.62
C THR C 356 -18.57 -26.54 49.15
N ASN C 357 -17.37 -26.39 49.70
CA ASN C 357 -17.16 -26.44 51.14
C ASN C 357 -17.33 -25.08 51.81
N GLY C 358 -17.85 -24.10 51.07
CA GLY C 358 -18.04 -22.78 51.63
C GLY C 358 -17.09 -21.75 51.06
N PRO C 359 -17.11 -20.53 51.60
CA PRO C 359 -16.27 -19.45 51.09
C PRO C 359 -14.78 -19.80 51.23
N ARG C 360 -13.99 -19.43 50.23
CA ARG C 360 -12.59 -19.76 50.23
C ARG C 360 -11.73 -18.57 49.81
N LYS C 361 -10.64 -18.35 50.51
CA LYS C 361 -9.73 -17.27 50.19
C LYS C 361 -8.68 -17.72 49.18
N ILE C 362 -8.74 -17.17 47.96
CA ILE C 362 -7.76 -17.54 46.95
C ILE C 362 -6.63 -16.50 46.83
N GLY C 363 -6.81 -15.32 47.43
CA GLY C 363 -5.77 -14.30 47.35
C GLY C 363 -6.01 -12.97 48.03
N TYR C 364 -5.22 -11.97 47.67
CA TYR C 364 -5.38 -10.61 48.19
C TYR C 364 -4.86 -9.56 47.18
N TRP C 365 -5.38 -8.34 47.30
CA TRP C 365 -4.96 -7.23 46.45
C TRP C 365 -4.54 -6.01 47.28
N SER C 366 -3.28 -5.59 47.11
CA SER C 366 -2.76 -4.39 47.75
C SER C 366 -2.67 -3.25 46.74
N GLU C 367 -2.35 -2.05 47.20
CA GLU C 367 -2.26 -0.91 46.29
C GLU C 367 -1.04 -1.01 45.38
N VAL C 368 0.07 -1.50 45.89
CA VAL C 368 1.31 -1.68 45.13
C VAL C 368 1.61 -3.11 44.73
N ASP C 369 1.04 -4.07 45.45
CA ASP C 369 1.37 -5.47 45.22
C ASP C 369 0.49 -6.11 44.15
N LYS C 370 -0.50 -5.35 43.69
CA LYS C 370 -1.48 -5.80 42.70
C LYS C 370 -2.16 -7.09 43.14
N MET C 371 -2.38 -8.00 42.20
CA MET C 371 -3.05 -9.25 42.50
C MET C 371 -2.06 -10.31 42.94
N VAL C 372 -2.20 -10.81 44.17
CA VAL C 372 -1.32 -11.88 44.63
C VAL C 372 -2.13 -13.03 45.22
N VAL C 373 -1.82 -14.26 44.82
CA VAL C 373 -2.54 -15.41 45.36
C VAL C 373 -1.76 -15.96 46.56
N THR C 374 -2.49 -16.50 47.52
CA THR C 374 -1.86 -17.06 48.71
C THR C 374 -1.43 -18.50 48.45
N LEU C 375 -2.30 -19.26 47.80
CA LEU C 375 -2.04 -20.66 47.51
C LEU C 375 -1.80 -20.90 46.01
N THR C 376 -0.72 -21.61 45.70
CA THR C 376 -0.42 -21.95 44.31
C THR C 376 -1.26 -23.15 43.89
N GLU C 377 -1.36 -24.12 44.79
CA GLU C 377 -2.17 -25.31 44.55
C GLU C 377 -3.14 -25.54 45.72
N ASP C 378 -4.37 -25.90 45.39
CA ASP C 378 -5.40 -26.13 46.40
C ASP C 378 -5.07 -27.33 47.28
N ASP C 379 -4.49 -28.36 46.67
CA ASP C 379 -4.12 -29.57 47.40
C ASP C 379 -2.92 -30.26 46.74
N GLY C 382 -9.72 -31.60 47.41
CA GLY C 382 -10.01 -32.86 46.74
C GLY C 382 -11.36 -32.87 46.08
N LEU C 383 -11.64 -33.93 45.32
CA LEU C 383 -12.90 -34.11 44.62
C LEU C 383 -13.22 -32.95 43.66
N GLU C 384 -12.17 -32.31 43.16
CA GLU C 384 -12.33 -31.20 42.22
C GLU C 384 -12.60 -31.73 40.82
N GLN C 385 -12.20 -32.98 40.58
CA GLN C 385 -12.41 -33.62 39.29
C GLN C 385 -13.89 -33.90 39.05
N LYS C 386 -14.39 -33.41 37.92
CA LYS C 386 -15.79 -33.58 37.54
C LYS C 386 -15.81 -34.38 36.25
N THR C 387 -16.95 -35.00 35.94
CA THR C 387 -17.02 -35.79 34.72
C THR C 387 -16.88 -34.85 33.54
N VAL C 388 -15.87 -35.11 32.72
CA VAL C 388 -15.57 -34.28 31.57
C VAL C 388 -16.48 -34.54 30.39
N VAL C 389 -17.19 -33.50 29.93
CA VAL C 389 -18.07 -33.66 28.79
C VAL C 389 -17.26 -33.61 27.49
N VAL C 390 -17.26 -34.71 26.77
CA VAL C 390 -16.55 -34.80 25.50
C VAL C 390 -17.51 -34.65 24.32
N THR C 391 -17.37 -33.56 23.57
CA THR C 391 -18.21 -33.38 22.39
C THR C 391 -17.53 -33.92 21.14
N THR C 392 -18.32 -34.57 20.28
CA THR C 392 -17.81 -35.14 19.04
C THR C 392 -18.91 -35.16 17.99
N ILE C 393 -18.62 -35.76 16.84
CA ILE C 393 -19.55 -35.79 15.73
C ILE C 393 -19.47 -37.14 15.02
N LEU C 394 -20.60 -37.65 14.53
CA LEU C 394 -20.58 -38.93 13.85
C LEU C 394 -19.99 -38.79 12.45
N GLU C 395 -18.80 -39.33 12.26
CA GLU C 395 -18.14 -39.33 10.96
C GLU C 395 -17.26 -40.57 10.81
N SER C 396 -17.50 -41.35 9.75
CA SER C 396 -16.69 -42.53 9.48
C SER C 396 -15.29 -42.20 8.94
N PRO C 397 -14.26 -42.94 9.42
CA PRO C 397 -14.39 -43.87 10.53
C PRO C 397 -13.93 -43.27 11.87
N TYR C 398 -14.22 -41.99 12.11
CA TYR C 398 -13.78 -41.38 13.37
C TYR C 398 -14.70 -41.76 14.53
N VAL C 399 -16.00 -41.54 14.33
CA VAL C 399 -17.00 -41.90 15.31
C VAL C 399 -18.18 -42.56 14.60
N MET C 400 -18.45 -43.82 14.92
CA MET C 400 -19.54 -44.55 14.28
C MET C 400 -20.41 -45.28 15.29
N MET C 401 -21.66 -45.50 14.94
CA MET C 401 -22.57 -46.25 15.79
C MET C 401 -22.33 -47.74 15.61
N LYS C 402 -22.23 -48.46 16.72
CA LYS C 402 -22.06 -49.90 16.66
C LYS C 402 -23.33 -50.55 16.14
N LYS C 403 -23.23 -51.77 15.64
CA LYS C 403 -24.37 -52.50 15.12
C LYS C 403 -25.40 -52.75 16.22
N ASN C 404 -24.90 -53.00 17.42
CA ASN C 404 -25.75 -53.33 18.56
C ASN C 404 -26.10 -52.13 19.43
N HIS C 405 -25.86 -50.92 18.93
CA HIS C 405 -25.98 -49.70 19.74
C HIS C 405 -27.35 -49.50 20.39
N GLU C 406 -28.38 -50.18 19.86
CA GLU C 406 -29.72 -50.04 20.43
C GLU C 406 -29.80 -50.72 21.79
N MET C 407 -29.01 -51.78 21.96
CA MET C 407 -28.99 -52.54 23.22
C MET C 407 -27.79 -52.12 24.09
N LEU C 408 -27.06 -51.10 23.65
CA LEU C 408 -25.92 -50.59 24.41
C LEU C 408 -26.17 -49.19 24.97
N GLU C 409 -25.26 -48.72 25.81
CA GLU C 409 -25.40 -47.41 26.45
C GLU C 409 -24.05 -46.78 26.78
N GLY C 410 -24.04 -45.46 26.97
CA GLY C 410 -22.82 -44.75 27.34
C GLY C 410 -21.82 -44.58 26.21
N ASN C 411 -20.55 -44.82 26.51
CA ASN C 411 -19.50 -44.72 25.50
C ASN C 411 -19.28 -46.04 24.78
N GLU C 412 -20.10 -47.04 25.11
CA GLU C 412 -19.95 -48.36 24.52
C GLU C 412 -20.77 -48.53 23.25
N ARG C 413 -21.60 -47.54 22.94
CA ARG C 413 -22.42 -47.58 21.74
C ARG C 413 -21.77 -46.81 20.59
N TYR C 414 -20.55 -46.34 20.82
CA TYR C 414 -19.79 -45.64 19.79
C TYR C 414 -18.49 -46.37 19.49
N GLU C 415 -18.04 -46.28 18.25
CA GLU C 415 -16.79 -46.91 17.84
C GLU C 415 -16.11 -46.11 16.73
N GLY C 416 -14.79 -46.17 16.69
CA GLY C 416 -14.03 -45.45 15.68
C GLY C 416 -12.68 -44.98 16.17
N TYR C 417 -12.06 -44.09 15.40
CA TYR C 417 -10.75 -43.54 15.73
C TYR C 417 -10.80 -42.63 16.94
N CYS C 418 -11.71 -41.65 16.90
CA CYS C 418 -11.83 -40.65 17.96
C CYS C 418 -12.30 -41.26 19.28
N VAL C 419 -12.95 -42.41 19.22
CA VAL C 419 -13.40 -43.09 20.43
C VAL C 419 -12.20 -43.65 21.18
N ASP C 420 -11.37 -44.41 20.46
CA ASP C 420 -10.14 -44.95 21.02
C ASP C 420 -9.22 -43.83 21.49
N LEU C 421 -9.14 -42.78 20.69
CA LEU C 421 -8.32 -41.62 21.03
C LEU C 421 -8.81 -40.97 22.32
N ALA C 422 -10.12 -40.81 22.45
CA ALA C 422 -10.72 -40.22 23.64
C ALA C 422 -10.44 -41.08 24.87
N ALA C 423 -10.54 -42.40 24.70
CA ALA C 423 -10.21 -43.32 25.77
C ALA C 423 -8.76 -43.14 26.22
N GLU C 424 -7.85 -43.05 25.26
CA GLU C 424 -6.43 -42.90 25.56
C GLU C 424 -6.14 -41.58 26.28
N ILE C 425 -6.69 -40.49 25.76
CA ILE C 425 -6.54 -39.18 26.36
C ILE C 425 -7.09 -39.18 27.79
N ALA C 426 -8.23 -39.83 27.97
CA ALA C 426 -8.84 -39.92 29.30
C ALA C 426 -7.96 -40.74 30.25
N LYS C 427 -7.25 -41.72 29.71
CA LYS C 427 -6.37 -42.54 30.54
C LYS C 427 -5.10 -41.81 30.93
N HIS C 428 -4.56 -41.02 30.01
CA HIS C 428 -3.33 -40.27 30.27
C HIS C 428 -3.57 -39.03 31.14
N CYS C 429 -4.72 -38.38 30.95
CA CYS C 429 -5.08 -37.19 31.72
C CYS C 429 -5.73 -37.57 33.05
N GLY C 430 -6.26 -38.78 33.12
CA GLY C 430 -6.84 -39.32 34.34
C GLY C 430 -8.20 -38.78 34.75
N PHE C 431 -9.17 -38.81 33.84
CA PHE C 431 -10.53 -38.38 34.15
C PHE C 431 -11.60 -39.31 33.57
N LYS C 432 -12.75 -39.37 34.24
CA LYS C 432 -13.90 -40.08 33.70
C LYS C 432 -14.63 -39.14 32.74
N TYR C 433 -15.20 -39.69 31.67
CA TYR C 433 -15.81 -38.85 30.64
C TYR C 433 -17.11 -39.41 30.09
N LYS C 434 -17.85 -38.57 29.38
CA LYS C 434 -19.09 -38.97 28.74
C LYS C 434 -19.13 -38.47 27.29
N LEU C 435 -19.12 -39.40 26.35
CA LEU C 435 -19.13 -39.04 24.94
C LEU C 435 -20.50 -38.57 24.49
N THR C 436 -20.56 -37.35 23.97
CA THR C 436 -21.81 -36.78 23.46
C THR C 436 -21.63 -36.28 22.03
N ILE C 437 -22.60 -36.61 21.18
CA ILE C 437 -22.59 -36.14 19.80
C ILE C 437 -23.06 -34.69 19.75
N VAL C 438 -22.37 -33.87 18.96
CA VAL C 438 -22.69 -32.45 18.85
C VAL C 438 -24.16 -32.23 18.43
N GLY C 439 -24.81 -31.30 19.12
CA GLY C 439 -26.23 -31.04 18.92
C GLY C 439 -26.65 -30.67 17.51
N ASP C 440 -26.08 -29.60 16.99
CA ASP C 440 -26.43 -29.11 15.65
C ASP C 440 -25.76 -29.93 14.55
N GLY C 441 -24.86 -30.83 14.94
CA GLY C 441 -24.17 -31.67 13.98
C GLY C 441 -23.16 -30.92 13.15
N LYS C 442 -22.59 -29.87 13.73
CA LYS C 442 -21.62 -29.04 13.01
C LYS C 442 -20.26 -29.02 13.71
N TYR C 443 -19.24 -28.49 13.05
CA TYR C 443 -17.93 -28.33 13.67
C TYR C 443 -17.83 -26.97 14.29
N GLY C 444 -18.73 -26.09 13.86
CA GLY C 444 -18.79 -24.71 14.32
C GLY C 444 -18.17 -23.70 13.38
N ALA C 445 -18.91 -22.63 13.19
CA ALA C 445 -18.52 -21.49 12.37
C ALA C 445 -19.28 -20.28 12.89
N ARG C 446 -18.70 -19.09 12.78
CA ARG C 446 -19.40 -17.90 13.25
C ARG C 446 -20.20 -17.27 12.12
N ASP C 447 -21.47 -17.01 12.40
CA ASP C 447 -22.35 -16.36 11.45
C ASP C 447 -22.02 -14.88 11.46
N ALA C 448 -22.03 -14.27 10.27
CA ALA C 448 -21.54 -12.90 10.11
C ALA C 448 -22.30 -11.86 10.90
N ASP C 449 -23.61 -11.77 10.69
CA ASP C 449 -24.41 -10.76 11.35
C ASP C 449 -24.74 -11.14 12.79
N THR C 450 -24.82 -12.44 13.03
CA THR C 450 -25.22 -12.97 14.34
C THR C 450 -24.06 -13.10 15.32
N LYS C 451 -22.86 -13.35 14.79
CA LYS C 451 -21.66 -13.52 15.61
C LYS C 451 -21.79 -14.63 16.66
N ILE C 452 -22.49 -15.71 16.30
CA ILE C 452 -22.62 -16.85 17.19
C ILE C 452 -21.89 -18.06 16.65
N TRP C 453 -20.95 -18.57 17.44
CA TRP C 453 -20.26 -19.79 17.06
C TRP C 453 -21.17 -20.98 17.35
N ASN C 454 -21.42 -21.78 16.32
CA ASN C 454 -22.21 -22.99 16.47
C ASN C 454 -21.31 -24.21 16.62
N GLY C 455 -21.89 -25.40 16.55
CA GLY C 455 -21.12 -26.63 16.58
C GLY C 455 -20.32 -26.90 17.84
N MET C 456 -19.32 -27.76 17.72
CA MET C 456 -18.51 -28.18 18.87
C MET C 456 -17.71 -27.04 19.47
N VAL C 457 -17.15 -26.19 18.62
CA VAL C 457 -16.42 -25.01 19.08
C VAL C 457 -17.35 -24.12 19.89
N GLY C 458 -18.58 -23.99 19.42
CA GLY C 458 -19.61 -23.26 20.14
C GLY C 458 -19.95 -23.92 21.46
N GLU C 459 -19.89 -25.25 21.48
CA GLU C 459 -20.16 -26.00 22.70
C GLU C 459 -19.02 -25.85 23.70
N LEU C 460 -17.84 -25.49 23.21
CA LEU C 460 -16.69 -25.26 24.06
C LEU C 460 -16.63 -23.84 24.62
N VAL C 461 -16.90 -22.86 23.75
CA VAL C 461 -16.86 -21.45 24.14
C VAL C 461 -17.99 -21.11 25.11
N TYR C 462 -19.16 -21.66 24.84
CA TYR C 462 -20.36 -21.32 25.60
C TYR C 462 -20.56 -22.28 26.77
N GLY C 463 -19.56 -23.14 26.98
CA GLY C 463 -19.56 -24.04 28.13
C GLY C 463 -20.53 -25.19 28.07
N LYS C 464 -20.90 -25.60 26.86
CA LYS C 464 -21.77 -26.76 26.70
C LYS C 464 -20.98 -28.06 26.78
N ALA C 465 -19.65 -27.98 26.59
CA ALA C 465 -18.78 -29.14 26.73
C ALA C 465 -17.40 -28.73 27.27
N ASP C 466 -16.67 -29.69 27.84
CA ASP C 466 -15.38 -29.38 28.42
C ASP C 466 -14.20 -29.71 27.52
N ILE C 467 -14.43 -30.51 26.48
CA ILE C 467 -13.38 -30.88 25.54
C ILE C 467 -13.97 -31.34 24.22
N ALA C 468 -13.27 -31.10 23.12
CA ALA C 468 -13.72 -31.54 21.81
C ALA C 468 -12.71 -32.47 21.15
N ILE C 469 -13.07 -33.75 21.03
CA ILE C 469 -12.21 -34.70 20.33
C ILE C 469 -12.91 -35.19 19.08
N ALA C 470 -12.48 -34.67 17.93
CA ALA C 470 -13.09 -34.99 16.65
C ALA C 470 -12.18 -34.54 15.51
N PRO C 471 -12.49 -34.92 14.26
CA PRO C 471 -11.71 -34.40 13.13
C PRO C 471 -11.91 -32.90 12.90
N LEU C 472 -11.47 -32.08 13.85
CA LEU C 472 -11.64 -30.64 13.73
C LEU C 472 -10.35 -30.01 13.20
N THR C 473 -10.42 -29.45 12.00
CA THR C 473 -9.26 -28.86 11.35
C THR C 473 -8.80 -27.63 12.11
N ILE C 474 -7.51 -27.56 12.42
CA ILE C 474 -6.99 -26.39 13.13
C ILE C 474 -6.87 -25.23 12.16
N THR C 475 -7.69 -24.20 12.39
CA THR C 475 -7.67 -23.00 11.57
C THR C 475 -7.41 -21.78 12.45
N LEU C 476 -7.23 -20.63 11.81
CA LEU C 476 -6.96 -19.39 12.55
C LEU C 476 -8.21 -18.87 13.25
N VAL C 477 -9.33 -18.85 12.55
CA VAL C 477 -10.58 -18.32 13.09
C VAL C 477 -11.07 -19.10 14.31
N ARG C 478 -10.77 -20.39 14.34
CA ARG C 478 -11.17 -21.25 15.46
C ARG C 478 -10.21 -21.11 16.64
N GLU C 479 -8.93 -20.93 16.33
CA GLU C 479 -7.90 -20.78 17.34
C GLU C 479 -8.09 -19.48 18.14
N GLU C 480 -8.80 -18.52 17.56
CA GLU C 480 -9.00 -17.25 18.23
C GLU C 480 -9.98 -17.38 19.39
N VAL C 481 -10.95 -18.30 19.27
CA VAL C 481 -11.93 -18.50 20.34
C VAL C 481 -11.66 -19.69 21.26
N ILE C 482 -10.90 -20.68 20.79
CA ILE C 482 -10.57 -21.84 21.62
C ILE C 482 -9.10 -22.26 21.52
N ASP C 483 -8.72 -23.26 22.30
CA ASP C 483 -7.36 -23.76 22.28
C ASP C 483 -7.27 -25.08 21.53
N PHE C 484 -6.33 -25.15 20.57
CA PHE C 484 -6.07 -26.36 19.82
C PHE C 484 -4.80 -27.03 20.34
N SER C 485 -4.82 -28.35 20.45
CA SER C 485 -3.61 -29.09 20.80
C SER C 485 -2.76 -29.32 19.55
N LYS C 486 -1.59 -29.90 19.74
CA LYS C 486 -0.71 -30.25 18.63
C LYS C 486 -1.40 -31.28 17.74
N PRO C 487 -1.19 -31.20 16.42
CA PRO C 487 -1.89 -32.11 15.50
C PRO C 487 -1.69 -33.58 15.84
N PHE C 488 -2.78 -34.31 16.05
CA PHE C 488 -2.69 -35.74 16.24
C PHE C 488 -2.83 -36.46 14.91
N MET C 489 -3.17 -35.69 13.88
CA MET C 489 -3.25 -36.22 12.52
C MET C 489 -2.96 -35.10 11.53
N SER C 490 -2.01 -35.35 10.62
CA SER C 490 -1.66 -34.37 9.60
C SER C 490 -2.31 -34.70 8.26
N LEU C 491 -2.89 -33.69 7.62
CA LEU C 491 -3.55 -33.87 6.33
C LEU C 491 -3.41 -32.65 5.43
N GLY C 492 -4.19 -32.63 4.37
CA GLY C 492 -4.20 -31.53 3.42
C GLY C 492 -5.30 -31.71 2.41
N ILE C 493 -5.73 -30.61 1.80
CA ILE C 493 -6.82 -30.66 0.81
C ILE C 493 -6.36 -31.35 -0.46
N SER C 494 -7.07 -32.41 -0.84
CA SER C 494 -6.74 -33.18 -2.03
C SER C 494 -7.92 -33.32 -2.99
N ILE C 495 -7.64 -33.99 -4.10
CA ILE C 495 -8.60 -34.17 -5.19
C ILE C 495 -8.96 -35.63 -5.40
N MET C 496 -10.26 -35.91 -5.32
CA MET C 496 -10.82 -37.23 -5.56
C MET C 496 -11.41 -37.31 -6.96
N ILE C 497 -10.88 -38.24 -7.75
CA ILE C 497 -11.40 -38.46 -9.10
C ILE C 497 -11.79 -39.93 -9.27
N LYS C 498 -12.63 -40.18 -10.27
CA LYS C 498 -13.09 -41.53 -10.56
C LYS C 498 -12.20 -42.25 -11.58
N LYS C 499 -11.53 -43.32 -11.16
CA LYS C 499 -10.73 -44.13 -12.07
C LYS C 499 -11.39 -45.49 -12.28
N PRO C 500 -11.76 -45.79 -13.54
CA PRO C 500 -12.48 -47.03 -13.86
C PRO C 500 -11.60 -48.28 -13.75
N GLN C 501 -12.19 -49.38 -13.31
CA GLN C 501 -11.47 -50.65 -13.20
C GLN C 501 -11.23 -51.25 -14.58
N LYS C 502 -10.01 -51.71 -14.82
CA LYS C 502 -9.65 -52.29 -16.12
C LYS C 502 -9.45 -53.80 -16.03
N SER C 503 -10.06 -54.52 -16.95
CA SER C 503 -9.94 -55.97 -16.99
C SER C 503 -9.32 -56.44 -18.31
N GLY C 506 -7.32 -61.84 -21.37
CA GLY C 506 -8.02 -62.89 -22.08
C GLY C 506 -7.75 -62.88 -23.57
N VAL C 507 -8.41 -63.77 -24.29
CA VAL C 507 -8.32 -63.80 -25.75
C VAL C 507 -8.92 -62.51 -26.30
N PHE C 508 -10.01 -62.08 -25.67
CA PHE C 508 -10.70 -60.86 -26.06
C PHE C 508 -9.79 -59.66 -25.91
N SER C 509 -9.01 -59.64 -24.83
CA SER C 509 -8.09 -58.53 -24.59
C SER C 509 -6.99 -58.48 -25.66
N PHE C 510 -6.63 -59.65 -26.19
CA PHE C 510 -5.62 -59.68 -27.24
C PHE C 510 -6.30 -59.27 -28.54
N LEU C 511 -7.62 -59.41 -28.56
CA LEU C 511 -8.43 -59.05 -29.72
C LEU C 511 -8.75 -57.54 -29.74
N ASP C 512 -8.66 -56.87 -28.59
CA ASP C 512 -9.01 -55.45 -28.47
C ASP C 512 -8.12 -54.48 -29.25
N PRO C 513 -6.80 -54.71 -29.31
CA PRO C 513 -6.11 -53.76 -30.18
C PRO C 513 -6.54 -53.94 -31.64
N LEU C 514 -7.02 -55.13 -31.97
CA LEU C 514 -7.59 -55.42 -33.28
C LEU C 514 -8.94 -54.69 -33.33
N ALA C 515 -9.48 -54.47 -32.13
CA ALA C 515 -10.77 -53.81 -31.90
C ALA C 515 -11.98 -54.46 -32.54
N TYR C 516 -12.01 -55.79 -32.55
CA TYR C 516 -13.15 -56.55 -33.09
C TYR C 516 -13.39 -56.29 -34.58
N GLU C 517 -12.71 -55.27 -35.11
CA GLU C 517 -12.90 -54.81 -36.47
C GLU C 517 -11.92 -55.48 -37.42
N ILE C 518 -10.95 -56.19 -36.87
CA ILE C 518 -10.12 -57.04 -37.71
C ILE C 518 -10.89 -58.30 -38.10
N TRP C 519 -11.76 -58.76 -37.21
CA TRP C 519 -12.61 -59.90 -37.53
C TRP C 519 -13.66 -59.53 -38.58
N MET C 520 -14.02 -58.25 -38.61
CA MET C 520 -14.97 -57.74 -39.61
C MET C 520 -14.32 -57.37 -40.94
N ALA C 521 -13.16 -56.74 -40.89
CA ALA C 521 -12.47 -56.25 -42.08
C ALA C 521 -11.47 -57.23 -42.67
N ILE C 522 -10.53 -57.67 -41.84
CA ILE C 522 -9.46 -58.54 -42.28
C ILE C 522 -9.98 -59.93 -42.61
N VAL C 523 -11.07 -60.34 -41.96
CA VAL C 523 -11.69 -61.62 -42.27
C VAL C 523 -12.57 -61.53 -43.53
N PHE C 524 -13.27 -60.41 -43.71
CA PHE C 524 -14.03 -60.22 -44.95
C PHE C 524 -13.07 -60.11 -46.13
N ALA C 525 -11.87 -59.60 -45.87
CA ALA C 525 -10.83 -59.49 -46.87
C ALA C 525 -10.11 -60.83 -47.02
N TYR C 526 -10.21 -61.65 -45.99
CA TYR C 526 -9.62 -62.99 -45.98
C TYR C 526 -10.43 -63.94 -46.86
N ILE C 527 -11.74 -63.94 -46.65
CA ILE C 527 -12.61 -64.75 -47.47
C ILE C 527 -12.78 -64.09 -48.83
N GLY C 528 -12.51 -62.79 -48.88
CA GLY C 528 -12.66 -62.05 -50.12
C GLY C 528 -11.45 -62.20 -51.01
N VAL C 529 -10.31 -62.53 -50.41
CA VAL C 529 -9.13 -62.88 -51.19
C VAL C 529 -9.17 -64.35 -51.54
N SER C 530 -9.60 -65.18 -50.58
CA SER C 530 -9.64 -66.61 -50.84
C SER C 530 -10.71 -66.94 -51.88
N VAL C 531 -11.69 -66.06 -52.05
CA VAL C 531 -12.72 -66.30 -53.07
C VAL C 531 -12.16 -65.90 -54.43
N VAL C 532 -11.27 -64.92 -54.44
CA VAL C 532 -10.62 -64.50 -55.69
C VAL C 532 -9.67 -65.58 -56.15
N LEU C 533 -8.85 -66.08 -55.24
CA LEU C 533 -7.95 -67.19 -55.55
C LEU C 533 -8.76 -68.43 -55.90
N PHE C 534 -9.97 -68.52 -55.35
CA PHE C 534 -10.86 -69.62 -55.70
C PHE C 534 -11.34 -69.45 -57.15
N LEU C 535 -11.52 -68.20 -57.57
CA LEU C 535 -11.93 -67.93 -58.94
C LEU C 535 -10.78 -68.05 -59.94
N VAL C 536 -9.55 -67.96 -59.45
CA VAL C 536 -8.36 -68.10 -60.29
C VAL C 536 -8.23 -69.52 -60.83
N SER C 537 -8.27 -70.50 -59.94
CA SER C 537 -8.17 -71.90 -60.32
C SER C 537 -9.38 -72.37 -61.11
N LEU C 589 -0.03 -64.65 -63.31
CA LEU C 589 0.43 -63.34 -62.85
C LEU C 589 -0.60 -62.72 -61.90
N SER C 590 -1.86 -63.07 -62.10
CA SER C 590 -2.96 -62.53 -61.30
C SER C 590 -2.89 -62.89 -59.82
N ALA C 591 -2.87 -64.19 -59.56
CA ALA C 591 -2.82 -64.70 -58.20
C ALA C 591 -1.54 -64.29 -57.50
N ARG C 592 -0.48 -64.11 -58.28
CA ARG C 592 0.82 -63.70 -57.74
C ARG C 592 0.75 -62.30 -57.13
N ILE C 593 0.23 -61.34 -57.89
CA ILE C 593 0.14 -59.97 -57.37
C ILE C 593 -0.92 -59.91 -56.28
N VAL C 594 -1.95 -60.76 -56.37
CA VAL C 594 -2.95 -60.80 -55.31
C VAL C 594 -2.32 -61.23 -53.99
N ALA C 595 -1.55 -62.32 -54.03
CA ALA C 595 -0.86 -62.82 -52.85
C ALA C 595 0.18 -61.83 -52.32
N GLY C 596 0.86 -61.14 -53.23
CA GLY C 596 1.86 -60.17 -52.84
C GLY C 596 1.28 -58.96 -52.12
N VAL C 597 0.27 -58.35 -52.74
CA VAL C 597 -0.38 -57.20 -52.13
C VAL C 597 -1.06 -57.61 -50.82
N TRP C 598 -1.58 -58.83 -50.78
CA TRP C 598 -2.15 -59.35 -49.52
C TRP C 598 -1.06 -59.46 -48.46
N TRP C 599 0.13 -59.85 -48.89
CA TRP C 599 1.27 -59.96 -47.99
C TRP C 599 1.56 -58.61 -47.37
N PHE C 600 1.63 -57.59 -48.24
CA PHE C 600 1.85 -56.21 -47.79
C PHE C 600 0.74 -55.78 -46.84
N PHE C 601 -0.48 -56.20 -47.15
CA PHE C 601 -1.67 -55.92 -46.36
C PHE C 601 -1.53 -56.41 -44.92
N THR C 602 -1.36 -57.72 -44.76
CA THR C 602 -1.24 -58.29 -43.42
C THR C 602 0.03 -57.79 -42.72
N LEU C 603 1.04 -57.42 -43.52
CA LEU C 603 2.26 -56.84 -42.98
C LEU C 603 1.99 -55.50 -42.29
N ILE C 604 1.31 -54.61 -43.00
CA ILE C 604 0.92 -53.31 -42.46
C ILE C 604 0.02 -53.50 -41.24
N ILE C 605 -0.89 -54.48 -41.32
CA ILE C 605 -1.78 -54.75 -40.19
C ILE C 605 -1.01 -55.15 -38.92
N ILE C 606 -0.13 -56.14 -39.05
CA ILE C 606 0.61 -56.63 -37.89
C ILE C 606 1.59 -55.57 -37.38
N SER C 607 2.07 -54.72 -38.28
CA SER C 607 2.93 -53.61 -37.89
C SER C 607 2.16 -52.58 -37.06
N SER C 608 0.92 -52.31 -37.48
CA SER C 608 0.05 -51.38 -36.77
C SER C 608 -0.29 -51.95 -35.40
N TYR C 609 -0.47 -53.27 -35.36
CA TYR C 609 -0.75 -53.96 -34.11
C TYR C 609 0.41 -53.82 -33.14
N THR C 610 1.61 -54.14 -33.62
CA THR C 610 2.80 -54.08 -32.79
C THR C 610 3.05 -52.66 -32.29
N ALA C 611 2.79 -51.69 -33.17
CA ALA C 611 2.99 -50.29 -32.82
C ALA C 611 2.01 -49.85 -31.73
N ASN C 612 0.74 -50.21 -31.91
CA ASN C 612 -0.30 -49.81 -30.98
C ASN C 612 -0.09 -50.47 -29.63
N LEU C 613 0.32 -51.74 -29.64
CA LEU C 613 0.56 -52.48 -28.42
C LEU C 613 1.77 -51.89 -27.69
N ALA C 614 2.73 -51.40 -28.47
CA ALA C 614 3.91 -50.75 -27.92
C ALA C 614 3.48 -49.49 -27.18
N ALA C 615 2.48 -48.82 -27.76
CA ALA C 615 1.95 -47.63 -27.13
C ALA C 615 1.22 -48.00 -25.84
N PHE C 616 0.49 -49.12 -25.88
CA PHE C 616 -0.25 -49.61 -24.71
C PHE C 616 0.66 -49.89 -23.53
N LEU C 617 1.68 -50.70 -23.74
CA LEU C 617 2.57 -51.07 -22.63
C LEU C 617 3.45 -49.90 -22.18
N THR C 618 3.84 -49.05 -23.12
CA THR C 618 4.60 -47.85 -22.76
C THR C 618 3.75 -46.92 -21.88
N VAL C 619 2.46 -46.80 -22.22
CA VAL C 619 1.54 -46.00 -21.43
C VAL C 619 1.30 -46.67 -20.07
N GLU C 620 1.33 -48.00 -20.06
CA GLU C 620 1.16 -48.75 -18.82
C GLU C 620 2.31 -48.46 -17.86
N ARG C 621 3.53 -48.41 -18.39
CA ARG C 621 4.68 -48.00 -17.58
C ARG C 621 4.50 -46.56 -17.12
N MET C 622 4.00 -45.73 -18.01
CA MET C 622 3.75 -44.32 -17.72
C MET C 622 2.63 -44.20 -16.68
N VAL C 623 2.61 -43.08 -15.98
CA VAL C 623 1.56 -42.81 -15.01
C VAL C 623 0.48 -41.91 -15.61
N SER C 624 -0.48 -41.52 -14.80
CA SER C 624 -1.55 -40.63 -15.25
C SER C 624 -1.04 -39.19 -15.34
N GLU C 627 0.55 -34.50 -12.88
CA GLU C 627 0.97 -34.49 -11.48
C GLU C 627 0.46 -33.25 -10.76
N SER C 628 0.21 -32.19 -11.50
CA SER C 628 -0.21 -30.91 -10.93
C SER C 628 -1.70 -30.91 -10.56
N ALA C 629 -2.02 -30.30 -9.43
CA ALA C 629 -3.40 -30.13 -8.97
C ALA C 629 -4.08 -28.90 -9.59
N GLU C 630 -3.29 -28.07 -10.26
CA GLU C 630 -3.77 -26.85 -10.92
C GLU C 630 -4.54 -27.09 -12.21
N ASP C 631 -4.57 -28.34 -12.66
CA ASP C 631 -5.24 -28.71 -13.91
C ASP C 631 -6.76 -28.57 -13.86
N LEU C 632 -7.36 -28.53 -12.68
CA LEU C 632 -8.80 -28.33 -12.57
C LEU C 632 -9.20 -26.89 -12.84
N SER C 633 -8.36 -25.94 -12.44
CA SER C 633 -8.63 -24.52 -12.67
C SER C 633 -8.49 -24.23 -14.15
N LYS C 634 -7.62 -25.00 -14.79
CA LYS C 634 -7.34 -24.89 -16.22
C LYS C 634 -8.34 -25.69 -17.09
N GLN C 635 -9.45 -26.12 -16.52
CA GLN C 635 -10.50 -26.73 -17.36
C GLN C 635 -11.93 -26.46 -16.87
N THR C 636 -12.83 -26.16 -17.81
CA THR C 636 -14.23 -25.91 -17.46
C THR C 636 -15.13 -27.10 -17.80
N GLU C 637 -14.57 -28.13 -18.41
CA GLU C 637 -15.34 -29.30 -18.83
C GLU C 637 -15.72 -30.24 -17.70
N ILE C 638 -14.77 -30.46 -16.80
CA ILE C 638 -14.99 -31.33 -15.65
C ILE C 638 -15.30 -30.47 -14.44
N ALA C 639 -16.47 -30.64 -13.86
CA ALA C 639 -16.86 -29.86 -12.70
C ALA C 639 -16.04 -30.34 -11.51
N TYR C 640 -15.75 -29.45 -10.58
CA TYR C 640 -15.01 -29.80 -9.38
C TYR C 640 -15.47 -28.90 -8.25
N GLY C 641 -15.64 -29.47 -7.06
CA GLY C 641 -16.17 -28.65 -5.97
C GLY C 641 -15.84 -29.03 -4.54
N THR C 642 -16.27 -28.19 -3.61
CA THR C 642 -16.05 -28.43 -2.18
C THR C 642 -17.37 -28.51 -1.44
N LEU C 643 -17.30 -28.60 -0.11
CA LEU C 643 -18.49 -28.65 0.73
C LEU C 643 -19.17 -27.29 0.83
N ASP C 644 -20.45 -27.29 1.21
CA ASP C 644 -21.21 -26.05 1.31
C ASP C 644 -20.77 -25.23 2.51
N SER C 645 -20.06 -25.87 3.45
CA SER C 645 -19.48 -25.17 4.59
C SER C 645 -18.29 -25.96 5.14
N GLY C 646 -17.29 -25.24 5.64
CA GLY C 646 -16.12 -25.89 6.21
C GLY C 646 -14.82 -25.16 5.93
N SER C 647 -13.72 -25.74 6.40
CA SER C 647 -12.40 -25.12 6.28
C SER C 647 -11.83 -25.14 4.86
N THR C 648 -12.26 -26.11 4.06
CA THR C 648 -11.79 -26.22 2.68
C THR C 648 -12.37 -25.08 1.83
N LYS C 649 -13.67 -24.90 1.98
CA LYS C 649 -14.40 -23.85 1.28
C LYS C 649 -13.84 -22.48 1.65
N GLU C 650 -13.53 -22.29 2.93
CA GLU C 650 -12.96 -21.05 3.41
C GLU C 650 -11.50 -20.93 2.98
N PHE C 651 -10.87 -22.08 2.71
CA PHE C 651 -9.49 -22.09 2.22
C PHE C 651 -9.46 -21.54 0.81
N PHE C 652 -10.46 -21.89 0.00
CA PHE C 652 -10.53 -21.36 -1.35
C PHE C 652 -11.09 -19.93 -1.38
N ARG C 653 -11.97 -19.63 -0.42
CA ARG C 653 -12.57 -18.30 -0.32
C ARG C 653 -11.52 -17.25 0.04
N ARG C 654 -10.73 -17.54 1.06
CA ARG C 654 -9.77 -16.59 1.60
C ARG C 654 -8.40 -16.67 0.94
N SER C 655 -8.32 -17.39 -0.18
CA SER C 655 -7.03 -17.64 -0.83
C SER C 655 -6.59 -16.51 -1.77
N LYS C 656 -5.31 -16.18 -1.71
CA LYS C 656 -4.73 -15.17 -2.58
C LYS C 656 -3.92 -15.80 -3.71
N ILE C 657 -3.85 -17.13 -3.70
CA ILE C 657 -3.12 -17.87 -4.74
C ILE C 657 -3.84 -17.81 -6.07
N ALA C 658 -3.07 -17.74 -7.15
CA ALA C 658 -3.63 -17.62 -8.49
C ALA C 658 -4.51 -18.81 -8.83
N VAL C 659 -4.00 -20.02 -8.60
CA VAL C 659 -4.71 -21.24 -8.92
C VAL C 659 -5.95 -21.41 -8.03
N PHE C 660 -5.74 -21.30 -6.73
CA PHE C 660 -6.80 -21.56 -5.76
C PHE C 660 -7.89 -20.47 -5.83
N ASP C 661 -7.45 -19.24 -6.15
CA ASP C 661 -8.38 -18.12 -6.25
C ASP C 661 -9.18 -18.27 -7.53
N LYS C 662 -8.52 -18.72 -8.59
CA LYS C 662 -9.21 -18.97 -9.85
C LYS C 662 -10.29 -20.00 -9.62
N MET C 663 -9.93 -21.05 -8.87
CA MET C 663 -10.86 -22.11 -8.55
C MET C 663 -12.06 -21.62 -7.77
N TRP C 664 -11.83 -20.72 -6.82
CA TRP C 664 -12.96 -20.16 -6.08
C TRP C 664 -13.85 -19.35 -7.01
N THR C 665 -13.22 -18.58 -7.88
CA THR C 665 -13.91 -17.73 -8.84
C THR C 665 -14.83 -18.55 -9.72
N TYR C 666 -14.36 -19.74 -10.09
CA TYR C 666 -15.19 -20.63 -10.89
C TYR C 666 -16.29 -21.27 -10.06
N MET C 667 -15.93 -21.81 -8.90
CA MET C 667 -16.86 -22.59 -8.08
C MET C 667 -18.05 -21.76 -7.62
N ARG C 668 -17.86 -20.46 -7.42
CA ARG C 668 -18.95 -19.63 -6.95
C ARG C 668 -19.98 -19.33 -8.06
N SER C 669 -19.57 -19.38 -9.33
CA SER C 669 -20.46 -19.01 -10.43
C SER C 669 -21.18 -20.09 -11.25
N ALA C 670 -21.13 -21.35 -10.82
CA ALA C 670 -21.79 -22.45 -11.54
C ALA C 670 -23.26 -22.72 -11.13
N GLU C 671 -24.15 -22.81 -12.11
CA GLU C 671 -25.54 -23.22 -11.87
C GLU C 671 -25.80 -24.50 -12.67
N PRO C 672 -26.18 -25.61 -11.99
CA PRO C 672 -26.44 -25.75 -10.56
C PRO C 672 -25.18 -25.75 -9.70
N SER C 673 -25.39 -25.68 -8.39
CA SER C 673 -24.30 -25.61 -7.41
C SER C 673 -23.33 -26.78 -7.49
N VAL C 674 -22.05 -26.48 -7.38
CA VAL C 674 -21.00 -27.48 -7.47
C VAL C 674 -20.68 -27.95 -6.06
N PHE C 675 -21.21 -27.23 -5.08
CA PHE C 675 -20.98 -27.53 -3.67
C PHE C 675 -21.92 -28.64 -3.19
N VAL C 676 -21.45 -29.45 -2.24
CA VAL C 676 -22.27 -30.51 -1.68
C VAL C 676 -22.48 -30.32 -0.17
N ARG C 677 -23.48 -31.01 0.38
CA ARG C 677 -23.82 -30.88 1.79
C ARG C 677 -22.97 -31.81 2.67
N THR C 678 -22.79 -33.04 2.22
CA THR C 678 -22.05 -34.04 2.98
C THR C 678 -20.93 -34.69 2.17
N THR C 679 -20.06 -35.43 2.84
CA THR C 679 -18.97 -36.14 2.20
C THR C 679 -19.50 -37.26 1.32
N ALA C 680 -20.45 -38.01 1.87
CA ALA C 680 -21.10 -39.11 1.17
C ALA C 680 -21.77 -38.60 -0.11
N GLU C 681 -22.29 -37.38 -0.05
CA GLU C 681 -22.93 -36.76 -1.20
C GLU C 681 -21.92 -36.46 -2.30
N GLY C 682 -20.75 -35.97 -1.90
CA GLY C 682 -19.70 -35.69 -2.85
C GLY C 682 -19.19 -36.96 -3.52
N VAL C 683 -18.94 -37.98 -2.72
CA VAL C 683 -18.50 -39.27 -3.24
C VAL C 683 -19.53 -39.86 -4.20
N ALA C 684 -20.80 -39.82 -3.77
CA ALA C 684 -21.90 -40.33 -4.58
C ALA C 684 -22.06 -39.53 -5.87
N ARG C 685 -21.69 -38.24 -5.83
CA ARG C 685 -21.80 -37.39 -7.01
C ARG C 685 -20.66 -37.69 -7.97
N VAL C 686 -19.51 -38.09 -7.43
CA VAL C 686 -18.41 -38.51 -8.27
C VAL C 686 -18.75 -39.82 -8.96
N ARG C 687 -19.32 -40.75 -8.19
CA ARG C 687 -19.64 -42.07 -8.73
C ARG C 687 -20.84 -42.06 -9.68
N LYS C 688 -21.77 -41.13 -9.46
CA LYS C 688 -22.95 -41.04 -10.32
C LYS C 688 -22.76 -39.99 -11.41
N SER C 689 -21.64 -39.29 -11.37
CA SER C 689 -21.32 -38.26 -12.36
C SER C 689 -20.73 -38.86 -13.62
N LYS C 690 -20.32 -40.12 -13.56
CA LYS C 690 -19.73 -40.81 -14.70
C LYS C 690 -18.37 -40.21 -15.03
N GLY C 691 -17.69 -39.69 -14.01
CA GLY C 691 -16.37 -39.11 -14.16
C GLY C 691 -16.39 -37.65 -14.61
N LYS C 692 -17.55 -37.02 -14.54
CA LYS C 692 -17.68 -35.62 -14.91
C LYS C 692 -17.46 -34.70 -13.71
N TYR C 693 -17.55 -35.27 -12.50
CA TYR C 693 -17.40 -34.50 -11.28
C TYR C 693 -16.19 -34.91 -10.44
N ALA C 694 -15.42 -33.92 -10.00
CA ALA C 694 -14.26 -34.12 -9.13
C ALA C 694 -14.53 -33.51 -7.75
N TYR C 695 -14.21 -34.29 -6.70
CA TYR C 695 -14.50 -33.85 -5.35
C TYR C 695 -13.26 -33.42 -4.57
N LEU C 696 -13.25 -32.14 -4.17
CA LEU C 696 -12.16 -31.60 -3.38
C LEU C 696 -12.43 -31.81 -1.90
N LEU C 697 -11.65 -32.67 -1.26
CA LEU C 697 -11.87 -32.97 0.15
C LEU C 697 -10.54 -33.21 0.85
N GLU C 698 -10.56 -33.22 2.18
CA GLU C 698 -9.34 -33.47 2.94
C GLU C 698 -8.81 -34.85 2.62
N SER C 699 -7.48 -34.98 2.67
CA SER C 699 -6.80 -36.20 2.23
C SER C 699 -7.19 -37.43 3.03
N THR C 700 -7.51 -37.24 4.31
CA THR C 700 -7.85 -38.37 5.18
C THR C 700 -9.09 -39.12 4.70
N MET C 701 -10.20 -38.39 4.54
CA MET C 701 -11.43 -38.99 4.08
C MET C 701 -11.27 -39.60 2.70
N ASN C 702 -10.42 -38.97 1.88
CA ASN C 702 -10.17 -39.45 0.53
C ASN C 702 -9.42 -40.79 0.55
N GLU C 703 -8.48 -40.90 1.48
CA GLU C 703 -7.72 -42.13 1.68
C GLU C 703 -8.65 -43.21 2.21
N TYR C 704 -9.66 -42.80 2.97
CA TYR C 704 -10.63 -43.75 3.51
C TYR C 704 -11.52 -44.29 2.40
N ILE C 705 -12.13 -43.39 1.62
CA ILE C 705 -13.03 -43.77 0.55
C ILE C 705 -12.31 -44.53 -0.57
N GLU C 706 -11.01 -44.30 -0.71
CA GLU C 706 -10.23 -45.01 -1.72
C GLU C 706 -10.14 -46.50 -1.39
N GLN C 707 -10.45 -46.85 -0.14
CA GLN C 707 -10.45 -48.22 0.33
C GLN C 707 -11.85 -48.85 0.42
N ARG C 708 -12.85 -48.19 -0.15
CA ARG C 708 -14.24 -48.66 0.00
C ARG C 708 -14.88 -49.06 -1.33
N LYS C 709 -15.68 -50.13 -1.29
CA LYS C 709 -16.41 -50.62 -2.46
C LYS C 709 -17.40 -49.57 -2.94
N PRO C 710 -17.69 -49.52 -4.26
CA PRO C 710 -17.32 -50.31 -5.44
C PRO C 710 -15.85 -50.14 -5.87
N CYS C 711 -15.14 -49.26 -5.20
CA CYS C 711 -13.69 -49.04 -5.40
C CYS C 711 -13.31 -48.48 -6.76
N ASP C 712 -14.10 -47.54 -7.26
CA ASP C 712 -13.83 -46.87 -8.53
C ASP C 712 -13.23 -45.46 -8.34
N THR C 713 -12.87 -45.09 -7.11
CA THR C 713 -12.37 -43.75 -6.84
C THR C 713 -10.93 -43.73 -6.31
N MET C 714 -10.26 -42.61 -6.50
CA MET C 714 -8.88 -42.46 -6.04
C MET C 714 -8.45 -41.00 -5.84
N LYS C 715 -7.37 -40.82 -5.06
CA LYS C 715 -6.78 -39.51 -4.81
C LYS C 715 -5.65 -39.22 -5.80
N VAL C 716 -5.69 -38.06 -6.44
CA VAL C 716 -4.64 -37.71 -7.39
C VAL C 716 -3.85 -36.47 -6.97
N GLY C 717 -2.53 -36.53 -7.18
CA GLY C 717 -1.66 -35.42 -6.86
C GLY C 717 -1.42 -35.24 -5.37
N GLY C 718 -0.46 -34.37 -5.04
CA GLY C 718 -0.18 -34.05 -3.66
C GLY C 718 -1.20 -33.09 -3.09
N ASN C 719 -1.18 -32.91 -1.78
CA ASN C 719 -2.12 -32.02 -1.10
C ASN C 719 -1.89 -30.56 -1.46
N LEU C 720 -2.99 -29.80 -1.53
CA LEU C 720 -2.92 -28.38 -1.89
C LEU C 720 -2.29 -27.56 -0.78
N ASP C 721 -2.36 -28.08 0.45
CA ASP C 721 -1.78 -27.40 1.60
C ASP C 721 -1.46 -28.39 2.71
N SER C 722 -0.92 -27.90 3.81
CA SER C 722 -0.59 -28.75 4.95
C SER C 722 -1.32 -28.30 6.21
N LYS C 723 -2.31 -29.07 6.62
CA LYS C 723 -3.07 -28.78 7.82
C LYS C 723 -3.09 -29.97 8.78
N GLY C 724 -3.89 -29.87 9.84
CA GLY C 724 -3.97 -30.94 10.82
C GLY C 724 -5.16 -30.87 11.73
N TYR C 725 -5.51 -32.01 12.33
CA TYR C 725 -6.59 -32.11 13.30
C TYR C 725 -6.07 -31.95 14.72
N GLY C 726 -6.85 -31.34 15.59
CA GLY C 726 -6.42 -31.14 16.96
C GLY C 726 -7.54 -31.23 17.98
N ILE C 727 -7.17 -31.59 19.21
CA ILE C 727 -8.13 -31.64 20.30
C ILE C 727 -8.43 -30.26 20.84
N ALA C 728 -9.69 -29.86 20.75
CA ALA C 728 -10.09 -28.51 21.13
C ALA C 728 -10.53 -28.46 22.59
N THR C 729 -10.15 -27.38 23.27
CA THR C 729 -10.57 -27.13 24.64
C THR C 729 -10.99 -25.66 24.76
N PRO C 730 -11.90 -25.36 25.69
CA PRO C 730 -12.29 -23.95 25.88
C PRO C 730 -11.08 -23.11 26.28
N LYS C 731 -11.05 -21.84 25.88
CA LYS C 731 -9.89 -21.00 26.15
C LYS C 731 -9.64 -20.86 27.65
N GLY C 732 -8.47 -21.30 28.09
CA GLY C 732 -8.10 -21.19 29.49
C GLY C 732 -8.61 -22.37 30.30
N SER C 733 -8.75 -23.53 29.67
CA SER C 733 -9.25 -24.71 30.35
C SER C 733 -8.15 -25.39 31.14
N SER C 734 -8.54 -26.09 32.21
CA SER C 734 -7.59 -26.82 33.02
C SER C 734 -7.17 -28.08 32.30
N LEU C 735 -8.01 -28.52 31.38
CA LEU C 735 -7.76 -29.74 30.62
C LEU C 735 -6.85 -29.57 29.41
N GLY C 736 -6.56 -28.33 29.02
CA GLY C 736 -5.78 -28.08 27.82
C GLY C 736 -4.35 -28.59 27.83
N THR C 737 -3.58 -28.24 28.86
CA THR C 737 -2.18 -28.70 28.94
C THR C 737 -2.00 -30.23 29.01
N PRO C 738 -2.76 -30.92 29.88
CA PRO C 738 -2.58 -32.36 29.87
C PRO C 738 -2.99 -33.01 28.56
N VAL C 739 -4.09 -32.60 27.93
CA VAL C 739 -4.46 -33.23 26.67
C VAL C 739 -3.40 -32.91 25.60
N ASN C 740 -2.79 -31.73 25.65
CA ASN C 740 -1.72 -31.40 24.70
C ASN C 740 -0.53 -32.35 24.84
N LEU C 741 -0.04 -32.47 26.07
CA LEU C 741 1.10 -33.36 26.33
C LEU C 741 0.72 -34.81 26.07
N ALA C 742 -0.54 -35.14 26.26
CA ALA C 742 -1.06 -36.48 26.00
C ALA C 742 -0.98 -36.78 24.52
N VAL C 743 -1.39 -35.82 23.70
CA VAL C 743 -1.34 -35.97 22.25
C VAL C 743 0.10 -36.20 21.81
N LEU C 744 1.02 -35.36 22.31
CA LEU C 744 2.43 -35.55 21.96
C LEU C 744 2.97 -36.91 22.43
N LYS C 745 2.54 -37.33 23.61
CA LYS C 745 2.96 -38.61 24.19
C LYS C 745 2.53 -39.78 23.33
N LEU C 746 1.26 -39.78 22.93
CA LEU C 746 0.71 -40.84 22.08
C LEU C 746 1.35 -40.81 20.71
N SER C 747 1.72 -39.61 20.25
CA SER C 747 2.31 -39.45 18.93
C SER C 747 3.73 -39.99 18.87
N GLU C 748 4.52 -39.73 19.91
CA GLU C 748 5.91 -40.18 19.91
C GLU C 748 6.04 -41.69 20.05
N GLN C 749 5.10 -42.32 20.75
CA GLN C 749 5.13 -43.77 20.92
C GLN C 749 4.42 -44.49 19.76
N GLY C 750 3.94 -43.72 18.79
CA GLY C 750 3.39 -44.28 17.56
C GLY C 750 2.03 -44.97 17.64
N VAL C 751 1.23 -44.61 18.63
CA VAL C 751 -0.10 -45.20 18.78
C VAL C 751 -1.11 -44.64 17.77
N LEU C 752 -0.93 -43.38 17.41
CA LEU C 752 -1.85 -42.70 16.49
C LEU C 752 -1.82 -43.32 15.09
N ASP C 753 -0.62 -43.67 14.64
CA ASP C 753 -0.44 -44.27 13.32
C ASP C 753 -0.96 -45.71 13.27
N LYS C 754 -0.80 -46.42 14.36
CA LYS C 754 -1.32 -47.78 14.48
C LYS C 754 -2.84 -47.75 14.47
N LEU C 755 -3.39 -46.73 15.11
CA LEU C 755 -4.83 -46.56 15.19
C LEU C 755 -5.39 -46.22 13.81
N LYS C 756 -4.62 -45.43 13.05
CA LYS C 756 -5.03 -45.08 11.70
C LYS C 756 -5.00 -46.31 10.80
N ASN C 757 -3.92 -47.10 10.89
CA ASN C 757 -3.86 -48.35 10.13
C ASN C 757 -5.02 -49.25 10.49
N LYS C 758 -5.44 -49.20 11.75
CA LYS C 758 -6.55 -50.01 12.22
C LYS C 758 -7.87 -49.61 11.57
N TRP C 759 -8.15 -48.31 11.52
CA TRP C 759 -9.44 -47.87 11.00
C TRP C 759 -9.44 -47.48 9.52
N TRP C 760 -8.28 -47.48 8.90
CA TRP C 760 -8.21 -47.15 7.48
C TRP C 760 -7.82 -48.34 6.62
N TYR C 761 -6.61 -48.85 6.84
CA TYR C 761 -6.01 -49.85 5.96
C TYR C 761 -6.20 -51.31 6.36
N ASP C 762 -6.59 -51.58 7.60
CA ASP C 762 -6.76 -52.96 8.05
C ASP C 762 -7.99 -53.63 7.44
N LYS C 763 -9.09 -52.89 7.37
CA LYS C 763 -10.35 -53.43 6.88
C LYS C 763 -10.63 -53.13 5.41
N GLY C 764 -9.68 -52.52 4.72
CA GLY C 764 -9.88 -52.07 3.35
C GLY C 764 -10.34 -53.15 2.39
N GLU C 765 -11.48 -52.91 1.76
CA GLU C 765 -12.09 -53.89 0.87
C GLU C 765 -11.45 -53.90 -0.51
N CYS C 766 -11.09 -52.73 -1.02
CA CYS C 766 -10.42 -52.62 -2.31
C CYS C 766 -8.98 -53.09 -2.19
N GLY C 767 -8.20 -52.30 -1.47
CA GLY C 767 -6.79 -52.60 -1.26
C GLY C 767 -6.58 -53.99 -0.71
N ALA C 768 -5.50 -54.62 -1.14
CA ALA C 768 -5.14 -55.98 -0.72
C ALA C 768 -6.27 -56.97 -0.97
N LYS C 776 1.43 -58.68 -5.76
CA LYS C 776 1.26 -59.30 -7.08
C LYS C 776 1.26 -58.24 -8.18
N THR C 777 2.12 -57.23 -8.02
CA THR C 777 2.19 -56.14 -8.98
C THR C 777 3.44 -56.25 -9.86
N SER C 778 3.23 -56.47 -11.15
CA SER C 778 4.32 -56.53 -12.10
C SER C 778 3.90 -55.87 -13.42
N ALA C 779 4.88 -55.59 -14.27
CA ALA C 779 4.62 -54.91 -15.53
C ALA C 779 3.84 -55.81 -16.48
N LEU C 780 4.02 -57.11 -16.36
CA LEU C 780 3.42 -58.06 -17.29
C LEU C 780 2.47 -59.02 -16.60
N SER C 781 1.33 -59.27 -17.25
CA SER C 781 0.41 -60.32 -16.82
C SER C 781 0.19 -61.23 -18.00
N LEU C 782 0.22 -62.54 -17.78
CA LEU C 782 0.13 -63.44 -18.93
C LEU C 782 -1.23 -63.31 -19.64
N SER C 783 -2.31 -63.08 -18.87
CA SER C 783 -3.69 -63.30 -19.37
C SER C 783 -4.01 -62.49 -20.64
N ASN C 784 -3.12 -61.58 -21.02
CA ASN C 784 -3.37 -60.77 -22.20
C ASN C 784 -2.97 -61.61 -23.41
N VAL C 785 -1.83 -62.28 -23.27
CA VAL C 785 -1.24 -63.11 -24.30
C VAL C 785 -1.65 -64.60 -24.15
N ALA C 786 -2.26 -64.91 -23.01
CA ALA C 786 -2.73 -66.25 -22.64
C ALA C 786 -4.06 -66.76 -23.22
N GLY C 787 -5.02 -65.88 -23.44
CA GLY C 787 -6.33 -66.27 -23.94
C GLY C 787 -6.25 -66.92 -25.30
N VAL C 788 -5.21 -66.55 -26.04
CA VAL C 788 -4.98 -67.10 -27.36
C VAL C 788 -4.64 -68.58 -27.15
N PHE C 789 -4.14 -68.97 -25.98
CA PHE C 789 -3.86 -70.39 -25.75
C PHE C 789 -5.20 -71.13 -25.81
N TYR C 790 -6.21 -70.54 -25.16
CA TYR C 790 -7.55 -71.11 -25.10
C TYR C 790 -8.26 -71.14 -26.45
N ILE C 791 -8.13 -70.06 -27.23
CA ILE C 791 -8.76 -70.04 -28.54
C ILE C 791 -8.02 -70.96 -29.50
N LEU C 792 -6.73 -71.16 -29.23
CA LEU C 792 -5.90 -72.07 -30.00
C LEU C 792 -6.38 -73.49 -29.70
N VAL C 793 -6.66 -73.78 -28.43
CA VAL C 793 -7.21 -75.07 -28.04
C VAL C 793 -8.56 -75.27 -28.71
N GLY C 794 -9.31 -74.19 -28.87
CA GLY C 794 -10.55 -74.25 -29.61
C GLY C 794 -10.25 -74.71 -31.03
N GLY C 795 -9.19 -74.15 -31.60
CA GLY C 795 -8.74 -74.53 -32.93
C GLY C 795 -8.25 -75.96 -33.06
N LEU C 796 -7.55 -76.45 -32.04
CA LEU C 796 -7.02 -77.80 -32.07
C LEU C 796 -8.13 -78.81 -31.95
N GLY C 797 -9.09 -78.51 -31.08
CA GLY C 797 -10.22 -79.41 -30.91
C GLY C 797 -11.18 -79.43 -32.07
N LEU C 798 -11.45 -78.25 -32.63
CA LEU C 798 -12.29 -78.18 -33.82
C LEU C 798 -11.64 -78.79 -35.05
N ALA C 799 -10.36 -78.51 -35.27
CA ALA C 799 -9.64 -79.08 -36.41
C ALA C 799 -9.53 -80.59 -36.28
N MET C 800 -9.24 -81.05 -35.07
CA MET C 800 -9.19 -82.47 -34.80
C MET C 800 -10.55 -83.09 -35.08
N LEU C 801 -11.60 -82.39 -34.66
CA LEU C 801 -12.97 -82.85 -34.86
C LEU C 801 -13.33 -82.99 -36.34
N VAL C 802 -13.05 -81.94 -37.12
CA VAL C 802 -13.36 -81.99 -38.55
C VAL C 802 -12.51 -83.05 -39.26
N ALA C 803 -11.30 -83.30 -38.76
CA ALA C 803 -10.52 -84.40 -39.31
C ALA C 803 -11.21 -85.73 -39.05
N LEU C 804 -11.72 -85.87 -37.82
CA LEU C 804 -12.41 -87.09 -37.41
C LEU C 804 -13.66 -87.32 -38.25
N ILE C 805 -14.37 -86.24 -38.58
CA ILE C 805 -15.55 -86.38 -39.42
C ILE C 805 -15.16 -86.51 -40.89
N GLU C 806 -13.91 -86.17 -41.21
CA GLU C 806 -13.45 -86.31 -42.59
C GLU C 806 -13.11 -87.76 -42.90
N PHE C 807 -12.46 -88.43 -41.97
CA PHE C 807 -12.16 -89.85 -42.19
C PHE C 807 -13.35 -90.75 -41.91
N ALA C 808 -14.33 -90.25 -41.17
CA ALA C 808 -15.52 -91.05 -40.86
C ALA C 808 -16.45 -91.16 -42.06
N ASN D 1 -50.41 44.64 38.98
CA ASN D 1 -50.20 43.21 38.82
C ASN D 1 -48.72 42.83 38.68
N SER D 2 -48.02 42.86 39.80
CA SER D 2 -46.58 42.58 39.83
C SER D 2 -46.34 41.10 40.09
N ILE D 3 -45.56 40.47 39.22
CA ILE D 3 -45.21 39.06 39.40
C ILE D 3 -43.74 38.84 39.73
N GLN D 4 -43.46 38.46 40.98
CA GLN D 4 -42.10 38.26 41.40
C GLN D 4 -41.59 36.87 40.98
N ILE D 5 -40.51 36.84 40.21
CA ILE D 5 -39.88 35.58 39.83
C ILE D 5 -38.39 35.66 40.11
N GLY D 6 -37.74 34.51 40.36
CA GLY D 6 -36.30 34.55 40.54
C GLY D 6 -35.55 34.12 39.31
N GLY D 7 -34.50 34.86 38.95
CA GLY D 7 -33.60 34.43 37.90
C GLY D 7 -32.33 33.88 38.52
N LEU D 8 -31.85 32.76 38.02
CA LEU D 8 -30.54 32.26 38.45
C LEU D 8 -29.61 32.14 37.25
N PHE D 9 -28.64 33.05 37.15
CA PHE D 9 -27.71 33.01 36.04
C PHE D 9 -26.32 32.64 36.51
N PRO D 10 -25.68 31.67 35.83
CA PRO D 10 -24.30 31.30 36.13
C PRO D 10 -23.34 32.45 35.85
N ARG D 11 -22.18 32.44 36.49
CA ARG D 11 -21.21 33.50 36.27
C ARG D 11 -20.68 33.32 34.86
N GLY D 12 -20.83 34.35 34.04
CA GLY D 12 -20.34 34.26 32.67
C GLY D 12 -21.43 34.14 31.63
N ALA D 13 -22.68 33.98 32.03
CA ALA D 13 -23.72 33.90 31.01
C ALA D 13 -24.19 35.32 30.75
N ASP D 14 -23.59 35.91 29.73
CA ASP D 14 -23.89 37.25 29.29
C ASP D 14 -25.00 37.28 28.24
N GLN D 15 -24.86 36.41 27.24
CA GLN D 15 -25.80 36.34 26.14
C GLN D 15 -27.16 35.81 26.61
N GLU D 16 -27.13 34.89 27.57
CA GLU D 16 -28.35 34.33 28.14
C GLU D 16 -29.12 35.40 28.92
N TYR D 17 -28.41 36.21 29.68
CA TYR D 17 -29.03 37.26 30.46
C TYR D 17 -29.52 38.39 29.55
N SER D 18 -28.76 38.64 28.48
CA SER D 18 -29.13 39.63 27.49
C SER D 18 -30.42 39.22 26.79
N ALA D 19 -30.49 37.95 26.41
CA ALA D 19 -31.68 37.40 25.76
C ALA D 19 -32.83 37.33 26.76
N PHE D 20 -32.48 37.26 28.05
CA PHE D 20 -33.48 37.29 29.10
C PHE D 20 -34.11 38.68 29.16
N ARG D 21 -33.28 39.72 29.10
CA ARG D 21 -33.77 41.08 29.13
C ARG D 21 -34.55 41.41 27.85
N VAL D 22 -34.05 40.96 26.71
CA VAL D 22 -34.74 41.14 25.43
C VAL D 22 -36.10 40.45 25.46
N GLY D 23 -36.14 39.25 26.04
CA GLY D 23 -37.38 38.51 26.20
C GLY D 23 -38.32 39.24 27.15
N MET D 24 -37.75 39.93 28.12
CA MET D 24 -38.53 40.73 29.05
C MET D 24 -39.17 41.91 28.34
N VAL D 25 -38.44 42.50 27.39
CA VAL D 25 -38.94 43.63 26.62
C VAL D 25 -40.01 43.21 25.62
N GLN D 26 -39.76 42.11 24.92
CA GLN D 26 -40.67 41.62 23.89
C GLN D 26 -42.01 41.14 24.44
N PHE D 27 -41.95 40.33 25.49
CA PHE D 27 -43.12 39.67 26.03
C PHE D 27 -43.75 40.44 27.19
N SER D 28 -43.30 41.68 27.38
CA SER D 28 -43.88 42.53 28.41
C SER D 28 -45.28 42.94 27.98
N THR D 29 -46.18 43.07 28.95
CA THR D 29 -47.57 43.38 28.65
C THR D 29 -48.20 44.27 29.71
N SER D 30 -49.37 44.83 29.39
CA SER D 30 -50.11 45.68 30.31
C SER D 30 -50.94 44.84 31.29
N GLU D 31 -51.09 43.56 30.97
CA GLU D 31 -51.84 42.63 31.81
C GLU D 31 -51.15 42.44 33.16
N PHE D 32 -49.86 42.10 33.10
CA PHE D 32 -49.06 41.88 34.28
C PHE D 32 -47.59 42.18 33.97
N ARG D 33 -46.79 42.34 35.03
CA ARG D 33 -45.39 42.69 34.86
C ARG D 33 -44.51 41.69 35.59
N LEU D 34 -43.66 41.02 34.82
CA LEU D 34 -42.70 40.08 35.41
C LEU D 34 -41.63 40.89 36.12
N THR D 35 -41.40 40.61 37.40
CA THR D 35 -40.38 41.33 38.16
C THR D 35 -39.31 40.35 38.65
N PRO D 36 -38.27 40.16 37.83
CA PRO D 36 -37.19 39.21 38.13
C PRO D 36 -36.20 39.71 39.17
N HIS D 37 -35.79 38.83 40.08
CA HIS D 37 -34.69 39.11 40.98
C HIS D 37 -33.51 38.24 40.55
N ILE D 38 -32.43 38.89 40.09
CA ILE D 38 -31.32 38.17 39.48
C ILE D 38 -30.21 37.84 40.48
N ASP D 39 -29.81 36.58 40.50
CA ASP D 39 -28.70 36.13 41.34
C ASP D 39 -27.60 35.50 40.49
N ASN D 40 -26.46 36.17 40.44
CA ASN D 40 -25.31 35.66 39.69
C ASN D 40 -24.44 34.79 40.60
N LEU D 41 -24.29 33.52 40.23
CA LEU D 41 -23.63 32.55 41.09
C LEU D 41 -22.80 31.52 40.33
N GLU D 42 -22.01 30.75 41.08
CA GLU D 42 -21.30 29.60 40.51
C GLU D 42 -22.27 28.44 40.48
N VAL D 43 -22.62 28.00 39.27
CA VAL D 43 -23.68 27.02 39.09
C VAL D 43 -23.29 25.62 39.56
N ALA D 44 -21.98 25.38 39.68
CA ALA D 44 -21.47 24.08 40.10
C ALA D 44 -21.43 23.95 41.62
N ASN D 45 -21.72 25.03 42.33
CA ASN D 45 -21.69 25.03 43.78
C ASN D 45 -23.07 24.76 44.38
N SER D 46 -23.20 23.61 45.04
CA SER D 46 -24.47 23.21 45.66
C SER D 46 -24.84 24.16 46.79
N PHE D 47 -23.83 24.65 47.49
CA PHE D 47 -24.03 25.59 48.60
C PHE D 47 -24.60 26.91 48.11
N ALA D 48 -24.00 27.46 47.05
CA ALA D 48 -24.45 28.71 46.47
C ALA D 48 -25.85 28.59 45.89
N VAL D 49 -26.11 27.47 45.22
CA VAL D 49 -27.43 27.19 44.66
C VAL D 49 -28.48 27.10 45.78
N THR D 50 -28.10 26.44 46.87
CA THR D 50 -28.97 26.32 48.03
C THR D 50 -29.31 27.68 48.61
N ASN D 51 -28.28 28.50 48.82
CA ASN D 51 -28.46 29.85 49.35
C ASN D 51 -29.36 30.70 48.46
N ALA D 52 -29.10 30.64 47.15
CA ALA D 52 -29.88 31.40 46.18
C ALA D 52 -31.34 30.97 46.15
N PHE D 53 -31.57 29.66 46.12
CA PHE D 53 -32.92 29.11 46.09
C PHE D 53 -33.68 29.51 47.35
N CYS D 54 -33.03 29.40 48.51
CA CYS D 54 -33.66 29.77 49.76
C CYS D 54 -33.94 31.27 49.82
N SER D 55 -33.08 32.05 49.20
CA SER D 55 -33.28 33.50 49.14
C SER D 55 -34.50 33.86 48.29
N GLN D 56 -34.54 33.30 47.07
CA GLN D 56 -35.65 33.53 46.16
C GLN D 56 -36.96 33.05 46.75
N PHE D 57 -36.91 31.92 47.47
CA PHE D 57 -38.09 31.37 48.11
C PHE D 57 -38.56 32.25 49.25
N SER D 58 -37.61 32.75 50.05
CA SER D 58 -37.93 33.62 51.18
C SER D 58 -38.52 34.94 50.69
N ARG D 59 -38.09 35.38 49.50
CA ARG D 59 -38.63 36.57 48.87
C ARG D 59 -40.08 36.38 48.44
N GLY D 60 -40.47 35.12 48.19
CA GLY D 60 -41.82 34.80 47.81
C GLY D 60 -42.09 34.88 46.31
N VAL D 61 -41.18 34.33 45.52
CA VAL D 61 -41.34 34.30 44.07
C VAL D 61 -42.35 33.23 43.66
N TYR D 62 -43.03 33.45 42.54
CA TYR D 62 -44.02 32.49 42.05
C TYR D 62 -43.41 31.45 41.13
N ALA D 63 -42.23 31.77 40.59
CA ALA D 63 -41.52 30.86 39.70
C ALA D 63 -40.03 31.17 39.68
N ILE D 64 -39.22 30.15 39.38
CA ILE D 64 -37.78 30.34 39.32
C ILE D 64 -37.19 29.85 38.00
N PHE D 65 -36.74 30.79 37.18
CA PHE D 65 -35.97 30.48 35.99
C PHE D 65 -34.50 30.39 36.38
N GLY D 66 -33.76 29.49 35.73
CA GLY D 66 -32.34 29.38 36.03
C GLY D 66 -31.62 28.24 35.33
N PHE D 67 -30.37 28.02 35.72
CA PHE D 67 -29.54 26.97 35.14
C PHE D 67 -29.02 26.07 36.25
N TYR D 68 -28.60 24.87 35.89
CA TYR D 68 -27.96 23.98 36.87
C TYR D 68 -26.88 23.10 36.25
N ASP D 69 -25.96 22.66 37.08
CA ASP D 69 -24.92 21.72 36.67
C ASP D 69 -25.28 20.34 37.21
N LYS D 70 -24.49 19.33 36.88
CA LYS D 70 -24.76 17.98 37.37
C LYS D 70 -24.48 17.88 38.86
N LYS D 71 -23.73 18.83 39.41
CA LYS D 71 -23.44 18.80 40.83
C LYS D 71 -24.54 19.51 41.61
N SER D 72 -25.27 20.40 40.94
CA SER D 72 -26.33 21.16 41.59
C SER D 72 -27.74 20.80 41.14
N VAL D 73 -27.86 19.85 40.20
CA VAL D 73 -29.17 19.53 39.63
C VAL D 73 -30.09 18.84 40.64
N ASN D 74 -29.53 17.95 41.44
CA ASN D 74 -30.29 17.23 42.45
C ASN D 74 -30.84 18.16 43.52
N THR D 75 -30.06 19.19 43.85
CA THR D 75 -30.50 20.20 44.81
C THR D 75 -31.74 20.92 44.29
N ILE D 76 -31.69 21.35 43.05
CA ILE D 76 -32.81 22.02 42.40
C ILE D 76 -34.05 21.12 42.36
N THR D 77 -33.89 19.91 41.83
CA THR D 77 -35.01 19.00 41.70
C THR D 77 -35.63 18.62 43.06
N SER D 78 -34.78 18.44 44.06
CA SER D 78 -35.24 18.07 45.40
C SER D 78 -35.98 19.22 46.08
N PHE D 79 -35.37 20.40 46.08
CA PHE D 79 -35.97 21.57 46.72
C PHE D 79 -37.26 21.99 46.03
N CYS D 80 -37.27 21.92 44.71
CA CYS D 80 -38.45 22.29 43.93
C CYS D 80 -39.55 21.23 44.07
N GLY D 81 -39.16 19.97 44.19
CA GLY D 81 -40.13 18.91 44.36
C GLY D 81 -40.72 18.90 45.76
N THR D 82 -39.95 19.41 46.72
CA THR D 82 -40.40 19.45 48.11
C THR D 82 -41.28 20.67 48.38
N LEU D 83 -40.81 21.84 47.95
CA LEU D 83 -41.52 23.08 48.24
C LEU D 83 -42.53 23.44 47.15
N HIS D 84 -42.66 22.57 46.16
CA HIS D 84 -43.61 22.75 45.05
C HIS D 84 -43.39 24.07 44.30
N VAL D 85 -42.13 24.48 44.18
CA VAL D 85 -41.77 25.68 43.43
C VAL D 85 -41.29 25.31 42.03
N SER D 86 -42.02 25.75 41.02
CA SER D 86 -41.70 25.39 39.63
C SER D 86 -40.39 26.01 39.17
N PHE D 87 -39.53 25.19 38.59
CA PHE D 87 -38.24 25.65 38.09
C PHE D 87 -38.18 25.59 36.57
N ILE D 88 -37.75 26.69 35.96
CA ILE D 88 -37.62 26.75 34.51
C ILE D 88 -36.14 26.76 34.10
N THR D 89 -35.75 25.87 33.20
CA THR D 89 -34.36 25.76 32.83
C THR D 89 -34.10 25.40 31.36
N PRO D 90 -33.12 26.07 30.75
CA PRO D 90 -32.53 25.79 29.44
C PRO D 90 -31.52 24.63 29.48
N SER D 91 -31.11 24.24 30.68
CA SER D 91 -30.07 23.22 30.84
C SER D 91 -30.54 21.83 30.44
N PHE D 92 -29.65 20.86 30.61
CA PHE D 92 -29.92 19.49 30.19
C PHE D 92 -31.13 18.91 30.91
N PRO D 93 -31.92 18.09 30.21
CA PRO D 93 -33.07 17.44 30.86
C PRO D 93 -32.61 16.54 32.00
N THR D 94 -33.32 16.58 33.11
CA THR D 94 -32.99 15.78 34.29
C THR D 94 -33.16 14.30 33.96
N ASP D 95 -32.35 13.44 34.55
CA ASP D 95 -32.49 12.02 34.27
C ASP D 95 -33.49 11.42 35.24
N GLY D 96 -34.73 11.30 34.78
CA GLY D 96 -35.81 10.71 35.56
C GLY D 96 -37.04 11.53 35.25
N THR D 97 -38.08 11.37 36.05
CA THR D 97 -39.21 12.28 35.97
C THR D 97 -39.26 13.10 37.25
N HIS D 98 -38.82 14.35 37.17
CA HIS D 98 -38.82 15.24 38.33
C HIS D 98 -39.88 16.31 38.17
N PRO D 99 -40.70 16.51 39.22
CA PRO D 99 -41.78 17.48 39.07
C PRO D 99 -41.29 18.91 39.32
N PHE D 100 -42.15 19.88 39.00
CA PHE D 100 -41.86 21.30 39.20
C PHE D 100 -40.55 21.73 38.55
N VAL D 101 -40.18 21.05 37.46
CA VAL D 101 -39.01 21.41 36.69
C VAL D 101 -39.37 21.49 35.21
N ILE D 102 -39.29 22.70 34.65
CA ILE D 102 -39.63 22.88 33.24
C ILE D 102 -38.35 22.99 32.42
N GLN D 103 -38.01 21.91 31.72
CA GLN D 103 -36.81 21.87 30.91
C GLN D 103 -37.06 22.38 29.48
N MET D 104 -36.39 23.47 29.13
CA MET D 104 -36.54 24.06 27.81
C MET D 104 -35.76 23.27 26.76
N ARG D 105 -34.71 22.59 27.20
CA ARG D 105 -33.87 21.80 26.30
C ARG D 105 -34.51 20.47 25.96
N PRO D 106 -34.73 20.22 24.66
CA PRO D 106 -35.30 18.97 24.17
C PRO D 106 -34.33 17.80 24.29
N ASP D 107 -34.84 16.57 24.24
CA ASP D 107 -33.98 15.39 24.33
C ASP D 107 -33.24 15.16 23.00
N LEU D 108 -31.96 14.83 23.09
CA LEU D 108 -31.13 14.68 21.90
C LEU D 108 -30.81 13.22 21.56
N LYS D 109 -31.15 12.31 22.46
CA LYS D 109 -30.78 10.90 22.31
C LYS D 109 -31.29 10.25 21.02
N GLY D 110 -32.58 10.40 20.76
CA GLY D 110 -33.20 9.81 19.58
C GLY D 110 -32.58 10.31 18.29
N ALA D 111 -32.36 11.61 18.21
CA ALA D 111 -31.76 12.21 17.03
C ALA D 111 -30.34 11.70 16.81
N LEU D 112 -29.61 11.55 17.92
CA LEU D 112 -28.24 11.04 17.86
C LEU D 112 -28.19 9.61 17.34
N LEU D 113 -29.01 8.74 17.94
CA LEU D 113 -29.08 7.34 17.52
C LEU D 113 -29.52 7.20 16.06
N SER D 114 -30.53 7.99 15.68
CA SER D 114 -31.05 7.97 14.32
C SER D 114 -30.00 8.46 13.34
N LEU D 115 -29.15 9.39 13.79
CA LEU D 115 -28.07 9.90 12.94
C LEU D 115 -26.97 8.86 12.79
N ILE D 116 -26.68 8.14 13.86
CA ILE D 116 -25.70 7.06 13.82
C ILE D 116 -26.16 5.97 12.86
N GLU D 117 -27.43 5.63 12.92
CA GLU D 117 -28.00 4.64 12.02
C GLU D 117 -28.09 5.17 10.59
N TYR D 118 -28.20 6.48 10.45
CA TYR D 118 -28.31 7.11 9.13
C TYR D 118 -27.02 6.93 8.33
N TYR D 119 -25.89 7.15 9.00
CA TYR D 119 -24.59 6.98 8.35
C TYR D 119 -24.18 5.51 8.40
N GLN D 120 -25.03 4.68 9.00
CA GLN D 120 -24.81 3.24 9.09
C GLN D 120 -23.50 2.90 9.79
N TRP D 121 -23.25 3.52 10.94
CA TRP D 121 -22.05 3.21 11.71
C TRP D 121 -22.30 1.99 12.59
N ASP D 122 -21.41 1.01 12.51
CA ASP D 122 -21.48 -0.11 13.44
C ASP D 122 -20.30 -0.08 14.42
N LYS D 123 -19.28 0.70 14.09
CA LYS D 123 -18.09 0.80 14.93
C LYS D 123 -17.58 2.23 15.02
N PHE D 124 -17.56 2.78 16.24
CA PHE D 124 -17.08 4.15 16.44
C PHE D 124 -16.62 4.42 17.89
N ALA D 125 -16.13 5.63 18.13
CA ALA D 125 -15.71 6.05 19.47
C ALA D 125 -16.68 7.07 20.06
N TYR D 126 -17.04 6.87 21.32
CA TYR D 126 -17.99 7.75 22.00
C TYR D 126 -17.37 8.56 23.14
N LEU D 127 -17.20 9.86 22.91
CA LEU D 127 -16.75 10.79 23.94
C LEU D 127 -17.94 11.43 24.67
N TYR D 128 -17.88 11.48 25.99
CA TYR D 128 -18.96 12.04 26.79
C TYR D 128 -18.47 12.76 28.05
N ASP D 129 -19.19 13.80 28.44
CA ASP D 129 -18.94 14.51 29.70
C ASP D 129 -20.07 14.25 30.73
N SER D 130 -19.70 14.18 32.00
CA SER D 130 -20.68 13.93 33.04
C SER D 130 -21.45 15.20 33.45
N ASP D 131 -21.11 16.35 32.87
CA ASP D 131 -21.74 17.59 33.32
C ASP D 131 -23.22 17.68 32.95
N ARG D 132 -23.59 17.12 31.81
CA ARG D 132 -24.99 17.09 31.40
C ARG D 132 -25.64 15.73 31.66
N GLY D 133 -24.89 14.84 32.31
CA GLY D 133 -25.40 13.54 32.69
C GLY D 133 -24.86 12.39 31.88
N LEU D 134 -25.05 11.18 32.40
CA LEU D 134 -24.55 9.97 31.75
C LEU D 134 -25.64 9.18 31.05
N SER D 135 -26.84 9.76 30.97
CA SER D 135 -28.00 9.08 30.40
C SER D 135 -27.80 8.70 28.93
N THR D 136 -27.31 9.65 28.14
CA THR D 136 -27.05 9.41 26.71
C THR D 136 -26.02 8.31 26.53
N LEU D 137 -25.06 8.26 27.45
CA LEU D 137 -24.08 7.19 27.46
C LEU D 137 -24.75 5.83 27.63
N GLN D 138 -25.68 5.76 28.57
CA GLN D 138 -26.41 4.52 28.82
C GLN D 138 -27.23 4.16 27.60
N ALA D 139 -27.75 5.18 26.91
CA ALA D 139 -28.54 4.97 25.70
C ALA D 139 -27.72 4.37 24.58
N VAL D 140 -26.57 4.96 24.29
CA VAL D 140 -25.72 4.47 23.21
C VAL D 140 -25.03 3.16 23.57
N LEU D 141 -24.89 2.87 24.87
CA LEU D 141 -24.34 1.59 25.30
C LEU D 141 -25.39 0.50 25.14
N ASP D 142 -26.64 0.83 25.45
CA ASP D 142 -27.73 -0.11 25.26
C ASP D 142 -27.98 -0.34 23.77
N SER D 143 -27.75 0.67 22.95
CA SER D 143 -27.93 0.52 21.52
C SER D 143 -26.72 -0.19 20.92
N ALA D 144 -25.58 -0.10 21.61
CA ALA D 144 -24.38 -0.81 21.21
C ALA D 144 -24.60 -2.29 21.47
N ALA D 145 -25.27 -2.57 22.58
CA ALA D 145 -25.57 -3.93 23.00
C ALA D 145 -26.61 -4.57 22.09
N GLU D 146 -27.69 -3.83 21.85
CA GLU D 146 -28.80 -4.32 21.05
C GLU D 146 -28.49 -4.51 19.57
N LYS D 147 -27.86 -3.48 18.98
CA LYS D 147 -27.59 -3.47 17.55
C LYS D 147 -26.22 -4.04 17.21
N LYS D 148 -25.54 -4.57 18.23
CA LYS D 148 -24.22 -5.17 18.07
C LYS D 148 -23.23 -4.19 17.45
N TRP D 149 -22.93 -3.14 18.20
CA TRP D 149 -21.99 -2.12 17.74
C TRP D 149 -20.71 -2.27 18.53
N GLN D 150 -19.60 -1.84 17.92
CA GLN D 150 -18.36 -1.80 18.67
C GLN D 150 -18.06 -0.33 18.97
N VAL D 151 -18.38 0.06 20.20
CA VAL D 151 -18.25 1.44 20.63
C VAL D 151 -17.20 1.59 21.74
N THR D 152 -16.28 2.53 21.59
CA THR D 152 -15.33 2.79 22.65
C THR D 152 -15.70 4.09 23.36
N ALA D 153 -16.24 3.94 24.59
CA ALA D 153 -16.76 5.08 25.38
C ALA D 153 -15.78 5.75 26.37
N ILE D 154 -15.48 7.06 26.25
CA ILE D 154 -14.54 7.73 27.17
C ILE D 154 -15.02 9.05 27.87
N ASN D 155 -14.93 9.16 29.21
CA ASN D 155 -15.41 10.34 29.98
C ASN D 155 -14.37 11.40 30.36
N VAL D 156 -14.66 12.67 30.05
CA VAL D 156 -13.75 13.81 30.30
C VAL D 156 -14.05 14.72 31.49
N GLY D 157 -15.08 14.42 32.27
CA GLY D 157 -15.56 15.34 33.30
C GLY D 157 -14.63 15.60 34.48
N ASN D 158 -13.95 14.57 34.95
CA ASN D 158 -13.02 14.71 36.09
C ASN D 158 -11.67 15.29 35.67
N ILE D 159 -11.48 15.50 34.38
CA ILE D 159 -10.19 15.94 33.85
C ILE D 159 -10.22 17.45 33.66
N ASN D 160 -9.12 18.08 34.07
CA ASN D 160 -8.95 19.52 33.94
C ASN D 160 -8.83 19.91 32.48
N ASN D 161 -9.43 21.04 32.12
CA ASN D 161 -9.52 21.45 30.72
C ASN D 161 -8.15 21.69 30.10
N ASP D 162 -7.19 22.12 30.91
CA ASP D 162 -5.81 22.32 30.45
C ASP D 162 -5.08 20.99 30.30
N LYS D 163 -5.40 20.02 31.16
CA LYS D 163 -4.76 18.71 31.15
C LYS D 163 -5.36 17.81 30.06
N LYS D 164 -6.61 18.07 29.72
CA LYS D 164 -7.31 17.25 28.75
C LYS D 164 -6.64 17.42 27.40
N ASP D 165 -6.21 18.64 27.12
CA ASP D 165 -5.61 18.97 25.82
C ASP D 165 -4.31 18.19 25.65
N GLU D 166 -3.69 17.87 26.78
CA GLU D 166 -2.47 17.06 26.83
C GLU D 166 -2.78 15.56 26.69
N THR D 167 -3.85 15.12 27.34
CA THR D 167 -4.22 13.70 27.38
C THR D 167 -4.84 13.19 26.07
N TYR D 168 -5.42 14.10 25.30
CA TYR D 168 -6.05 13.76 24.03
C TYR D 168 -5.06 13.01 23.15
N ARG D 169 -3.86 13.56 23.00
CA ARG D 169 -2.79 12.91 22.23
C ARG D 169 -2.60 11.47 22.73
N SER D 170 -2.65 11.29 24.04
CA SER D 170 -2.51 9.96 24.62
C SER D 170 -3.64 9.01 24.17
N LEU D 171 -4.88 9.49 24.15
CA LEU D 171 -5.99 8.63 23.73
C LEU D 171 -5.89 8.30 22.24
N PHE D 172 -5.33 9.23 21.47
CA PHE D 172 -5.21 9.04 20.02
C PHE D 172 -4.32 7.88 19.61
N GLN D 173 -3.39 7.47 20.46
CA GLN D 173 -2.58 6.30 20.15
C GLN D 173 -3.43 5.03 20.25
N ASP D 174 -4.34 5.03 21.23
CA ASP D 174 -5.25 3.93 21.43
C ASP D 174 -6.21 3.87 20.25
N LEU D 175 -6.68 5.04 19.83
CA LEU D 175 -7.59 5.11 18.70
C LEU D 175 -6.87 4.76 17.41
N GLU D 176 -5.55 4.95 17.39
CA GLU D 176 -4.77 4.62 16.21
C GLU D 176 -4.48 3.13 16.19
N LEU D 177 -4.62 2.49 17.36
CA LEU D 177 -4.52 1.04 17.44
C LEU D 177 -5.78 0.40 16.87
N LYS D 178 -6.94 0.96 17.22
CA LYS D 178 -8.22 0.42 16.75
C LYS D 178 -8.59 0.97 15.37
N LYS D 179 -7.74 1.86 14.86
CA LYS D 179 -7.91 2.46 13.54
C LYS D 179 -9.28 3.09 13.33
N GLU D 180 -9.87 3.65 14.38
CA GLU D 180 -11.20 4.23 14.29
C GLU D 180 -11.18 5.61 13.63
N ARG D 181 -11.94 5.74 12.54
CA ARG D 181 -12.00 6.99 11.79
C ARG D 181 -13.29 7.77 12.07
N ARG D 182 -14.18 7.19 12.86
CA ARG D 182 -15.46 7.81 13.14
C ARG D 182 -15.64 8.12 14.63
N VAL D 183 -15.77 9.41 14.94
CA VAL D 183 -15.79 9.87 16.33
C VAL D 183 -16.99 10.78 16.62
N ILE D 184 -17.62 10.57 17.77
CA ILE D 184 -18.68 11.47 18.23
C ILE D 184 -18.26 12.33 19.40
N LEU D 185 -18.40 13.64 19.27
CA LEU D 185 -18.05 14.56 20.35
C LEU D 185 -19.30 15.02 21.09
N ASP D 186 -19.53 14.50 22.29
CA ASP D 186 -20.60 15.02 23.12
C ASP D 186 -19.97 15.60 24.38
N CYS D 187 -19.68 16.90 24.33
CA CYS D 187 -19.01 17.59 25.43
C CYS D 187 -19.44 19.06 25.51
N GLU D 188 -18.85 19.78 26.47
CA GLU D 188 -19.05 21.22 26.56
C GLU D 188 -18.38 21.91 25.37
N ARG D 189 -18.91 23.07 24.99
CA ARG D 189 -18.47 23.80 23.82
C ARG D 189 -16.97 24.17 23.84
N ASP D 190 -16.46 24.48 25.04
CA ASP D 190 -15.04 24.80 25.19
C ASP D 190 -14.19 23.55 25.01
N LYS D 191 -14.64 22.46 25.62
CA LYS D 191 -13.99 21.17 25.51
C LYS D 191 -14.00 20.71 24.06
N VAL D 192 -15.13 20.94 23.40
CA VAL D 192 -15.27 20.64 21.98
C VAL D 192 -14.24 21.42 21.17
N ASN D 193 -14.11 22.71 21.45
CA ASN D 193 -13.10 23.51 20.76
C ASN D 193 -11.68 23.00 20.98
N ASP D 194 -11.38 22.58 22.21
CA ASP D 194 -10.05 22.04 22.49
C ASP D 194 -9.79 20.74 21.72
N ILE D 195 -10.74 19.80 21.78
CA ILE D 195 -10.60 18.53 21.08
C ILE D 195 -10.43 18.77 19.58
N VAL D 196 -11.20 19.72 19.04
CA VAL D 196 -11.08 20.08 17.63
C VAL D 196 -9.68 20.62 17.33
N ASP D 197 -9.20 21.53 18.16
CA ASP D 197 -7.88 22.11 18.01
C ASP D 197 -6.78 21.05 18.02
N GLN D 198 -6.93 20.06 18.89
CA GLN D 198 -5.94 18.99 18.99
C GLN D 198 -6.00 18.06 17.77
N VAL D 199 -7.22 17.75 17.32
CA VAL D 199 -7.41 16.94 16.13
C VAL D 199 -6.77 17.61 14.92
N ILE D 200 -7.01 18.90 14.77
CA ILE D 200 -6.41 19.69 13.70
C ILE D 200 -4.89 19.71 13.86
N THR D 201 -4.43 19.86 15.10
CA THR D 201 -3.00 19.91 15.39
C THR D 201 -2.27 18.65 14.94
N ILE D 202 -2.82 17.49 15.29
CA ILE D 202 -2.21 16.22 14.92
C ILE D 202 -2.51 15.87 13.46
N GLY D 203 -3.54 16.49 12.90
CA GLY D 203 -3.88 16.28 11.50
C GLY D 203 -4.87 15.16 11.20
N LYS D 204 -5.78 14.91 12.13
CA LYS D 204 -6.81 13.90 11.93
C LYS D 204 -8.10 14.50 11.38
N HIS D 205 -8.03 15.74 10.93
CA HIS D 205 -9.20 16.44 10.39
C HIS D 205 -9.28 16.33 8.86
N VAL D 206 -8.46 15.44 8.29
CA VAL D 206 -8.43 15.24 6.85
C VAL D 206 -9.49 14.23 6.38
N LYS D 207 -9.48 13.94 5.08
CA LYS D 207 -10.45 13.02 4.48
C LYS D 207 -10.32 11.61 5.06
N GLY D 208 -11.45 10.99 5.34
CA GLY D 208 -11.47 9.67 5.93
C GLY D 208 -11.98 9.68 7.34
N TYR D 209 -12.02 10.87 7.95
CA TYR D 209 -12.53 11.03 9.30
C TYR D 209 -13.93 11.64 9.29
N HIS D 210 -14.74 11.24 10.26
CA HIS D 210 -16.10 11.75 10.38
C HIS D 210 -16.41 12.06 11.84
N TYR D 211 -16.83 13.29 12.11
CA TYR D 211 -17.10 13.71 13.48
C TYR D 211 -18.56 14.13 13.64
N ILE D 212 -19.18 13.66 14.72
CA ILE D 212 -20.56 14.03 15.00
C ILE D 212 -20.66 14.85 16.27
N ILE D 213 -20.95 16.14 16.14
CA ILE D 213 -21.10 16.98 17.31
C ILE D 213 -22.50 16.80 17.89
N ALA D 214 -22.59 16.23 19.09
CA ALA D 214 -23.90 16.04 19.69
C ALA D 214 -24.20 17.14 20.70
N ASN D 215 -24.77 18.22 20.19
CA ASN D 215 -25.28 19.33 20.99
C ASN D 215 -26.37 20.03 20.21
N LEU D 216 -27.16 20.86 20.87
CA LEU D 216 -28.26 21.50 20.15
C LEU D 216 -27.80 22.47 19.06
N GLY D 217 -26.81 23.32 19.35
CA GLY D 217 -26.31 24.17 18.30
C GLY D 217 -25.10 23.60 17.57
N PHE D 218 -25.18 23.51 16.26
CA PHE D 218 -24.02 23.15 15.42
C PHE D 218 -23.21 24.38 15.02
N THR D 219 -23.94 25.43 14.67
CA THR D 219 -23.36 26.67 14.14
C THR D 219 -23.03 27.68 15.23
N ASP D 220 -23.22 27.27 16.48
CA ASP D 220 -22.98 28.15 17.62
C ASP D 220 -21.48 28.40 17.80
N GLY D 221 -20.67 27.41 17.45
CA GLY D 221 -19.23 27.49 17.57
C GLY D 221 -18.52 27.79 16.26
N ASP D 222 -17.19 27.77 16.29
CA ASP D 222 -16.41 28.04 15.10
C ASP D 222 -16.22 26.78 14.26
N LEU D 223 -16.78 26.79 13.06
CA LEU D 223 -16.72 25.65 12.17
C LEU D 223 -15.69 25.87 11.06
N LEU D 224 -15.13 27.06 11.01
CA LEU D 224 -14.22 27.44 9.93
C LEU D 224 -12.89 26.69 9.97
N LYS D 225 -12.43 26.34 11.15
CA LYS D 225 -11.12 25.70 11.30
C LYS D 225 -11.10 24.25 10.83
N ILE D 226 -12.24 23.57 10.97
CA ILE D 226 -12.34 22.18 10.51
C ILE D 226 -13.09 22.08 9.17
N GLN D 227 -13.35 23.23 8.55
CA GLN D 227 -14.15 23.27 7.33
C GLN D 227 -13.34 22.90 6.10
N PHE D 228 -12.06 23.26 6.09
CA PHE D 228 -11.20 23.02 4.94
C PHE D 228 -10.30 21.80 5.11
N GLY D 229 -10.53 21.05 6.18
CA GLY D 229 -9.71 19.88 6.49
C GLY D 229 -9.98 18.72 5.57
N GLY D 230 -11.26 18.51 5.24
CA GLY D 230 -11.66 17.42 4.36
C GLY D 230 -12.47 16.35 5.08
N ALA D 231 -12.46 16.39 6.40
CA ALA D 231 -13.24 15.44 7.20
C ALA D 231 -14.72 15.82 7.20
N GLU D 232 -15.59 14.81 7.19
CA GLU D 232 -17.03 15.03 7.26
C GLU D 232 -17.47 15.41 8.67
N VAL D 233 -18.20 16.51 8.80
CA VAL D 233 -18.65 16.98 10.10
C VAL D 233 -20.17 17.15 10.16
N SER D 234 -20.83 16.36 10.99
CA SER D 234 -22.28 16.43 11.13
C SER D 234 -22.70 16.89 12.52
N GLY D 235 -23.81 17.62 12.60
CA GLY D 235 -24.28 18.15 13.87
C GLY D 235 -25.77 18.40 13.90
N PHE D 236 -26.22 19.03 14.99
CA PHE D 236 -27.65 19.31 15.17
C PHE D 236 -27.88 20.81 15.34
N GLN D 237 -29.05 21.27 14.91
CA GLN D 237 -29.42 22.67 15.05
C GLN D 237 -30.89 22.79 15.48
N ILE D 238 -31.12 23.35 16.67
CA ILE D 238 -32.49 23.55 17.15
C ILE D 238 -33.00 24.94 16.80
N VAL D 239 -32.07 25.83 16.44
CA VAL D 239 -32.44 27.18 16.06
C VAL D 239 -32.39 27.32 14.54
N ASP D 240 -33.56 27.36 13.91
CA ASP D 240 -33.61 27.46 12.46
C ASP D 240 -33.60 28.93 12.05
N TYR D 241 -32.52 29.34 11.39
CA TYR D 241 -32.37 30.73 10.99
C TYR D 241 -33.13 31.03 9.71
N ASP D 242 -33.76 30.01 9.14
CA ASP D 242 -34.55 30.19 7.93
C ASP D 242 -36.00 30.55 8.26
N ASP D 243 -36.37 30.35 9.52
CA ASP D 243 -37.71 30.73 9.97
C ASP D 243 -37.83 32.25 10.08
N SER D 244 -39.00 32.78 9.73
CA SER D 244 -39.22 34.22 9.75
C SER D 244 -39.12 34.81 11.15
N LEU D 245 -39.56 34.03 12.15
CA LEU D 245 -39.51 34.46 13.55
C LEU D 245 -38.06 34.65 13.99
N VAL D 246 -37.25 33.63 13.77
CA VAL D 246 -35.85 33.66 14.12
C VAL D 246 -35.11 34.68 13.26
N SER D 247 -35.55 34.83 12.01
CA SER D 247 -34.95 35.80 11.10
C SER D 247 -35.13 37.21 11.63
N LYS D 248 -36.34 37.51 12.08
CA LYS D 248 -36.64 38.83 12.64
C LYS D 248 -35.90 39.05 13.96
N PHE D 249 -35.95 38.05 14.83
CA PHE D 249 -35.28 38.14 16.12
C PHE D 249 -33.78 38.38 15.95
N ILE D 250 -33.19 37.78 14.92
CA ILE D 250 -31.77 37.98 14.61
C ILE D 250 -31.56 39.37 13.99
N GLU D 251 -32.50 39.80 13.17
CA GLU D 251 -32.43 41.13 12.57
C GLU D 251 -32.39 42.21 13.64
N ARG D 252 -33.09 41.96 14.75
CA ARG D 252 -33.04 42.87 15.89
C ARG D 252 -31.80 42.63 16.76
N TRP D 253 -31.41 41.36 16.85
CA TRP D 253 -30.32 40.93 17.74
C TRP D 253 -28.94 41.37 17.27
N SER D 254 -28.76 41.47 15.94
CA SER D 254 -27.45 41.81 15.41
C SER D 254 -27.18 43.32 15.46
N THR D 255 -28.23 44.11 15.69
CA THR D 255 -28.09 45.56 15.76
C THR D 255 -28.06 46.12 17.19
N LEU D 256 -28.37 45.27 18.17
CA LEU D 256 -28.41 45.69 19.56
C LEU D 256 -27.06 46.17 20.09
N GLU D 257 -27.09 47.14 20.99
CA GLU D 257 -25.85 47.67 21.57
C GLU D 257 -25.16 46.57 22.37
N GLU D 258 -23.91 46.31 22.03
CA GLU D 258 -23.15 45.25 22.68
C GLU D 258 -22.75 45.64 24.11
N LYS D 259 -22.65 46.94 24.36
CA LYS D 259 -22.31 47.42 25.69
C LYS D 259 -23.46 47.23 26.66
N GLU D 260 -24.68 47.50 26.20
CA GLU D 260 -25.88 47.33 27.02
C GLU D 260 -26.30 45.86 27.07
N TYR D 261 -26.22 45.21 25.91
CA TYR D 261 -26.55 43.79 25.83
C TYR D 261 -25.31 43.05 25.37
N PRO D 262 -24.52 42.56 26.34
CA PRO D 262 -23.29 41.82 26.07
C PRO D 262 -23.59 40.56 25.29
N GLY D 263 -22.86 40.39 24.20
CA GLY D 263 -22.99 39.26 23.33
C GLY D 263 -24.21 39.28 22.44
N ALA D 264 -24.96 40.39 22.38
CA ALA D 264 -25.92 40.42 21.31
C ALA D 264 -25.55 41.53 20.34
N HIS D 265 -24.50 41.33 19.56
CA HIS D 265 -24.29 42.11 18.35
C HIS D 265 -24.23 41.22 17.12
N THR D 266 -24.59 39.95 17.25
CA THR D 266 -24.19 38.97 16.23
C THR D 266 -25.33 38.42 15.39
N ALA D 267 -24.97 37.78 14.29
CA ALA D 267 -25.94 37.24 13.36
C ALA D 267 -26.50 35.92 13.86
N THR D 268 -25.79 35.29 14.80
CA THR D 268 -26.29 34.06 15.40
C THR D 268 -26.45 34.20 16.91
N ILE D 269 -27.04 33.18 17.52
CA ILE D 269 -27.24 33.17 18.97
C ILE D 269 -27.18 31.74 19.48
N LYS D 270 -26.51 31.52 20.62
CA LYS D 270 -26.45 30.19 21.22
C LYS D 270 -27.83 29.72 21.62
N TYR D 271 -28.05 28.40 21.52
CA TYR D 271 -29.37 27.82 21.76
C TYR D 271 -29.85 28.04 23.19
N THR D 272 -28.94 28.14 24.14
CA THR D 272 -29.30 28.35 25.54
C THR D 272 -29.98 29.70 25.75
N SER D 273 -29.46 30.74 25.10
CA SER D 273 -30.03 32.08 25.20
C SER D 273 -31.41 32.12 24.56
N ALA D 274 -31.55 31.43 23.42
CA ALA D 274 -32.82 31.32 22.74
C ALA D 274 -33.84 30.61 23.61
N LEU D 275 -33.37 29.60 24.34
CA LEU D 275 -34.21 28.86 25.27
C LEU D 275 -34.57 29.72 26.47
N THR D 276 -33.73 30.70 26.78
CA THR D 276 -34.00 31.66 27.85
C THR D 276 -35.13 32.61 27.43
N TYR D 277 -34.98 33.16 26.22
CA TYR D 277 -36.00 34.01 25.60
C TYR D 277 -37.36 33.28 25.55
N ASP D 278 -37.33 32.08 24.99
CA ASP D 278 -38.51 31.23 24.90
C ASP D 278 -39.04 30.88 26.29
N ALA D 279 -38.15 30.82 27.27
CA ALA D 279 -38.56 30.55 28.65
C ALA D 279 -39.37 31.73 29.19
N VAL D 280 -38.90 32.93 28.90
CA VAL D 280 -39.65 34.15 29.25
C VAL D 280 -41.03 34.09 28.62
N GLN D 281 -41.07 33.73 27.35
CA GLN D 281 -42.35 33.59 26.64
C GLN D 281 -43.28 32.58 27.32
N VAL D 282 -42.74 31.41 27.64
CA VAL D 282 -43.50 30.33 28.26
C VAL D 282 -44.06 30.75 29.63
N MET D 283 -43.23 31.39 30.44
CA MET D 283 -43.67 31.87 31.75
C MET D 283 -44.78 32.91 31.60
N THR D 284 -44.58 33.87 30.70
CA THR D 284 -45.57 34.90 30.42
C THR D 284 -46.92 34.28 30.04
N GLU D 285 -46.88 33.34 29.09
CA GLU D 285 -48.08 32.64 28.65
C GLU D 285 -48.71 31.82 29.78
N ALA D 286 -47.88 31.29 30.65
CA ALA D 286 -48.35 30.48 31.78
C ALA D 286 -49.16 31.31 32.76
N PHE D 287 -48.58 32.43 33.20
CA PHE D 287 -49.27 33.31 34.13
C PHE D 287 -50.49 33.95 33.46
N ARG D 288 -50.38 34.22 32.17
CA ARG D 288 -51.51 34.74 31.39
C ARG D 288 -52.67 33.75 31.41
N ASN D 289 -52.35 32.47 31.22
CA ASN D 289 -53.36 31.42 31.27
C ASN D 289 -53.92 31.24 32.68
N LEU D 290 -53.08 31.45 33.69
CA LEU D 290 -53.53 31.39 35.07
C LEU D 290 -54.53 32.50 35.39
N ARG D 291 -54.28 33.68 34.84
CA ARG D 291 -55.17 34.82 35.04
C ARG D 291 -56.43 34.69 34.19
N LYS D 292 -56.31 33.95 33.09
CA LYS D 292 -57.43 33.73 32.16
C LYS D 292 -58.42 32.66 32.65
N GLN D 293 -57.92 31.75 33.48
CA GLN D 293 -58.69 30.62 34.01
C GLN D 293 -59.33 30.84 35.38
N ARG D 294 -59.37 32.08 35.85
CA ARG D 294 -59.93 32.52 37.14
C ARG D 294 -59.28 31.86 38.36
N ILE D 295 -58.00 31.51 38.22
CA ILE D 295 -57.24 30.96 39.33
C ILE D 295 -56.32 31.99 40.01
N GLU D 296 -56.65 32.37 41.24
CA GLU D 296 -55.81 33.32 41.98
C GLU D 296 -54.65 32.62 42.68
N ILE D 297 -53.42 32.98 42.32
CA ILE D 297 -52.23 32.36 42.90
C ILE D 297 -51.50 33.24 43.93
N SER D 298 -52.05 34.41 44.23
CA SER D 298 -51.39 35.38 45.10
C SER D 298 -51.11 34.86 46.51
N ARG D 299 -49.85 35.00 46.94
CA ARG D 299 -49.44 34.53 48.26
C ARG D 299 -50.10 35.33 49.38
N ARG D 300 -50.71 34.63 50.32
CA ARG D 300 -51.40 35.26 51.44
C ARG D 300 -50.42 35.73 52.52
N GLY D 301 -49.54 34.82 52.92
CA GLY D 301 -48.52 35.11 53.92
C GLY D 301 -47.11 35.02 53.37
N ASN D 302 -46.13 35.17 54.24
CA ASN D 302 -44.73 35.03 53.85
C ASN D 302 -44.42 33.57 53.57
N ALA D 303 -43.57 33.31 52.59
CA ALA D 303 -43.18 31.95 52.27
C ALA D 303 -42.33 31.36 53.39
N GLY D 304 -41.66 32.23 54.14
CA GLY D 304 -40.88 31.80 55.29
C GLY D 304 -39.56 31.17 54.92
N ASP D 305 -39.00 30.40 55.85
CA ASP D 305 -37.73 29.73 55.63
C ASP D 305 -37.96 28.48 54.78
N CYS D 306 -37.02 28.21 53.87
CA CYS D 306 -37.11 27.04 53.01
C CYS D 306 -36.77 25.77 53.79
N LEU D 307 -36.05 25.95 54.90
CA LEU D 307 -35.63 24.84 55.74
C LEU D 307 -36.60 24.60 56.88
N ALA D 308 -37.77 25.22 56.81
CA ALA D 308 -38.78 25.10 57.86
C ALA D 308 -39.22 23.65 58.03
N ASN D 309 -39.20 23.19 59.28
CA ASN D 309 -39.54 21.81 59.62
C ASN D 309 -40.82 21.73 60.44
N PRO D 310 -41.82 20.99 59.95
CA PRO D 310 -41.82 20.28 58.67
C PRO D 310 -42.09 21.19 57.48
N ALA D 311 -41.60 20.80 56.30
CA ALA D 311 -41.81 21.61 55.11
C ALA D 311 -43.20 21.40 54.53
N VAL D 312 -44.01 22.45 54.52
CA VAL D 312 -45.35 22.37 53.95
C VAL D 312 -45.42 23.19 52.66
N PRO D 313 -45.72 22.50 51.54
CA PRO D 313 -45.81 23.17 50.24
C PRO D 313 -47.06 24.02 50.10
N TRP D 314 -46.92 25.17 49.45
CA TRP D 314 -48.05 26.06 49.19
C TRP D 314 -49.01 25.42 48.19
N GLY D 315 -50.30 25.73 48.36
CA GLY D 315 -51.35 25.09 47.58
C GLY D 315 -51.38 25.40 46.11
N GLN D 316 -51.01 26.63 45.75
CA GLN D 316 -51.10 27.06 44.36
C GLN D 316 -49.92 26.63 43.50
N GLY D 317 -48.91 26.01 44.11
CA GLY D 317 -47.73 25.60 43.39
C GLY D 317 -48.04 24.62 42.30
N VAL D 318 -48.85 23.61 42.62
CA VAL D 318 -49.25 22.63 41.64
C VAL D 318 -49.92 23.34 40.48
N GLU D 319 -50.78 24.30 40.82
CA GLU D 319 -51.53 25.02 39.81
C GLU D 319 -50.57 25.74 38.88
N ILE D 320 -49.50 26.29 39.45
CA ILE D 320 -48.52 26.97 38.60
C ILE D 320 -47.80 25.97 37.72
N GLU D 321 -47.39 24.85 38.32
CA GLU D 321 -46.68 23.81 37.58
C GLU D 321 -47.48 23.37 36.37
N ARG D 322 -48.74 23.03 36.61
CA ARG D 322 -49.64 22.62 35.53
C ARG D 322 -49.74 23.70 34.47
N ALA D 323 -49.86 24.95 34.92
CA ALA D 323 -50.00 26.07 34.01
C ALA D 323 -48.76 26.21 33.14
N LEU D 324 -47.60 25.84 33.68
CA LEU D 324 -46.36 25.92 32.94
C LEU D 324 -46.19 24.74 31.98
N LYS D 325 -46.77 23.58 32.32
CA LYS D 325 -46.57 22.39 31.50
C LYS D 325 -47.58 22.29 30.37
N GLN D 326 -48.63 23.12 30.43
CA GLN D 326 -49.67 23.10 29.40
C GLN D 326 -49.48 24.18 28.32
N VAL D 327 -48.42 24.97 28.43
CA VAL D 327 -48.18 26.04 27.48
C VAL D 327 -47.64 25.52 26.16
N GLN D 328 -48.34 25.84 25.07
CA GLN D 328 -47.86 25.51 23.73
C GLN D 328 -47.75 26.78 22.88
N VAL D 329 -46.52 27.18 22.58
CA VAL D 329 -46.26 28.41 21.83
C VAL D 329 -45.24 28.20 20.72
N GLU D 330 -44.96 29.25 19.95
CA GLU D 330 -43.97 29.16 18.89
C GLU D 330 -42.80 30.11 19.15
N GLY D 331 -41.62 29.55 19.40
CA GLY D 331 -40.45 30.34 19.71
C GLY D 331 -39.31 30.23 18.71
N LEU D 332 -38.10 30.51 19.19
CA LEU D 332 -36.88 30.42 18.39
C LEU D 332 -36.47 28.97 18.22
N SER D 333 -36.91 28.12 19.15
CA SER D 333 -36.56 26.72 19.17
C SER D 333 -37.61 25.90 18.42
N GLY D 334 -38.45 26.58 17.67
CA GLY D 334 -39.53 25.95 16.93
C GLY D 334 -40.76 25.73 17.79
N ASN D 335 -41.46 24.63 17.57
CA ASN D 335 -42.70 24.39 18.32
C ASN D 335 -42.39 24.04 19.76
N ILE D 336 -42.91 24.85 20.67
CA ILE D 336 -42.67 24.66 22.09
C ILE D 336 -43.90 24.09 22.75
N LYS D 337 -43.82 22.82 23.15
CA LYS D 337 -44.90 22.18 23.88
C LYS D 337 -44.27 21.22 24.88
N PHE D 338 -44.76 21.22 26.11
CA PHE D 338 -44.17 20.39 27.16
C PHE D 338 -45.15 19.28 27.55
N ASP D 339 -44.61 18.09 27.83
CA ASP D 339 -45.43 17.06 28.45
C ASP D 339 -45.53 17.34 29.95
N GLN D 340 -46.25 16.49 30.67
CA GLN D 340 -46.52 16.73 32.09
C GLN D 340 -45.26 16.66 32.94
N ASN D 341 -44.21 16.01 32.44
CA ASN D 341 -42.98 15.85 33.18
C ASN D 341 -42.01 17.02 32.94
N GLY D 342 -42.43 17.95 32.10
CA GLY D 342 -41.64 19.13 31.81
C GLY D 342 -40.68 18.92 30.65
N LYS D 343 -40.75 17.73 30.05
CA LYS D 343 -39.88 17.39 28.93
C LYS D 343 -40.44 17.98 27.63
N ARG D 344 -39.56 18.23 26.67
CA ARG D 344 -39.99 18.76 25.37
C ARG D 344 -40.57 17.67 24.46
N ILE D 345 -41.74 17.94 23.90
CA ILE D 345 -42.35 17.05 22.91
C ILE D 345 -42.81 17.81 21.68
N ASN D 346 -43.03 17.07 20.59
CA ASN D 346 -43.47 17.64 19.32
C ASN D 346 -42.55 18.74 18.80
N TYR D 347 -41.24 18.51 18.95
CA TYR D 347 -40.24 19.45 18.48
C TYR D 347 -39.54 18.98 17.20
N THR D 348 -38.64 19.80 16.68
CA THR D 348 -37.91 19.45 15.47
C THR D 348 -36.44 19.90 15.56
N ILE D 349 -35.52 18.97 15.36
CA ILE D 349 -34.09 19.27 15.41
C ILE D 349 -33.44 19.03 14.04
N ASN D 350 -33.02 20.11 13.38
CA ASN D 350 -32.43 20.00 12.05
C ASN D 350 -31.07 19.30 12.05
N ILE D 351 -30.90 18.32 11.17
CA ILE D 351 -29.61 17.65 11.03
C ILE D 351 -28.78 18.37 9.97
N MET D 352 -27.61 18.83 10.40
CA MET D 352 -26.72 19.68 9.61
C MET D 352 -25.42 18.99 9.22
N GLU D 353 -24.89 19.35 8.05
CA GLU D 353 -23.56 18.91 7.64
C GLU D 353 -22.71 20.12 7.25
N LEU D 354 -21.43 20.07 7.61
CA LEU D 354 -20.52 21.16 7.30
C LEU D 354 -19.82 20.93 5.97
N LYS D 355 -20.10 21.80 5.01
CA LYS D 355 -19.45 21.72 3.70
C LYS D 355 -18.47 22.87 3.55
N THR D 356 -17.81 22.93 2.38
CA THR D 356 -16.82 23.95 2.11
C THR D 356 -17.45 25.35 2.06
N ASN D 357 -18.71 25.40 1.62
CA ASN D 357 -19.43 26.67 1.50
C ASN D 357 -20.15 27.02 2.81
N GLY D 358 -19.86 26.25 3.86
CA GLY D 358 -20.46 26.48 5.16
C GLY D 358 -21.47 25.42 5.57
N PRO D 359 -22.11 25.63 6.73
CA PRO D 359 -23.08 24.68 7.27
C PRO D 359 -24.33 24.54 6.40
N ARG D 360 -24.81 23.31 6.27
CA ARG D 360 -25.97 23.02 5.44
C ARG D 360 -26.90 22.04 6.16
N LYS D 361 -28.21 22.30 6.08
CA LYS D 361 -29.16 21.39 6.69
C LYS D 361 -29.48 20.27 5.72
N ILE D 362 -29.11 19.05 6.09
CA ILE D 362 -29.37 17.89 5.23
C ILE D 362 -30.65 17.19 5.64
N GLY D 363 -31.21 17.53 6.79
CA GLY D 363 -32.44 16.89 7.21
C GLY D 363 -33.01 17.40 8.51
N TYR D 364 -33.91 16.61 9.09
CA TYR D 364 -34.47 16.97 10.40
C TYR D 364 -34.94 15.73 11.16
N TRP D 365 -35.00 15.87 12.49
CA TRP D 365 -35.45 14.81 13.37
C TRP D 365 -36.62 15.31 14.20
N SER D 366 -37.76 14.64 14.11
CA SER D 366 -38.90 15.06 14.90
C SER D 366 -39.03 14.17 16.12
N GLU D 367 -39.92 14.54 17.04
CA GLU D 367 -40.07 13.82 18.29
C GLU D 367 -40.65 12.44 18.05
N VAL D 368 -41.48 12.33 17.03
CA VAL D 368 -42.12 11.07 16.67
C VAL D 368 -41.61 10.61 15.30
N ASP D 369 -41.75 11.48 14.29
CA ASP D 369 -41.40 11.14 12.91
C ASP D 369 -39.91 10.83 12.72
N LYS D 370 -39.12 11.10 13.76
CA LYS D 370 -37.69 10.81 13.76
C LYS D 370 -36.92 11.38 12.57
N MET D 371 -36.01 10.58 12.00
CA MET D 371 -35.13 11.09 10.96
C MET D 371 -35.75 11.13 9.57
N VAL D 372 -35.78 12.33 9.01
CA VAL D 372 -36.30 12.62 7.67
C VAL D 372 -35.29 13.43 6.87
N VAL D 373 -35.13 13.10 5.59
CA VAL D 373 -34.16 13.79 4.75
C VAL D 373 -34.80 15.00 4.07
N THR D 374 -33.98 15.83 3.41
CA THR D 374 -34.46 17.05 2.75
C THR D 374 -34.57 16.79 1.24
N LEU D 375 -34.88 17.84 0.47
CA LEU D 375 -35.09 17.73 -0.98
C LEU D 375 -33.82 17.75 -1.82
N THR D 376 -32.84 18.56 -1.43
CA THR D 376 -31.62 18.56 -2.21
C THR D 376 -30.73 17.51 -1.58
N GLU D 377 -30.73 16.33 -2.18
CA GLU D 377 -29.91 15.22 -1.73
C GLU D 377 -28.54 15.23 -2.37
N ASP D 378 -28.51 15.54 -3.67
CA ASP D 378 -27.35 15.29 -4.50
C ASP D 378 -26.66 16.56 -4.99
N ASP D 379 -25.36 16.64 -4.73
CA ASP D 379 -24.53 17.71 -5.27
C ASP D 379 -23.96 17.31 -6.62
N THR D 380 -24.08 16.01 -6.92
CA THR D 380 -23.72 15.49 -8.23
C THR D 380 -25.00 15.27 -9.03
N SER D 381 -25.23 16.12 -10.01
CA SER D 381 -26.48 16.13 -10.75
C SER D 381 -26.29 15.61 -12.18
N GLN D 385 -9.51 18.06 -8.53
CA GLN D 385 -8.07 18.31 -8.59
C GLN D 385 -7.56 18.16 -10.01
N LYS D 386 -6.50 18.89 -10.35
CA LYS D 386 -5.90 18.74 -11.67
C LYS D 386 -5.38 17.32 -11.79
N THR D 387 -5.53 16.73 -12.97
CA THR D 387 -5.13 15.35 -13.18
C THR D 387 -4.86 15.07 -14.64
N VAL D 388 -3.88 14.20 -14.92
CA VAL D 388 -3.60 13.84 -16.30
C VAL D 388 -4.76 12.96 -16.73
N VAL D 389 -5.47 13.39 -17.77
CA VAL D 389 -6.64 12.65 -18.23
C VAL D 389 -6.23 11.44 -19.06
N VAL D 390 -6.56 10.26 -18.57
CA VAL D 390 -6.21 9.03 -19.26
C VAL D 390 -7.37 8.49 -20.08
N THR D 391 -7.21 8.51 -21.40
CA THR D 391 -8.21 7.95 -22.30
C THR D 391 -7.88 6.49 -22.58
N THR D 392 -8.90 5.65 -22.67
CA THR D 392 -8.71 4.24 -22.94
C THR D 392 -9.92 3.66 -23.67
N ILE D 393 -9.89 2.36 -23.91
CA ILE D 393 -10.93 1.70 -24.68
C ILE D 393 -11.24 0.33 -24.08
N LEU D 394 -12.52 -0.06 -24.11
CA LEU D 394 -12.89 -1.35 -23.56
C LEU D 394 -12.46 -2.44 -24.54
N GLU D 395 -11.46 -3.21 -24.13
CA GLU D 395 -10.96 -4.34 -24.92
C GLU D 395 -10.45 -5.42 -23.99
N SER D 396 -10.98 -6.63 -24.11
CA SER D 396 -10.50 -7.73 -23.28
C SER D 396 -9.12 -8.26 -23.72
N PRO D 397 -8.24 -8.53 -22.75
CA PRO D 397 -8.42 -8.18 -21.34
C PRO D 397 -7.70 -6.89 -20.96
N TYR D 398 -7.68 -5.88 -21.82
CA TYR D 398 -6.95 -4.65 -21.50
C TYR D 398 -7.71 -3.77 -20.52
N VAL D 399 -8.94 -3.45 -20.87
CA VAL D 399 -9.81 -2.68 -20.00
C VAL D 399 -11.20 -3.30 -20.03
N MET D 400 -11.66 -3.78 -18.87
CA MET D 400 -12.94 -4.45 -18.79
C MET D 400 -13.75 -3.90 -17.64
N MET D 401 -15.08 -3.96 -17.77
CA MET D 401 -15.97 -3.53 -16.71
C MET D 401 -16.07 -4.62 -15.66
N LYS D 402 -15.94 -4.24 -14.39
CA LYS D 402 -16.03 -5.19 -13.29
C LYS D 402 -17.45 -5.73 -13.19
N LYS D 403 -17.59 -6.86 -12.49
CA LYS D 403 -18.89 -7.47 -12.28
C LYS D 403 -19.75 -6.50 -11.47
N ASN D 404 -19.09 -5.81 -10.55
CA ASN D 404 -19.76 -4.88 -9.64
C ASN D 404 -19.70 -3.43 -10.13
N HIS D 405 -19.33 -3.22 -11.39
CA HIS D 405 -19.06 -1.87 -11.90
C HIS D 405 -20.22 -0.88 -11.74
N GLU D 406 -21.44 -1.38 -11.58
CA GLU D 406 -22.60 -0.51 -11.43
C GLU D 406 -22.61 0.19 -10.06
N MET D 407 -22.06 -0.48 -9.07
CA MET D 407 -22.03 0.05 -7.70
C MET D 407 -20.68 0.69 -7.38
N LEU D 408 -19.80 0.75 -8.38
CA LEU D 408 -18.49 1.38 -8.22
C LEU D 408 -18.37 2.62 -9.10
N GLU D 409 -17.38 3.46 -8.81
CA GLU D 409 -17.20 4.71 -9.54
C GLU D 409 -15.75 5.15 -9.67
N GLY D 410 -15.47 6.03 -10.61
CA GLY D 410 -14.13 6.53 -10.83
C GLY D 410 -13.26 5.53 -11.55
N ASN D 411 -12.03 5.34 -11.07
CA ASN D 411 -11.11 4.38 -11.67
C ASN D 411 -11.25 3.01 -11.04
N GLU D 412 -12.22 2.87 -10.14
CA GLU D 412 -12.45 1.61 -9.44
C GLU D 412 -13.46 0.73 -10.16
N ARG D 413 -14.08 1.26 -11.22
CA ARG D 413 -15.07 0.51 -11.98
C ARG D 413 -14.45 -0.15 -13.22
N TYR D 414 -13.13 -0.04 -13.36
CA TYR D 414 -12.43 -0.64 -14.49
C TYR D 414 -11.40 -1.66 -14.03
N GLU D 415 -11.15 -2.67 -14.87
CA GLU D 415 -10.14 -3.67 -14.56
C GLU D 415 -9.48 -4.18 -15.83
N GLY D 416 -8.23 -4.62 -15.72
CA GLY D 416 -7.52 -5.16 -16.86
C GLY D 416 -6.03 -4.87 -16.81
N TYR D 417 -5.36 -5.12 -17.93
CA TYR D 417 -3.93 -4.91 -18.05
C TYR D 417 -3.57 -3.42 -18.02
N CYS D 418 -4.25 -2.66 -18.87
CA CYS D 418 -3.99 -1.23 -19.00
C CYS D 418 -4.38 -0.43 -17.75
N VAL D 419 -5.28 -0.99 -16.95
CA VAL D 419 -5.69 -0.34 -15.71
C VAL D 419 -4.57 -0.40 -14.67
N ASP D 420 -4.09 -1.62 -14.42
CA ASP D 420 -2.97 -1.83 -13.51
C ASP D 420 -1.75 -1.06 -14.00
N LEU D 421 -1.53 -1.10 -15.31
CA LEU D 421 -0.42 -0.38 -15.92
C LEU D 421 -0.54 1.11 -15.66
N ALA D 422 -1.75 1.64 -15.81
CA ALA D 422 -2.01 3.05 -15.56
C ALA D 422 -1.71 3.41 -14.11
N ALA D 423 -2.12 2.52 -13.20
CA ALA D 423 -1.83 2.70 -11.79
C ALA D 423 -0.32 2.78 -11.55
N GLU D 424 0.43 1.88 -12.16
CA GLU D 424 1.88 1.84 -12.01
C GLU D 424 2.57 3.09 -12.56
N ILE D 425 2.20 3.48 -13.78
CA ILE D 425 2.76 4.68 -14.40
C ILE D 425 2.46 5.93 -13.57
N ALA D 426 1.23 6.02 -13.09
CA ALA D 426 0.80 7.15 -12.28
C ALA D 426 1.55 7.17 -10.95
N LYS D 427 1.87 5.99 -10.43
CA LYS D 427 2.59 5.90 -9.16
C LYS D 427 4.07 6.26 -9.30
N HIS D 428 4.67 5.86 -10.42
CA HIS D 428 6.08 6.18 -10.65
C HIS D 428 6.30 7.64 -11.03
N CYS D 429 5.37 8.20 -11.81
CA CYS D 429 5.47 9.59 -12.22
C CYS D 429 4.90 10.53 -11.16
N GLY D 430 4.08 9.96 -10.27
CA GLY D 430 3.51 10.69 -9.16
C GLY D 430 2.38 11.65 -9.50
N PHE D 431 1.38 11.14 -10.22
CA PHE D 431 0.20 11.94 -10.52
C PHE D 431 -1.09 11.12 -10.36
N LYS D 432 -2.17 11.80 -10.01
CA LYS D 432 -3.50 11.19 -9.96
C LYS D 432 -4.11 11.17 -11.36
N TYR D 433 -4.93 10.16 -11.63
CA TYR D 433 -5.48 10.00 -12.97
C TYR D 433 -6.98 9.67 -12.94
N LYS D 434 -7.63 9.85 -14.08
CA LYS D 434 -9.04 9.55 -14.21
C LYS D 434 -9.28 8.76 -15.49
N LEU D 435 -9.67 7.50 -15.33
CA LEU D 435 -9.91 6.65 -16.49
C LEU D 435 -11.22 6.99 -17.16
N THR D 436 -11.12 7.34 -18.45
CA THR D 436 -12.31 7.64 -19.24
C THR D 436 -12.29 6.78 -20.51
N ILE D 437 -13.43 6.20 -20.85
CA ILE D 437 -13.51 5.43 -22.08
C ILE D 437 -13.63 6.39 -23.24
N VAL D 438 -12.86 6.14 -24.29
CA VAL D 438 -12.86 6.99 -25.47
C VAL D 438 -14.27 7.12 -26.04
N GLY D 439 -14.64 8.33 -26.41
CA GLY D 439 -15.99 8.63 -26.87
C GLY D 439 -16.48 7.78 -28.02
N ASP D 440 -15.75 7.83 -29.15
CA ASP D 440 -16.16 7.09 -30.33
C ASP D 440 -15.82 5.61 -30.27
N GLY D 441 -15.08 5.20 -29.23
CA GLY D 441 -14.72 3.80 -29.07
C GLY D 441 -13.70 3.32 -30.08
N LYS D 442 -12.87 4.25 -30.56
CA LYS D 442 -11.86 3.96 -31.57
C LYS D 442 -10.46 4.24 -31.04
N TYR D 443 -9.46 3.97 -31.87
CA TYR D 443 -8.10 4.32 -31.53
C TYR D 443 -7.79 5.68 -32.14
N GLY D 444 -7.60 5.69 -33.46
CA GLY D 444 -7.37 6.92 -34.20
C GLY D 444 -7.36 6.61 -35.68
N ALA D 445 -7.91 7.50 -36.49
CA ALA D 445 -7.87 7.31 -37.93
C ALA D 445 -7.92 8.62 -38.68
N ARG D 446 -7.13 8.73 -39.74
CA ARG D 446 -7.15 9.92 -40.57
C ARG D 446 -7.83 9.69 -41.92
N ASP D 447 -8.97 10.34 -42.13
CA ASP D 447 -9.64 10.34 -43.42
C ASP D 447 -9.16 11.49 -44.28
N ALA D 448 -9.03 11.25 -45.59
CA ALA D 448 -8.48 12.24 -46.51
C ALA D 448 -9.32 13.52 -46.58
N ASP D 449 -10.62 13.39 -46.80
CA ASP D 449 -11.43 14.57 -47.01
C ASP D 449 -11.73 15.39 -45.74
N THR D 450 -11.83 14.73 -44.59
CA THR D 450 -12.09 15.46 -43.35
C THR D 450 -10.80 15.90 -42.66
N LYS D 451 -9.77 15.05 -42.75
CA LYS D 451 -8.47 15.29 -42.10
C LYS D 451 -8.59 15.56 -40.60
N ILE D 452 -9.57 14.91 -39.95
CA ILE D 452 -9.75 15.05 -38.51
C ILE D 452 -9.51 13.72 -37.80
N TRP D 453 -8.61 13.73 -36.83
CA TRP D 453 -8.29 12.53 -36.06
C TRP D 453 -9.40 12.19 -35.07
N ASN D 454 -9.90 10.96 -35.16
CA ASN D 454 -10.88 10.46 -34.21
C ASN D 454 -10.22 9.62 -33.12
N GLY D 455 -11.04 8.98 -32.28
CA GLY D 455 -10.52 8.07 -31.27
C GLY D 455 -9.61 8.72 -30.25
N MET D 456 -8.81 7.89 -29.59
CA MET D 456 -7.92 8.36 -28.52
C MET D 456 -6.84 9.30 -29.03
N VAL D 457 -6.28 9.00 -30.20
CA VAL D 457 -5.30 9.87 -30.82
C VAL D 457 -5.92 11.24 -31.09
N GLY D 458 -7.17 11.22 -31.54
CA GLY D 458 -7.92 12.44 -31.75
C GLY D 458 -8.15 13.18 -30.44
N GLU D 459 -8.32 12.42 -29.36
CA GLU D 459 -8.52 13.03 -28.05
C GLU D 459 -7.21 13.61 -27.51
N LEU D 460 -6.09 13.13 -28.04
CA LEU D 460 -4.78 13.63 -27.63
C LEU D 460 -4.35 14.88 -28.41
N VAL D 461 -4.56 14.84 -29.73
CA VAL D 461 -4.19 15.97 -30.59
C VAL D 461 -5.05 17.19 -30.29
N TYR D 462 -6.34 16.95 -30.07
CA TYR D 462 -7.29 18.03 -29.86
C TYR D 462 -7.47 18.35 -28.38
N GLY D 463 -6.65 17.72 -27.55
CA GLY D 463 -6.63 18.02 -26.13
C GLY D 463 -7.85 17.56 -25.36
N LYS D 464 -8.51 16.53 -25.86
CA LYS D 464 -9.67 15.96 -25.16
C LYS D 464 -9.17 15.03 -24.05
N ALA D 465 -7.92 14.58 -24.17
CA ALA D 465 -7.30 13.77 -23.13
C ALA D 465 -5.81 14.11 -23.04
N ASP D 466 -5.20 13.81 -21.90
CA ASP D 466 -3.80 14.17 -21.70
C ASP D 466 -2.81 13.03 -21.96
N ILE D 467 -3.30 11.80 -21.97
CA ILE D 467 -2.45 10.63 -22.21
C ILE D 467 -3.30 9.45 -22.67
N ALA D 468 -2.72 8.56 -23.46
CA ALA D 468 -3.44 7.39 -23.96
C ALA D 468 -2.79 6.07 -23.52
N ILE D 469 -3.48 5.33 -22.66
CA ILE D 469 -3.02 4.01 -22.25
C ILE D 469 -3.99 2.95 -22.76
N ALA D 470 -3.59 2.25 -23.81
CA ALA D 470 -4.43 1.27 -24.48
C ALA D 470 -3.56 0.52 -25.50
N PRO D 471 -4.07 -0.62 -26.03
CA PRO D 471 -3.31 -1.31 -27.08
C PRO D 471 -3.21 -0.50 -28.37
N LEU D 472 -2.51 0.63 -28.32
CA LEU D 472 -2.38 1.48 -29.49
C LEU D 472 -1.06 1.17 -30.19
N THR D 473 -1.17 0.64 -31.41
CA THR D 473 -0.01 0.21 -32.19
C THR D 473 0.82 1.42 -32.61
N ILE D 474 2.13 1.34 -32.40
CA ILE D 474 2.98 2.45 -32.80
C ILE D 474 3.12 2.41 -34.31
N THR D 475 2.56 3.41 -34.97
CA THR D 475 2.61 3.54 -36.41
C THR D 475 3.19 4.89 -36.82
N LEU D 476 3.48 5.04 -38.10
CA LEU D 476 4.04 6.28 -38.62
C LEU D 476 3.04 7.43 -38.63
N VAL D 477 1.85 7.17 -39.15
CA VAL D 477 0.82 8.19 -39.27
C VAL D 477 0.37 8.73 -37.91
N ARG D 478 0.40 7.88 -36.89
CA ARG D 478 0.02 8.30 -35.55
C ARG D 478 1.18 9.00 -34.84
N GLU D 479 2.40 8.52 -35.07
CA GLU D 479 3.58 9.10 -34.45
C GLU D 479 3.82 10.50 -34.97
N GLU D 480 3.28 10.79 -36.16
CA GLU D 480 3.50 12.07 -36.78
C GLU D 480 2.74 13.19 -36.09
N VAL D 481 1.58 12.87 -35.51
CA VAL D 481 0.78 13.88 -34.83
C VAL D 481 0.96 13.85 -33.30
N ILE D 482 1.40 12.73 -32.76
CA ILE D 482 1.63 12.60 -31.32
C ILE D 482 2.92 11.86 -30.97
N ASP D 483 3.26 11.86 -29.68
CA ASP D 483 4.47 11.22 -29.18
C ASP D 483 4.19 9.85 -28.58
N PHE D 484 4.94 8.85 -29.02
CA PHE D 484 4.84 7.50 -28.48
C PHE D 484 6.00 7.18 -27.54
N SER D 485 5.70 6.48 -26.45
CA SER D 485 6.75 5.99 -25.58
C SER D 485 7.29 4.68 -26.13
N LYS D 486 8.33 4.15 -25.48
CA LYS D 486 8.88 2.86 -25.89
C LYS D 486 7.85 1.76 -25.68
N PRO D 487 7.82 0.76 -26.59
CA PRO D 487 6.82 -0.30 -26.52
C PRO D 487 6.81 -1.01 -25.17
N PHE D 488 5.64 -1.06 -24.54
CA PHE D 488 5.51 -1.81 -23.30
C PHE D 488 5.09 -3.24 -23.60
N MET D 489 4.78 -3.48 -24.86
CA MET D 489 4.47 -4.84 -25.31
C MET D 489 4.82 -5.01 -26.78
N SER D 490 5.56 -6.07 -27.07
CA SER D 490 5.96 -6.41 -28.44
C SER D 490 5.08 -7.52 -28.99
N LEU D 491 4.62 -7.34 -30.23
CA LEU D 491 3.76 -8.32 -30.87
C LEU D 491 4.00 -8.39 -32.38
N GLY D 492 3.10 -9.07 -33.07
CA GLY D 492 3.20 -9.21 -34.52
C GLY D 492 1.96 -9.87 -35.08
N ILE D 493 1.70 -9.66 -36.37
CA ILE D 493 0.53 -10.24 -37.01
C ILE D 493 0.68 -11.75 -37.13
N SER D 494 -0.29 -12.47 -36.60
CA SER D 494 -0.29 -13.92 -36.64
C SER D 494 -1.58 -14.45 -37.25
N ILE D 495 -1.64 -15.78 -37.33
CA ILE D 495 -2.75 -16.47 -37.97
C ILE D 495 -3.54 -17.29 -36.97
N MET D 496 -4.83 -16.98 -36.86
CA MET D 496 -5.74 -17.72 -36.02
C MET D 496 -6.55 -18.65 -36.88
N ILE D 497 -6.48 -19.95 -36.60
CA ILE D 497 -7.28 -20.91 -37.34
C ILE D 497 -8.07 -21.73 -36.34
N LYS D 498 -9.07 -22.46 -36.84
CA LYS D 498 -9.91 -23.24 -35.95
C LYS D 498 -9.16 -24.50 -35.56
N LYS D 499 -9.24 -24.83 -34.27
CA LYS D 499 -8.49 -25.95 -33.70
C LYS D 499 -8.71 -27.20 -34.52
N PRO D 500 -7.67 -28.03 -34.64
CA PRO D 500 -7.77 -29.29 -35.38
C PRO D 500 -8.97 -30.09 -34.92
N GLN D 501 -9.78 -30.56 -35.87
CA GLN D 501 -11.08 -31.14 -35.56
C GLN D 501 -10.99 -32.40 -34.70
N LYS D 502 -9.78 -32.95 -34.60
CA LYS D 502 -9.49 -34.14 -33.79
C LYS D 502 -10.16 -35.40 -34.36
N SER D 503 -10.98 -35.22 -35.39
CA SER D 503 -11.39 -36.36 -36.21
C SER D 503 -10.31 -36.40 -37.26
N LYS D 504 -9.44 -37.39 -37.14
CA LYS D 504 -8.16 -37.36 -37.84
C LYS D 504 -8.19 -38.15 -39.13
N PRO D 505 -7.94 -37.47 -40.25
CA PRO D 505 -7.72 -38.25 -41.47
C PRO D 505 -6.41 -39.02 -41.35
N GLY D 506 -6.45 -40.32 -41.62
CA GLY D 506 -5.25 -41.13 -41.54
C GLY D 506 -4.47 -40.99 -42.83
N VAL D 507 -5.19 -40.73 -43.91
CA VAL D 507 -4.62 -40.64 -45.25
C VAL D 507 -3.82 -41.90 -45.58
N PHE D 508 -4.48 -43.04 -45.42
CA PHE D 508 -3.94 -44.38 -45.71
C PHE D 508 -2.92 -44.92 -44.68
N SER D 509 -2.51 -44.07 -43.75
CA SER D 509 -1.65 -44.42 -42.60
C SER D 509 -0.18 -44.69 -42.87
N PHE D 510 0.16 -45.17 -44.06
CA PHE D 510 1.56 -45.32 -44.41
C PHE D 510 2.13 -43.95 -44.72
N LEU D 511 1.23 -43.07 -45.14
CA LEU D 511 1.58 -41.70 -45.47
C LEU D 511 1.80 -40.82 -44.24
N ASP D 512 1.04 -41.08 -43.18
CA ASP D 512 1.12 -40.22 -42.00
C ASP D 512 2.55 -40.08 -41.45
N PRO D 513 3.24 -41.20 -41.17
CA PRO D 513 4.65 -41.01 -40.76
C PRO D 513 5.67 -40.73 -41.88
N LEU D 514 5.32 -41.01 -43.14
CA LEU D 514 6.34 -41.06 -44.21
C LEU D 514 6.02 -40.49 -45.60
N ALA D 515 7.00 -39.81 -46.17
CA ALA D 515 6.89 -39.27 -47.53
C ALA D 515 6.91 -40.43 -48.55
N TYR D 516 6.29 -40.20 -49.69
CA TYR D 516 6.18 -41.20 -50.77
C TYR D 516 7.49 -41.60 -51.47
N GLU D 517 8.46 -40.68 -51.52
CA GLU D 517 9.70 -40.87 -52.27
C GLU D 517 10.55 -42.10 -51.93
N ILE D 518 10.68 -42.43 -50.65
CA ILE D 518 11.48 -43.59 -50.25
C ILE D 518 10.79 -44.89 -50.66
N TRP D 519 9.47 -44.88 -50.60
CA TRP D 519 8.64 -46.00 -51.03
C TRP D 519 8.78 -46.19 -52.54
N MET D 520 8.75 -45.07 -53.26
CA MET D 520 8.92 -45.09 -54.71
C MET D 520 10.32 -45.59 -55.05
N ALA D 521 11.29 -45.27 -54.20
CA ALA D 521 12.65 -45.73 -54.37
C ALA D 521 12.70 -47.25 -54.16
N ILE D 522 11.84 -47.73 -53.26
CA ILE D 522 11.73 -49.17 -53.04
C ILE D 522 11.11 -49.81 -54.28
N VAL D 523 10.33 -49.03 -55.03
CA VAL D 523 9.75 -49.51 -56.28
C VAL D 523 10.79 -49.55 -57.39
N PHE D 524 11.63 -48.52 -57.46
CA PHE D 524 12.72 -48.47 -58.43
C PHE D 524 13.71 -49.60 -58.17
N ALA D 525 13.91 -49.93 -56.90
CA ALA D 525 14.78 -51.02 -56.51
C ALA D 525 14.06 -52.36 -56.74
N TYR D 526 12.73 -52.34 -56.66
CA TYR D 526 11.91 -53.52 -56.92
C TYR D 526 12.02 -53.95 -58.38
N ILE D 527 11.82 -52.99 -59.28
CA ILE D 527 11.95 -53.26 -60.71
C ILE D 527 13.41 -53.31 -61.11
N GLY D 528 14.29 -52.89 -60.20
CA GLY D 528 15.72 -52.98 -60.44
C GLY D 528 16.22 -54.36 -60.06
N VAL D 529 15.46 -55.05 -59.21
CA VAL D 529 15.77 -56.43 -58.85
C VAL D 529 15.16 -57.42 -59.83
N SER D 530 13.91 -57.16 -60.23
CA SER D 530 13.20 -58.05 -61.14
C SER D 530 13.80 -58.04 -62.54
N VAL D 531 14.61 -57.03 -62.83
CA VAL D 531 15.29 -56.94 -64.12
C VAL D 531 16.59 -57.76 -64.10
N VAL D 532 17.18 -57.93 -62.92
CA VAL D 532 18.41 -58.70 -62.79
C VAL D 532 18.15 -60.20 -62.87
N LEU D 533 17.12 -60.63 -62.15
CA LEU D 533 16.70 -62.02 -62.16
C LEU D 533 16.20 -62.39 -63.55
N PHE D 534 15.74 -61.39 -64.28
CA PHE D 534 15.30 -61.59 -65.66
C PHE D 534 16.52 -61.84 -66.54
N LEU D 535 17.67 -61.27 -66.15
CA LEU D 535 18.90 -61.46 -66.90
C LEU D 535 19.59 -62.75 -66.47
N VAL D 536 19.10 -63.35 -65.38
CA VAL D 536 19.66 -64.61 -64.93
C VAL D 536 19.14 -65.78 -65.78
N SER D 537 17.83 -65.82 -66.01
CA SER D 537 17.22 -66.89 -66.79
C SER D 537 17.63 -66.81 -68.26
N PRO D 586 17.81 -73.36 -58.33
CA PRO D 586 18.11 -74.15 -57.14
C PRO D 586 19.18 -73.50 -56.27
N ARG D 587 20.40 -74.03 -56.38
CA ARG D 587 21.53 -73.59 -55.56
C ARG D 587 22.27 -72.43 -56.19
N SER D 588 21.69 -71.87 -57.26
CA SER D 588 22.35 -70.85 -58.08
C SER D 588 22.95 -69.71 -57.25
N LEU D 589 24.21 -69.40 -57.55
CA LEU D 589 25.01 -68.48 -56.76
C LEU D 589 24.46 -67.05 -56.82
N SER D 590 23.80 -66.71 -57.92
CA SER D 590 23.24 -65.37 -58.11
C SER D 590 21.95 -65.14 -57.34
N ALA D 591 20.99 -66.05 -57.50
CA ALA D 591 19.69 -65.91 -56.84
C ALA D 591 19.82 -65.92 -55.32
N ARG D 592 20.82 -66.63 -54.80
CA ARG D 592 21.03 -66.68 -53.36
C ARG D 592 21.35 -65.29 -52.81
N ILE D 593 22.32 -64.63 -53.42
CA ILE D 593 22.72 -63.29 -52.97
C ILE D 593 21.66 -62.23 -53.28
N VAL D 594 20.97 -62.36 -54.43
CA VAL D 594 19.92 -61.40 -54.75
C VAL D 594 18.75 -61.48 -53.77
N ALA D 595 18.23 -62.69 -53.59
CA ALA D 595 17.12 -62.93 -52.67
C ALA D 595 17.52 -62.61 -51.23
N GLY D 596 18.76 -62.93 -50.88
CA GLY D 596 19.25 -62.68 -49.54
C GLY D 596 19.37 -61.20 -49.22
N VAL D 597 20.04 -60.45 -50.08
CA VAL D 597 20.19 -59.01 -49.87
C VAL D 597 18.85 -58.30 -49.91
N TRP D 598 17.97 -58.71 -50.82
CA TRP D 598 16.64 -58.10 -50.90
C TRP D 598 15.85 -58.40 -49.63
N TRP D 599 16.01 -59.62 -49.12
CA TRP D 599 15.37 -60.05 -47.88
C TRP D 599 15.80 -59.21 -46.69
N PHE D 600 17.11 -59.06 -46.52
CA PHE D 600 17.65 -58.25 -45.44
C PHE D 600 17.18 -56.80 -45.54
N PHE D 601 17.18 -56.28 -46.77
CA PHE D 601 16.75 -54.91 -47.01
C PHE D 601 15.29 -54.68 -46.62
N THR D 602 14.37 -55.45 -47.20
CA THR D 602 12.95 -55.26 -46.90
C THR D 602 12.66 -55.53 -45.43
N LEU D 603 13.48 -56.39 -44.81
CA LEU D 603 13.36 -56.64 -43.38
C LEU D 603 13.68 -55.36 -42.61
N ILE D 604 14.80 -54.74 -42.94
CA ILE D 604 15.19 -53.48 -42.30
C ILE D 604 14.14 -52.39 -42.48
N ILE D 605 13.61 -52.25 -43.70
CA ILE D 605 12.58 -51.23 -43.93
C ILE D 605 11.30 -51.47 -43.14
N ILE D 606 10.75 -52.69 -43.19
CA ILE D 606 9.50 -52.94 -42.48
C ILE D 606 9.71 -52.79 -40.98
N SER D 607 10.93 -53.10 -40.52
CA SER D 607 11.28 -52.90 -39.11
C SER D 607 11.29 -51.42 -38.76
N SER D 608 11.82 -50.60 -39.66
CA SER D 608 11.86 -49.15 -39.45
C SER D 608 10.47 -48.55 -39.43
N TYR D 609 9.59 -49.05 -40.30
CA TYR D 609 8.21 -48.60 -40.36
C TYR D 609 7.47 -48.93 -39.08
N THR D 610 7.57 -50.19 -38.67
CA THR D 610 6.91 -50.65 -37.45
C THR D 610 7.43 -49.88 -36.24
N ALA D 611 8.73 -49.60 -36.23
CA ALA D 611 9.35 -48.88 -35.13
C ALA D 611 8.87 -47.43 -35.04
N ASN D 612 8.84 -46.75 -36.18
CA ASN D 612 8.43 -45.34 -36.22
C ASN D 612 6.95 -45.13 -35.91
N LEU D 613 6.13 -46.08 -36.36
CA LEU D 613 4.69 -45.96 -36.18
C LEU D 613 4.28 -45.96 -34.70
N ALA D 614 4.99 -46.75 -33.88
CA ALA D 614 4.71 -46.78 -32.45
C ALA D 614 5.09 -45.49 -31.76
N ALA D 615 6.22 -44.92 -32.18
CA ALA D 615 6.73 -43.69 -31.60
C ALA D 615 5.86 -42.49 -31.96
N PHE D 616 5.19 -42.57 -33.10
CA PHE D 616 4.37 -41.46 -33.55
C PHE D 616 3.21 -41.12 -32.59
N LEU D 617 2.70 -42.12 -31.89
CA LEU D 617 1.54 -41.93 -31.02
C LEU D 617 1.86 -41.08 -29.79
N THR D 618 3.05 -41.24 -29.24
CA THR D 618 3.43 -40.53 -28.02
C THR D 618 3.86 -39.10 -28.28
N VAL D 619 4.55 -38.88 -29.40
CA VAL D 619 5.21 -37.62 -29.65
C VAL D 619 4.78 -36.94 -30.95
N GLU D 620 5.43 -35.80 -31.23
CA GLU D 620 5.23 -35.04 -32.46
C GLU D 620 3.81 -34.49 -32.60
N ARG D 621 3.16 -34.26 -31.47
CA ARG D 621 1.81 -33.72 -31.46
C ARG D 621 1.80 -32.19 -31.62
N MET D 622 2.69 -31.53 -30.91
CA MET D 622 2.74 -30.07 -30.90
C MET D 622 3.34 -29.50 -32.19
N ILE D 626 -0.67 -25.57 -39.67
CA ILE D 626 -0.30 -24.69 -40.78
C ILE D 626 0.64 -23.58 -40.31
N GLU D 627 1.94 -23.83 -40.38
CA GLU D 627 2.92 -22.90 -39.85
C GLU D 627 3.36 -21.82 -40.84
N SER D 628 2.72 -21.80 -42.00
CA SER D 628 3.11 -20.87 -43.05
C SER D 628 1.99 -19.92 -43.47
N ALA D 629 2.34 -18.65 -43.68
CA ALA D 629 1.39 -17.68 -44.21
C ALA D 629 1.35 -17.79 -45.73
N GLU D 630 2.34 -18.49 -46.28
CA GLU D 630 2.39 -18.72 -47.71
C GLU D 630 1.43 -19.84 -48.10
N ASP D 631 1.01 -20.64 -47.12
CA ASP D 631 0.05 -21.70 -47.38
C ASP D 631 -1.33 -21.11 -47.62
N LEU D 632 -1.54 -19.91 -47.06
CA LEU D 632 -2.79 -19.20 -47.25
C LEU D 632 -2.83 -18.48 -48.60
N SER D 633 -1.70 -17.90 -49.00
CA SER D 633 -1.63 -17.20 -50.27
C SER D 633 -1.50 -18.13 -51.49
N LYS D 634 -0.79 -19.24 -51.34
CA LYS D 634 -0.59 -20.16 -52.47
C LYS D 634 -1.76 -21.08 -52.72
N GLN D 635 -2.56 -21.28 -51.68
CA GLN D 635 -3.76 -22.07 -51.84
C GLN D 635 -4.92 -21.15 -51.46
N THR D 636 -5.95 -21.13 -52.30
CA THR D 636 -7.10 -20.24 -52.13
C THR D 636 -8.24 -21.01 -51.49
N GLU D 637 -7.96 -22.27 -51.17
CA GLU D 637 -8.96 -23.16 -50.60
C GLU D 637 -9.31 -22.72 -49.18
N ILE D 638 -8.33 -22.20 -48.44
CA ILE D 638 -8.60 -21.73 -47.10
C ILE D 638 -8.82 -20.23 -47.10
N ALA D 639 -10.02 -19.81 -46.70
CA ALA D 639 -10.35 -18.39 -46.65
C ALA D 639 -9.66 -17.74 -45.46
N TYR D 640 -9.26 -16.48 -45.60
CA TYR D 640 -8.61 -15.74 -44.52
C TYR D 640 -8.83 -14.23 -44.67
N GLY D 641 -9.01 -13.55 -43.54
CA GLY D 641 -9.24 -12.10 -43.63
C GLY D 641 -8.82 -11.30 -42.41
N THR D 642 -8.89 -9.97 -42.55
CA THR D 642 -8.53 -9.05 -41.48
C THR D 642 -9.68 -8.12 -41.13
N LEU D 643 -9.42 -7.15 -40.26
CA LEU D 643 -10.42 -6.16 -39.89
C LEU D 643 -10.67 -5.16 -41.00
N ASP D 644 -11.84 -4.51 -40.95
CA ASP D 644 -12.23 -3.51 -41.93
C ASP D 644 -11.44 -2.21 -41.73
N SER D 645 -10.78 -2.11 -40.58
CA SER D 645 -9.99 -0.94 -40.22
C SER D 645 -8.90 -1.30 -39.21
N GLY D 646 -7.86 -0.48 -39.15
CA GLY D 646 -6.76 -0.69 -38.23
C GLY D 646 -5.42 -0.96 -38.88
N SER D 647 -4.40 -1.22 -38.06
CA SER D 647 -3.03 -1.35 -38.53
C SER D 647 -2.74 -2.57 -39.38
N THR D 648 -3.48 -3.66 -39.20
CA THR D 648 -3.24 -4.86 -39.98
C THR D 648 -3.65 -4.64 -41.45
N LYS D 649 -4.85 -4.09 -41.65
CA LYS D 649 -5.35 -3.79 -42.98
C LYS D 649 -4.44 -2.82 -43.71
N GLU D 650 -3.96 -1.81 -42.99
CA GLU D 650 -3.04 -0.82 -43.56
C GLU D 650 -1.67 -1.43 -43.79
N PHE D 651 -1.36 -2.48 -43.03
CA PHE D 651 -0.10 -3.20 -43.22
C PHE D 651 -0.14 -3.98 -44.52
N PHE D 652 -1.31 -4.56 -44.84
CA PHE D 652 -1.46 -5.29 -46.09
C PHE D 652 -1.67 -4.38 -47.30
N ARG D 653 -2.28 -3.22 -47.08
CA ARG D 653 -2.51 -2.26 -48.15
C ARG D 653 -1.19 -1.69 -48.67
N ARG D 654 -0.37 -1.24 -47.73
CA ARG D 654 0.90 -0.56 -48.01
C ARG D 654 2.08 -1.53 -48.09
N SER D 655 1.79 -2.83 -48.20
CA SER D 655 2.85 -3.86 -48.05
C SER D 655 3.70 -4.12 -49.27
N LYS D 656 5.00 -4.31 -49.02
CA LYS D 656 5.92 -4.59 -50.10
C LYS D 656 6.29 -6.06 -50.21
N ILE D 657 5.83 -6.89 -49.29
CA ILE D 657 6.10 -8.33 -49.36
C ILE D 657 5.27 -8.99 -50.46
N ALA D 658 5.85 -9.94 -51.18
CA ALA D 658 5.14 -10.64 -52.25
C ALA D 658 3.98 -11.46 -51.66
N VAL D 659 4.30 -12.24 -50.63
CA VAL D 659 3.33 -13.10 -49.96
C VAL D 659 2.31 -12.21 -49.26
N PHE D 660 2.79 -11.22 -48.54
CA PHE D 660 1.91 -10.35 -47.76
C PHE D 660 1.04 -9.46 -48.67
N ASP D 661 1.54 -9.11 -49.84
CA ASP D 661 0.80 -8.29 -50.80
C ASP D 661 -0.25 -9.03 -51.63
N LYS D 662 0.09 -10.25 -52.04
CA LYS D 662 -0.83 -11.08 -52.83
C LYS D 662 -2.12 -11.30 -52.05
N MET D 663 -1.95 -11.53 -50.74
CA MET D 663 -3.06 -11.72 -49.83
C MET D 663 -3.99 -10.51 -49.85
N TRP D 664 -3.41 -9.31 -49.90
CA TRP D 664 -4.22 -8.10 -49.99
C TRP D 664 -4.97 -8.03 -51.32
N THR D 665 -4.28 -8.39 -52.41
CA THR D 665 -4.92 -8.39 -53.72
C THR D 665 -6.12 -9.33 -53.73
N TYR D 666 -6.00 -10.44 -53.02
CA TYR D 666 -7.12 -11.38 -52.91
C TYR D 666 -8.23 -10.86 -52.03
N MET D 667 -7.86 -10.38 -50.84
CA MET D 667 -8.84 -9.94 -49.84
C MET D 667 -9.67 -8.73 -50.27
N ARG D 668 -9.09 -7.83 -51.06
CA ARG D 668 -9.85 -6.63 -51.43
C ARG D 668 -10.90 -6.89 -52.50
N SER D 669 -10.62 -7.87 -53.38
CA SER D 669 -11.49 -8.19 -54.49
C SER D 669 -12.36 -9.42 -54.21
N ALA D 670 -12.35 -9.88 -52.97
CA ALA D 670 -13.04 -11.12 -52.63
C ALA D 670 -14.53 -10.90 -52.39
N GLU D 671 -15.34 -11.74 -53.04
CA GLU D 671 -16.78 -11.71 -52.87
C GLU D 671 -17.29 -13.01 -52.24
N PRO D 672 -17.97 -12.88 -51.09
CA PRO D 672 -18.26 -11.61 -50.42
C PRO D 672 -17.06 -11.03 -49.65
N SER D 673 -17.23 -9.86 -49.07
CA SER D 673 -16.17 -9.20 -48.31
C SER D 673 -15.68 -10.12 -47.19
N VAL D 674 -14.37 -10.21 -47.03
CA VAL D 674 -13.77 -11.11 -46.06
C VAL D 674 -13.50 -10.39 -44.74
N PHE D 675 -13.67 -9.07 -44.76
CA PHE D 675 -13.39 -8.24 -43.59
C PHE D 675 -14.52 -8.27 -42.55
N VAL D 676 -14.14 -8.13 -41.28
CA VAL D 676 -15.09 -8.10 -40.17
C VAL D 676 -15.04 -6.78 -39.41
N ARG D 677 -16.07 -6.52 -38.61
CA ARG D 677 -16.16 -5.26 -37.88
C ARG D 677 -15.39 -5.30 -36.57
N THR D 678 -15.50 -6.40 -35.83
CA THR D 678 -14.83 -6.53 -34.54
C THR D 678 -13.99 -7.80 -34.43
N THR D 679 -13.23 -7.92 -33.35
CA THR D 679 -12.41 -9.10 -33.10
C THR D 679 -13.28 -10.32 -32.79
N ALA D 680 -14.27 -10.11 -31.92
CA ALA D 680 -15.20 -11.16 -31.55
C ALA D 680 -15.96 -11.69 -32.75
N GLU D 681 -16.26 -10.81 -33.69
CA GLU D 681 -16.96 -11.21 -34.91
C GLU D 681 -16.08 -12.09 -35.79
N GLY D 682 -14.81 -11.73 -35.90
CA GLY D 682 -13.86 -12.53 -36.67
C GLY D 682 -13.68 -13.91 -36.08
N VAL D 683 -13.48 -13.95 -34.75
CA VAL D 683 -13.34 -15.22 -34.06
C VAL D 683 -14.60 -16.07 -34.24
N ALA D 684 -15.76 -15.44 -34.09
CA ALA D 684 -17.04 -16.11 -34.27
C ALA D 684 -17.21 -16.61 -35.70
N ARG D 685 -16.58 -15.92 -36.65
CA ARG D 685 -16.66 -16.32 -38.05
C ARG D 685 -15.74 -17.52 -38.29
N VAL D 686 -14.66 -17.59 -37.53
CA VAL D 686 -13.78 -18.75 -37.60
C VAL D 686 -14.47 -19.97 -37.01
N ARG D 687 -15.14 -19.77 -35.88
CA ARG D 687 -15.79 -20.86 -35.17
C ARG D 687 -17.08 -21.33 -35.86
N LYS D 688 -17.76 -20.42 -36.55
CA LYS D 688 -18.98 -20.77 -37.26
C LYS D 688 -18.69 -21.10 -38.72
N SER D 689 -17.42 -20.95 -39.10
CA SER D 689 -16.99 -21.24 -40.46
C SER D 689 -16.73 -22.73 -40.66
N LYS D 690 -16.67 -23.47 -39.57
CA LYS D 690 -16.40 -24.90 -39.61
C LYS D 690 -14.97 -25.17 -40.04
N GLY D 691 -14.09 -24.23 -39.73
CA GLY D 691 -12.67 -24.33 -40.05
C GLY D 691 -12.35 -23.88 -41.46
N LYS D 692 -13.31 -23.23 -42.10
CA LYS D 692 -13.10 -22.72 -43.46
C LYS D 692 -12.60 -21.28 -43.44
N TYR D 693 -12.73 -20.61 -42.30
CA TYR D 693 -12.31 -19.21 -42.20
C TYR D 693 -11.14 -19.05 -41.23
N ALA D 694 -10.13 -18.32 -41.68
CA ALA D 694 -8.96 -17.99 -40.88
C ALA D 694 -8.91 -16.50 -40.57
N TYR D 695 -8.66 -16.17 -39.32
CA TYR D 695 -8.66 -14.78 -38.91
C TYR D 695 -7.23 -14.32 -38.69
N LEU D 696 -6.80 -13.35 -39.50
CA LEU D 696 -5.45 -12.82 -39.38
C LEU D 696 -5.47 -11.66 -38.40
N LEU D 697 -4.86 -11.86 -37.23
CA LEU D 697 -4.89 -10.81 -36.22
C LEU D 697 -3.59 -10.76 -35.44
N GLU D 698 -3.39 -9.68 -34.69
CA GLU D 698 -2.17 -9.51 -33.90
C GLU D 698 -2.02 -10.63 -32.87
N SER D 699 -0.76 -10.96 -32.58
CA SER D 699 -0.43 -12.11 -31.74
C SER D 699 -1.03 -12.02 -30.34
N THR D 700 -1.18 -10.80 -29.83
CA THR D 700 -1.70 -10.62 -28.48
C THR D 700 -3.12 -11.16 -28.32
N MET D 701 -4.04 -10.66 -29.14
CA MET D 701 -5.43 -11.10 -29.12
C MET D 701 -5.57 -12.57 -29.49
N ASN D 702 -4.69 -13.04 -30.37
CA ASN D 702 -4.72 -14.44 -30.79
C ASN D 702 -4.31 -15.35 -29.63
N GLU D 703 -3.30 -14.94 -28.88
CA GLU D 703 -2.86 -15.68 -27.70
C GLU D 703 -3.92 -15.60 -26.63
N TYR D 704 -4.68 -14.51 -26.61
CA TYR D 704 -5.75 -14.37 -25.64
C TYR D 704 -6.89 -15.32 -25.94
N ILE D 705 -7.39 -15.29 -27.17
CA ILE D 705 -8.50 -16.14 -27.58
C ILE D 705 -8.10 -17.61 -27.56
N GLU D 706 -6.80 -17.88 -27.74
CA GLU D 706 -6.32 -19.24 -27.67
C GLU D 706 -6.46 -19.80 -26.26
N GLN D 707 -6.63 -18.89 -25.30
CA GLN D 707 -6.81 -19.27 -23.90
C GLN D 707 -8.28 -19.19 -23.47
N ARG D 708 -9.18 -19.02 -24.43
CA ARG D 708 -10.59 -18.83 -24.12
C ARG D 708 -11.47 -19.94 -24.68
N LYS D 709 -12.49 -20.31 -23.92
CA LYS D 709 -13.46 -21.33 -24.31
C LYS D 709 -14.27 -20.93 -25.55
N PRO D 710 -14.74 -21.91 -26.34
CA PRO D 710 -14.49 -23.35 -26.15
C PRO D 710 -13.18 -23.84 -26.77
N CYS D 711 -12.15 -23.00 -26.75
CA CYS D 711 -10.80 -23.39 -27.16
C CYS D 711 -10.75 -24.07 -28.52
N ASP D 712 -11.52 -23.55 -29.47
CA ASP D 712 -11.54 -24.12 -30.81
C ASP D 712 -10.68 -23.31 -31.77
N THR D 713 -9.94 -22.34 -31.23
CA THR D 713 -9.06 -21.51 -32.05
C THR D 713 -7.62 -21.58 -31.55
N MET D 714 -6.67 -21.34 -32.44
CA MET D 714 -5.26 -21.33 -32.05
C MET D 714 -4.38 -20.57 -33.05
N LYS D 715 -3.21 -20.14 -32.57
CA LYS D 715 -2.19 -19.53 -33.43
C LYS D 715 -1.21 -20.60 -33.87
N VAL D 716 -1.14 -20.85 -35.17
CA VAL D 716 -0.17 -21.83 -35.67
C VAL D 716 0.95 -21.23 -36.50
N GLY D 717 0.89 -19.94 -36.80
CA GLY D 717 1.94 -19.34 -37.59
C GLY D 717 2.89 -18.48 -36.78
N GLY D 718 4.02 -18.14 -37.39
CA GLY D 718 4.97 -17.25 -36.77
C GLY D 718 4.46 -15.83 -36.97
N ASN D 719 5.03 -14.87 -36.27
CA ASN D 719 4.59 -13.49 -36.45
C ASN D 719 5.03 -12.99 -37.83
N LEU D 720 4.14 -12.27 -38.49
CA LEU D 720 4.42 -11.74 -39.83
C LEU D 720 5.38 -10.55 -39.79
N ASP D 721 5.38 -9.85 -38.67
CA ASP D 721 6.20 -8.67 -38.49
C ASP D 721 6.49 -8.42 -37.02
N SER D 722 7.19 -7.33 -36.74
CA SER D 722 7.47 -6.93 -35.38
C SER D 722 6.88 -5.56 -35.11
N LYS D 723 5.81 -5.54 -34.30
CA LYS D 723 5.19 -4.28 -33.93
C LYS D 723 5.11 -4.17 -32.42
N GLY D 724 4.47 -3.12 -31.93
CA GLY D 724 4.35 -2.94 -30.50
C GLY D 724 3.32 -1.91 -30.09
N TYR D 725 2.85 -2.02 -28.86
CA TYR D 725 1.92 -1.06 -28.29
C TYR D 725 2.69 -0.03 -27.50
N GLY D 726 2.21 1.22 -27.50
CA GLY D 726 2.89 2.25 -26.74
C GLY D 726 1.94 3.26 -26.15
N ILE D 727 2.34 3.85 -25.03
CA ILE D 727 1.55 4.87 -24.35
C ILE D 727 1.72 6.22 -25.04
N ALA D 728 0.60 6.75 -25.55
CA ALA D 728 0.63 7.96 -26.36
C ALA D 728 0.43 9.24 -25.53
N THR D 729 1.16 10.29 -25.91
CA THR D 729 1.03 11.60 -25.30
C THR D 729 0.96 12.61 -26.43
N PRO D 730 0.29 13.76 -26.20
CA PRO D 730 0.19 14.78 -27.25
C PRO D 730 1.57 15.28 -27.68
N LYS D 731 1.72 15.69 -28.93
CA LYS D 731 3.02 16.12 -29.43
C LYS D 731 3.54 17.30 -28.61
N GLY D 732 4.69 17.09 -27.98
CA GLY D 732 5.32 18.12 -27.17
C GLY D 732 4.79 18.14 -25.75
N SER D 733 4.34 16.99 -25.26
CA SER D 733 3.81 16.89 -23.91
C SER D 733 4.94 16.67 -22.91
N SER D 734 4.77 17.20 -21.71
CA SER D 734 5.75 17.03 -20.64
C SER D 734 5.64 15.68 -19.96
N LEU D 735 4.48 15.06 -20.04
CA LEU D 735 4.26 13.80 -19.37
C LEU D 735 4.89 12.67 -20.14
N GLY D 736 5.23 12.95 -21.39
CA GLY D 736 5.76 11.97 -22.30
C GLY D 736 7.08 11.37 -21.88
N THR D 737 8.03 12.24 -21.53
CA THR D 737 9.33 11.77 -21.06
C THR D 737 9.27 10.95 -19.76
N PRO D 738 8.59 11.46 -18.71
CA PRO D 738 8.52 10.59 -17.53
C PRO D 738 7.75 9.30 -17.76
N VAL D 739 6.64 9.30 -18.48
CA VAL D 739 5.92 8.05 -18.73
C VAL D 739 6.80 7.11 -19.56
N ASN D 740 7.62 7.67 -20.45
CA ASN D 740 8.57 6.88 -21.24
C ASN D 740 9.56 6.14 -20.35
N LEU D 741 10.22 6.89 -19.48
CA LEU D 741 11.20 6.31 -18.56
C LEU D 741 10.50 5.35 -17.59
N ALA D 742 9.25 5.64 -17.29
CA ALA D 742 8.43 4.81 -16.42
C ALA D 742 8.17 3.46 -17.06
N VAL D 743 7.83 3.48 -18.35
CA VAL D 743 7.60 2.27 -19.12
C VAL D 743 8.87 1.44 -19.15
N LEU D 744 9.99 2.10 -19.42
CA LEU D 744 11.26 1.39 -19.45
C LEU D 744 11.57 0.78 -18.07
N LYS D 745 11.27 1.53 -17.02
CA LYS D 745 11.51 1.10 -15.66
C LYS D 745 10.69 -0.14 -15.31
N LEU D 746 9.40 -0.10 -15.65
CA LEU D 746 8.50 -1.21 -15.37
C LEU D 746 8.89 -2.44 -16.20
N SER D 747 9.38 -2.20 -17.41
CA SER D 747 9.76 -3.31 -18.29
C SER D 747 11.02 -3.99 -17.78
N GLU D 748 12.00 -3.20 -17.33
CA GLU D 748 13.26 -3.77 -16.86
C GLU D 748 13.13 -4.57 -15.58
N GLN D 749 12.22 -4.15 -14.71
CA GLN D 749 11.99 -4.84 -13.45
C GLN D 749 11.03 -6.01 -13.60
N GLY D 750 10.59 -6.25 -14.83
CA GLY D 750 9.80 -7.41 -15.16
C GLY D 750 8.36 -7.39 -14.69
N VAL D 751 7.82 -6.20 -14.45
CA VAL D 751 6.43 -6.06 -14.03
C VAL D 751 5.49 -6.26 -15.21
N LEU D 752 5.92 -5.89 -16.41
CA LEU D 752 5.11 -6.06 -17.60
C LEU D 752 4.91 -7.54 -17.91
N ASP D 753 5.94 -8.34 -17.70
CA ASP D 753 5.86 -9.76 -17.97
C ASP D 753 4.92 -10.43 -16.96
N LYS D 754 5.00 -10.00 -15.72
CA LYS D 754 4.15 -10.52 -14.65
C LYS D 754 2.70 -10.13 -14.87
N LEU D 755 2.49 -8.90 -15.35
CA LEU D 755 1.15 -8.39 -15.61
C LEU D 755 0.52 -9.12 -16.79
N LYS D 756 1.35 -9.39 -17.80
CA LYS D 756 0.89 -10.12 -18.97
C LYS D 756 0.52 -11.54 -18.56
N ASN D 757 1.39 -12.17 -17.79
CA ASN D 757 1.11 -13.50 -17.27
C ASN D 757 -0.17 -13.50 -16.44
N LYS D 758 -0.41 -12.37 -15.77
CA LYS D 758 -1.60 -12.21 -14.93
C LYS D 758 -2.88 -12.17 -15.75
N TRP D 759 -2.91 -11.39 -16.83
CA TRP D 759 -4.15 -11.25 -17.59
C TRP D 759 -4.24 -12.17 -18.80
N TRP D 760 -3.17 -12.91 -19.09
CA TRP D 760 -3.17 -13.82 -20.24
C TRP D 760 -3.18 -15.28 -19.78
N TYR D 761 -2.17 -15.71 -19.02
CA TYR D 761 -2.12 -17.13 -18.67
C TYR D 761 -2.98 -17.43 -17.44
N ASP D 762 -3.10 -16.45 -16.55
CA ASP D 762 -3.90 -16.63 -15.34
C ASP D 762 -5.39 -16.47 -15.62
N LYS D 763 -5.73 -15.46 -16.42
CA LYS D 763 -7.12 -15.08 -16.66
C LYS D 763 -7.89 -16.11 -17.46
N GLY D 764 -7.23 -16.69 -18.47
CA GLY D 764 -7.89 -17.63 -19.34
C GLY D 764 -7.96 -19.02 -18.75
N GLU D 765 -9.07 -19.71 -19.02
CA GLU D 765 -9.22 -21.10 -18.61
C GLU D 765 -8.66 -21.99 -19.69
N CYS D 766 -8.69 -23.30 -19.45
CA CYS D 766 -8.26 -24.30 -20.43
C CYS D 766 -6.88 -24.02 -21.05
N GLY D 767 -5.89 -23.75 -20.21
CA GLY D 767 -4.54 -23.55 -20.70
C GLY D 767 -4.05 -24.78 -21.44
N ALA D 768 -3.39 -24.57 -22.57
CA ALA D 768 -2.91 -25.68 -23.39
C ALA D 768 -1.86 -26.51 -22.66
N LYS D 769 -1.76 -27.78 -23.03
CA LYS D 769 -0.78 -28.68 -22.43
C LYS D 769 0.64 -28.16 -22.66
N ASP D 770 1.51 -28.42 -21.69
CA ASP D 770 2.88 -27.91 -21.74
C ASP D 770 3.67 -28.45 -22.94
N GLU D 775 -5.34 -36.85 -22.60
CA GLU D 775 -4.61 -37.10 -23.83
C GLU D 775 -4.24 -38.57 -23.97
N LYS D 776 -4.87 -39.42 -23.17
CA LYS D 776 -4.60 -40.86 -23.23
C LYS D 776 -5.11 -41.39 -24.56
N THR D 777 -4.21 -42.02 -25.31
CA THR D 777 -4.56 -42.46 -26.67
C THR D 777 -5.35 -43.75 -26.64
N SER D 778 -6.59 -43.67 -27.12
CA SER D 778 -7.44 -44.85 -27.24
C SER D 778 -7.08 -45.61 -28.50
N ALA D 779 -6.68 -44.85 -29.53
CA ALA D 779 -6.27 -45.36 -30.84
C ALA D 779 -7.38 -46.17 -31.52
N LEU D 780 -8.62 -45.97 -31.10
CA LEU D 780 -9.76 -46.59 -31.77
C LEU D 780 -10.48 -45.69 -32.77
N SER D 781 -10.17 -44.39 -32.73
CA SER D 781 -10.92 -43.42 -33.52
C SER D 781 -10.47 -43.41 -34.96
N LEU D 782 -9.20 -43.75 -35.16
CA LEU D 782 -8.58 -43.67 -36.47
C LEU D 782 -8.81 -44.94 -37.30
N SER D 783 -9.39 -44.77 -38.49
CA SER D 783 -9.47 -45.86 -39.47
C SER D 783 -8.35 -45.64 -40.47
N ASN D 784 -7.38 -46.54 -40.45
CA ASN D 784 -6.17 -46.40 -41.24
C ASN D 784 -5.92 -47.36 -42.40
N VAL D 785 -5.93 -48.65 -42.10
CA VAL D 785 -5.51 -49.64 -43.10
C VAL D 785 -6.59 -50.10 -44.06
N ALA D 786 -7.86 -49.84 -43.75
CA ALA D 786 -8.91 -50.25 -44.65
C ALA D 786 -8.95 -49.33 -45.87
N GLY D 787 -8.72 -48.05 -45.64
CA GLY D 787 -8.71 -47.09 -46.72
C GLY D 787 -7.55 -47.27 -47.68
N VAL D 788 -6.38 -47.61 -47.15
CA VAL D 788 -5.23 -47.88 -48.01
C VAL D 788 -5.36 -49.23 -48.69
N PHE D 789 -5.94 -50.20 -47.98
CA PHE D 789 -6.13 -51.52 -48.57
C PHE D 789 -7.12 -51.47 -49.72
N TYR D 790 -8.09 -50.57 -49.66
CA TYR D 790 -9.11 -50.54 -50.71
C TYR D 790 -8.53 -50.32 -52.12
N ILE D 791 -7.53 -49.46 -52.26
CA ILE D 791 -6.92 -49.26 -53.58
C ILE D 791 -6.05 -50.48 -53.97
N LEU D 792 -5.57 -51.19 -52.95
CA LEU D 792 -4.81 -52.43 -53.15
C LEU D 792 -5.76 -53.45 -53.75
N VAL D 793 -6.95 -53.51 -53.18
CA VAL D 793 -8.03 -54.35 -53.63
C VAL D 793 -8.36 -53.93 -55.04
N GLY D 794 -8.15 -52.65 -55.35
CA GLY D 794 -8.29 -52.19 -56.72
C GLY D 794 -7.30 -52.86 -57.66
N GLY D 795 -6.03 -52.93 -57.27
CA GLY D 795 -5.04 -53.61 -58.09
C GLY D 795 -5.21 -55.11 -58.23
N LEU D 796 -5.54 -55.80 -57.16
CA LEU D 796 -5.75 -57.25 -57.26
C LEU D 796 -7.06 -57.47 -58.02
N GLY D 797 -7.94 -56.49 -57.93
CA GLY D 797 -9.18 -56.50 -58.67
C GLY D 797 -8.78 -56.42 -60.14
N LEU D 798 -7.71 -55.67 -60.42
CA LEU D 798 -7.13 -55.64 -61.76
C LEU D 798 -6.64 -57.04 -62.10
N ALA D 799 -6.10 -57.73 -61.09
CA ALA D 799 -5.59 -59.09 -61.29
C ALA D 799 -6.72 -60.01 -61.78
N MET D 800 -7.94 -59.80 -61.28
CA MET D 800 -9.08 -60.56 -61.81
C MET D 800 -9.23 -60.33 -63.31
N LEU D 801 -9.05 -59.08 -63.72
CA LEU D 801 -9.12 -58.69 -65.12
C LEU D 801 -8.02 -59.38 -65.93
N VAL D 802 -6.81 -59.43 -65.36
CA VAL D 802 -5.68 -60.06 -66.03
C VAL D 802 -5.97 -61.55 -66.21
N ALA D 803 -6.69 -62.12 -65.26
CA ALA D 803 -7.14 -63.50 -65.40
C ALA D 803 -8.10 -63.59 -66.59
N LEU D 804 -9.00 -62.62 -66.68
CA LEU D 804 -9.97 -62.61 -67.78
C LEU D 804 -9.33 -62.50 -69.16
N ILE D 805 -8.29 -61.68 -69.27
CA ILE D 805 -7.60 -61.50 -70.54
C ILE D 805 -6.65 -62.68 -70.81
N GLU D 806 -6.36 -63.44 -69.75
CA GLU D 806 -5.52 -64.62 -69.89
C GLU D 806 -6.32 -65.78 -70.47
N PHE D 807 -7.59 -65.87 -70.08
CA PHE D 807 -8.45 -66.95 -70.58
C PHE D 807 -8.85 -66.68 -72.04
N KAI E . 24.24 -4.86 -28.29
CD KAI E . 25.29 -5.09 -29.25
CD1 KAI E . 26.99 -7.05 -30.19
CD2 KAI E . 28.74 -6.78 -28.52
CA KAI E . 24.60 -5.19 -26.93
CB KAI E . 25.89 -5.98 -27.07
CB1 KAI E . 25.57 -7.47 -27.12
CG KAI E . 26.48 -5.48 -28.38
CG1 KAI E . 25.28 -8.01 -25.75
CG2 KAI E . 27.38 -6.46 -29.07
C KAI E . 24.86 -3.94 -26.13
O KAI E . 24.18 -2.93 -26.36
OD1 KAI E . 24.77 -9.15 -25.66
OD2 KAI E . 25.56 -7.31 -24.75
OXT KAI E . 25.75 -3.98 -25.24
C1 NAG F . -8.85 47.67 -24.60
C2 NAG F . -9.78 46.67 -25.25
C3 NAG F . -10.73 46.17 -24.23
C4 NAG F . -9.91 45.46 -23.16
C5 NAG F . -8.83 46.37 -22.56
C6 NAG F . -7.71 45.44 -22.03
C7 NAG F . -9.83 47.06 -27.68
C8 NAG F . -10.17 48.07 -28.75
N2 NAG F . -10.43 47.19 -26.46
O3 NAG F . -11.55 45.21 -24.90
O4 NAG F . -10.70 44.74 -22.12
O5 NAG F . -8.27 47.36 -23.38
O6 NAG F . -6.92 46.22 -21.10
O7 NAG F . -9.00 46.17 -27.91
N KAI G . 16.47 -30.99 13.53
CD KAI G . 17.75 -30.35 13.29
CD1 KAI G . 20.29 -30.77 12.27
CD2 KAI G . 21.25 -31.75 14.29
CA KAI G . 16.58 -32.22 14.28
CB KAI G . 18.06 -32.52 14.29
CB1 KAI G . 18.39 -33.46 13.13
CG KAI G . 18.72 -31.15 14.13
CG1 KAI G . 18.21 -34.90 13.55
CG2 KAI G . 20.09 -31.22 13.51
C KAI G . 16.11 -32.02 15.69
O KAI G . 15.43 -31.00 15.96
OD1 KAI G . 18.37 -35.80 12.68
OD2 KAI G . 17.90 -35.15 14.74
OXT KAI G . 16.41 -32.88 16.55
C1 NAG H . 34.64 38.79 18.21
C2 NAG H . 35.96 38.01 18.03
C3 NAG H . 36.48 37.52 19.38
C4 NAG H . 36.56 38.68 20.37
C5 NAG H . 35.20 39.38 20.44
C6 NAG H . 35.21 40.51 21.47
C7 NAG H . 35.77 36.82 15.91
C8 NAG H . 35.43 35.50 15.29
N2 NAG H . 35.75 36.82 17.24
O3 NAG H . 37.76 36.94 19.09
O4 NAG H . 36.98 38.24 21.69
O5 NAG H . 34.84 39.87 19.14
O6 NAG H . 33.97 41.22 21.44
O7 NAG H . 36.03 37.81 15.22
N KAI I . -12.73 -31.02 8.21
CD KAI I . -13.76 -32.04 8.25
CD1 KAI I . -15.43 -33.38 6.49
CD2 KAI I . -17.34 -31.90 6.81
CA KAI I . -13.15 -29.80 7.56
CB KAI I . -14.49 -30.11 6.94
CB1 KAI I . -14.36 -30.40 5.44
CG KAI I . -15.00 -31.32 7.75
CG1 KAI I . -14.35 -29.12 4.62
CG2 KAI I . -15.90 -32.25 6.98
C KAI I . -13.31 -28.68 8.53
O KAI I . -13.86 -27.63 8.15
OD1 KAI I . -14.74 -29.17 3.44
OD2 KAI I . -13.95 -28.05 5.14
OXT KAI I . -12.88 -28.83 9.70
C1 NAG J . 1.09 2.31 50.98
C2 NAG J . 2.52 1.78 50.95
C3 NAG J . 3.34 2.56 49.94
C4 NAG J . 2.64 2.48 48.59
C5 NAG J . 1.26 3.10 48.72
C6 NAG J . 0.57 3.06 47.37
C7 NAG J . 2.64 1.13 53.23
C8 NAG J . 2.56 1.74 54.60
N2 NAG J . 3.15 1.87 52.24
O3 NAG J . 4.65 1.96 49.89
O4 NAG J . 3.34 3.17 47.55
O5 NAG J . 0.50 2.35 49.67
O6 NAG J . -0.79 3.47 47.53
O7 NAG J . 2.16 0.01 53.01
N KAI K . -3.86 -2.55 -32.66
CD KAI K . -4.99 -3.03 -31.88
CD1 KAI K . -7.02 -4.94 -31.89
CD2 KAI K . -8.61 -3.63 -33.19
CA KAI K . -4.22 -2.22 -34.03
CB KAI K . -5.60 -2.81 -34.20
CB1 KAI K . -5.49 -4.21 -34.80
CG KAI K . -6.19 -2.81 -32.80
CG1 KAI K . -4.72 -4.16 -36.10
CG2 KAI K . -7.25 -3.84 -32.60
C KAI K . -4.27 -0.73 -34.22
O KAI K . -3.86 -0.01 -33.30
OD1 KAI K . -3.73 -4.91 -36.24
OD2 KAI K . -5.09 -3.37 -36.98
OXT KAI K . -4.74 -0.28 -35.29
#